data_6VAK
#
_entry.id   6VAK
#
_cell.length_a   1.00
_cell.length_b   1.00
_cell.length_c   1.00
_cell.angle_alpha   90.00
_cell.angle_beta   90.00
_cell.angle_gamma   90.00
#
_symmetry.space_group_name_H-M   'P 1'
#
_entity_poly.entity_id   1
_entity_poly.type   'polypeptide(L)'
_entity_poly.pdbx_seq_one_letter_code
;MAALIAENFRFLSLFFKSKDVMIFNGLVALGTVGSQELFSVVAFHCPCSPARNYLYGLAAIGVPALVLFIIGIILNNHTW
NLVAECQHRRTKNCSAAPTFLLLSSILGRAAVAPVTWSVISLLRGEAYVCALSEFVDPSSLTAREEHFPSAHATEILARF
PCKENPDNLSDFREEVSRRLRYESQLFGWLLIGVVAILVFLTKCLKHYCSPLSYRQEAYWAQYRANEDQLFQRTAEVHSR
VLAANNVRRFFGFVALNKDDEELIANFPVEGTQPRPQWNAITGVYLYRENQGLPLYSRLHKWAQGLAGNGAAPDNVEMAL
LPSGSAWSHPQFEK
;
_entity_poly.pdbx_strand_id   A,B,C,D,E,F,G,H,I,J,K
#
# COMPACT_ATOMS: atom_id res chain seq x y z
N ASN A 25 -25.64 2.10 -30.13
CA ASN A 25 -25.02 0.79 -30.19
C ASN A 25 -24.59 0.32 -28.81
N GLY A 26 -23.88 1.19 -28.09
CA GLY A 26 -23.46 0.86 -26.74
C GLY A 26 -24.63 0.68 -25.79
N LEU A 27 -25.71 1.43 -26.01
CA LEU A 27 -26.91 1.26 -25.20
C LEU A 27 -27.47 -0.16 -25.37
N VAL A 28 -27.32 -0.74 -26.56
CA VAL A 28 -27.76 -2.11 -26.78
C VAL A 28 -26.95 -3.06 -25.91
N ALA A 29 -25.63 -2.84 -25.82
CA ALA A 29 -24.79 -3.69 -24.98
C ALA A 29 -25.13 -3.52 -23.51
N LEU A 30 -25.41 -2.29 -23.08
CA LEU A 30 -25.83 -2.07 -21.70
C LEU A 30 -27.15 -2.78 -21.42
N GLY A 31 -28.11 -2.70 -22.34
CA GLY A 31 -29.35 -3.42 -22.17
C GLY A 31 -29.16 -4.93 -22.15
N THR A 32 -28.18 -5.43 -22.93
CA THR A 32 -27.90 -6.86 -22.92
C THR A 32 -27.34 -7.31 -21.58
N VAL A 33 -26.39 -6.54 -21.04
CA VAL A 33 -25.85 -6.85 -19.71
C VAL A 33 -26.95 -6.77 -18.66
N GLY A 34 -27.83 -5.78 -18.78
CA GLY A 34 -28.94 -5.68 -17.86
C GLY A 34 -29.89 -6.85 -17.96
N SER A 35 -30.14 -7.33 -19.19
CA SER A 35 -30.99 -8.50 -19.37
C SER A 35 -30.36 -9.75 -18.78
N GLN A 36 -29.04 -9.88 -18.93
CA GLN A 36 -28.34 -11.01 -18.32
C GLN A 36 -28.48 -10.98 -16.80
N GLU A 37 -28.20 -9.81 -16.19
CA GLU A 37 -28.31 -9.70 -14.74
C GLU A 37 -29.76 -9.89 -14.28
N LEU A 38 -30.72 -9.46 -15.10
CA LEU A 38 -32.12 -9.62 -14.75
C LEU A 38 -32.54 -11.08 -14.81
N PHE A 39 -32.05 -11.83 -15.81
CA PHE A 39 -32.29 -13.26 -15.84
C PHE A 39 -31.64 -13.95 -14.66
N SER A 40 -30.47 -13.47 -14.23
CA SER A 40 -29.79 -14.06 -13.08
C SER A 40 -30.56 -13.81 -11.79
N VAL A 41 -31.14 -12.61 -11.64
CA VAL A 41 -31.77 -12.24 -10.37
C VAL A 41 -33.28 -12.44 -10.35
N VAL A 42 -33.91 -12.79 -11.47
CA VAL A 42 -35.36 -12.90 -11.54
C VAL A 42 -35.77 -14.27 -11.04
N ALA A 43 -34.81 -15.21 -11.01
CA ALA A 43 -35.02 -16.53 -10.41
C ALA A 43 -36.17 -17.29 -11.05
N PHE A 44 -36.03 -17.63 -12.33
CA PHE A 44 -36.99 -18.52 -12.97
C PHE A 44 -37.20 -19.77 -12.11
N HIS A 45 -38.47 -20.01 -11.76
CA HIS A 45 -38.84 -21.09 -10.85
C HIS A 45 -39.89 -21.95 -11.55
N CYS A 46 -39.45 -23.06 -12.12
CA CYS A 46 -40.32 -23.92 -12.90
C CYS A 46 -41.28 -24.68 -11.98
N PRO A 47 -42.57 -24.40 -12.03
CA PRO A 47 -43.52 -25.28 -11.34
C PRO A 47 -43.69 -26.57 -12.11
N CYS A 48 -43.72 -27.68 -11.40
CA CYS A 48 -43.97 -28.98 -12.00
C CYS A 48 -45.37 -29.42 -11.64
N SER A 49 -46.26 -29.37 -12.64
CA SER A 49 -47.67 -29.74 -12.56
C SER A 49 -48.19 -29.82 -13.99
N PRO A 50 -49.21 -30.64 -14.27
CA PRO A 50 -49.53 -30.97 -15.68
C PRO A 50 -49.83 -29.79 -16.58
N ALA A 51 -50.81 -28.97 -16.23
CA ALA A 51 -51.29 -27.93 -17.14
C ALA A 51 -50.51 -26.62 -17.02
N ARG A 52 -50.08 -26.27 -15.80
CA ARG A 52 -49.54 -24.94 -15.57
C ARG A 52 -48.15 -24.77 -16.19
N ASN A 53 -47.53 -25.87 -16.62
CA ASN A 53 -46.14 -25.82 -17.09
C ASN A 53 -45.98 -24.84 -18.24
N TYR A 54 -46.59 -25.15 -19.39
CA TYR A 54 -46.34 -24.36 -20.58
C TYR A 54 -46.95 -22.97 -20.45
N LEU A 55 -48.04 -22.85 -19.67
CA LEU A 55 -48.58 -21.52 -19.40
C LEU A 55 -47.54 -20.64 -18.71
N TYR A 56 -46.94 -21.13 -17.62
CA TYR A 56 -45.95 -20.33 -16.92
C TYR A 56 -44.74 -20.05 -17.79
N GLY A 57 -44.30 -21.05 -18.56
CA GLY A 57 -43.17 -20.83 -19.45
C GLY A 57 -43.46 -19.73 -20.47
N LEU A 58 -44.58 -19.87 -21.19
CA LEU A 58 -44.99 -18.86 -22.17
C LEU A 58 -45.01 -17.47 -21.54
N ALA A 59 -45.68 -17.34 -20.39
CA ALA A 59 -45.80 -16.01 -19.79
C ALA A 59 -44.45 -15.46 -19.37
N ALA A 60 -43.67 -16.23 -18.62
CA ALA A 60 -42.42 -15.72 -18.05
C ALA A 60 -41.39 -15.45 -19.14
N ILE A 61 -41.54 -16.06 -20.31
CA ILE A 61 -40.53 -15.86 -21.35
C ILE A 61 -41.01 -14.83 -22.37
N GLY A 62 -42.31 -14.62 -22.48
CA GLY A 62 -42.78 -13.70 -23.49
C GLY A 62 -43.42 -12.41 -23.00
N VAL A 63 -43.59 -12.22 -21.70
CA VAL A 63 -44.10 -10.95 -21.19
C VAL A 63 -42.98 -9.91 -21.17
N PRO A 64 -41.78 -10.20 -20.64
CA PRO A 64 -40.70 -9.20 -20.76
C PRO A 64 -40.36 -8.90 -22.20
N ALA A 65 -40.59 -9.83 -23.13
CA ALA A 65 -40.48 -9.51 -24.54
C ALA A 65 -41.44 -8.39 -24.93
N LEU A 66 -42.71 -8.50 -24.51
CA LEU A 66 -43.67 -7.45 -24.79
C LEU A 66 -43.25 -6.13 -24.14
N VAL A 67 -42.72 -6.18 -22.92
CA VAL A 67 -42.31 -4.97 -22.23
C VAL A 67 -41.18 -4.28 -23.00
N LEU A 68 -40.18 -5.05 -23.42
CA LEU A 68 -39.05 -4.46 -24.14
C LEU A 68 -39.49 -3.94 -25.50
N PHE A 69 -40.41 -4.64 -26.16
CA PHE A 69 -40.96 -4.15 -27.43
C PHE A 69 -41.66 -2.82 -27.23
N ILE A 70 -42.47 -2.71 -26.17
CA ILE A 70 -43.19 -1.46 -25.92
C ILE A 70 -42.21 -0.34 -25.62
N ILE A 71 -41.20 -0.61 -24.80
CA ILE A 71 -40.20 0.42 -24.52
C ILE A 71 -39.51 0.87 -25.79
N GLY A 72 -39.17 -0.08 -26.67
CA GLY A 72 -38.55 0.27 -27.93
C GLY A 72 -39.41 1.18 -28.78
N ILE A 73 -40.71 0.86 -28.87
CA ILE A 73 -41.61 1.71 -29.64
C ILE A 73 -41.76 3.08 -28.98
N ILE A 74 -41.71 3.13 -27.64
CA ILE A 74 -41.89 4.40 -26.95
C ILE A 74 -40.71 5.33 -27.18
N LEU A 75 -39.49 4.84 -27.00
CA LEU A 75 -38.32 5.69 -27.06
C LEU A 75 -37.86 5.97 -28.48
N ASN A 76 -38.72 5.78 -29.47
CA ASN A 76 -38.36 6.06 -30.85
C ASN A 76 -39.11 7.28 -31.34
N ASN A 77 -38.40 8.18 -32.01
CA ASN A 77 -39.01 9.41 -32.51
C ASN A 77 -39.95 9.14 -33.67
N HIS A 78 -39.58 8.23 -34.56
CA HIS A 78 -40.31 8.05 -35.81
C HIS A 78 -41.78 7.74 -35.59
N THR A 79 -42.09 6.96 -34.55
CA THR A 79 -43.49 6.57 -34.33
C THR A 79 -44.35 7.79 -34.01
N TRP A 80 -43.80 8.77 -33.31
CA TRP A 80 -44.59 9.95 -32.99
C TRP A 80 -44.79 10.83 -34.21
N ASN A 81 -43.79 10.89 -35.09
CA ASN A 81 -44.00 11.50 -36.40
C ASN A 81 -45.14 10.81 -37.13
N LEU A 82 -45.15 9.47 -37.11
CA LEU A 82 -46.19 8.71 -37.80
C LEU A 82 -47.57 9.05 -37.24
N VAL A 83 -47.70 9.07 -35.91
CA VAL A 83 -49.00 9.35 -35.31
C VAL A 83 -49.41 10.80 -35.53
N ALA A 84 -48.46 11.73 -35.60
CA ALA A 84 -48.80 13.10 -35.92
C ALA A 84 -49.25 13.23 -37.37
N GLU A 85 -48.77 12.35 -38.24
CA GLU A 85 -49.21 12.37 -39.63
C GLU A 85 -50.67 11.94 -39.75
N CYS A 86 -51.18 11.16 -38.80
CA CYS A 86 -52.55 10.64 -38.90
C CYS A 86 -53.58 11.75 -38.75
N GLN A 87 -53.27 12.78 -37.98
CA GLN A 87 -54.20 13.88 -37.74
C GLN A 87 -54.52 14.63 -39.03
N ALA A 97 -46.27 1.84 -50.03
CA ALA A 97 -44.83 1.69 -50.21
C ALA A 97 -43.99 2.47 -49.17
N PRO A 98 -44.28 3.76 -48.94
CA PRO A 98 -43.51 4.47 -47.89
C PRO A 98 -43.78 3.93 -46.49
N THR A 99 -45.06 3.78 -46.14
CA THR A 99 -45.42 3.23 -44.83
C THR A 99 -44.70 1.91 -44.58
N PHE A 100 -44.46 1.13 -45.64
CA PHE A 100 -43.69 -0.11 -45.49
C PHE A 100 -42.34 0.15 -44.85
N LEU A 101 -41.56 1.07 -45.43
CA LEU A 101 -40.21 1.31 -44.93
C LEU A 101 -40.24 2.03 -43.58
N LEU A 102 -41.22 2.90 -43.37
CA LEU A 102 -41.35 3.56 -42.06
C LEU A 102 -41.59 2.53 -40.96
N LEU A 103 -42.63 1.70 -41.13
CA LEU A 103 -42.90 0.65 -40.16
C LEU A 103 -41.72 -0.30 -40.02
N SER A 104 -41.01 -0.57 -41.12
CA SER A 104 -39.84 -1.42 -41.04
C SER A 104 -38.79 -0.82 -40.10
N SER A 105 -38.45 0.45 -40.32
CA SER A 105 -37.47 1.12 -39.46
C SER A 105 -37.89 1.05 -38.01
N ILE A 106 -39.15 1.42 -37.71
CA ILE A 106 -39.55 1.49 -36.31
C ILE A 106 -39.60 0.10 -35.69
N LEU A 107 -40.20 -0.87 -36.37
CA LEU A 107 -40.34 -2.21 -35.82
C LEU A 107 -38.99 -2.88 -35.64
N GLY A 108 -38.02 -2.56 -36.50
CA GLY A 108 -36.69 -3.13 -36.31
C GLY A 108 -35.97 -2.51 -35.14
N ARG A 109 -35.92 -1.17 -35.09
CA ARG A 109 -35.26 -0.49 -33.98
C ARG A 109 -35.92 -0.87 -32.66
N ALA A 110 -37.17 -1.32 -32.69
CA ALA A 110 -37.81 -1.78 -31.48
C ALA A 110 -37.47 -3.24 -31.18
N ALA A 111 -37.74 -4.14 -32.13
CA ALA A 111 -37.60 -5.57 -31.91
C ALA A 111 -36.15 -6.01 -31.85
N VAL A 112 -35.19 -5.08 -31.89
CA VAL A 112 -33.80 -5.47 -31.61
C VAL A 112 -33.69 -6.25 -30.30
N ALA A 113 -34.28 -5.72 -29.22
CA ALA A 113 -34.06 -6.27 -27.89
C ALA A 113 -34.88 -7.51 -27.53
N PRO A 114 -36.18 -7.59 -27.86
CA PRO A 114 -36.93 -8.79 -27.47
C PRO A 114 -36.39 -10.06 -28.11
N VAL A 115 -35.89 -9.98 -29.35
CA VAL A 115 -35.29 -11.16 -29.96
C VAL A 115 -34.03 -11.57 -29.22
N THR A 116 -33.24 -10.59 -28.79
CA THR A 116 -32.07 -10.90 -27.97
C THR A 116 -32.47 -11.64 -26.70
N TRP A 117 -33.46 -11.11 -25.97
CA TRP A 117 -33.90 -11.77 -24.75
C TRP A 117 -34.42 -13.18 -25.03
N SER A 118 -35.18 -13.34 -26.12
CA SER A 118 -35.78 -14.62 -26.44
C SER A 118 -34.71 -15.67 -26.76
N VAL A 119 -33.70 -15.27 -27.53
CA VAL A 119 -32.66 -16.25 -27.89
C VAL A 119 -31.77 -16.55 -26.69
N ILE A 120 -31.50 -15.55 -25.84
CA ILE A 120 -30.73 -15.83 -24.62
C ILE A 120 -31.51 -16.78 -23.71
N SER A 121 -32.84 -16.69 -23.73
CA SER A 121 -33.63 -17.60 -22.92
C SER A 121 -33.73 -19.00 -23.54
N LEU A 122 -33.74 -19.08 -24.87
CA LEU A 122 -33.81 -20.39 -25.52
C LEU A 122 -32.50 -21.15 -25.39
N LEU A 123 -31.37 -20.47 -25.59
CA LEU A 123 -30.09 -21.16 -25.53
C LEU A 123 -29.83 -21.75 -24.15
N ARG A 124 -30.27 -21.05 -23.10
CA ARG A 124 -30.08 -21.56 -21.75
C ARG A 124 -30.91 -22.81 -21.50
N GLY A 125 -31.92 -23.04 -22.32
CA GLY A 125 -32.86 -24.11 -22.05
C GLY A 125 -33.68 -23.80 -20.81
N GLU A 126 -34.00 -24.86 -20.07
CA GLU A 126 -34.62 -24.80 -18.74
C GLU A 126 -35.87 -23.91 -18.73
N ALA A 127 -36.37 -23.56 -19.91
CA ALA A 127 -37.65 -22.90 -20.05
C ALA A 127 -38.51 -23.67 -21.04
N TYR A 128 -37.90 -24.08 -22.16
CA TYR A 128 -38.59 -24.91 -23.13
C TYR A 128 -38.93 -26.27 -22.55
N VAL A 129 -38.00 -26.84 -21.77
CA VAL A 129 -38.24 -28.16 -21.19
C VAL A 129 -39.31 -28.07 -20.10
N CYS A 130 -39.31 -26.98 -19.34
CA CYS A 130 -40.34 -26.82 -18.32
C CYS A 130 -41.72 -26.66 -18.95
N ALA A 131 -41.77 -26.17 -20.18
CA ALA A 131 -43.04 -26.03 -20.86
C ALA A 131 -43.49 -27.35 -21.47
N LEU A 132 -42.68 -27.91 -22.37
CA LEU A 132 -43.09 -29.08 -23.14
C LEU A 132 -42.65 -30.40 -22.50
N SER A 133 -42.42 -30.41 -21.19
CA SER A 133 -42.16 -31.69 -20.52
C SER A 133 -43.38 -32.60 -20.57
N GLU A 134 -44.57 -32.04 -20.35
CA GLU A 134 -45.77 -32.88 -20.23
C GLU A 134 -46.05 -33.67 -21.50
N PHE A 135 -45.67 -33.14 -22.66
CA PHE A 135 -46.04 -33.74 -23.94
C PHE A 135 -45.07 -34.83 -24.38
N VAL A 136 -43.98 -35.06 -23.64
CA VAL A 136 -43.03 -36.11 -24.00
C VAL A 136 -43.78 -37.44 -24.06
N ASP A 137 -43.77 -38.07 -25.22
CA ASP A 137 -44.48 -39.33 -25.39
C ASP A 137 -43.85 -40.38 -24.47
N PRO A 138 -44.64 -41.01 -23.59
CA PRO A 138 -44.05 -41.99 -22.67
C PRO A 138 -43.61 -43.28 -23.34
N SER A 139 -44.19 -43.61 -24.49
CA SER A 139 -43.89 -44.88 -25.14
C SER A 139 -42.51 -44.88 -25.81
N SER A 140 -42.25 -43.89 -26.65
CA SER A 140 -41.11 -43.97 -27.55
C SER A 140 -39.89 -43.26 -26.97
N LEU A 141 -39.18 -43.95 -26.08
CA LEU A 141 -37.86 -43.52 -25.64
C LEU A 141 -37.11 -44.68 -24.98
N THR A 142 -35.99 -45.09 -25.61
CA THR A 142 -35.29 -46.29 -25.19
C THR A 142 -34.56 -46.08 -23.87
N ALA A 143 -34.65 -47.08 -22.99
CA ALA A 143 -33.96 -47.06 -21.70
C ALA A 143 -33.98 -48.45 -21.07
N ARG A 144 -33.74 -48.51 -19.76
CA ARG A 144 -33.84 -49.75 -19.02
C ARG A 144 -35.30 -50.22 -18.97
N GLU A 145 -35.51 -51.34 -18.27
CA GLU A 145 -36.84 -51.93 -18.20
C GLU A 145 -37.83 -50.98 -17.52
N GLU A 146 -39.09 -51.41 -17.47
CA GLU A 146 -40.19 -50.58 -16.98
C GLU A 146 -40.27 -49.30 -17.79
N HIS A 147 -40.58 -49.43 -19.08
CA HIS A 147 -40.62 -48.31 -20.03
C HIS A 147 -41.34 -47.10 -19.45
N PHE A 148 -42.61 -47.25 -19.09
CA PHE A 148 -43.32 -46.17 -18.43
C PHE A 148 -44.49 -46.78 -17.65
N PRO A 149 -44.65 -46.42 -16.37
CA PRO A 149 -45.52 -47.22 -15.49
C PRO A 149 -46.99 -47.24 -15.89
N SER A 150 -47.65 -46.08 -15.96
CA SER A 150 -49.10 -46.09 -16.06
C SER A 150 -49.58 -44.85 -16.81
N ALA A 151 -50.90 -44.80 -17.01
CA ALA A 151 -51.51 -43.61 -17.61
C ALA A 151 -51.54 -42.45 -16.63
N HIS A 152 -51.75 -42.74 -15.34
CA HIS A 152 -51.75 -41.70 -14.33
C HIS A 152 -50.35 -41.11 -14.13
N ALA A 153 -49.32 -41.73 -14.71
CA ALA A 153 -47.95 -41.35 -14.45
C ALA A 153 -47.48 -40.17 -15.29
N THR A 154 -48.27 -39.68 -16.25
CA THR A 154 -47.89 -38.45 -16.93
C THR A 154 -47.59 -37.35 -15.93
N GLU A 155 -48.29 -37.37 -14.79
CA GLU A 155 -48.04 -36.40 -13.73
C GLU A 155 -46.61 -36.51 -13.21
N ILE A 156 -46.18 -37.72 -12.84
CA ILE A 156 -44.80 -37.88 -12.38
C ILE A 156 -43.87 -37.67 -13.57
N LEU A 157 -44.38 -37.75 -14.78
CA LEU A 157 -43.64 -37.28 -15.94
C LEU A 157 -43.47 -35.78 -15.90
N ALA A 158 -44.57 -35.05 -15.71
CA ALA A 158 -44.51 -33.59 -15.69
C ALA A 158 -43.56 -33.08 -14.62
N ARG A 159 -43.40 -33.84 -13.54
CA ARG A 159 -42.55 -33.43 -12.42
C ARG A 159 -41.08 -33.45 -12.80
N PHE A 160 -40.72 -34.03 -13.95
CA PHE A 160 -39.33 -34.22 -14.36
C PHE A 160 -38.43 -33.00 -14.21
N PRO A 161 -38.88 -31.78 -14.51
CA PRO A 161 -37.99 -30.62 -14.28
C PRO A 161 -37.68 -30.38 -12.82
N CYS A 162 -38.56 -30.76 -11.89
CA CYS A 162 -38.26 -30.72 -10.47
C CYS A 162 -37.32 -31.88 -10.16
N LYS A 163 -36.79 -31.91 -8.93
CA LYS A 163 -35.82 -32.93 -8.50
C LYS A 163 -36.44 -34.30 -8.82
N GLU A 164 -37.52 -34.70 -8.16
CA GLU A 164 -38.35 -35.84 -8.54
C GLU A 164 -37.55 -37.03 -9.07
N ASN A 165 -36.70 -37.60 -8.23
CA ASN A 165 -35.80 -38.64 -8.73
C ASN A 165 -36.03 -39.98 -8.03
N PRO A 166 -37.08 -40.72 -8.36
CA PRO A 166 -37.18 -42.10 -7.90
C PRO A 166 -36.11 -42.95 -8.56
N ASP A 167 -35.60 -43.94 -7.83
CA ASP A 167 -34.56 -44.80 -8.35
C ASP A 167 -34.99 -45.46 -9.66
N ASN A 168 -36.28 -45.80 -9.77
CA ASN A 168 -36.76 -46.42 -11.00
C ASN A 168 -36.80 -45.44 -12.16
N LEU A 169 -36.59 -44.15 -11.87
CA LEU A 169 -36.82 -43.12 -12.89
C LEU A 169 -35.57 -42.32 -13.26
N SER A 170 -34.77 -41.89 -12.28
CA SER A 170 -33.74 -40.87 -12.50
C SER A 170 -32.97 -40.99 -13.83
N ASP A 171 -32.45 -42.19 -14.11
CA ASP A 171 -31.69 -42.38 -15.35
C ASP A 171 -32.59 -42.25 -16.58
N PHE A 172 -33.77 -42.89 -16.54
CA PHE A 172 -34.76 -42.73 -17.60
C PHE A 172 -35.13 -41.25 -17.79
N ARG A 173 -35.10 -40.49 -16.70
CA ARG A 173 -35.45 -39.07 -16.74
C ARG A 173 -34.41 -38.26 -17.47
N GLU A 174 -33.13 -38.45 -17.12
CA GLU A 174 -32.03 -37.71 -17.74
C GLU A 174 -32.15 -37.66 -19.26
N GLU A 175 -32.62 -38.76 -19.84
CA GLU A 175 -32.87 -38.87 -21.28
C GLU A 175 -33.82 -37.78 -21.75
N VAL A 176 -34.93 -37.58 -21.04
CA VAL A 176 -35.91 -36.58 -21.45
C VAL A 176 -35.32 -35.17 -21.33
N SER A 177 -34.59 -34.90 -20.25
CA SER A 177 -33.95 -33.61 -20.09
C SER A 177 -33.05 -33.30 -21.28
N ARG A 178 -32.19 -34.25 -21.67
CA ARG A 178 -31.30 -34.01 -22.79
C ARG A 178 -32.08 -33.85 -24.10
N ARG A 179 -33.07 -34.72 -24.33
CA ARG A 179 -33.81 -34.70 -25.58
C ARG A 179 -34.61 -33.42 -25.74
N LEU A 180 -34.96 -32.77 -24.63
CA LEU A 180 -35.70 -31.52 -24.72
C LEU A 180 -34.76 -30.33 -24.87
N ARG A 181 -33.68 -30.30 -24.09
CA ARG A 181 -32.68 -29.25 -24.25
C ARG A 181 -32.14 -29.23 -25.67
N TYR A 182 -32.07 -30.40 -26.31
CA TYR A 182 -31.72 -30.46 -27.72
C TYR A 182 -32.62 -29.57 -28.57
N GLU A 183 -33.93 -29.79 -28.50
CA GLU A 183 -34.86 -29.02 -29.34
C GLU A 183 -34.82 -27.53 -28.97
N SER A 184 -34.66 -27.23 -27.68
CA SER A 184 -34.57 -25.84 -27.26
C SER A 184 -33.40 -25.14 -27.92
N GLN A 185 -32.19 -25.67 -27.76
CA GLN A 185 -31.02 -25.00 -28.32
C GLN A 185 -31.07 -24.99 -29.85
N LEU A 186 -31.69 -26.01 -30.45
CA LEU A 186 -31.81 -26.03 -31.90
C LEU A 186 -32.70 -24.89 -32.39
N PHE A 187 -33.86 -24.70 -31.77
CA PHE A 187 -34.69 -23.56 -32.12
C PHE A 187 -33.97 -22.24 -31.88
N GLY A 188 -33.18 -22.15 -30.81
CA GLY A 188 -32.44 -20.92 -30.57
C GLY A 188 -31.48 -20.59 -31.70
N TRP A 189 -30.70 -21.58 -32.14
CA TRP A 189 -29.75 -21.34 -33.21
C TRP A 189 -30.46 -21.02 -34.53
N LEU A 190 -31.55 -21.74 -34.82
CA LEU A 190 -32.32 -21.42 -36.02
C LEU A 190 -32.86 -20.00 -35.99
N LEU A 191 -33.29 -19.55 -34.81
CA LEU A 191 -33.80 -18.18 -34.69
C LEU A 191 -32.71 -17.16 -34.94
N ILE A 192 -31.52 -17.38 -34.36
CA ILE A 192 -30.41 -16.47 -34.62
C ILE A 192 -30.11 -16.41 -36.11
N GLY A 193 -30.07 -17.57 -36.76
CA GLY A 193 -29.80 -17.59 -38.20
C GLY A 193 -30.83 -16.82 -39.00
N VAL A 194 -32.11 -17.02 -38.69
CA VAL A 194 -33.17 -16.35 -39.44
C VAL A 194 -33.12 -14.85 -39.21
N VAL A 195 -32.81 -14.42 -38.00
CA VAL A 195 -32.69 -12.99 -37.72
C VAL A 195 -31.56 -12.39 -38.53
N ALA A 196 -30.42 -13.09 -38.61
CA ALA A 196 -29.32 -12.58 -39.42
C ALA A 196 -29.71 -12.48 -40.88
N ILE A 197 -30.42 -13.50 -41.39
CA ILE A 197 -30.83 -13.48 -42.79
C ILE A 197 -31.78 -12.32 -43.06
N LEU A 198 -32.71 -12.06 -42.13
CA LEU A 198 -33.64 -10.96 -42.33
C LEU A 198 -32.92 -9.61 -42.30
N VAL A 199 -31.95 -9.44 -41.39
CA VAL A 199 -31.17 -8.21 -41.36
C VAL A 199 -30.49 -8.00 -42.70
N PHE A 200 -29.79 -9.03 -43.19
CA PHE A 200 -29.10 -8.91 -44.46
C PHE A 200 -30.03 -8.63 -45.63
N LEU A 201 -31.21 -9.26 -45.66
CA LEU A 201 -32.14 -9.03 -46.75
C LEU A 201 -32.79 -7.66 -46.70
N THR A 202 -33.15 -7.15 -45.52
CA THR A 202 -33.70 -5.80 -45.46
C THR A 202 -32.65 -4.77 -45.86
N LYS A 203 -31.39 -5.01 -45.47
CA LYS A 203 -30.31 -4.16 -45.96
C LYS A 203 -30.24 -4.18 -47.49
N CYS A 204 -30.02 -5.37 -48.06
CA CYS A 204 -29.85 -5.50 -49.50
C CYS A 204 -31.09 -5.08 -50.28
N LEU A 205 -32.24 -4.96 -49.64
CA LEU A 205 -33.45 -4.51 -50.33
C LEU A 205 -33.71 -3.03 -50.19
N LYS A 206 -33.25 -2.41 -49.10
CA LYS A 206 -33.39 -0.97 -48.96
C LYS A 206 -32.65 -0.25 -50.09
N HIS A 207 -31.34 -0.51 -50.18
CA HIS A 207 -30.52 0.19 -51.17
C HIS A 207 -31.02 0.00 -52.59
N TYR A 208 -31.22 -1.27 -52.99
CA TYR A 208 -31.59 -1.55 -54.38
C TYR A 208 -32.88 -0.83 -54.78
N CYS A 209 -33.76 -0.54 -53.83
CA CYS A 209 -34.97 0.20 -54.10
C CYS A 209 -34.96 1.49 -53.28
N SER A 210 -34.32 2.52 -53.84
CA SER A 210 -34.23 3.83 -53.24
C SER A 210 -33.82 4.82 -54.33
N PRO A 211 -34.36 6.03 -54.30
CA PRO A 211 -34.02 7.00 -55.34
C PRO A 211 -32.60 7.52 -55.19
N LEU A 212 -32.15 7.66 -53.94
CA LEU A 212 -30.84 8.23 -53.68
C LEU A 212 -29.72 7.27 -54.04
N SER A 213 -28.51 7.81 -54.07
CA SER A 213 -27.31 7.00 -54.18
C SER A 213 -26.97 6.38 -52.83
N TYR A 214 -25.79 5.77 -52.77
CA TYR A 214 -25.37 5.13 -51.53
C TYR A 214 -24.80 6.12 -50.54
N ARG A 215 -24.01 7.08 -51.00
CA ARG A 215 -23.30 7.95 -50.08
C ARG A 215 -24.18 9.12 -49.65
N GLN A 216 -25.09 9.54 -50.52
CA GLN A 216 -25.99 10.64 -50.20
C GLN A 216 -26.85 10.28 -48.99
N GLU A 217 -27.15 9.00 -48.80
CA GLU A 217 -27.95 8.60 -47.65
C GLU A 217 -27.16 8.73 -46.35
N ALA A 218 -25.88 8.40 -46.39
CA ALA A 218 -25.04 8.60 -45.21
C ALA A 218 -24.93 10.07 -44.86
N TYR A 219 -24.75 10.91 -45.89
CA TYR A 219 -24.74 12.35 -45.66
C TYR A 219 -26.07 12.81 -45.07
N TRP A 220 -27.18 12.24 -45.56
CA TRP A 220 -28.50 12.57 -45.03
C TRP A 220 -28.61 12.22 -43.56
N ALA A 221 -28.12 11.04 -43.17
CA ALA A 221 -28.21 10.62 -41.78
C ALA A 221 -27.39 11.54 -40.89
N GLN A 222 -26.18 11.91 -41.34
CA GLN A 222 -25.38 12.85 -40.57
C GLN A 222 -26.10 14.19 -40.40
N TYR A 223 -26.72 14.68 -41.48
CA TYR A 223 -27.44 15.94 -41.40
C TYR A 223 -28.61 15.84 -40.43
N ARG A 224 -29.33 14.72 -40.46
CA ARG A 224 -30.47 14.56 -39.56
C ARG A 224 -30.03 14.59 -38.10
N ALA A 225 -28.98 13.85 -37.76
CA ALA A 225 -28.51 13.84 -36.39
C ALA A 225 -28.06 15.23 -35.95
N ASN A 226 -27.32 15.93 -36.81
CA ASN A 226 -26.83 17.26 -36.43
C ASN A 226 -27.98 18.24 -36.26
N GLU A 227 -28.99 18.16 -37.14
CA GLU A 227 -30.14 19.05 -37.01
C GLU A 227 -30.90 18.79 -35.72
N ASP A 228 -31.11 17.52 -35.39
CA ASP A 228 -31.81 17.21 -34.14
C ASP A 228 -31.09 17.80 -32.94
N GLN A 229 -29.76 17.59 -32.87
CA GLN A 229 -29.01 18.07 -31.71
C GLN A 229 -29.05 19.59 -31.62
N LEU A 230 -28.78 20.28 -32.73
CA LEU A 230 -28.75 21.73 -32.71
C LEU A 230 -30.12 22.30 -32.38
N PHE A 231 -31.18 21.70 -32.91
CA PHE A 231 -32.52 22.22 -32.65
C PHE A 231 -32.89 22.06 -31.18
N GLN A 232 -32.58 20.90 -30.59
CA GLN A 232 -32.89 20.72 -29.18
C GLN A 232 -32.16 21.74 -28.32
N ARG A 233 -30.85 21.88 -28.51
CA ARG A 233 -30.10 22.80 -27.66
C ARG A 233 -30.58 24.24 -27.83
N THR A 234 -30.85 24.64 -29.07
CA THR A 234 -31.28 26.02 -29.31
C THR A 234 -32.65 26.28 -28.71
N ALA A 235 -33.57 25.33 -28.85
CA ALA A 235 -34.88 25.50 -28.25
C ALA A 235 -34.77 25.65 -26.74
N GLU A 236 -33.87 24.90 -26.12
CA GLU A 236 -33.71 25.02 -24.67
C GLU A 236 -33.22 26.41 -24.29
N VAL A 237 -32.18 26.89 -24.97
CA VAL A 237 -31.65 28.22 -24.64
C VAL A 237 -32.72 29.30 -24.84
N HIS A 238 -33.45 29.22 -25.95
CA HIS A 238 -34.47 30.22 -26.24
C HIS A 238 -35.57 30.21 -25.19
N SER A 239 -36.00 29.01 -24.77
CA SER A 239 -37.02 28.90 -23.73
C SER A 239 -36.53 29.54 -22.44
N ARG A 240 -35.29 29.22 -22.03
CA ARG A 240 -34.77 29.80 -20.79
C ARG A 240 -34.73 31.32 -20.87
N VAL A 241 -34.38 31.87 -22.03
CA VAL A 241 -34.33 33.33 -22.16
C VAL A 241 -35.73 33.93 -22.02
N LEU A 242 -36.71 33.31 -22.68
CA LEU A 242 -38.08 33.81 -22.57
C LEU A 242 -38.56 33.75 -21.13
N ALA A 243 -38.23 32.67 -20.42
CA ALA A 243 -38.61 32.55 -19.02
C ALA A 243 -37.95 33.63 -18.17
N ALA A 244 -36.70 33.95 -18.46
CA ALA A 244 -36.03 35.00 -17.71
C ALA A 244 -36.70 36.35 -17.94
N ASN A 245 -37.08 36.64 -19.18
CA ASN A 245 -37.82 37.88 -19.43
C ASN A 245 -39.12 37.92 -18.64
N ASN A 246 -39.88 36.82 -18.68
CA ASN A 246 -41.15 36.76 -17.96
C ASN A 246 -40.95 37.00 -16.47
N VAL A 247 -39.96 36.34 -15.87
CA VAL A 247 -39.70 36.53 -14.44
C VAL A 247 -39.32 37.98 -14.16
N ARG A 248 -38.32 38.50 -14.87
CA ARG A 248 -37.87 39.88 -14.63
C ARG A 248 -39.03 40.87 -14.71
N ARG A 249 -40.03 40.58 -15.55
CA ARG A 249 -41.15 41.51 -15.56
C ARG A 249 -41.97 41.47 -14.26
N PHE A 250 -41.69 40.57 -13.33
CA PHE A 250 -42.49 40.46 -12.11
C PHE A 250 -41.81 41.15 -10.93
N PHE A 251 -40.60 40.72 -10.59
CA PHE A 251 -39.95 41.26 -9.40
C PHE A 251 -39.29 42.59 -9.69
N GLY A 252 -38.57 42.69 -10.81
CA GLY A 252 -37.86 43.90 -11.15
C GLY A 252 -36.43 43.60 -11.50
N PHE A 253 -36.04 42.34 -11.29
CA PHE A 253 -34.68 41.88 -11.57
C PHE A 253 -34.69 40.37 -11.51
N VAL A 254 -33.99 39.73 -12.43
CA VAL A 254 -33.83 38.30 -12.38
C VAL A 254 -32.47 37.95 -11.80
N ALA A 255 -32.32 36.71 -11.34
CA ALA A 255 -31.08 36.25 -10.72
C ALA A 255 -30.50 35.13 -11.55
N LEU A 256 -29.24 35.28 -11.96
CA LEU A 256 -28.62 34.39 -12.93
C LEU A 256 -27.23 33.99 -12.47
N ASN A 257 -26.73 32.92 -13.07
CA ASN A 257 -25.32 32.57 -12.94
C ASN A 257 -24.50 33.40 -13.93
N LYS A 258 -23.23 33.04 -14.08
CA LYS A 258 -22.41 33.69 -15.10
C LYS A 258 -22.78 33.17 -16.48
N ASP A 259 -22.99 31.86 -16.60
CA ASP A 259 -23.39 31.27 -17.87
C ASP A 259 -24.66 31.92 -18.40
N ASP A 260 -25.73 31.88 -17.61
CA ASP A 260 -26.99 32.50 -18.02
C ASP A 260 -26.83 33.99 -18.24
N GLU A 261 -25.94 34.64 -17.50
CA GLU A 261 -25.70 36.06 -17.74
C GLU A 261 -25.19 36.29 -19.15
N GLU A 262 -24.18 35.53 -19.56
CA GLU A 262 -23.67 35.65 -20.93
C GLU A 262 -24.75 35.29 -21.94
N LEU A 263 -25.56 34.27 -21.63
CA LEU A 263 -26.63 33.87 -22.53
C LEU A 263 -27.58 35.02 -22.80
N ILE A 264 -28.12 35.63 -21.75
CA ILE A 264 -29.08 36.71 -21.92
C ILE A 264 -28.40 37.97 -22.45
N ALA A 265 -27.06 38.04 -22.31
CA ALA A 265 -26.34 39.16 -22.90
C ALA A 265 -26.25 39.00 -24.41
N ASN A 266 -26.02 37.79 -24.90
CA ASN A 266 -25.84 37.58 -26.33
C ASN A 266 -27.17 37.54 -27.07
N PHE A 267 -28.06 36.62 -26.70
CA PHE A 267 -29.25 36.32 -27.49
C PHE A 267 -30.47 37.05 -26.95
N PRO A 268 -30.97 38.09 -27.63
CA PRO A 268 -32.27 38.64 -27.25
C PRO A 268 -33.38 37.72 -27.72
N VAL A 269 -34.59 37.94 -27.22
CA VAL A 269 -35.75 37.13 -27.56
C VAL A 269 -37.00 37.96 -27.39
N GLU A 270 -37.98 37.73 -28.27
CA GLU A 270 -39.25 38.46 -28.20
C GLU A 270 -40.39 37.51 -27.89
N GLY A 271 -40.52 36.47 -28.70
CA GLY A 271 -41.63 35.55 -28.59
C GLY A 271 -41.57 34.56 -29.74
N THR A 272 -41.89 33.31 -29.44
CA THR A 272 -41.70 32.22 -30.37
C THR A 272 -42.66 32.36 -31.56
N GLN A 273 -42.32 31.71 -32.67
CA GLN A 273 -43.13 31.80 -33.87
C GLN A 273 -44.52 31.23 -33.62
N PRO A 274 -45.50 31.59 -34.44
CA PRO A 274 -46.87 31.13 -34.21
C PRO A 274 -47.00 29.62 -34.38
N ARG A 275 -48.22 29.14 -34.15
CA ARG A 275 -48.47 27.71 -34.18
C ARG A 275 -48.40 27.11 -35.58
N PRO A 276 -48.92 27.74 -36.64
CA PRO A 276 -48.73 27.16 -37.98
C PRO A 276 -47.28 26.86 -38.32
N GLN A 277 -46.35 27.74 -37.95
CA GLN A 277 -44.94 27.47 -38.21
C GLN A 277 -44.48 26.22 -37.48
N TRP A 278 -44.79 26.11 -36.19
CA TRP A 278 -44.46 24.89 -35.45
C TRP A 278 -45.05 23.67 -36.12
N ASN A 279 -46.22 23.81 -36.73
CA ASN A 279 -46.85 22.66 -37.39
C ASN A 279 -46.13 22.29 -38.67
N ALA A 280 -45.66 23.28 -39.43
CA ALA A 280 -44.99 22.99 -40.69
C ALA A 280 -43.71 22.20 -40.46
N ILE A 281 -43.19 22.19 -39.23
CA ILE A 281 -41.93 21.50 -38.97
C ILE A 281 -42.16 20.03 -38.70
N THR A 282 -43.18 19.69 -37.92
CA THR A 282 -43.40 18.32 -37.50
C THR A 282 -43.93 17.49 -38.67
N GLY A 283 -43.77 16.18 -38.56
CA GLY A 283 -44.26 15.24 -39.54
C GLY A 283 -43.16 14.34 -40.04
N VAL A 284 -43.54 13.46 -40.96
CA VAL A 284 -42.59 12.57 -41.61
C VAL A 284 -42.24 13.19 -42.95
N TYR A 285 -41.02 12.96 -43.41
CA TYR A 285 -40.50 13.62 -44.60
C TYR A 285 -39.98 12.58 -45.57
N LEU A 286 -40.52 12.59 -46.78
CA LEU A 286 -39.96 11.83 -47.88
C LEU A 286 -39.09 12.75 -48.72
N TYR A 287 -38.02 12.20 -49.28
CA TYR A 287 -37.01 13.01 -49.95
C TYR A 287 -37.62 13.75 -51.14
N ARG A 288 -37.73 15.06 -51.01
CA ARG A 288 -38.25 15.93 -52.06
C ARG A 288 -37.15 16.82 -52.58
N GLU A 289 -37.12 16.98 -53.91
CA GLU A 289 -36.15 17.83 -54.55
C GLU A 289 -36.81 19.13 -54.97
N ASN A 290 -36.09 20.22 -54.77
CA ASN A 290 -36.45 21.51 -55.33
C ASN A 290 -35.99 21.53 -56.79
N GLN A 291 -36.03 22.69 -57.43
CA GLN A 291 -35.55 22.78 -58.80
C GLN A 291 -34.04 22.61 -58.80
N GLY A 292 -33.59 21.37 -58.97
CA GLY A 292 -32.18 21.05 -58.92
C GLY A 292 -31.69 20.65 -57.55
N LEU A 293 -31.68 21.59 -56.61
CA LEU A 293 -31.13 21.32 -55.29
C LEU A 293 -32.02 20.35 -54.51
N PRO A 294 -31.44 19.58 -53.60
CA PRO A 294 -32.23 18.67 -52.77
C PRO A 294 -32.67 19.31 -51.46
N LEU A 295 -33.73 18.76 -50.85
CA LEU A 295 -34.22 19.22 -49.56
C LEU A 295 -34.20 18.04 -48.60
N TYR A 296 -33.46 18.17 -47.50
CA TYR A 296 -33.15 17.03 -46.65
C TYR A 296 -34.03 16.89 -45.42
N SER A 297 -35.00 17.78 -45.21
CA SER A 297 -35.89 17.70 -44.07
C SER A 297 -36.95 18.79 -44.20
N ARG A 298 -38.06 18.61 -43.48
CA ARG A 298 -39.14 19.59 -43.53
C ARG A 298 -38.68 20.95 -43.04
N LEU A 299 -37.80 20.99 -42.04
CA LEU A 299 -37.22 22.26 -41.62
C LEU A 299 -36.47 22.92 -42.77
N HIS A 300 -35.70 22.13 -43.52
CA HIS A 300 -35.02 22.65 -44.69
C HIS A 300 -36.04 23.15 -45.71
N LYS A 301 -37.05 22.32 -46.03
CA LYS A 301 -38.11 22.72 -46.94
C LYS A 301 -38.76 24.05 -46.55
N TRP A 302 -38.89 24.32 -45.26
CA TRP A 302 -39.49 25.56 -44.79
C TRP A 302 -38.52 26.73 -44.78
N ALA A 303 -37.23 26.47 -44.57
CA ALA A 303 -36.25 27.55 -44.55
C ALA A 303 -36.09 28.21 -45.92
N GLN A 304 -36.36 27.48 -47.00
CA GLN A 304 -36.18 28.04 -48.34
C GLN A 304 -37.35 28.95 -48.71
N GLY A 305 -38.56 28.39 -48.73
CA GLY A 305 -39.73 29.14 -49.12
C GLY A 305 -40.02 30.35 -48.24
N ASN B 25 -35.93 10.72 -12.81
CA ASN B 25 -35.72 9.34 -13.26
C ASN B 25 -34.79 8.60 -12.30
N GLY B 26 -33.65 9.22 -12.00
CA GLY B 26 -32.72 8.61 -11.07
C GLY B 26 -33.29 8.47 -9.67
N LEU B 27 -34.14 9.42 -9.27
CA LEU B 27 -34.81 9.30 -7.97
C LEU B 27 -35.67 8.05 -7.91
N VAL B 28 -36.25 7.65 -9.05
CA VAL B 28 -37.02 6.42 -9.09
C VAL B 28 -36.13 5.21 -8.82
N ALA B 29 -34.92 5.21 -9.39
CA ALA B 29 -33.99 4.12 -9.14
C ALA B 29 -33.52 4.10 -7.68
N LEU B 30 -33.28 5.28 -7.11
CA LEU B 30 -32.93 5.34 -5.70
C LEU B 30 -34.06 4.81 -4.82
N GLY B 31 -35.30 5.19 -5.14
CA GLY B 31 -36.43 4.66 -4.40
C GLY B 31 -36.59 3.16 -4.56
N THR B 32 -36.25 2.63 -5.75
CA THR B 32 -36.32 1.20 -5.97
C THR B 32 -35.28 0.46 -5.13
N VAL B 33 -34.05 0.97 -5.10
CA VAL B 33 -33.02 0.37 -4.25
C VAL B 33 -33.43 0.45 -2.79
N GLY B 34 -34.01 1.58 -2.39
CA GLY B 34 -34.49 1.72 -1.01
C GLY B 34 -35.60 0.74 -0.69
N SER B 35 -36.50 0.51 -1.65
CA SER B 35 -37.58 -0.46 -1.44
C SER B 35 -37.02 -1.88 -1.33
N GLN B 36 -36.00 -2.19 -2.13
CA GLN B 36 -35.36 -3.50 -2.01
C GLN B 36 -34.73 -3.69 -0.64
N GLU B 37 -33.96 -2.70 -0.20
CA GLU B 37 -33.32 -2.79 1.12
C GLU B 37 -34.37 -2.82 2.24
N LEU B 38 -35.48 -2.12 2.04
CA LEU B 38 -36.54 -2.10 3.04
C LEU B 38 -37.23 -3.46 3.12
N PHE B 39 -37.47 -4.10 1.97
CA PHE B 39 -38.00 -5.46 1.98
C PHE B 39 -37.02 -6.42 2.64
N SER B 40 -35.73 -6.20 2.44
CA SER B 40 -34.73 -7.07 3.05
C SER B 40 -34.69 -6.91 4.57
N VAL B 41 -34.86 -5.67 5.05
CA VAL B 41 -34.69 -5.41 6.49
C VAL B 41 -35.99 -5.36 7.26
N VAL B 42 -37.14 -5.43 6.59
CA VAL B 42 -38.44 -5.30 7.25
C VAL B 42 -38.84 -6.65 7.82
N ALA B 43 -38.22 -7.72 7.31
CA ALA B 43 -38.40 -9.06 7.85
C ALA B 43 -39.85 -9.52 7.84
N PHE B 44 -40.43 -9.66 6.65
CA PHE B 44 -41.74 -10.29 6.53
C PHE B 44 -41.78 -11.60 7.31
N HIS B 45 -42.74 -11.68 8.24
CA HIS B 45 -42.83 -12.83 9.15
C HIS B 45 -44.26 -13.38 9.03
N CYS B 46 -44.40 -14.43 8.25
CA CYS B 46 -45.70 -15.01 7.98
C CYS B 46 -46.24 -15.76 9.21
N PRO B 47 -47.30 -15.27 9.84
CA PRO B 47 -47.96 -16.07 10.86
C PRO B 47 -48.75 -17.18 10.21
N CYS B 48 -48.68 -18.37 10.78
CA CYS B 48 -49.46 -19.50 10.31
C CYS B 48 -50.58 -19.76 11.30
N SER B 49 -51.80 -19.42 10.90
CA SER B 49 -53.04 -19.57 11.66
C SER B 49 -54.19 -19.33 10.69
N PRO B 50 -55.37 -19.92 10.92
CA PRO B 50 -56.39 -19.97 9.86
C PRO B 50 -56.82 -18.62 9.30
N ALA B 51 -57.31 -17.72 10.14
CA ALA B 51 -57.92 -16.49 9.66
C ALA B 51 -56.93 -15.36 9.45
N ARG B 52 -55.90 -15.28 10.29
CA ARG B 52 -55.02 -14.10 10.28
C ARG B 52 -54.11 -14.06 9.07
N ASN B 53 -54.04 -15.17 8.32
CA ASN B 53 -53.09 -15.27 7.21
C ASN B 53 -53.29 -14.16 6.19
N TYR B 54 -54.43 -14.18 5.50
CA TYR B 54 -54.63 -13.26 4.40
C TYR B 54 -54.78 -11.83 4.89
N LEU B 55 -55.29 -11.66 6.12
CA LEU B 55 -55.33 -10.32 6.71
C LEU B 55 -53.92 -9.73 6.82
N TYR B 56 -53.00 -10.49 7.42
CA TYR B 56 -51.63 -9.98 7.58
C TYR B 56 -50.97 -9.77 6.22
N GLY B 57 -51.19 -10.69 5.29
CA GLY B 57 -50.62 -10.51 3.96
C GLY B 57 -51.12 -9.24 3.29
N LEU B 58 -52.44 -9.06 3.23
CA LEU B 58 -53.04 -7.87 2.66
C LEU B 58 -52.45 -6.62 3.29
N ALA B 59 -52.43 -6.55 4.62
CA ALA B 59 -51.96 -5.34 5.28
C ALA B 59 -50.49 -5.08 4.98
N ALA B 60 -49.63 -6.09 5.19
CA ALA B 60 -48.19 -5.88 5.07
C ALA B 60 -47.79 -5.60 3.63
N ILE B 61 -48.61 -5.99 2.66
CA ILE B 61 -48.22 -5.78 1.27
C ILE B 61 -48.89 -4.55 0.68
N GLY B 62 -50.01 -4.12 1.27
CA GLY B 62 -50.70 -2.98 0.70
C GLY B 62 -50.71 -1.71 1.51
N VAL B 63 -50.18 -1.71 2.72
CA VAL B 63 -50.09 -0.46 3.49
C VAL B 63 -48.91 0.37 3.01
N PRO B 64 -47.70 -0.19 2.83
CA PRO B 64 -46.63 0.63 2.24
C PRO B 64 -46.96 1.10 0.84
N ALA B 65 -47.82 0.38 0.11
CA ALA B 65 -48.35 0.89 -1.15
C ALA B 65 -49.08 2.20 -0.92
N LEU B 66 -49.98 2.23 0.07
CA LEU B 66 -50.70 3.46 0.38
C LEU B 66 -49.75 4.57 0.80
N VAL B 67 -48.73 4.23 1.58
CA VAL B 67 -47.78 5.24 2.03
C VAL B 67 -47.04 5.86 0.84
N LEU B 68 -46.56 5.01 -0.08
CA LEU B 68 -45.83 5.53 -1.23
C LEU B 68 -46.74 6.31 -2.16
N PHE B 69 -47.99 5.88 -2.29
CA PHE B 69 -48.97 6.65 -3.07
C PHE B 69 -49.18 8.03 -2.48
N ILE B 70 -49.33 8.10 -1.16
CA ILE B 70 -49.55 9.39 -0.51
C ILE B 70 -48.32 10.28 -0.67
N ILE B 71 -47.12 9.72 -0.50
CA ILE B 71 -45.92 10.51 -0.70
C ILE B 71 -45.85 11.04 -2.13
N GLY B 72 -46.20 10.20 -3.10
CA GLY B 72 -46.20 10.65 -4.48
C GLY B 72 -47.15 11.81 -4.72
N ILE B 73 -48.36 11.72 -4.16
CA ILE B 73 -49.31 12.81 -4.32
C ILE B 73 -48.82 14.07 -3.60
N ILE B 74 -48.12 13.89 -2.48
CA ILE B 74 -47.66 15.05 -1.70
C ILE B 74 -46.58 15.81 -2.45
N LEU B 75 -45.56 15.10 -2.95
CA LEU B 75 -44.41 15.76 -3.54
C LEU B 75 -44.63 16.18 -4.98
N ASN B 76 -45.89 16.29 -5.42
CA ASN B 76 -46.19 16.71 -6.77
C ASN B 76 -46.80 18.11 -6.73
N ASN B 77 -46.32 18.97 -7.63
CA ASN B 77 -46.81 20.35 -7.67
C ASN B 77 -48.24 20.43 -8.20
N HIS B 78 -48.55 19.61 -9.21
CA HIS B 78 -49.81 19.76 -9.93
C HIS B 78 -51.02 19.65 -9.01
N THR B 79 -50.96 18.78 -8.01
CA THR B 79 -52.11 18.59 -7.13
C THR B 79 -52.43 19.87 -6.35
N TRP B 80 -51.40 20.62 -5.98
CA TRP B 80 -51.65 21.85 -5.22
C TRP B 80 -52.23 22.93 -6.13
N ASN B 81 -51.80 22.97 -7.39
CA ASN B 81 -52.48 23.80 -8.37
C ASN B 81 -53.96 23.42 -8.47
N LEU B 82 -54.23 22.12 -8.52
CA LEU B 82 -55.62 21.67 -8.62
C LEU B 82 -56.44 22.12 -7.42
N VAL B 83 -55.90 21.96 -6.21
CA VAL B 83 -56.65 22.34 -5.03
C VAL B 83 -56.80 23.86 -4.92
N ALA B 84 -55.81 24.62 -5.41
CA ALA B 84 -55.96 26.07 -5.44
C ALA B 84 -57.01 26.49 -6.46
N GLU B 85 -57.22 25.68 -7.50
CA GLU B 85 -58.26 26.00 -8.46
C GLU B 85 -59.66 25.83 -7.86
N CYS B 86 -59.80 25.01 -6.83
CA CYS B 86 -61.11 24.74 -6.25
C CYS B 86 -61.67 25.96 -5.54
N GLN B 87 -60.81 26.79 -4.96
CA GLN B 87 -61.24 27.98 -4.23
C GLN B 87 -61.98 28.96 -5.13
N ALA B 97 -63.11 16.92 -19.50
CA ALA B 97 -62.01 16.58 -20.40
C ALA B 97 -60.62 17.03 -19.87
N PRO B 98 -60.47 18.29 -19.45
CA PRO B 98 -59.17 18.69 -18.91
C PRO B 98 -58.84 17.99 -17.60
N THR B 99 -59.78 17.99 -16.64
CA THR B 99 -59.57 17.30 -15.37
C THR B 99 -59.13 15.87 -15.60
N PHE B 100 -59.60 15.24 -16.66
CA PHE B 100 -59.16 13.89 -17.01
C PHE B 100 -57.63 13.83 -17.12
N LEU B 101 -57.06 14.69 -17.98
CA LEU B 101 -55.62 14.62 -18.20
C LEU B 101 -54.83 15.12 -17.00
N LEU B 102 -55.37 16.09 -16.26
CA LEU B 102 -54.70 16.54 -15.04
C LEU B 102 -54.60 15.41 -14.02
N LEU B 103 -55.74 14.79 -13.69
CA LEU B 103 -55.74 13.66 -12.78
C LEU B 103 -54.88 12.53 -13.31
N SER B 104 -54.87 12.32 -14.63
CA SER B 104 -54.01 11.28 -15.21
C SER B 104 -52.55 11.56 -14.89
N SER B 105 -52.09 12.77 -15.18
CA SER B 105 -50.70 13.13 -14.90
C SER B 105 -50.36 12.90 -13.44
N ILE B 106 -51.19 13.40 -12.53
CA ILE B 106 -50.84 13.33 -11.11
C ILE B 106 -50.88 11.88 -10.63
N LEU B 107 -51.95 11.13 -10.97
CA LEU B 107 -52.08 9.77 -10.50
C LEU B 107 -51.00 8.87 -11.07
N GLY B 108 -50.53 9.16 -12.29
CA GLY B 108 -49.43 8.37 -12.83
C GLY B 108 -48.11 8.67 -12.15
N ARG B 109 -47.76 9.96 -12.07
CA ARG B 109 -46.52 10.34 -11.40
C ARG B 109 -46.52 9.86 -9.95
N ALA B 110 -47.68 9.64 -9.38
CA ALA B 110 -47.75 9.09 -8.02
C ALA B 110 -47.63 7.57 -8.03
N ALA B 111 -48.52 6.89 -8.76
CA ALA B 111 -48.60 5.44 -8.72
C ALA B 111 -47.44 4.76 -9.43
N VAL B 112 -46.45 5.52 -9.89
CA VAL B 112 -45.22 4.89 -10.38
C VAL B 112 -44.66 3.90 -9.35
N ALA B 113 -44.52 4.33 -8.10
CA ALA B 113 -43.80 3.55 -7.08
C ALA B 113 -44.60 2.41 -6.44
N PRO B 114 -45.87 2.60 -6.07
CA PRO B 114 -46.60 1.49 -5.42
C PRO B 114 -46.72 0.26 -6.31
N VAL B 115 -46.87 0.45 -7.63
CA VAL B 115 -46.93 -0.68 -8.53
C VAL B 115 -45.59 -1.41 -8.54
N THR B 116 -44.49 -0.65 -8.53
CA THR B 116 -43.17 -1.26 -8.43
C THR B 116 -43.05 -2.12 -7.17
N TRP B 117 -43.43 -1.57 -6.02
CA TRP B 117 -43.36 -2.34 -4.78
C TRP B 117 -44.24 -3.58 -4.85
N SER B 118 -45.45 -3.43 -5.40
CA SER B 118 -46.39 -4.54 -5.45
C SER B 118 -45.87 -5.67 -6.32
N VAL B 119 -45.29 -5.34 -7.47
CA VAL B 119 -44.80 -6.40 -8.36
C VAL B 119 -43.54 -7.02 -7.79
N ILE B 120 -42.68 -6.23 -7.15
CA ILE B 120 -41.50 -6.81 -6.50
C ILE B 120 -41.92 -7.75 -5.39
N SER B 121 -43.04 -7.46 -4.73
CA SER B 121 -43.51 -8.35 -3.68
C SER B 121 -44.19 -9.59 -4.24
N LEU B 122 -44.88 -9.47 -5.37
CA LEU B 122 -45.53 -10.63 -5.97
C LEU B 122 -44.53 -11.60 -6.57
N LEU B 123 -43.52 -11.08 -7.27
CA LEU B 123 -42.55 -11.97 -7.92
C LEU B 123 -41.80 -12.80 -6.89
N ARG B 124 -41.51 -12.22 -5.73
CA ARG B 124 -40.80 -12.96 -4.69
C ARG B 124 -41.66 -14.09 -4.13
N GLY B 125 -42.97 -14.02 -4.33
CA GLY B 125 -43.86 -14.95 -3.68
C GLY B 125 -43.89 -14.71 -2.18
N GLU B 126 -44.03 -15.82 -1.45
CA GLU B 126 -43.90 -15.86 0.01
C GLU B 126 -44.76 -14.80 0.71
N ALA B 127 -45.67 -14.20 -0.04
CA ALA B 127 -46.69 -13.32 0.53
C ALA B 127 -48.05 -13.78 0.06
N TYR B 128 -48.17 -14.10 -1.23
CA TYR B 128 -49.41 -14.64 -1.76
C TYR B 128 -49.71 -16.00 -1.16
N VAL B 129 -48.68 -16.83 -0.99
CA VAL B 129 -48.89 -18.16 -0.45
C VAL B 129 -49.24 -18.08 1.03
N CYS B 130 -48.64 -17.13 1.75
CA CYS B 130 -48.98 -16.99 3.16
C CYS B 130 -50.42 -16.51 3.33
N ALA B 131 -50.95 -15.82 2.32
CA ALA B 131 -52.34 -15.38 2.38
C ALA B 131 -53.30 -16.50 2.01
N LEU B 132 -53.17 -17.03 0.80
CA LEU B 132 -54.14 -17.98 0.28
C LEU B 132 -53.74 -19.43 0.53
N SER B 133 -52.92 -19.69 1.54
CA SER B 133 -52.66 -21.08 1.91
C SER B 133 -53.91 -21.77 2.44
N GLU B 134 -54.69 -21.07 3.26
CA GLU B 134 -55.82 -21.70 3.93
C GLU B 134 -56.85 -22.22 2.93
N PHE B 135 -56.99 -21.59 1.77
CA PHE B 135 -58.04 -21.92 0.83
C PHE B 135 -57.67 -23.07 -0.11
N VAL B 136 -56.45 -23.58 -0.04
CA VAL B 136 -56.04 -24.70 -0.88
C VAL B 136 -56.98 -25.87 -0.64
N ASP B 137 -57.70 -26.29 -1.67
CA ASP B 137 -58.64 -27.39 -1.53
C ASP B 137 -57.90 -28.65 -1.11
N PRO B 138 -58.28 -29.28 0.00
CA PRO B 138 -57.54 -30.47 0.45
C PRO B 138 -57.78 -31.69 -0.43
N SER B 139 -58.90 -31.75 -1.15
CA SER B 139 -59.23 -32.92 -1.94
C SER B 139 -58.40 -33.04 -3.20
N SER B 140 -58.37 -31.99 -4.01
CA SER B 140 -57.85 -32.10 -5.37
C SER B 140 -56.38 -31.71 -5.44
N LEU B 141 -55.50 -32.63 -5.07
CA LEU B 141 -54.07 -32.49 -5.34
C LEU B 141 -53.37 -33.84 -5.23
N THR B 142 -52.82 -34.33 -6.34
CA THR B 142 -52.28 -35.67 -6.41
C THR B 142 -50.98 -35.79 -5.63
N ALA B 143 -50.85 -36.89 -4.89
CA ALA B 143 -49.64 -37.19 -4.12
C ALA B 143 -49.64 -38.64 -3.65
N ARG B 144 -48.83 -38.94 -2.65
CA ARG B 144 -48.83 -40.25 -2.02
C ARG B 144 -50.13 -40.48 -1.28
N GLU B 145 -50.23 -41.64 -0.63
CA GLU B 145 -51.45 -42.03 0.07
C GLU B 145 -51.74 -41.05 1.21
N GLU B 146 -52.89 -41.28 1.86
CA GLU B 146 -53.40 -40.37 2.89
C GLU B 146 -53.57 -38.97 2.31
N HIS B 147 -54.50 -38.85 1.35
CA HIS B 147 -54.73 -37.60 0.62
C HIS B 147 -54.81 -36.40 1.54
N PHE B 148 -55.74 -36.40 2.50
CA PHE B 148 -55.80 -35.34 3.49
C PHE B 148 -56.52 -35.87 4.71
N PRO B 149 -55.96 -35.70 5.91
CA PRO B 149 -56.46 -36.47 7.07
C PRO B 149 -57.90 -36.19 7.46
N SER B 150 -58.23 -34.94 7.81
CA SER B 150 -59.52 -34.70 8.46
C SER B 150 -60.01 -33.30 8.13
N ALA B 151 -61.21 -33.01 8.62
CA ALA B 151 -61.77 -31.66 8.48
C ALA B 151 -61.07 -30.68 9.41
N HIS B 152 -60.69 -31.13 10.60
CA HIS B 152 -59.95 -30.28 11.53
C HIS B 152 -58.56 -29.96 11.03
N ALA B 153 -58.11 -30.63 9.97
CA ALA B 153 -56.73 -30.53 9.52
C ALA B 153 -56.47 -29.32 8.63
N THR B 154 -57.50 -28.57 8.23
CA THR B 154 -57.24 -27.32 7.52
C THR B 154 -56.25 -26.46 8.29
N GLU B 155 -56.31 -26.54 9.63
CA GLU B 155 -55.37 -25.81 10.47
C GLU B 155 -53.94 -26.23 10.19
N ILE B 156 -53.66 -27.54 10.23
CA ILE B 156 -52.30 -27.97 9.90
C ILE B 156 -52.03 -27.73 8.42
N LEU B 157 -53.08 -27.54 7.64
CA LEU B 157 -52.91 -27.02 6.29
C LEU B 157 -52.42 -25.59 6.32
N ALA B 158 -53.10 -24.72 7.09
CA ALA B 158 -52.73 -23.32 7.15
C ALA B 158 -51.29 -23.15 7.62
N ARG B 159 -50.79 -24.08 8.42
CA ARG B 159 -49.45 -23.99 8.97
C ARG B 159 -48.37 -24.18 7.91
N PHE B 160 -48.76 -24.65 6.72
CA PHE B 160 -47.83 -24.99 5.64
C PHE B 160 -46.72 -23.96 5.38
N PRO B 161 -46.98 -22.66 5.43
CA PRO B 161 -45.87 -21.70 5.24
C PRO B 161 -44.84 -21.74 6.35
N CYS B 162 -45.23 -22.12 7.56
CA CYS B 162 -44.27 -22.37 8.64
C CYS B 162 -43.57 -23.70 8.37
N LYS B 163 -42.54 -23.99 9.15
CA LYS B 163 -41.73 -25.21 8.97
C LYS B 163 -42.70 -26.40 8.94
N GLU B 164 -43.40 -26.72 10.03
CA GLU B 164 -44.53 -27.64 10.05
C GLU B 164 -44.37 -28.84 9.14
N ASN B 165 -43.36 -29.66 9.39
CA ASN B 165 -43.07 -30.75 8.45
C ASN B 165 -43.22 -32.13 9.08
N PRO B 166 -44.44 -32.62 9.30
CA PRO B 166 -44.60 -34.03 9.67
C PRO B 166 -44.20 -34.92 8.49
N ASP B 167 -43.62 -36.07 8.83
CA ASP B 167 -43.19 -37.01 7.80
C ASP B 167 -44.33 -37.37 6.85
N ASN B 168 -45.54 -37.49 7.39
CA ASN B 168 -46.69 -37.82 6.54
C ASN B 168 -47.07 -36.66 5.62
N LEU B 169 -46.48 -35.48 5.82
CA LEU B 169 -46.93 -34.28 5.13
C LEU B 169 -45.88 -33.66 4.22
N SER B 170 -44.62 -33.51 4.68
CA SER B 170 -43.63 -32.65 4.03
C SER B 170 -43.66 -32.69 2.49
N ASP B 171 -43.62 -33.89 1.92
CA ASP B 171 -43.62 -34.00 0.45
C ASP B 171 -44.94 -33.53 -0.14
N PHE B 172 -46.06 -33.98 0.45
CA PHE B 172 -47.37 -33.49 0.05
C PHE B 172 -47.46 -31.97 0.16
N ARG B 173 -46.74 -31.40 1.12
CA ARG B 173 -46.75 -29.95 1.36
C ARG B 173 -46.05 -29.21 0.24
N GLU B 174 -44.84 -29.65 -0.12
CA GLU B 174 -44.04 -29.02 -1.17
C GLU B 174 -44.87 -28.70 -2.41
N GLU B 175 -45.79 -29.62 -2.73
CA GLU B 175 -46.71 -29.44 -3.85
C GLU B 175 -47.51 -28.16 -3.71
N VAL B 176 -48.07 -27.90 -2.52
CA VAL B 176 -48.87 -26.71 -2.33
C VAL B 176 -48.02 -25.45 -2.44
N SER B 177 -46.81 -25.48 -1.87
CA SER B 177 -45.91 -24.33 -1.99
C SER B 177 -45.66 -23.99 -3.45
N ARG B 178 -45.33 -24.99 -4.26
CA ARG B 178 -45.07 -24.72 -5.67
C ARG B 178 -46.32 -24.25 -6.39
N ARG B 179 -47.46 -24.89 -6.13
CA ARG B 179 -48.69 -24.56 -6.84
C ARG B 179 -49.16 -23.16 -6.50
N LEU B 180 -48.78 -22.64 -5.33
CA LEU B 180 -49.18 -21.28 -4.96
C LEU B 180 -48.19 -20.25 -5.50
N ARG B 181 -46.89 -20.53 -5.37
CA ARG B 181 -45.89 -19.64 -5.96
C ARG B 181 -46.12 -19.48 -7.45
N TYR B 182 -46.63 -20.52 -8.11
CA TYR B 182 -47.03 -20.42 -9.50
C TYR B 182 -48.01 -19.27 -9.72
N GLU B 183 -49.14 -19.28 -9.02
CA GLU B 183 -50.16 -18.25 -9.21
C GLU B 183 -49.62 -16.88 -8.83
N SER B 184 -48.79 -16.82 -7.79
CA SER B 184 -48.22 -15.54 -7.39
C SER B 184 -47.39 -14.92 -8.52
N GLN B 185 -46.40 -15.67 -9.02
CA GLN B 185 -45.54 -15.12 -10.06
C GLN B 185 -46.31 -14.86 -11.35
N LEU B 186 -47.35 -15.65 -11.61
CA LEU B 186 -48.16 -15.43 -12.80
C LEU B 186 -48.91 -14.09 -12.71
N PHE B 187 -49.54 -13.83 -11.57
CA PHE B 187 -50.18 -12.53 -11.39
C PHE B 187 -49.16 -11.40 -11.47
N GLY B 188 -47.95 -11.60 -10.95
CA GLY B 188 -46.94 -10.57 -11.05
C GLY B 188 -46.60 -10.21 -12.48
N TRP B 189 -46.37 -11.24 -13.31
CA TRP B 189 -46.03 -10.97 -14.71
C TRP B 189 -47.20 -10.35 -15.46
N LEU B 190 -48.42 -10.82 -15.20
CA LEU B 190 -49.59 -10.20 -15.83
C LEU B 190 -49.72 -8.74 -15.45
N LEU B 191 -49.41 -8.41 -14.18
CA LEU B 191 -49.50 -7.02 -13.75
C LEU B 191 -48.46 -6.17 -14.46
N ILE B 192 -47.22 -6.65 -14.57
CA ILE B 192 -46.20 -5.91 -15.30
C ILE B 192 -46.66 -5.66 -16.75
N GLY B 193 -47.20 -6.69 -17.39
CA GLY B 193 -47.66 -6.53 -18.76
C GLY B 193 -48.76 -5.48 -18.88
N VAL B 194 -49.74 -5.52 -17.97
CA VAL B 194 -50.85 -4.59 -18.05
C VAL B 194 -50.38 -3.17 -17.80
N VAL B 195 -49.43 -2.99 -16.88
CA VAL B 195 -48.89 -1.66 -16.62
C VAL B 195 -48.18 -1.13 -17.86
N ALA B 196 -47.41 -1.98 -18.54
CA ALA B 196 -46.76 -1.54 -19.77
C ALA B 196 -47.78 -1.14 -20.82
N ILE B 197 -48.84 -1.94 -20.97
CA ILE B 197 -49.88 -1.63 -21.96
C ILE B 197 -50.55 -0.31 -21.64
N LEU B 198 -50.82 -0.04 -20.36
CA LEU B 198 -51.47 1.21 -19.99
C LEU B 198 -50.55 2.39 -20.25
N VAL B 199 -49.25 2.25 -19.95
CA VAL B 199 -48.32 3.33 -20.25
C VAL B 199 -48.33 3.64 -21.75
N PHE B 200 -48.21 2.61 -22.58
CA PHE B 200 -48.21 2.81 -24.01
C PHE B 200 -49.51 3.42 -24.52
N LEU B 201 -50.65 3.00 -23.99
CA LEU B 201 -51.92 3.55 -24.45
C LEU B 201 -52.16 4.98 -24.00
N THR B 202 -51.78 5.34 -22.78
CA THR B 202 -51.91 6.74 -22.36
C THR B 202 -50.99 7.63 -23.17
N LYS B 203 -49.79 7.14 -23.51
CA LYS B 203 -48.93 7.88 -24.43
C LYS B 203 -49.62 8.08 -25.77
N CYS B 204 -49.96 6.97 -26.44
CA CYS B 204 -50.55 7.05 -27.77
C CYS B 204 -51.88 7.78 -27.80
N LEU B 205 -52.52 7.98 -26.65
CA LEU B 205 -53.78 8.71 -26.61
C LEU B 205 -53.60 10.19 -26.27
N LYS B 206 -52.55 10.54 -25.54
CA LYS B 206 -52.31 11.95 -25.26
C LYS B 206 -52.05 12.71 -26.56
N HIS B 207 -51.05 12.27 -27.33
CA HIS B 207 -50.67 12.97 -28.56
C HIS B 207 -51.83 13.08 -29.53
N TYR B 208 -52.48 11.95 -29.85
CA TYR B 208 -53.52 11.96 -30.86
C TYR B 208 -54.65 12.92 -30.52
N CYS B 209 -54.86 13.19 -29.24
CA CYS B 209 -55.87 14.16 -28.81
C CYS B 209 -55.17 15.28 -28.04
N SER B 210 -54.68 16.26 -28.78
CA SER B 210 -54.03 17.45 -28.25
C SER B 210 -53.99 18.50 -29.33
N PRO B 211 -54.18 19.76 -28.97
CA PRO B 211 -54.17 20.83 -29.98
C PRO B 211 -52.78 21.08 -30.54
N LEU B 212 -51.77 20.94 -29.69
CA LEU B 212 -50.42 21.24 -30.09
C LEU B 212 -49.84 20.18 -31.02
N SER B 213 -48.72 20.53 -31.64
CA SER B 213 -47.93 19.56 -32.38
C SER B 213 -47.13 18.70 -31.42
N TYR B 214 -46.24 17.90 -32.00
CA TYR B 214 -45.42 17.00 -31.19
C TYR B 214 -44.23 17.72 -30.56
N ARG B 215 -43.58 18.60 -31.32
CA ARG B 215 -42.33 19.20 -30.83
C ARG B 215 -42.62 20.41 -29.95
N GLN B 216 -43.73 21.10 -30.22
CA GLN B 216 -44.09 22.26 -29.41
C GLN B 216 -44.31 21.86 -27.96
N GLU B 217 -44.75 20.63 -27.71
CA GLU B 217 -44.96 20.19 -26.34
C GLU B 217 -43.64 19.98 -25.62
N ALA B 218 -42.63 19.47 -26.33
CA ALA B 218 -41.31 19.33 -25.72
C ALA B 218 -40.73 20.70 -25.40
N TYR B 219 -40.88 21.64 -26.32
CA TYR B 219 -40.47 23.01 -26.04
C TYR B 219 -41.20 23.58 -24.84
N TRP B 220 -42.50 23.28 -24.73
CA TRP B 220 -43.28 23.73 -23.60
C TRP B 220 -42.75 23.16 -22.29
N ALA B 221 -42.41 21.88 -22.28
CA ALA B 221 -41.90 21.27 -21.05
C ALA B 221 -40.56 21.90 -20.65
N GLN B 222 -39.68 22.13 -21.62
CA GLN B 222 -38.42 22.79 -21.31
C GLN B 222 -38.67 24.18 -20.73
N TYR B 223 -39.60 24.93 -21.31
CA TYR B 223 -39.91 26.26 -20.81
C TYR B 223 -40.44 26.20 -19.39
N ARG B 224 -41.30 25.23 -19.11
CA ARG B 224 -41.87 25.12 -17.77
C ARG B 224 -40.79 24.85 -16.73
N ALA B 225 -39.90 23.89 -17.03
CA ALA B 225 -38.83 23.60 -16.08
C ALA B 225 -37.95 24.81 -15.85
N ASN B 226 -37.58 25.51 -16.92
CA ASN B 226 -36.69 26.66 -16.77
C ASN B 226 -37.37 27.78 -15.98
N GLU B 227 -38.67 28.00 -16.24
CA GLU B 227 -39.38 29.03 -15.50
C GLU B 227 -39.46 28.69 -14.02
N ASP B 228 -39.75 27.44 -13.69
CA ASP B 228 -39.80 27.06 -12.28
C ASP B 228 -38.47 27.31 -11.59
N GLN B 229 -37.38 26.89 -12.20
CA GLN B 229 -36.07 27.05 -11.55
C GLN B 229 -35.73 28.53 -11.37
N LEU B 230 -35.89 29.32 -12.43
CA LEU B 230 -35.53 30.74 -12.34
C LEU B 230 -36.41 31.47 -11.33
N PHE B 231 -37.70 31.13 -11.29
CA PHE B 231 -38.60 31.80 -10.35
C PHE B 231 -38.22 31.48 -8.92
N GLN B 232 -37.93 30.21 -8.63
CA GLN B 232 -37.55 29.85 -7.27
C GLN B 232 -36.30 30.60 -6.84
N ARG B 233 -35.24 30.55 -7.66
CA ARG B 233 -33.99 31.19 -7.26
C ARG B 233 -34.17 32.70 -7.08
N THR B 234 -34.91 33.34 -7.99
CA THR B 234 -35.09 34.78 -7.90
C THR B 234 -35.90 35.16 -6.67
N ALA B 235 -36.96 34.40 -6.37
CA ALA B 235 -37.75 34.69 -5.19
C ALA B 235 -36.89 34.58 -3.94
N GLU B 236 -35.98 33.60 -3.90
CA GLU B 236 -35.12 33.47 -2.73
C GLU B 236 -34.22 34.68 -2.57
N VAL B 237 -33.56 35.10 -3.66
CA VAL B 237 -32.66 36.25 -3.57
C VAL B 237 -33.43 37.50 -3.14
N HIS B 238 -34.61 37.72 -3.73
CA HIS B 238 -35.38 38.91 -3.40
C HIS B 238 -35.81 38.90 -1.94
N SER B 239 -36.24 37.74 -1.43
CA SER B 239 -36.61 37.63 -0.03
C SER B 239 -35.44 37.96 0.87
N ARG B 240 -34.26 37.39 0.58
CA ARG B 240 -33.10 37.68 1.42
C ARG B 240 -32.76 39.16 1.41
N VAL B 241 -32.91 39.83 0.26
CA VAL B 241 -32.62 41.26 0.22
C VAL B 241 -33.60 42.05 1.06
N LEU B 242 -34.89 41.72 0.97
CA LEU B 242 -35.89 42.40 1.79
C LEU B 242 -35.61 42.19 3.27
N ALA B 243 -35.21 40.97 3.65
CA ALA B 243 -34.89 40.70 5.05
C ALA B 243 -33.69 41.51 5.50
N ALA B 244 -32.69 41.66 4.63
CA ALA B 244 -31.53 42.46 4.99
C ALA B 244 -31.92 43.91 5.22
N ASN B 245 -32.77 44.46 4.36
CA ASN B 245 -33.25 45.83 4.58
C ASN B 245 -33.97 45.94 5.94
N ASN B 246 -34.87 45.00 6.21
CA ASN B 246 -35.60 45.04 7.48
C ASN B 246 -34.66 45.00 8.67
N VAL B 247 -33.68 44.11 8.64
CA VAL B 247 -32.73 44.02 9.74
C VAL B 247 -31.95 45.32 9.89
N ARG B 248 -31.33 45.80 8.81
CA ARG B 248 -30.53 47.02 8.86
C ARG B 248 -31.33 48.18 9.44
N ARG B 249 -32.65 48.20 9.21
CA ARG B 249 -33.41 49.29 9.82
C ARG B 249 -33.49 49.18 11.33
N PHE B 250 -32.99 48.10 11.94
CA PHE B 250 -33.10 47.93 13.39
C PHE B 250 -31.81 48.31 14.11
N PHE B 251 -30.71 47.64 13.77
CA PHE B 251 -29.46 47.86 14.49
C PHE B 251 -28.75 49.11 13.97
N GLY B 252 -28.67 49.27 12.66
CA GLY B 252 -27.96 50.39 12.08
C GLY B 252 -26.98 49.91 11.03
N PHE B 253 -26.82 48.59 10.94
CA PHE B 253 -25.92 47.97 9.99
C PHE B 253 -26.22 46.49 9.96
N VAL B 254 -26.22 45.91 8.77
CA VAL B 254 -26.38 44.47 8.65
C VAL B 254 -25.01 43.83 8.44
N ALA B 255 -24.94 42.53 8.69
CA ALA B 255 -23.69 41.77 8.58
C ALA B 255 -23.84 40.72 7.50
N LEU B 256 -22.93 40.73 6.52
CA LEU B 256 -23.08 39.91 5.33
C LEU B 256 -21.76 39.23 4.99
N ASN B 257 -21.86 38.21 4.16
CA ASN B 257 -20.69 37.62 3.54
C ASN B 257 -20.28 38.45 2.33
N LYS B 258 -19.35 37.92 1.53
CA LYS B 258 -19.02 38.58 0.26
C LYS B 258 -20.11 38.35 -0.76
N ASP B 259 -20.64 37.13 -0.82
CA ASP B 259 -21.73 36.82 -1.76
C ASP B 259 -22.92 37.74 -1.54
N ASP B 260 -23.44 37.76 -0.30
CA ASP B 260 -24.57 38.62 0.02
C ASP B 260 -24.22 40.09 -0.17
N GLU B 261 -22.97 40.46 0.05
CA GLU B 261 -22.56 41.84 -0.20
C GLU B 261 -22.77 42.21 -1.66
N GLU B 262 -22.27 41.37 -2.57
CA GLU B 262 -22.48 41.62 -4.00
C GLU B 262 -23.96 41.60 -4.34
N LEU B 263 -24.72 40.69 -3.72
CA LEU B 263 -26.16 40.61 -3.98
C LEU B 263 -26.84 41.94 -3.66
N ILE B 264 -26.65 42.44 -2.45
CA ILE B 264 -27.32 43.69 -2.05
C ILE B 264 -26.72 44.87 -2.78
N ALA B 265 -25.51 44.72 -3.33
CA ALA B 265 -24.93 45.77 -4.15
C ALA B 265 -25.62 45.85 -5.50
N ASN B 266 -25.94 44.70 -6.09
CA ASN B 266 -26.52 44.69 -7.44
C ASN B 266 -28.02 45.00 -7.39
N PHE B 267 -28.78 44.18 -6.69
CA PHE B 267 -30.24 44.21 -6.78
C PHE B 267 -30.85 45.04 -5.66
N PRO B 268 -31.38 46.22 -5.92
CA PRO B 268 -32.18 46.91 -4.90
C PRO B 268 -33.55 46.27 -4.81
N VAL B 269 -34.28 46.61 -3.74
CA VAL B 269 -35.60 46.04 -3.51
C VAL B 269 -36.40 47.03 -2.68
N GLU B 270 -37.71 47.11 -2.94
CA GLU B 270 -38.59 48.00 -2.21
C GLU B 270 -39.61 47.22 -1.41
N GLY B 271 -40.33 46.34 -2.10
CA GLY B 271 -41.44 45.61 -1.50
C GLY B 271 -42.16 44.83 -2.57
N THR B 272 -42.56 43.61 -2.22
CA THR B 272 -43.08 42.66 -3.18
C THR B 272 -44.43 43.15 -3.70
N GLN B 273 -44.84 42.63 -4.87
CA GLN B 273 -46.08 43.04 -5.49
C GLN B 273 -47.26 42.67 -4.60
N PRO B 274 -48.41 43.31 -4.80
CA PRO B 274 -49.57 43.04 -3.93
C PRO B 274 -50.07 41.62 -4.09
N ARG B 275 -51.10 41.32 -3.31
CA ARG B 275 -51.64 39.96 -3.29
C ARG B 275 -52.39 39.58 -4.56
N PRO B 276 -53.20 40.46 -5.17
CA PRO B 276 -53.82 40.07 -6.45
C PRO B 276 -52.83 39.60 -7.50
N GLN B 277 -51.67 40.25 -7.60
CA GLN B 277 -50.66 39.80 -8.55
C GLN B 277 -50.18 38.40 -8.23
N TRP B 278 -49.85 38.14 -6.96
CA TRP B 278 -49.48 36.78 -6.56
C TRP B 278 -50.57 35.78 -6.91
N ASN B 279 -51.83 36.20 -6.84
CA ASN B 279 -52.93 35.30 -7.15
C ASN B 279 -53.01 35.02 -8.64
N ALA B 280 -52.77 36.03 -9.48
CA ALA B 280 -52.87 35.84 -10.91
C ALA B 280 -51.86 34.83 -11.42
N ILE B 281 -50.83 34.54 -10.62
CA ILE B 281 -49.78 33.62 -11.06
C ILE B 281 -50.17 32.18 -10.80
N THR B 282 -50.72 31.89 -9.63
CA THR B 282 -51.01 30.52 -9.23
C THR B 282 -52.20 30.00 -10.02
N GLY B 283 -52.30 28.67 -10.08
CA GLY B 283 -53.40 27.99 -10.73
C GLY B 283 -52.91 27.01 -11.76
N VAL B 284 -53.86 26.36 -12.42
CA VAL B 284 -53.58 25.45 -13.51
C VAL B 284 -53.79 26.22 -14.80
N TYR B 285 -53.02 25.87 -15.83
CA TYR B 285 -53.02 26.61 -17.08
C TYR B 285 -53.27 25.67 -18.24
N LEU B 286 -54.31 25.95 -19.01
CA LEU B 286 -54.54 25.30 -20.29
C LEU B 286 -54.00 26.19 -21.40
N TYR B 287 -53.50 25.56 -22.45
CA TYR B 287 -52.79 26.30 -23.49
C TYR B 287 -53.72 27.31 -24.15
N ARG B 288 -53.46 28.59 -23.92
CA ARG B 288 -54.22 29.67 -24.50
C ARG B 288 -53.35 30.46 -25.47
N GLU B 289 -53.94 30.81 -26.61
CA GLU B 289 -53.23 31.59 -27.61
C GLU B 289 -53.71 33.04 -27.56
N ASN B 290 -52.76 33.95 -27.68
CA ASN B 290 -53.06 35.35 -27.92
C ASN B 290 -53.38 35.52 -29.40
N GLN B 291 -53.46 36.76 -29.87
CA GLN B 291 -53.71 37.00 -31.29
C GLN B 291 -52.46 36.58 -32.06
N GLY B 292 -52.43 35.33 -32.51
CA GLY B 292 -51.28 34.79 -33.20
C GLY B 292 -50.29 34.09 -32.29
N LEU B 293 -49.62 34.86 -31.44
CA LEU B 293 -48.57 34.30 -30.59
C LEU B 293 -49.17 33.38 -29.53
N PRO B 294 -48.39 32.39 -29.08
CA PRO B 294 -48.87 31.50 -28.01
C PRO B 294 -48.47 31.98 -26.63
N LEU B 295 -49.19 31.53 -25.61
CA LEU B 295 -48.88 31.84 -24.21
C LEU B 295 -48.66 30.54 -23.46
N TYR B 296 -47.46 30.37 -22.88
CA TYR B 296 -47.04 29.08 -22.38
C TYR B 296 -47.23 28.89 -20.88
N SER B 297 -47.74 29.88 -20.16
CA SER B 297 -47.97 29.77 -18.72
C SER B 297 -48.69 31.01 -18.25
N ARG B 298 -49.32 30.90 -17.07
CA ARG B 298 -50.04 32.03 -16.52
C ARG B 298 -49.12 33.21 -16.25
N LEU B 299 -47.88 32.95 -15.83
CA LEU B 299 -46.91 34.03 -15.69
C LEU B 299 -46.68 34.73 -17.02
N HIS B 300 -46.56 33.96 -18.10
CA HIS B 300 -46.46 34.54 -19.42
C HIS B 300 -47.70 35.35 -19.76
N LYS B 301 -48.88 34.76 -19.56
CA LYS B 301 -50.13 35.47 -19.79
C LYS B 301 -50.21 36.79 -19.05
N TRP B 302 -49.63 36.88 -17.86
CA TRP B 302 -49.65 38.11 -17.09
C TRP B 302 -48.56 39.09 -17.50
N ALA B 303 -47.43 38.60 -18.00
CA ALA B 303 -46.36 39.49 -18.41
C ALA B 303 -46.73 40.32 -19.63
N GLN B 304 -47.64 39.82 -20.46
CA GLN B 304 -48.01 40.56 -21.67
C GLN B 304 -49.00 41.68 -21.35
N GLY B 305 -50.14 41.34 -20.78
CA GLY B 305 -51.17 42.33 -20.47
C GLY B 305 -50.73 43.41 -19.51
N ASN C 25 -34.32 18.25 7.73
CA ASN C 25 -34.66 16.95 7.18
C ASN C 25 -33.57 15.94 7.47
N GLY C 26 -32.32 16.31 7.19
CA GLY C 26 -31.21 15.41 7.48
C GLY C 26 -31.04 15.15 8.96
N LEU C 27 -31.36 16.15 9.79
CA LEU C 27 -31.32 15.94 11.24
C LEU C 27 -32.29 14.84 11.66
N VAL C 28 -33.42 14.73 10.96
CA VAL C 28 -34.37 13.65 11.25
C VAL C 28 -33.73 12.29 10.96
N ALA C 29 -32.99 12.19 9.85
CA ALA C 29 -32.32 10.94 9.52
C ALA C 29 -31.23 10.62 10.54
N LEU C 30 -30.49 11.63 10.99
CA LEU C 30 -29.49 11.42 12.02
C LEU C 30 -30.13 10.95 13.31
N GLY C 31 -31.25 11.56 13.70
CA GLY C 31 -31.96 11.10 14.88
C GLY C 31 -32.51 9.70 14.73
N THR C 32 -32.90 9.32 13.51
CA THR C 32 -33.39 7.96 13.28
C THR C 32 -32.26 6.95 13.43
N VAL C 33 -31.09 7.24 12.86
CA VAL C 33 -29.94 6.35 13.03
C VAL C 33 -29.55 6.27 14.50
N GLY C 34 -29.61 7.40 15.21
CA GLY C 34 -29.32 7.40 16.63
C GLY C 34 -30.31 6.57 17.41
N SER C 35 -31.59 6.63 17.04
CA SER C 35 -32.60 5.83 17.72
C SER C 35 -32.39 4.34 17.45
N GLN C 36 -31.99 4.00 16.22
CA GLN C 36 -31.68 2.61 15.93
C GLN C 36 -30.51 2.10 16.77
N GLU C 37 -29.43 2.88 16.82
CA GLU C 37 -28.27 2.47 17.62
C GLU C 37 -28.62 2.44 19.10
N LEU C 38 -29.50 3.34 19.55
CA LEU C 38 -29.90 3.35 20.95
C LEU C 38 -30.75 2.13 21.29
N PHE C 39 -31.64 1.73 20.38
CA PHE C 39 -32.39 0.49 20.59
C PHE C 39 -31.46 -0.71 20.60
N SER C 40 -30.41 -0.67 19.78
CA SER C 40 -29.45 -1.78 19.75
C SER C 40 -28.65 -1.86 21.04
N VAL C 41 -28.28 -0.71 21.62
CA VAL C 41 -27.38 -0.71 22.78
C VAL C 41 -28.11 -0.57 24.12
N VAL C 42 -29.42 -0.36 24.11
CA VAL C 42 -30.16 -0.12 25.35
C VAL C 42 -30.52 -1.46 25.98
N ALA C 43 -30.47 -2.52 25.16
CA ALA C 43 -30.65 -3.89 25.63
C ALA C 43 -31.99 -4.09 26.34
N PHE C 44 -33.08 -3.96 25.60
CA PHE C 44 -34.39 -4.34 26.13
C PHE C 44 -34.33 -5.73 26.75
N HIS C 45 -34.71 -5.81 28.03
CA HIS C 45 -34.59 -7.05 28.80
C HIS C 45 -35.97 -7.35 29.39
N CYS C 46 -36.71 -8.23 28.73
CA CYS C 46 -38.06 -8.55 29.13
C CYS C 46 -38.08 -9.37 30.41
N PRO C 47 -38.57 -8.83 31.52
CA PRO C 47 -38.80 -9.67 32.69
C PRO C 47 -40.04 -10.51 32.48
N CYS C 48 -39.95 -11.78 32.85
CA CYS C 48 -41.09 -12.69 32.80
C CYS C 48 -41.61 -12.91 34.20
N SER C 49 -42.76 -12.32 34.50
CA SER C 49 -43.47 -12.39 35.76
C SER C 49 -44.87 -11.83 35.53
N PRO C 50 -45.88 -12.25 36.29
CA PRO C 50 -47.27 -11.96 35.90
C PRO C 50 -47.62 -10.49 35.71
N ALA C 51 -47.42 -9.66 36.74
CA ALA C 51 -47.91 -8.29 36.71
C ALA C 51 -46.92 -7.32 36.08
N ARG C 52 -45.63 -7.53 36.29
CA ARG C 52 -44.63 -6.53 35.91
C ARG C 52 -44.45 -6.44 34.40
N ASN C 53 -44.98 -7.42 33.66
CA ASN C 53 -44.74 -7.49 32.22
C ASN C 53 -45.17 -6.22 31.49
N TYR C 54 -46.48 -5.95 31.48
CA TYR C 54 -46.97 -4.84 30.68
C TYR C 54 -46.55 -3.50 31.27
N LEU C 55 -46.35 -3.45 32.59
CA LEU C 55 -45.80 -2.23 33.18
C LEU C 55 -44.43 -1.91 32.61
N TYR C 56 -43.52 -2.87 32.62
CA TYR C 56 -42.19 -2.62 32.08
C TYR C 56 -42.23 -2.31 30.59
N GLY C 57 -43.07 -3.02 29.84
CA GLY C 57 -43.21 -2.72 28.43
C GLY C 57 -43.67 -1.30 28.19
N LEU C 58 -44.79 -0.92 28.80
CA LEU C 58 -45.31 0.43 28.69
C LEU C 58 -44.24 1.46 29.00
N ALA C 59 -43.56 1.31 30.14
CA ALA C 59 -42.58 2.31 30.53
C ALA C 59 -41.41 2.37 29.54
N ALA C 60 -40.81 1.23 29.23
CA ALA C 60 -39.61 1.22 28.41
C ALA C 60 -39.90 1.65 26.98
N ILE C 61 -41.16 1.55 26.54
CA ILE C 61 -41.46 1.91 25.16
C ILE C 61 -42.03 3.31 25.07
N GLY C 62 -42.60 3.83 26.16
CA GLY C 62 -43.22 5.13 26.08
C GLY C 62 -42.56 6.25 26.87
N VAL C 63 -41.51 5.97 27.64
CA VAL C 63 -40.79 7.05 28.31
C VAL C 63 -39.85 7.75 27.34
N PRO C 64 -39.03 7.04 26.55
CA PRO C 64 -38.24 7.76 25.54
C PRO C 64 -39.10 8.49 24.54
N ALA C 65 -40.34 8.03 24.31
CA ALA C 65 -41.28 8.82 23.53
C ALA C 65 -41.51 10.18 24.16
N LEU C 66 -41.78 10.20 25.47
CA LEU C 66 -41.98 11.46 26.17
C LEU C 66 -40.73 12.33 26.11
N VAL C 67 -39.55 11.70 26.24
CA VAL C 67 -38.31 12.48 26.20
C VAL C 67 -38.13 13.13 24.84
N LEU C 68 -38.35 12.38 23.77
CA LEU C 68 -38.19 12.94 22.43
C LEU C 68 -39.23 14.01 22.15
N PHE C 69 -40.46 13.81 22.64
CA PHE C 69 -41.49 14.83 22.50
C PHE C 69 -41.08 16.12 23.21
N ILE C 70 -40.55 16.00 24.42
CA ILE C 70 -40.14 17.19 25.16
C ILE C 70 -38.99 17.89 24.45
N ILE C 71 -38.01 17.12 23.95
CA ILE C 71 -36.91 17.75 23.20
C ILE C 71 -37.44 18.48 21.98
N GLY C 72 -38.39 17.86 21.27
CA GLY C 72 -38.97 18.52 20.11
C GLY C 72 -39.64 19.83 20.46
N ILE C 73 -40.41 19.85 21.55
CA ILE C 73 -41.05 21.10 21.96
C ILE C 73 -40.01 22.12 22.39
N ILE C 74 -38.90 21.67 22.99
CA ILE C 74 -37.89 22.60 23.48
C ILE C 74 -37.18 23.28 22.33
N LEU C 75 -36.70 22.51 21.35
CA LEU C 75 -35.88 23.05 20.29
C LEU C 75 -36.69 23.73 19.19
N ASN C 76 -37.92 24.11 19.46
CA ASN C 76 -38.75 24.79 18.48
C ASN C 76 -38.94 26.23 18.90
N ASN C 77 -38.79 27.15 17.94
CA ASN C 77 -38.92 28.57 18.22
C ASN C 77 -40.37 28.96 18.50
N HIS C 78 -41.31 28.38 17.75
CA HIS C 78 -42.70 28.84 17.78
C HIS C 78 -43.29 28.77 19.17
N THR C 79 -42.94 27.76 19.96
CA THR C 79 -43.52 27.62 21.29
C THR C 79 -43.14 28.78 22.19
N TRP C 80 -41.93 29.30 22.04
CA TRP C 80 -41.51 30.42 22.87
C TRP C 80 -42.19 31.70 22.45
N ASN C 81 -42.44 31.88 21.15
CA ASN C 81 -43.31 32.95 20.70
C ASN C 81 -44.69 32.84 21.35
N LEU C 82 -45.23 31.62 21.38
CA LEU C 82 -46.54 31.40 21.96
C LEU C 82 -46.56 31.79 23.44
N VAL C 83 -45.55 31.35 24.19
CA VAL C 83 -45.53 31.66 25.62
C VAL C 83 -45.27 33.15 25.86
N ALA C 84 -44.50 33.80 24.99
CA ALA C 84 -44.34 35.25 25.12
C ALA C 84 -45.63 35.99 24.80
N GLU C 85 -46.48 35.40 23.97
CA GLU C 85 -47.77 36.03 23.69
C GLU C 85 -48.69 36.00 24.91
N CYS C 86 -48.48 35.05 25.82
CA CYS C 86 -49.37 34.90 26.97
C CYS C 86 -49.24 36.07 27.94
N GLN C 87 -48.05 36.65 28.03
CA GLN C 87 -47.80 37.76 28.95
C GLN C 87 -48.64 38.98 28.60
N ALA C 97 -59.22 29.70 16.16
CA ALA C 97 -58.79 29.33 14.80
C ALA C 97 -57.27 29.47 14.58
N PRO C 98 -56.67 30.61 14.94
CA PRO C 98 -55.20 30.71 14.77
C PRO C 98 -54.44 29.76 15.68
N THR C 99 -54.78 29.77 16.97
CA THR C 99 -54.12 28.86 17.93
C THR C 99 -54.17 27.42 17.43
N PHE C 100 -55.23 27.05 16.72
CA PHE C 100 -55.31 25.72 16.13
C PHE C 100 -54.11 25.44 15.24
N LEU C 101 -53.84 26.31 14.27
CA LEU C 101 -52.74 26.06 13.34
C LEU C 101 -51.38 26.23 14.00
N LEU C 102 -51.27 27.15 14.96
CA LEU C 102 -50.01 27.28 15.70
C LEU C 102 -49.68 26.00 16.45
N LEU C 103 -50.62 25.53 17.28
CA LEU C 103 -50.42 24.28 18.01
C LEU C 103 -50.20 23.13 17.04
N SER C 104 -50.87 23.13 15.90
CA SER C 104 -50.66 22.08 14.91
C SER C 104 -49.21 22.06 14.45
N SER C 105 -48.69 23.22 14.03
CA SER C 105 -47.31 23.30 13.58
C SER C 105 -46.35 22.79 14.65
N ILE C 106 -46.51 23.27 15.89
CA ILE C 106 -45.54 22.92 16.93
C ILE C 106 -45.65 21.43 17.27
N LEU C 107 -46.87 20.94 17.48
CA LEU C 107 -47.06 19.55 17.88
C LEU C 107 -46.62 18.59 16.79
N GLY C 108 -46.75 18.99 15.52
CA GLY C 108 -46.26 18.13 14.45
C GLY C 108 -44.74 18.10 14.39
N ARG C 109 -44.13 19.30 14.36
CA ARG C 109 -42.67 19.36 14.32
C ARG C 109 -42.07 18.67 15.53
N ALA C 110 -42.83 18.54 16.61
CA ALA C 110 -42.33 17.80 17.77
C ALA C 110 -42.57 16.30 17.62
N ALA C 111 -43.82 15.90 17.41
CA ALA C 111 -44.19 14.49 17.40
C ALA C 111 -43.71 13.76 16.16
N VAL C 112 -42.92 14.41 15.30
CA VAL C 112 -42.26 13.68 14.22
C VAL C 112 -41.50 12.46 14.76
N ALA C 113 -40.68 12.66 15.80
CA ALA C 113 -39.75 11.62 16.26
C ALA C 113 -40.36 10.54 17.16
N PRO C 114 -41.22 10.87 18.14
CA PRO C 114 -41.75 9.80 18.98
C PRO C 114 -42.55 8.77 18.22
N VAL C 115 -43.28 9.19 17.18
CA VAL C 115 -44.03 8.23 16.37
C VAL C 115 -43.06 7.31 15.63
N THR C 116 -41.95 7.87 15.14
CA THR C 116 -40.91 7.04 14.52
C THR C 116 -40.40 5.99 15.49
N TRP C 117 -40.03 6.41 16.70
CA TRP C 117 -39.53 5.45 17.68
C TRP C 117 -40.58 4.40 18.00
N SER C 118 -41.84 4.82 18.15
CA SER C 118 -42.90 3.89 18.52
C SER C 118 -43.13 2.85 17.45
N VAL C 119 -43.13 3.26 16.17
CA VAL C 119 -43.38 2.29 15.11
C VAL C 119 -42.18 1.39 14.92
N ILE C 120 -40.96 1.93 15.09
CA ILE C 120 -39.77 1.08 15.00
C ILE C 120 -39.79 0.04 16.11
N SER C 121 -40.35 0.40 17.28
CA SER C 121 -40.44 -0.56 18.37
C SER C 121 -41.56 -1.57 18.16
N LEU C 122 -42.66 -1.16 17.54
CA LEU C 122 -43.76 -2.09 17.30
C LEU C 122 -43.41 -3.10 16.22
N LEU C 123 -42.78 -2.65 15.13
CA LEU C 123 -42.48 -3.56 14.03
C LEU C 123 -41.52 -4.65 14.49
N ARG C 124 -40.58 -4.32 15.37
CA ARG C 124 -39.65 -5.32 15.87
C ARG C 124 -40.34 -6.36 16.72
N GLY C 125 -41.53 -6.06 17.21
CA GLY C 125 -42.17 -6.93 18.17
C GLY C 125 -41.41 -6.93 19.49
N GLU C 126 -41.42 -8.10 20.13
CA GLU C 126 -40.61 -8.40 21.32
C GLU C 126 -40.76 -7.34 22.41
N ALA C 127 -41.77 -6.48 22.27
CA ALA C 127 -42.16 -5.56 23.33
C ALA C 127 -43.65 -5.71 23.59
N TYR C 128 -44.43 -5.79 22.53
CA TYR C 128 -45.86 -6.04 22.67
C TYR C 128 -46.12 -7.42 23.25
N VAL C 129 -45.35 -8.41 22.82
CA VAL C 129 -45.55 -9.77 23.33
C VAL C 129 -45.11 -9.86 24.79
N CYS C 130 -44.05 -9.15 25.15
CA CYS C 130 -43.61 -9.17 26.55
C CYS C 130 -44.64 -8.51 27.45
N ALA C 131 -45.44 -7.60 26.89
CA ALA C 131 -46.48 -6.95 27.67
C ALA C 131 -47.71 -7.82 27.78
N LEU C 132 -48.31 -8.17 26.64
CA LEU C 132 -49.60 -8.87 26.63
C LEU C 132 -49.46 -10.39 26.57
N SER C 133 -48.32 -10.93 27.00
CA SER C 133 -48.22 -12.38 27.11
C SER C 133 -49.17 -12.93 28.16
N GLU C 134 -49.28 -12.26 29.30
CA GLU C 134 -50.06 -12.80 30.42
C GLU C 134 -51.53 -12.99 30.06
N PHE C 135 -52.06 -12.16 29.17
CA PHE C 135 -53.49 -12.17 28.87
C PHE C 135 -53.88 -13.19 27.81
N VAL C 136 -52.92 -13.90 27.23
CA VAL C 136 -53.25 -14.92 26.23
C VAL C 136 -54.16 -15.96 26.86
N ASP C 137 -55.37 -16.09 26.30
CA ASP C 137 -56.34 -17.02 26.85
C ASP C 137 -55.78 -18.44 26.76
N PRO C 138 -55.69 -19.17 27.87
CA PRO C 138 -55.11 -20.52 27.81
C PRO C 138 -56.00 -21.53 27.11
N SER C 139 -57.32 -21.29 27.06
CA SER C 139 -58.24 -22.27 26.49
C SER C 139 -58.17 -22.31 24.97
N SER C 140 -58.32 -21.16 24.31
CA SER C 140 -58.56 -21.14 22.88
C SER C 140 -57.27 -20.98 22.10
N LEU C 141 -56.54 -22.08 21.91
CA LEU C 141 -55.42 -22.13 20.96
C LEU C 141 -55.08 -23.57 20.63
N THR C 142 -55.26 -23.95 19.36
CA THR C 142 -55.13 -25.34 18.95
C THR C 142 -53.68 -25.79 18.96
N ALA C 143 -53.45 -27.00 19.47
CA ALA C 143 -52.11 -27.60 19.49
C ALA C 143 -52.21 -29.09 19.81
N ARG C 144 -51.09 -29.67 20.24
CA ARG C 144 -51.07 -31.05 20.70
C ARG C 144 -51.87 -31.19 22.00
N GLU C 145 -51.88 -32.40 22.54
CA GLU C 145 -52.65 -32.70 23.74
C GLU C 145 -52.14 -31.88 24.93
N GLU C 146 -52.84 -32.02 26.05
CA GLU C 146 -52.57 -31.21 27.25
C GLU C 146 -52.70 -29.74 26.91
N HIS C 147 -53.92 -29.31 26.55
CA HIS C 147 -54.21 -27.95 26.13
C HIS C 147 -53.56 -26.91 27.03
N PHE C 148 -53.88 -26.91 28.32
CA PHE C 148 -53.21 -26.02 29.25
C PHE C 148 -53.35 -26.62 30.66
N PRO C 149 -52.25 -26.73 31.41
CA PRO C 149 -52.29 -27.58 32.61
C PRO C 149 -53.24 -27.15 33.70
N SER C 150 -53.09 -25.93 34.23
CA SER C 150 -53.81 -25.59 35.46
C SER C 150 -54.08 -24.10 35.51
N ALA C 151 -54.79 -23.69 36.56
CA ALA C 151 -55.04 -22.27 36.80
C ALA C 151 -53.78 -21.58 37.29
N HIS C 152 -52.98 -22.26 38.10
CA HIS C 152 -51.72 -21.70 38.57
C HIS C 152 -50.71 -21.54 37.44
N ALA C 153 -51.00 -22.09 36.27
CA ALA C 153 -50.02 -22.15 35.19
C ALA C 153 -49.97 -20.87 34.36
N THR C 154 -50.88 -19.90 34.59
CA THR C 154 -50.74 -18.61 33.91
C THR C 154 -49.33 -18.06 34.13
N GLU C 155 -48.75 -18.34 35.29
CA GLU C 155 -47.39 -17.91 35.57
C GLU C 155 -46.40 -18.50 34.58
N ILE C 156 -46.42 -19.83 34.40
CA ILE C 156 -45.53 -20.42 33.41
C ILE C 156 -45.97 -19.99 32.01
N LEU C 157 -47.20 -19.52 31.89
CA LEU C 157 -47.60 -18.83 30.66
C LEU C 157 -46.86 -17.51 30.52
N ALA C 158 -46.87 -16.69 31.58
CA ALA C 158 -46.22 -15.39 31.52
C ALA C 158 -44.73 -15.52 31.20
N ARG C 159 -44.13 -16.64 31.59
CA ARG C 159 -42.70 -16.85 31.38
C ARG C 159 -42.35 -17.04 29.90
N PHE C 160 -43.36 -17.24 29.05
CA PHE C 160 -43.18 -17.55 27.64
C PHE C 160 -42.14 -16.68 26.92
N PRO C 161 -42.05 -15.37 27.16
CA PRO C 161 -41.00 -14.59 26.48
C PRO C 161 -39.59 -14.97 26.90
N CYS C 162 -39.41 -15.47 28.13
CA CYS C 162 -38.14 -16.04 28.55
C CYS C 162 -37.97 -17.40 27.89
N LYS C 163 -36.77 -17.98 28.03
CA LYS C 163 -36.44 -19.27 27.39
C LYS C 163 -37.54 -20.26 27.78
N GLU C 164 -37.66 -20.64 29.06
CA GLU C 164 -38.81 -21.36 29.61
C GLU C 164 -39.38 -22.41 28.67
N ASN C 165 -38.59 -23.42 28.32
CA ASN C 165 -39.04 -24.36 27.31
C ASN C 165 -39.15 -25.79 27.85
N PRO C 166 -40.19 -26.10 28.62
CA PRO C 166 -40.45 -27.50 28.94
C PRO C 166 -40.87 -28.26 27.68
N ASP C 167 -40.49 -29.53 27.62
CA ASP C 167 -40.82 -30.34 26.45
C ASP C 167 -42.32 -30.37 26.21
N ASN C 168 -43.11 -30.37 27.27
CA ASN C 168 -44.56 -30.37 27.11
C ASN C 168 -45.08 -29.04 26.58
N LEU C 169 -44.22 -28.03 26.52
CA LEU C 169 -44.68 -26.68 26.22
C LEU C 169 -44.10 -26.08 24.94
N SER C 170 -42.79 -26.21 24.71
CA SER C 170 -42.08 -25.43 23.68
C SER C 170 -42.85 -25.22 22.38
N ASP C 171 -43.36 -26.31 21.79
CA ASP C 171 -44.09 -26.18 20.54
C ASP C 171 -45.40 -25.42 20.74
N PHE C 172 -46.15 -25.77 21.77
CA PHE C 172 -47.36 -25.02 22.13
C PHE C 172 -47.05 -23.54 22.35
N ARG C 173 -45.85 -23.25 22.84
CA ARG C 173 -45.44 -21.89 23.13
C ARG C 173 -45.21 -21.10 21.85
N GLU C 174 -44.47 -21.67 20.91
CA GLU C 174 -44.16 -21.00 19.63
C GLU C 174 -45.40 -20.38 19.01
N GLU C 175 -46.54 -21.06 19.14
CA GLU C 175 -47.83 -20.57 18.68
C GLU C 175 -48.15 -19.21 19.27
N VAL C 176 -47.99 -19.06 20.59
CA VAL C 176 -48.31 -17.79 21.22
C VAL C 176 -47.37 -16.70 20.77
N SER C 177 -46.08 -17.00 20.64
CA SER C 177 -45.12 -16.01 20.15
C SER C 177 -45.54 -15.49 18.78
N ARG C 178 -45.88 -16.39 17.85
CA ARG C 178 -46.29 -15.95 16.53
C ARG C 178 -47.59 -15.17 16.58
N ARG C 179 -48.57 -15.66 17.35
CA ARG C 179 -49.89 -15.02 17.38
C ARG C 179 -49.82 -13.63 17.99
N LEU C 180 -48.81 -13.38 18.84
CA LEU C 180 -48.67 -12.05 19.42
C LEU C 180 -47.87 -11.12 18.52
N ARG C 181 -46.77 -11.62 17.95
CA ARG C 181 -46.02 -10.81 17.00
C ARG C 181 -46.90 -10.39 15.83
N TYR C 182 -47.88 -11.21 15.47
CA TYR C 182 -48.88 -10.82 14.48
C TYR C 182 -49.56 -9.52 14.86
N GLU C 183 -50.18 -9.47 16.04
CA GLU C 183 -50.91 -8.26 16.43
C GLU C 183 -49.97 -7.08 16.56
N SER C 184 -48.75 -7.31 17.05
CA SER C 184 -47.78 -6.22 17.16
C SER C 184 -47.51 -5.58 15.81
N GLN C 185 -47.07 -6.38 14.83
CA GLN C 185 -46.73 -5.81 13.53
C GLN C 185 -47.96 -5.24 12.84
N LEU C 186 -49.14 -5.81 13.10
CA LEU C 186 -50.36 -5.26 12.50
C LEU C 186 -50.65 -3.87 13.03
N PHE C 187 -50.57 -3.68 14.34
CA PHE C 187 -50.73 -2.34 14.90
C PHE C 187 -49.67 -1.39 14.37
N GLY C 188 -48.44 -1.87 14.20
CA GLY C 188 -47.40 -1.00 13.66
C GLY C 188 -47.73 -0.48 12.26
N TRP C 189 -48.17 -1.39 11.38
CA TRP C 189 -48.51 -0.97 10.02
C TRP C 189 -49.73 -0.05 10.01
N LEU C 190 -50.74 -0.36 10.83
CA LEU C 190 -51.90 0.53 10.91
C LEU C 190 -51.49 1.92 11.40
N LEU C 191 -50.56 1.99 12.35
CA LEU C 191 -50.11 3.29 12.83
C LEU C 191 -49.39 4.07 11.75
N ILE C 192 -48.51 3.41 11.00
CA ILE C 192 -47.84 4.10 9.89
C ILE C 192 -48.86 4.63 8.90
N GLY C 193 -49.87 3.82 8.57
CA GLY C 193 -50.89 4.27 7.64
C GLY C 193 -51.65 5.48 8.14
N VAL C 194 -52.05 5.45 9.41
CA VAL C 194 -52.83 6.56 9.96
C VAL C 194 -51.98 7.83 10.02
N VAL C 195 -50.70 7.70 10.33
CA VAL C 195 -49.83 8.87 10.36
C VAL C 195 -49.71 9.47 8.97
N ALA C 196 -49.58 8.63 7.94
CA ALA C 196 -49.53 9.15 6.58
C ALA C 196 -50.83 9.87 6.22
N ILE C 197 -51.97 9.28 6.58
CA ILE C 197 -53.25 9.90 6.28
C ILE C 197 -53.39 11.25 6.97
N LEU C 198 -52.94 11.34 8.22
CA LEU C 198 -53.03 12.61 8.93
C LEU C 198 -52.12 13.66 8.32
N VAL C 199 -50.91 13.27 7.91
CA VAL C 199 -50.02 14.22 7.23
C VAL C 199 -50.69 14.76 5.98
N PHE C 200 -51.22 13.86 5.13
CA PHE C 200 -51.88 14.29 3.91
C PHE C 200 -53.10 15.17 4.17
N LEU C 201 -53.89 14.86 5.19
CA LEU C 201 -55.07 15.67 5.47
C LEU C 201 -54.73 17.02 6.05
N THR C 202 -53.74 17.13 6.93
CA THR C 202 -53.35 18.44 7.43
C THR C 202 -52.77 19.29 6.31
N LYS C 203 -52.02 18.68 5.40
CA LYS C 203 -51.58 19.40 4.21
C LYS C 203 -52.77 19.92 3.42
N CYS C 204 -53.63 19.00 2.95
CA CYS C 204 -54.76 19.39 2.11
C CYS C 204 -55.74 20.31 2.80
N LEU C 205 -55.69 20.43 4.13
CA LEU C 205 -56.57 21.34 4.85
C LEU C 205 -55.94 22.69 5.13
N LYS C 206 -54.62 22.76 5.25
CA LYS C 206 -53.96 24.04 5.44
C LYS C 206 -54.22 24.95 4.23
N HIS C 207 -53.84 24.47 3.04
CA HIS C 207 -53.95 25.30 1.84
C HIS C 207 -55.39 25.74 1.60
N TYR C 208 -56.33 24.80 1.59
CA TYR C 208 -57.71 25.13 1.25
C TYR C 208 -58.29 26.20 2.17
N CYS C 209 -57.78 26.30 3.38
CA CYS C 209 -58.22 27.33 4.32
C CYS C 209 -57.02 28.18 4.69
N SER C 210 -56.75 29.18 3.85
CA SER C 210 -55.68 30.14 4.06
C SER C 210 -55.94 31.34 3.17
N PRO C 211 -55.65 32.54 3.65
CA PRO C 211 -55.90 33.74 2.83
C PRO C 211 -54.95 33.84 1.66
N LEU C 212 -53.71 33.42 1.87
CA LEU C 212 -52.69 33.56 0.85
C LEU C 212 -52.89 32.59 -0.30
N SER C 213 -52.16 32.84 -1.39
CA SER C 213 -52.07 31.88 -2.48
C SER C 213 -51.11 30.76 -2.12
N TYR C 214 -50.81 29.94 -3.11
CA TYR C 214 -49.92 28.80 -2.88
C TYR C 214 -48.45 29.22 -2.90
N ARG C 215 -48.07 30.09 -3.84
CA ARG C 215 -46.66 30.39 -4.01
C ARG C 215 -46.20 31.48 -3.03
N GLN C 216 -47.12 32.38 -2.67
CA GLN C 216 -46.79 33.43 -1.73
C GLN C 216 -46.35 32.86 -0.38
N GLU C 217 -46.88 31.69 -0.03
CA GLU C 217 -46.49 31.07 1.24
C GLU C 217 -45.06 30.54 1.17
N ALA C 218 -44.66 29.99 0.02
CA ALA C 218 -43.28 29.55 -0.14
C ALA C 218 -42.33 30.74 -0.08
N TYR C 219 -42.70 31.83 -0.74
CA TYR C 219 -41.92 33.05 -0.64
C TYR C 219 -41.83 33.54 0.81
N TRP C 220 -42.94 33.44 1.54
CA TRP C 220 -42.96 33.82 2.95
C TRP C 220 -41.99 32.98 3.76
N ALA C 221 -41.98 31.66 3.53
CA ALA C 221 -41.07 30.80 4.28
C ALA C 221 -39.61 31.13 3.99
N GLN C 222 -39.30 31.37 2.71
CA GLN C 222 -37.93 31.77 2.38
C GLN C 222 -37.55 33.07 3.07
N TYR C 223 -38.47 34.04 3.09
CA TYR C 223 -38.18 35.30 3.76
C TYR C 223 -37.96 35.10 5.25
N ARG C 224 -38.77 34.25 5.87
CA ARG C 224 -38.62 34.02 7.31
C ARG C 224 -37.26 33.42 7.63
N ALA C 225 -36.86 32.40 6.87
CA ALA C 225 -35.56 31.79 7.13
C ALA C 225 -34.43 32.80 6.94
N ASN C 226 -34.49 33.59 5.87
CA ASN C 226 -33.42 34.54 5.62
C ASN C 226 -33.37 35.61 6.70
N GLU C 227 -34.53 36.08 7.16
CA GLU C 227 -34.56 37.08 8.21
C GLU C 227 -33.97 36.54 9.50
N ASP C 228 -34.33 35.30 9.86
CA ASP C 228 -33.78 34.71 11.08
C ASP C 228 -32.26 34.65 11.01
N GLN C 229 -31.72 34.15 9.91
CA GLN C 229 -30.27 34.00 9.80
C GLN C 229 -29.57 35.36 9.87
N LEU C 230 -30.04 36.32 9.08
CA LEU C 230 -29.39 37.63 9.06
C LEU C 230 -29.48 38.31 10.41
N PHE C 231 -30.63 38.20 11.08
CA PHE C 231 -30.79 38.84 12.38
C PHE C 231 -29.85 38.24 13.41
N GLN C 232 -29.73 36.92 13.44
CA GLN C 232 -28.82 36.28 14.40
C GLN C 232 -27.39 36.75 14.17
N ARG C 233 -26.92 36.66 12.92
CA ARG C 233 -25.52 37.02 12.67
C ARG C 233 -25.26 38.49 13.00
N THR C 234 -26.18 39.38 12.62
CA THR C 234 -25.97 40.79 12.88
C THR C 234 -25.98 41.10 14.36
N ALA C 235 -26.90 40.49 15.11
CA ALA C 235 -26.93 40.70 16.56
C ALA C 235 -25.62 40.26 17.18
N GLU C 236 -25.04 39.15 16.70
CA GLU C 236 -23.77 38.71 17.26
C GLU C 236 -22.66 39.72 17.00
N VAL C 237 -22.55 40.19 15.76
CA VAL C 237 -21.50 41.16 15.44
C VAL C 237 -21.66 42.42 16.28
N HIS C 238 -22.89 42.92 16.38
CA HIS C 238 -23.14 44.15 17.13
C HIS C 238 -22.79 43.98 18.60
N SER C 239 -23.16 42.84 19.18
CA SER C 239 -22.82 42.57 20.57
C SER C 239 -21.31 42.56 20.76
N ARG C 240 -20.58 41.87 19.89
CA ARG C 240 -19.13 41.83 20.02
C ARG C 240 -18.52 43.22 19.94
N VAL C 241 -19.05 44.08 19.07
CA VAL C 241 -18.52 45.43 18.95
C VAL C 241 -18.77 46.22 20.23
N LEU C 242 -19.98 46.12 20.78
CA LEU C 242 -20.27 46.81 22.04
C LEU C 242 -19.36 46.33 23.16
N ALA C 243 -19.11 45.01 23.21
CA ALA C 243 -18.22 44.48 24.22
C ALA C 243 -16.80 45.00 24.05
N ALA C 244 -16.36 45.13 22.80
CA ALA C 244 -15.02 45.68 22.57
C ALA C 244 -14.92 47.11 23.04
N ASN C 245 -15.95 47.92 22.78
CA ASN C 245 -15.95 49.28 23.29
C ASN C 245 -15.87 49.30 24.81
N ASN C 246 -16.70 48.48 25.46
CA ASN C 246 -16.70 48.44 26.93
C ASN C 246 -15.32 48.07 27.47
N VAL C 247 -14.70 47.04 26.89
CA VAL C 247 -13.38 46.63 27.34
C VAL C 247 -12.37 47.76 27.15
N ARG C 248 -12.27 48.28 25.93
CA ARG C 248 -11.30 49.34 25.65
C ARG C 248 -11.45 50.52 26.61
N ARG C 249 -12.67 50.78 27.08
CA ARG C 249 -12.78 51.86 28.06
C ARG C 249 -12.13 51.53 29.39
N PHE C 250 -11.64 50.30 29.61
CA PHE C 250 -11.07 49.92 30.89
C PHE C 250 -9.54 49.97 30.87
N PHE C 251 -8.93 49.19 29.99
CA PHE C 251 -7.47 49.11 29.97
C PHE C 251 -6.85 50.29 29.25
N GLY C 252 -7.38 50.64 28.09
CA GLY C 252 -6.83 51.71 27.29
C GLY C 252 -6.62 51.25 25.86
N PHE C 253 -6.81 49.95 25.63
CA PHE C 253 -6.64 49.35 24.31
C PHE C 253 -7.23 47.96 24.36
N VAL C 254 -7.94 47.58 23.31
CA VAL C 254 -8.45 46.22 23.20
C VAL C 254 -7.52 45.42 22.30
N ALA C 255 -7.62 44.09 22.39
CA ALA C 255 -6.79 43.19 21.62
C ALA C 255 -7.68 42.35 20.71
N LEU C 256 -7.38 42.36 19.42
CA LEU C 256 -8.26 41.79 18.42
C LEU C 256 -7.46 40.97 17.42
N ASN C 257 -8.16 40.11 16.69
CA ASN C 257 -7.61 39.45 15.53
C ASN C 257 -7.67 40.38 14.34
N LYS C 258 -7.39 39.85 13.15
CA LYS C 258 -7.58 40.63 11.93
C LYS C 258 -9.05 40.76 11.59
N ASP C 259 -9.80 39.66 11.73
CA ASP C 259 -11.24 39.67 11.47
C ASP C 259 -11.93 40.73 12.32
N ASP C 260 -11.78 40.63 13.64
CA ASP C 260 -12.39 41.60 14.54
C ASP C 260 -11.88 43.01 14.28
N GLU C 261 -10.62 43.14 13.86
CA GLU C 261 -10.09 44.45 13.51
C GLU C 261 -10.90 45.08 12.39
N GLU C 262 -11.11 44.32 11.30
CA GLU C 262 -11.92 44.82 10.20
C GLU C 262 -13.35 45.10 10.66
N LEU C 263 -13.88 44.24 11.53
CA LEU C 263 -15.23 44.43 12.03
C LEU C 263 -15.38 45.77 12.72
N ILE C 264 -14.52 46.05 13.70
CA ILE C 264 -14.61 47.30 14.45
C ILE C 264 -14.21 48.48 13.58
N ALA C 265 -13.49 48.22 12.49
CA ALA C 265 -13.16 49.29 11.56
C ALA C 265 -14.39 49.70 10.74
N ASN C 266 -15.20 48.72 10.32
CA ASN C 266 -16.34 49.01 9.47
C ASN C 266 -17.51 49.55 10.28
N PHE C 267 -18.00 48.76 11.24
CA PHE C 267 -19.28 49.03 11.90
C PHE C 267 -19.06 49.75 13.23
N PRO C 268 -19.38 51.03 13.33
CA PRO C 268 -19.41 51.67 14.65
C PRO C 268 -20.66 51.26 15.40
N VAL C 269 -20.69 51.53 16.70
CA VAL C 269 -21.82 51.16 17.54
C VAL C 269 -21.88 52.12 18.72
N GLU C 270 -23.09 52.44 19.15
CA GLU C 270 -23.28 53.34 20.28
C GLU C 270 -23.94 52.61 21.45
N GLY C 271 -25.07 51.99 21.18
CA GLY C 271 -25.87 51.35 22.21
C GLY C 271 -27.17 50.87 21.61
N THR C 272 -27.60 49.69 22.05
CA THR C 272 -28.72 49.00 21.43
C THR C 272 -30.02 49.78 21.69
N GLN C 273 -31.03 49.52 20.87
CA GLN C 273 -32.30 50.22 21.00
C GLN C 273 -32.95 49.91 22.34
N PRO C 274 -33.88 50.74 22.80
CA PRO C 274 -34.49 50.53 24.11
C PRO C 274 -35.31 49.26 24.16
N ARG C 275 -35.86 48.99 25.33
CA ARG C 275 -36.61 47.76 25.55
C ARG C 275 -37.94 47.72 24.82
N PRO C 276 -38.74 48.78 24.75
CA PRO C 276 -39.97 48.72 23.95
C PRO C 276 -39.74 48.26 22.52
N GLN C 277 -38.67 48.73 21.88
CA GLN C 277 -38.37 48.28 20.52
C GLN C 277 -38.12 46.78 20.48
N TRP C 278 -37.28 46.27 21.38
CA TRP C 278 -37.06 44.83 21.46
C TRP C 278 -38.37 44.09 21.65
N ASN C 279 -39.31 44.69 22.38
CA ASN C 279 -40.59 44.03 22.62
C ASN C 279 -41.45 44.00 21.37
N ALA C 280 -41.43 45.09 20.59
CA ALA C 280 -42.26 45.14 19.39
C ALA C 280 -41.86 44.08 18.39
N ILE C 281 -40.67 43.50 18.53
CA ILE C 281 -40.20 42.52 17.57
C ILE C 281 -40.72 41.13 17.90
N THR C 282 -40.67 40.75 19.17
CA THR C 282 -41.02 39.40 19.59
C THR C 282 -42.53 39.20 19.49
N GLY C 283 -42.93 37.93 19.42
CA GLY C 283 -44.32 37.55 19.38
C GLY C 283 -44.62 36.68 18.18
N VAL C 284 -45.88 36.30 18.08
CA VAL C 284 -46.38 35.54 16.93
C VAL C 284 -47.02 36.53 15.97
N TYR C 285 -46.95 36.22 14.68
CA TYR C 285 -47.40 37.15 13.65
C TYR C 285 -48.38 36.46 12.73
N LEU C 286 -49.58 37.02 12.62
CA LEU C 286 -50.52 36.62 11.60
C LEU C 286 -50.42 37.59 10.43
N TYR C 287 -50.63 37.06 9.22
CA TYR C 287 -50.38 37.82 8.01
C TYR C 287 -51.27 39.06 7.97
N ARG C 288 -50.66 40.23 8.12
CA ARG C 288 -51.35 41.50 8.06
C ARG C 288 -50.91 42.27 6.83
N GLU C 289 -51.89 42.90 6.17
CA GLU C 289 -51.62 43.71 4.99
C GLU C 289 -51.68 45.18 5.36
N ASN C 290 -50.74 45.94 4.82
CA ASN C 290 -50.80 47.38 4.85
C ASN C 290 -51.75 47.84 3.75
N GLN C 291 -51.79 49.13 3.46
CA GLN C 291 -52.63 49.63 2.37
C GLN C 291 -52.04 49.15 1.05
N GLY C 292 -52.52 48.00 0.58
CA GLY C 292 -51.99 47.39 -0.63
C GLY C 292 -50.85 46.42 -0.38
N LEU C 293 -49.71 46.92 0.05
CA LEU C 293 -48.54 46.07 0.21
C LEU C 293 -48.71 45.09 1.37
N PRO C 294 -48.06 43.94 1.32
CA PRO C 294 -48.14 42.98 2.41
C PRO C 294 -47.02 43.17 3.43
N LEU C 295 -47.23 42.68 4.65
CA LEU C 295 -46.22 42.71 5.71
C LEU C 295 -45.95 41.29 6.17
N TYR C 296 -44.70 40.85 6.06
CA TYR C 296 -44.38 39.43 6.19
C TYR C 296 -43.84 39.04 7.56
N SER C 297 -43.71 39.98 8.50
CA SER C 297 -43.24 39.68 9.85
C SER C 297 -43.33 40.93 10.70
N ARG C 298 -43.32 40.73 12.02
CA ARG C 298 -43.42 41.87 12.92
C ARG C 298 -42.25 42.83 12.76
N LEU C 299 -41.06 42.30 12.47
CA LEU C 299 -39.93 43.18 12.15
C LEU C 299 -40.24 44.03 10.94
N HIS C 300 -40.83 43.43 9.91
CA HIS C 300 -41.25 44.20 8.74
C HIS C 300 -42.29 45.24 9.13
N LYS C 301 -43.33 44.82 9.87
CA LYS C 301 -44.34 45.75 10.35
C LYS C 301 -43.75 46.94 11.10
N TRP C 302 -42.67 46.74 11.83
CA TRP C 302 -42.04 47.82 12.57
C TRP C 302 -41.11 48.67 11.72
N ALA C 303 -40.50 48.08 10.69
CA ALA C 303 -39.60 48.85 9.84
C ALA C 303 -40.32 49.91 9.03
N GLN C 304 -41.61 49.70 8.75
CA GLN C 304 -42.35 50.67 7.95
C GLN C 304 -42.78 51.87 8.78
N GLY C 305 -43.55 51.63 9.84
CA GLY C 305 -44.05 52.70 10.68
C GLY C 305 -42.97 53.54 11.33
N ASN D 25 -21.35 22.08 25.04
CA ASN D 25 -22.20 20.95 24.65
C ASN D 25 -21.34 19.73 24.30
N GLY D 26 -20.34 19.94 23.45
CA GLY D 26 -19.46 18.85 23.08
C GLY D 26 -18.66 18.32 24.27
N LEU D 27 -18.31 19.21 25.20
CA LEU D 27 -17.61 18.79 26.41
C LEU D 27 -18.47 17.81 27.21
N VAL D 28 -19.79 17.98 27.17
CA VAL D 28 -20.69 17.04 27.84
C VAL D 28 -20.59 15.66 27.19
N ALA D 29 -20.52 15.62 25.86
CA ALA D 29 -20.38 14.34 25.17
C ALA D 29 -19.03 13.69 25.47
N LEU D 30 -17.97 14.49 25.53
CA LEU D 30 -16.67 13.96 25.90
C LEU D 30 -16.69 13.39 27.32
N GLY D 31 -17.32 14.11 28.25
CA GLY D 31 -17.45 13.61 29.60
C GLY D 31 -18.29 12.34 29.67
N THR D 32 -19.30 12.24 28.80
CA THR D 32 -20.12 11.03 28.77
C THR D 32 -19.31 9.83 28.28
N VAL D 33 -18.53 10.01 27.21
CA VAL D 33 -17.67 8.94 26.72
C VAL D 33 -16.65 8.56 27.78
N GLY D 34 -16.10 9.57 28.49
CA GLY D 34 -15.16 9.29 29.56
C GLY D 34 -15.80 8.52 30.70
N SER D 35 -17.06 8.84 31.03
CA SER D 35 -17.77 8.12 32.07
C SER D 35 -18.04 6.69 31.65
N GLN D 36 -18.37 6.47 30.38
CA GLN D 36 -18.56 5.11 29.89
C GLN D 36 -17.26 4.31 30.00
N GLU D 37 -16.15 4.87 29.53
CA GLU D 37 -14.88 4.16 29.61
C GLU D 37 -14.45 3.95 31.07
N LEU D 38 -14.79 4.90 31.94
CA LEU D 38 -14.46 4.77 33.35
C LEU D 38 -15.27 3.65 34.01
N PHE D 39 -16.56 3.55 33.66
CA PHE D 39 -17.36 2.43 34.14
C PHE D 39 -16.83 1.11 33.62
N SER D 40 -16.32 1.11 32.37
CA SER D 40 -15.77 -0.12 31.80
C SER D 40 -14.48 -0.54 32.51
N VAL D 41 -13.64 0.44 32.88
CA VAL D 41 -12.32 0.13 33.43
C VAL D 41 -12.25 0.15 34.95
N VAL D 42 -13.31 0.58 35.63
CA VAL D 42 -13.30 0.73 37.08
C VAL D 42 -13.58 -0.61 37.72
N ALA D 43 -14.18 -1.52 36.94
CA ALA D 43 -14.40 -2.91 37.36
C ALA D 43 -15.23 -3.01 38.63
N PHE D 44 -16.49 -2.58 38.56
CA PHE D 44 -17.42 -2.83 39.66
C PHE D 44 -17.38 -4.28 40.08
N HIS D 45 -17.08 -4.52 41.36
CA HIS D 45 -16.89 -5.86 41.91
C HIS D 45 -17.84 -6.01 43.09
N CYS D 46 -18.96 -6.65 42.85
CA CYS D 46 -20.00 -6.80 43.86
C CYS D 46 -19.57 -7.81 44.93
N PRO D 47 -19.32 -7.37 46.16
CA PRO D 47 -19.13 -8.35 47.24
C PRO D 47 -20.48 -8.94 47.63
N CYS D 48 -20.49 -10.24 47.84
CA CYS D 48 -21.69 -10.93 48.31
C CYS D 48 -21.50 -11.30 49.78
N SER D 49 -22.20 -10.58 50.65
CA SER D 49 -22.20 -10.73 52.09
C SER D 49 -23.38 -9.92 52.63
N PRO D 50 -23.95 -10.28 53.78
CA PRO D 50 -25.27 -9.72 54.15
C PRO D 50 -25.33 -8.20 54.25
N ALA D 51 -24.49 -7.60 55.08
CA ALA D 51 -24.62 -6.17 55.38
C ALA D 51 -23.87 -5.29 54.40
N ARG D 52 -22.72 -5.74 53.90
CA ARG D 52 -21.85 -4.86 53.13
C ARG D 52 -22.40 -4.57 51.74
N ASN D 53 -23.43 -5.31 51.32
CA ASN D 53 -23.94 -5.20 49.96
C ASN D 53 -24.36 -3.77 49.63
N TYR D 54 -25.41 -3.30 50.28
CA TYR D 54 -25.99 -2.01 49.92
C TYR D 54 -25.05 -0.87 50.28
N LEU D 55 -24.23 -1.05 51.31
CA LEU D 55 -23.22 -0.05 51.62
C LEU D 55 -22.26 0.14 50.45
N TYR D 56 -21.70 -0.96 49.93
CA TYR D 56 -20.77 -0.84 48.82
C TYR D 56 -21.47 -0.29 47.59
N GLY D 57 -22.70 -0.73 47.33
CA GLY D 57 -23.42 -0.20 46.18
C GLY D 57 -23.63 1.30 46.28
N LEU D 58 -24.19 1.75 47.41
CA LEU D 58 -24.39 3.17 47.64
C LEU D 58 -23.11 3.96 47.43
N ALA D 59 -22.01 3.52 48.05
CA ALA D 59 -20.78 4.28 47.95
C ALA D 59 -20.26 4.30 46.51
N ALA D 60 -20.15 3.14 45.88
CA ALA D 60 -19.52 3.07 44.56
C ALA D 60 -20.37 3.76 43.50
N ILE D 61 -21.67 3.94 43.76
CA ILE D 61 -22.52 4.55 42.74
C ILE D 61 -22.75 6.03 43.04
N GLY D 62 -22.59 6.44 44.29
CA GLY D 62 -22.86 7.83 44.60
C GLY D 62 -21.68 8.69 45.01
N VAL D 63 -20.48 8.13 45.12
CA VAL D 63 -19.31 8.96 45.41
C VAL D 63 -18.83 9.64 44.13
N PRO D 64 -18.68 8.94 43.00
CA PRO D 64 -18.33 9.67 41.77
C PRO D 64 -19.39 10.69 41.39
N ALA D 65 -20.65 10.47 41.78
CA ALA D 65 -21.66 11.52 41.63
C ALA D 65 -21.25 12.77 42.38
N LEU D 66 -20.84 12.63 43.64
CA LEU D 66 -20.39 13.78 44.42
C LEU D 66 -19.17 14.43 43.77
N VAL D 67 -18.25 13.62 43.25
CA VAL D 67 -17.04 14.17 42.64
C VAL D 67 -17.41 15.01 41.41
N LEU D 68 -18.29 14.48 40.55
CA LEU D 68 -18.67 15.21 39.35
C LEU D 68 -19.47 16.46 39.69
N PHE D 69 -20.31 16.38 40.73
CA PHE D 69 -21.02 17.56 41.19
C PHE D 69 -20.06 18.65 41.66
N ILE D 70 -19.04 18.26 42.43
CA ILE D 70 -18.08 19.22 42.92
C ILE D 70 -17.30 19.84 41.77
N ILE D 71 -16.87 19.02 40.81
CA ILE D 71 -16.17 19.56 39.64
C ILE D 71 -17.04 20.55 38.89
N GLY D 72 -18.33 20.21 38.73
CA GLY D 72 -19.24 21.13 38.06
C GLY D 72 -19.35 22.46 38.77
N ILE D 73 -19.47 22.43 40.10
CA ILE D 73 -19.55 23.69 40.84
C ILE D 73 -18.23 24.45 40.75
N ILE D 74 -17.11 23.73 40.69
CA ILE D 74 -15.81 24.40 40.65
C ILE D 74 -15.60 25.14 39.33
N LEU D 75 -15.85 24.46 38.20
CA LEU D 75 -15.55 25.03 36.91
C LEU D 75 -16.62 25.99 36.40
N ASN D 76 -17.46 26.51 37.29
CA ASN D 76 -18.49 27.46 36.90
C ASN D 76 -18.13 28.84 37.44
N ASN D 77 -18.26 29.85 36.58
CA ASN D 77 -17.92 31.22 36.98
C ASN D 77 -18.94 31.78 37.97
N HIS D 78 -20.22 31.48 37.76
CA HIS D 78 -21.28 32.15 38.51
C HIS D 78 -21.12 31.96 40.02
N THR D 79 -20.66 30.80 40.45
CA THR D 79 -20.56 30.54 41.89
C THR D 79 -19.53 31.48 42.53
N TRP D 80 -18.46 31.80 41.81
CA TRP D 80 -17.46 32.69 42.38
C TRP D 80 -17.97 34.13 42.44
N ASN D 81 -18.76 34.53 41.45
CA ASN D 81 -19.49 35.80 41.57
C ASN D 81 -20.36 35.80 42.81
N LEU D 82 -21.08 34.70 43.05
CA LEU D 82 -21.96 34.61 44.21
C LEU D 82 -21.17 34.76 45.50
N VAL D 83 -20.05 34.06 45.62
CA VAL D 83 -19.27 34.13 46.85
C VAL D 83 -18.60 35.49 47.01
N ALA D 84 -18.24 36.15 45.91
CA ALA D 84 -17.72 37.51 46.01
C ALA D 84 -18.80 38.49 46.44
N GLU D 85 -20.06 38.18 46.12
CA GLU D 85 -21.15 39.04 46.57
C GLU D 85 -21.34 38.96 48.08
N CYS D 86 -20.94 37.86 48.71
CA CYS D 86 -21.17 37.69 50.14
C CYS D 86 -20.33 38.64 50.97
N GLN D 87 -19.14 39.01 50.48
CA GLN D 87 -18.25 39.91 51.21
C GLN D 87 -18.87 41.28 51.41
N ALA D 97 -35.88 35.90 45.53
CA ALA D 97 -36.25 35.68 44.13
C ALA D 97 -35.05 35.61 43.18
N PRO D 98 -34.11 36.57 43.23
CA PRO D 98 -32.93 36.45 42.36
C PRO D 98 -32.05 35.27 42.71
N THR D 99 -31.70 35.12 43.99
CA THR D 99 -30.90 33.98 44.42
C THR D 99 -31.48 32.67 43.95
N PHE D 100 -32.81 32.59 43.84
CA PHE D 100 -33.45 31.40 43.30
C PHE D 100 -32.91 31.06 41.92
N LEU D 101 -32.97 32.03 41.00
CA LEU D 101 -32.56 31.75 39.62
C LEU D 101 -31.05 31.59 39.52
N LEU D 102 -30.29 32.32 40.34
CA LEU D 102 -28.83 32.13 40.34
C LEU D 102 -28.46 30.71 40.75
N LEU D 103 -28.95 30.27 41.92
CA LEU D 103 -28.71 28.91 42.36
C LEU D 103 -29.24 27.90 41.36
N SER D 104 -30.37 28.20 40.71
CA SER D 104 -30.89 27.29 39.70
C SER D 104 -29.89 27.11 38.56
N SER D 105 -29.40 28.22 38.01
CA SER D 105 -28.42 28.15 36.93
C SER D 105 -27.21 27.33 37.34
N ILE D 106 -26.64 27.64 38.51
CA ILE D 106 -25.40 26.97 38.90
C ILE D 106 -25.64 25.48 39.17
N LEU D 107 -26.68 25.17 39.94
CA LEU D 107 -26.96 23.78 40.30
C LEU D 107 -27.31 22.96 39.08
N GLY D 108 -27.95 23.56 38.08
CA GLY D 108 -28.25 22.81 36.87
C GLY D 108 -27.00 22.56 36.04
N ARG D 109 -26.23 23.61 35.76
CA ARG D 109 -25.00 23.46 34.99
C ARG D 109 -24.05 22.49 35.69
N ALA D 110 -24.20 22.32 37.00
CA ALA D 110 -23.38 21.34 37.71
C ALA D 110 -23.98 19.95 37.62
N ALA D 111 -25.23 19.78 38.04
CA ALA D 111 -25.86 18.48 38.15
C ALA D 111 -26.21 17.88 36.79
N VAL D 112 -25.81 18.52 35.69
CA VAL D 112 -25.94 17.87 34.39
C VAL D 112 -25.30 16.48 34.40
N ALA D 113 -24.06 16.37 34.89
CA ALA D 113 -23.27 15.15 34.77
C ALA D 113 -23.58 14.05 35.78
N PRO D 114 -23.76 14.35 37.07
CA PRO D 114 -24.04 13.26 38.01
C PRO D 114 -25.31 12.50 37.71
N VAL D 115 -26.35 13.18 37.20
CA VAL D 115 -27.58 12.50 36.83
C VAL D 115 -27.31 11.56 35.66
N THR D 116 -26.49 12.01 34.70
CA THR D 116 -26.10 11.14 33.59
C THR D 116 -25.42 9.88 34.10
N TRP D 117 -24.43 10.04 34.99
CA TRP D 117 -23.74 8.87 35.53
C TRP D 117 -24.70 7.96 36.28
N SER D 118 -25.60 8.55 37.06
CA SER D 118 -26.52 7.76 37.88
C SER D 118 -27.46 6.94 37.00
N VAL D 119 -28.00 7.55 35.94
CA VAL D 119 -28.93 6.82 35.10
C VAL D 119 -28.19 5.77 34.26
N ILE D 120 -26.97 6.07 33.82
CA ILE D 120 -26.19 5.06 33.10
C ILE D 120 -25.89 3.88 34.01
N SER D 121 -25.72 4.15 35.32
CA SER D 121 -25.47 3.05 36.25
C SER D 121 -26.75 2.28 36.59
N LEU D 122 -27.89 2.95 36.62
CA LEU D 122 -29.15 2.26 36.92
C LEU D 122 -29.60 1.39 35.76
N LEU D 123 -29.50 1.90 34.53
CA LEU D 123 -29.96 1.13 33.37
C LEU D 123 -29.17 -0.16 33.22
N ARG D 124 -27.87 -0.12 33.53
CA ARG D 124 -27.05 -1.32 33.43
C ARG D 124 -27.46 -2.37 34.45
N GLY D 125 -28.16 -1.95 35.50
CA GLY D 125 -28.43 -2.85 36.60
C GLY D 125 -27.15 -3.18 37.34
N GLU D 126 -27.09 -4.41 37.84
CA GLU D 126 -25.90 -5.03 38.44
C GLU D 126 -25.27 -4.13 39.51
N ALA D 127 -26.01 -3.12 39.94
CA ALA D 127 -25.63 -2.33 41.10
C ALA D 127 -26.79 -2.28 42.08
N TYR D 128 -28.00 -2.07 41.55
CA TYR D 128 -29.18 -2.10 42.38
C TYR D 128 -29.42 -3.49 42.95
N VAL D 129 -29.20 -4.52 42.13
CA VAL D 129 -29.41 -5.89 42.59
C VAL D 129 -28.36 -6.28 43.62
N CYS D 130 -27.12 -5.81 43.44
CA CYS D 130 -26.09 -6.13 44.41
C CYS D 130 -26.38 -5.45 45.74
N ALA D 131 -27.12 -4.35 45.72
CA ALA D 131 -27.49 -3.67 46.95
C ALA D 131 -28.68 -4.34 47.62
N LEU D 132 -29.80 -4.41 46.93
CA LEU D 132 -31.05 -4.87 47.53
C LEU D 132 -31.28 -6.37 47.32
N SER D 133 -30.24 -7.15 47.09
CA SER D 133 -30.41 -8.60 47.05
C SER D 133 -30.84 -9.14 48.40
N GLU D 134 -30.23 -8.65 49.48
CA GLU D 134 -30.47 -9.23 50.80
C GLU D 134 -31.92 -9.12 51.23
N PHE D 135 -32.63 -8.09 50.77
CA PHE D 135 -33.98 -7.83 51.24
C PHE D 135 -35.05 -8.59 50.48
N VAL D 136 -34.68 -9.35 49.45
CA VAL D 136 -35.66 -10.13 48.69
C VAL D 136 -36.36 -11.09 49.65
N ASP D 137 -37.67 -10.94 49.76
CA ASP D 137 -38.44 -11.77 50.67
C ASP D 137 -38.31 -13.23 50.23
N PRO D 138 -37.85 -14.13 51.11
CA PRO D 138 -37.69 -15.53 50.69
C PRO D 138 -39.01 -16.27 50.48
N SER D 139 -40.09 -15.81 51.12
CA SER D 139 -41.36 -16.53 51.04
C SER D 139 -42.05 -16.34 49.69
N SER D 140 -42.24 -15.09 49.27
CA SER D 140 -43.14 -14.81 48.16
C SER D 140 -42.37 -14.73 46.83
N LEU D 141 -42.09 -15.90 46.25
CA LEU D 141 -41.62 -15.97 44.86
C LEU D 141 -41.80 -17.38 44.32
N THR D 142 -42.65 -17.52 43.30
CA THR D 142 -43.05 -18.84 42.81
C THR D 142 -41.91 -19.50 42.05
N ALA D 143 -41.73 -20.80 42.30
CA ALA D 143 -40.73 -21.61 41.62
C ALA D 143 -40.96 -23.09 41.86
N ARG D 144 -39.93 -23.90 41.63
CA ARG D 144 -39.99 -25.32 41.94
C ARG D 144 -40.07 -25.54 43.45
N GLU D 145 -40.09 -26.80 43.86
CA GLU D 145 -40.23 -27.15 45.26
C GLU D 145 -39.04 -26.62 46.07
N GLU D 146 -39.11 -26.83 47.39
CA GLU D 146 -38.13 -26.27 48.32
C GLU D 146 -38.09 -24.76 48.19
N HIS D 147 -39.20 -24.10 48.52
CA HIS D 147 -39.35 -22.65 48.37
C HIS D 147 -38.14 -21.88 48.87
N PHE D 148 -37.79 -22.03 50.15
CA PHE D 148 -36.58 -21.42 50.67
C PHE D 148 -36.14 -22.21 51.91
N PRO D 149 -34.87 -22.60 51.99
CA PRO D 149 -34.50 -23.63 52.99
C PRO D 149 -34.69 -23.21 54.44
N SER D 150 -34.05 -22.15 54.89
CA SER D 150 -33.98 -21.89 56.33
C SER D 150 -33.86 -20.40 56.59
N ALA D 151 -33.87 -20.06 57.88
CA ALA D 151 -33.66 -18.67 58.29
C ALA D 151 -32.20 -18.26 58.11
N HIS D 152 -31.27 -19.20 58.36
CA HIS D 152 -29.86 -18.92 58.17
C HIS D 152 -29.52 -18.75 56.69
N ALA D 153 -30.44 -19.06 55.80
CA ALA D 153 -30.15 -19.09 54.37
C ALA D 153 -30.23 -17.72 53.71
N THR D 154 -30.68 -16.68 54.41
CA THR D 154 -30.61 -15.33 53.83
C THR D 154 -29.19 -15.06 53.33
N GLU D 155 -28.19 -15.60 54.03
CA GLU D 155 -26.81 -15.44 53.61
C GLU D 155 -26.59 -16.03 52.22
N ILE D 156 -26.98 -17.29 52.01
CA ILE D 156 -26.84 -17.85 50.67
C ILE D 156 -27.79 -17.15 49.71
N LEU D 157 -28.79 -16.46 50.25
CA LEU D 157 -29.57 -15.54 49.44
C LEU D 157 -28.72 -14.35 49.02
N ALA D 158 -28.05 -13.71 49.97
CA ALA D 158 -27.24 -12.54 49.67
C ALA D 158 -26.16 -12.86 48.64
N ARG D 159 -25.71 -14.11 48.60
CA ARG D 159 -24.64 -14.51 47.69
C ARG D 159 -25.10 -14.53 46.23
N PHE D 160 -26.42 -14.42 45.99
CA PHE D 160 -27.01 -14.53 44.66
C PHE D 160 -26.30 -13.74 43.57
N PRO D 161 -25.82 -12.51 43.80
CA PRO D 161 -25.08 -11.82 42.73
C PRO D 161 -23.77 -12.47 42.36
N CYS D 162 -23.13 -13.19 43.29
CA CYS D 162 -21.97 -14.01 42.99
C CYS D 162 -22.44 -15.25 42.26
N LYS D 163 -21.49 -16.04 41.73
CA LYS D 163 -21.80 -17.24 40.94
C LYS D 163 -22.75 -18.10 41.78
N GLU D 164 -22.33 -18.65 42.93
CA GLU D 164 -23.19 -19.24 43.94
C GLU D 164 -24.35 -20.03 43.36
N ASN D 165 -24.07 -21.08 42.61
CA ASN D 165 -25.15 -21.78 41.90
C ASN D 165 -25.28 -23.23 42.35
N PRO D 166 -25.86 -23.50 43.52
CA PRO D 166 -26.24 -24.87 43.85
C PRO D 166 -27.36 -25.34 42.95
N ASP D 167 -27.35 -26.63 42.62
CA ASP D 167 -28.37 -27.19 41.74
C ASP D 167 -29.77 -26.93 42.28
N ASN D 168 -29.93 -26.96 43.60
CA ASN D 168 -31.24 -26.72 44.20
C ASN D 168 -31.64 -25.25 44.07
N LEU D 169 -30.72 -24.39 43.65
CA LEU D 169 -30.97 -22.96 43.70
C LEU D 169 -30.96 -22.26 42.33
N SER D 170 -29.98 -22.57 41.46
CA SER D 170 -29.70 -21.76 40.27
C SER D 170 -30.95 -21.22 39.55
N ASP D 171 -31.90 -22.10 39.25
CA ASP D 171 -33.11 -21.67 38.54
C ASP D 171 -33.95 -20.75 39.41
N PHE D 172 -34.17 -21.13 40.67
CA PHE D 172 -34.85 -20.27 41.63
C PHE D 172 -34.15 -18.92 41.74
N ARG D 173 -32.84 -18.90 41.57
CA ARG D 173 -32.05 -17.68 41.69
C ARG D 173 -32.31 -16.75 40.52
N GLU D 174 -32.26 -17.27 39.29
CA GLU D 174 -32.47 -16.48 38.08
C GLU D 174 -33.69 -15.57 38.21
N GLU D 175 -34.74 -16.07 38.86
CA GLU D 175 -35.95 -15.32 39.14
C GLU D 175 -35.64 -14.02 39.88
N VAL D 176 -34.84 -14.12 40.94
CA VAL D 176 -34.52 -12.93 41.74
C VAL D 176 -33.71 -11.93 40.93
N SER D 177 -32.74 -12.42 40.14
CA SER D 177 -31.96 -11.54 39.29
C SER D 177 -32.86 -10.75 38.36
N ARG D 178 -33.79 -11.43 37.68
CA ARG D 178 -34.68 -10.72 36.77
C ARG D 178 -35.59 -9.76 37.51
N ARG D 179 -36.16 -10.19 38.63
CA ARG D 179 -37.11 -9.38 39.37
C ARG D 179 -36.46 -8.13 39.94
N LEU D 180 -35.14 -8.17 40.17
CA LEU D 180 -34.44 -7.00 40.68
C LEU D 180 -34.00 -6.07 39.55
N ARG D 181 -33.45 -6.64 38.47
CA ARG D 181 -33.11 -5.84 37.32
C ARG D 181 -34.32 -5.08 36.78
N TYR D 182 -35.51 -5.69 36.92
CA TYR D 182 -36.75 -4.99 36.60
C TYR D 182 -36.86 -3.66 37.34
N GLU D 183 -36.81 -3.70 38.68
CA GLU D 183 -36.97 -2.48 39.45
C GLU D 183 -35.85 -1.48 39.16
N SER D 184 -34.63 -1.99 38.94
CA SER D 184 -33.52 -1.10 38.61
C SER D 184 -33.79 -0.31 37.34
N GLN D 185 -34.08 -1.00 36.24
CA GLN D 185 -34.30 -0.30 34.98
C GLN D 185 -35.55 0.57 35.03
N LEU D 186 -36.55 0.16 35.82
CA LEU D 186 -37.75 0.98 35.95
C LEU D 186 -37.44 2.31 36.63
N PHE D 187 -36.69 2.27 37.74
CA PHE D 187 -36.27 3.51 38.38
C PHE D 187 -35.41 4.35 37.44
N GLY D 188 -34.56 3.72 36.63
CA GLY D 188 -33.76 4.49 35.69
C GLY D 188 -34.60 5.25 34.69
N TRP D 189 -35.60 4.58 34.10
CA TRP D 189 -36.45 5.26 33.12
C TRP D 189 -37.28 6.35 33.78
N LEU D 190 -37.81 6.09 34.98
CA LEU D 190 -38.56 7.12 35.68
C LEU D 190 -37.69 8.33 35.99
N LEU D 191 -36.42 8.10 36.32
CA LEU D 191 -35.52 9.22 36.60
C LEU D 191 -35.27 10.04 35.34
N ILE D 192 -35.03 9.38 34.20
CA ILE D 192 -34.85 10.11 32.95
C ILE D 192 -36.08 10.96 32.65
N GLY D 193 -37.27 10.37 32.82
CA GLY D 193 -38.49 11.13 32.57
C GLY D 193 -38.63 12.35 33.45
N VAL D 194 -38.35 12.18 34.75
CA VAL D 194 -38.50 13.29 35.68
C VAL D 194 -37.48 14.38 35.38
N VAL D 195 -36.27 14.00 34.98
CA VAL D 195 -35.27 15.00 34.63
C VAL D 195 -35.71 15.79 33.41
N ALA D 196 -36.27 15.11 32.41
CA ALA D 196 -36.78 15.82 31.24
C ALA D 196 -37.90 16.79 31.62
N ILE D 197 -38.82 16.34 32.49
CA ILE D 197 -39.92 17.20 32.90
C ILE D 197 -39.41 18.43 33.64
N LEU D 198 -38.39 18.24 34.50
CA LEU D 198 -37.85 19.38 35.22
C LEU D 198 -37.15 20.36 34.30
N VAL D 199 -36.41 19.85 33.31
CA VAL D 199 -35.78 20.74 32.33
C VAL D 199 -36.85 21.56 31.62
N PHE D 200 -37.88 20.91 31.11
CA PHE D 200 -38.95 21.63 30.42
C PHE D 200 -39.66 22.64 31.30
N LEU D 201 -39.91 22.31 32.57
CA LEU D 201 -40.60 23.23 33.45
C LEU D 201 -39.73 24.42 33.86
N THR D 202 -38.44 24.21 34.12
CA THR D 202 -37.59 25.36 34.43
C THR D 202 -37.45 26.26 33.22
N LYS D 203 -37.39 25.69 32.02
CA LYS D 203 -37.44 26.52 30.81
C LYS D 203 -38.72 27.33 30.75
N CYS D 204 -39.88 26.66 30.75
CA CYS D 204 -41.15 27.33 30.62
C CYS D 204 -41.45 28.29 31.76
N LEU D 205 -40.73 28.18 32.88
CA LEU D 205 -40.93 29.11 33.99
C LEU D 205 -39.97 30.27 33.99
N LYS D 206 -38.78 30.10 33.42
CA LYS D 206 -37.85 31.23 33.32
C LYS D 206 -38.44 32.33 32.47
N HIS D 207 -38.81 32.01 31.22
CA HIS D 207 -39.31 33.01 30.30
C HIS D 207 -40.54 33.71 30.84
N TYR D 208 -41.56 32.95 31.26
CA TYR D 208 -42.83 33.54 31.69
C TYR D 208 -42.63 34.53 32.82
N CYS D 209 -41.60 34.36 33.63
CA CYS D 209 -41.29 35.28 34.72
C CYS D 209 -39.90 35.86 34.46
N SER D 210 -39.86 36.93 33.67
CA SER D 210 -38.64 37.66 33.35
C SER D 210 -39.03 39.02 32.78
N PRO D 211 -38.29 40.06 33.11
CA PRO D 211 -38.65 41.39 32.61
C PRO D 211 -38.38 41.53 31.12
N LEU D 212 -37.33 40.88 30.65
CA LEU D 212 -36.92 41.02 29.27
C LEU D 212 -37.87 40.29 28.32
N SER D 213 -37.72 40.58 27.04
CA SER D 213 -38.37 39.81 26.00
C SER D 213 -37.63 38.51 25.76
N TYR D 214 -38.03 37.80 24.70
CA TYR D 214 -37.42 36.52 24.39
C TYR D 214 -36.09 36.70 23.65
N ARG D 215 -36.03 37.63 22.70
CA ARG D 215 -34.85 37.73 21.85
C ARG D 215 -33.76 38.56 22.53
N GLN D 216 -34.16 39.52 23.36
CA GLN D 216 -33.19 40.35 24.05
C GLN D 216 -32.30 39.51 24.96
N GLU D 217 -32.83 38.39 25.46
CA GLU D 217 -32.02 37.53 26.32
C GLU D 217 -30.96 36.80 25.51
N ALA D 218 -31.30 36.38 24.29
CA ALA D 218 -30.30 35.76 23.43
C ALA D 218 -29.21 36.76 23.06
N TYR D 219 -29.62 37.98 22.74
CA TYR D 219 -28.63 39.03 22.50
C TYR D 219 -27.75 39.25 23.72
N TRP D 220 -28.35 39.22 24.91
CA TRP D 220 -27.60 39.38 26.16
C TRP D 220 -26.57 38.27 26.32
N ALA D 221 -26.95 37.03 26.04
CA ALA D 221 -26.01 35.92 26.19
C ALA D 221 -24.85 36.06 25.22
N GLN D 222 -25.14 36.44 23.97
CA GLN D 222 -24.06 36.67 23.01
C GLN D 222 -23.12 37.76 23.50
N TYR D 223 -23.68 38.85 24.03
CA TYR D 223 -22.84 39.93 24.52
C TYR D 223 -21.98 39.46 25.68
N ARG D 224 -22.54 38.67 26.58
CA ARG D 224 -21.77 38.19 27.73
C ARG D 224 -20.60 37.34 27.28
N ALA D 225 -20.84 36.40 26.37
CA ALA D 225 -19.75 35.55 25.90
C ALA D 225 -18.66 36.39 25.22
N ASN D 226 -19.06 37.33 24.37
CA ASN D 226 -18.07 38.14 23.67
C ASN D 226 -17.27 38.99 24.63
N GLU D 227 -17.93 39.56 25.64
CA GLU D 227 -17.23 40.38 26.61
C GLU D 227 -16.22 39.55 27.40
N ASP D 228 -16.62 38.35 27.82
CA ASP D 228 -15.70 37.50 28.57
C ASP D 228 -14.45 37.21 27.74
N GLN D 229 -14.64 36.80 26.47
CA GLN D 229 -13.49 36.44 25.65
C GLN D 229 -12.57 37.64 25.43
N LEU D 230 -13.14 38.78 25.04
CA LEU D 230 -12.32 39.96 24.77
C LEU D 230 -11.59 40.43 26.02
N PHE D 231 -12.26 40.39 27.17
CA PHE D 231 -11.62 40.84 28.40
C PHE D 231 -10.46 39.93 28.77
N GLN D 232 -10.64 38.62 28.66
CA GLN D 232 -9.55 37.71 28.99
C GLN D 232 -8.33 37.97 28.09
N ARG D 233 -8.55 38.01 26.78
CA ARG D 233 -7.41 38.17 25.88
C ARG D 233 -6.71 39.52 26.12
N THR D 234 -7.49 40.59 26.31
CA THR D 234 -6.88 41.89 26.50
C THR D 234 -6.10 41.95 27.80
N ALA D 235 -6.66 41.39 28.87
CA ALA D 235 -5.93 41.38 30.13
C ALA D 235 -4.61 40.63 29.99
N GLU D 236 -4.60 39.54 29.23
CA GLU D 236 -3.35 38.80 29.04
C GLU D 236 -2.31 39.66 28.31
N VAL D 237 -2.72 40.30 27.21
CA VAL D 237 -1.77 41.12 26.46
C VAL D 237 -1.23 42.26 27.33
N HIS D 238 -2.12 42.92 28.08
CA HIS D 238 -1.69 44.04 28.91
C HIS D 238 -0.72 43.58 29.99
N SER D 239 -1.01 42.43 30.61
CA SER D 239 -0.09 41.91 31.62
C SER D 239 1.27 41.62 31.02
N ARG D 240 1.31 40.97 29.86
CA ARG D 240 2.61 40.67 29.24
C ARG D 240 3.38 41.95 28.94
N VAL D 241 2.69 43.00 28.50
CA VAL D 241 3.38 44.25 28.21
C VAL D 241 3.97 44.87 29.48
N LEU D 242 3.18 44.87 30.56
CA LEU D 242 3.69 45.40 31.83
C LEU D 242 4.90 44.61 32.30
N ALA D 243 4.86 43.28 32.15
CA ALA D 243 5.98 42.45 32.55
C ALA D 243 7.22 42.76 31.71
N ALA D 244 7.02 43.02 30.42
CA ALA D 244 8.16 43.36 29.56
C ALA D 244 8.78 44.68 30.00
N ASN D 245 7.96 45.67 30.34
CA ASN D 245 8.51 46.92 30.86
C ASN D 245 9.31 46.69 32.13
N ASN D 246 8.75 45.92 33.06
CA ASN D 246 9.45 45.64 34.32
C ASN D 246 10.79 44.97 34.08
N VAL D 247 10.81 43.96 33.20
CA VAL D 247 12.07 43.28 32.91
C VAL D 247 13.07 44.25 32.29
N ARG D 248 12.69 44.94 31.21
CA ARG D 248 13.60 45.86 30.54
C ARG D 248 14.19 46.87 31.50
N ARG D 249 13.44 47.25 32.54
CA ARG D 249 14.05 48.17 33.50
C ARG D 249 15.19 47.52 34.31
N PHE D 250 15.43 46.22 34.17
CA PHE D 250 16.46 45.56 34.96
C PHE D 250 17.75 45.37 34.18
N PHE D 251 17.68 44.65 33.06
CA PHE D 251 18.89 44.33 32.31
C PHE D 251 19.32 45.50 31.44
N GLY D 252 18.38 46.10 30.72
CA GLY D 252 18.69 47.18 29.81
C GLY D 252 18.08 46.93 28.46
N PHE D 253 17.53 45.74 28.29
CA PHE D 253 16.91 45.33 27.04
C PHE D 253 16.12 44.06 27.29
N VAL D 254 14.94 43.97 26.72
CA VAL D 254 14.15 42.74 26.81
C VAL D 254 14.32 41.95 25.53
N ALA D 255 13.99 40.66 25.58
CA ALA D 255 14.12 39.77 24.44
C ALA D 255 12.76 39.24 24.07
N LEU D 256 12.39 39.42 22.80
CA LEU D 256 11.03 39.14 22.36
C LEU D 256 11.04 38.38 21.04
N ASN D 257 9.91 37.77 20.73
CA ASN D 257 9.67 37.21 19.42
C ASN D 257 9.24 38.32 18.47
N LYS D 258 8.79 37.94 17.27
CA LYS D 258 8.21 38.93 16.36
C LYS D 258 6.82 39.34 16.82
N ASP D 259 6.02 38.37 17.27
CA ASP D 259 4.68 38.66 17.76
C ASP D 259 4.73 39.66 18.90
N ASP D 260 5.48 39.33 19.96
CA ASP D 260 5.61 40.23 21.10
C ASP D 260 6.23 41.56 20.70
N GLU D 261 7.12 41.56 19.70
CA GLU D 261 7.68 42.81 19.21
C GLU D 261 6.59 43.72 18.68
N GLU D 262 5.72 43.19 17.81
CA GLU D 262 4.60 43.98 17.30
C GLU D 262 3.67 44.41 18.44
N LEU D 263 3.46 43.52 19.40
CA LEU D 263 2.60 43.85 20.54
C LEU D 263 3.10 45.06 21.28
N ILE D 264 4.37 45.04 21.70
CA ILE D 264 4.92 46.16 22.46
C ILE D 264 5.10 47.39 21.57
N ALA D 265 5.13 47.18 20.26
CA ALA D 265 5.18 48.32 19.34
C ALA D 265 3.84 49.04 19.29
N ASN D 266 2.74 48.28 19.29
CA ASN D 266 1.42 48.88 19.15
C ASN D 266 0.94 49.47 20.47
N PHE D 267 0.81 48.63 21.50
CA PHE D 267 0.11 49.00 22.73
C PHE D 267 1.09 49.46 23.80
N PRO D 268 1.15 50.75 24.12
CA PRO D 268 1.90 51.16 25.30
C PRO D 268 1.11 50.84 26.56
N VAL D 269 1.78 50.91 27.71
CA VAL D 269 1.15 50.58 28.99
C VAL D 269 1.88 51.35 30.08
N GLU D 270 1.13 51.80 31.09
CA GLU D 270 1.72 52.52 32.22
C GLU D 270 1.57 51.73 33.50
N GLY D 271 0.33 51.35 33.81
CA GLY D 271 0.02 50.69 35.06
C GLY D 271 -1.48 50.52 35.19
N THR D 272 -1.89 49.38 35.71
CA THR D 272 -3.29 48.98 35.72
C THR D 272 -4.08 49.91 36.64
N GLN D 273 -5.40 49.95 36.42
CA GLN D 273 -6.26 50.81 37.21
C GLN D 273 -6.22 50.40 38.68
N PRO D 274 -6.61 51.30 39.59
CA PRO D 274 -6.54 50.98 41.02
C PRO D 274 -7.49 49.86 41.40
N ARG D 275 -7.45 49.51 42.68
CA ARG D 275 -8.25 48.38 43.18
C ARG D 275 -9.74 48.67 43.22
N PRO D 276 -10.21 49.86 43.62
CA PRO D 276 -11.66 50.11 43.55
C PRO D 276 -12.25 49.85 42.18
N GLN D 277 -11.55 50.24 41.11
CA GLN D 277 -12.06 49.97 39.76
C GLN D 277 -12.19 48.47 39.52
N TRP D 278 -11.16 47.70 39.84
CA TRP D 278 -11.25 46.25 39.72
C TRP D 278 -12.42 45.70 40.52
N ASN D 279 -12.74 46.33 41.65
CA ASN D 279 -13.84 45.86 42.46
C ASN D 279 -15.19 46.17 41.81
N ALA D 280 -15.32 47.34 41.20
CA ALA D 280 -16.59 47.72 40.59
C ALA D 280 -16.97 46.77 39.46
N ILE D 281 -16.00 46.00 38.95
CA ILE D 281 -16.29 45.11 37.83
C ILE D 281 -16.87 43.79 38.31
N THR D 282 -16.29 43.22 39.35
CA THR D 282 -16.69 41.89 39.81
C THR D 282 -18.06 41.95 40.48
N GLY D 283 -18.71 40.80 40.55
CA GLY D 283 -19.99 40.65 41.19
C GLY D 283 -21.01 40.04 40.27
N VAL D 284 -22.22 39.89 40.80
CA VAL D 284 -23.36 39.41 40.02
C VAL D 284 -24.14 40.62 39.57
N TYR D 285 -24.77 40.52 38.41
CA TYR D 285 -25.45 41.66 37.80
C TYR D 285 -26.89 41.28 37.47
N LEU D 286 -27.82 42.04 38.01
CA LEU D 286 -29.22 41.96 37.59
C LEU D 286 -29.48 43.07 36.57
N TYR D 287 -30.36 42.78 35.62
CA TYR D 287 -30.57 43.68 34.50
C TYR D 287 -31.08 45.03 34.99
N ARG D 288 -30.23 46.05 34.87
CA ARG D 288 -30.57 47.41 35.24
C ARG D 288 -30.63 48.28 33.99
N GLU D 289 -31.64 49.15 33.96
CA GLU D 289 -31.81 50.08 32.85
C GLU D 289 -31.36 51.47 33.28
N ASN D 290 -30.65 52.14 32.38
CA ASN D 290 -30.37 53.56 32.52
C ASN D 290 -31.62 54.33 32.07
N GLN D 291 -31.50 55.64 31.91
CA GLN D 291 -32.64 56.42 31.44
C GLN D 291 -32.89 56.07 29.98
N GLY D 292 -33.76 55.10 29.75
CA GLY D 292 -34.02 54.62 28.41
C GLY D 292 -33.16 53.44 27.99
N LEU D 293 -31.87 53.67 27.81
CA LEU D 293 -30.99 52.64 27.31
C LEU D 293 -30.79 51.54 28.35
N PRO D 294 -30.51 50.31 27.90
CA PRO D 294 -30.25 49.22 28.83
C PRO D 294 -28.78 49.06 29.15
N LEU D 295 -28.46 48.43 30.28
CA LEU D 295 -27.09 48.13 30.68
C LEU D 295 -26.95 46.63 30.86
N TYR D 296 -26.04 46.01 30.11
CA TYR D 296 -26.01 44.56 29.98
C TYR D 296 -24.98 43.89 30.88
N SER D 297 -24.22 44.63 31.66
CA SER D 297 -23.22 44.05 32.56
C SER D 297 -22.62 45.15 33.41
N ARG D 298 -22.01 44.74 34.54
CA ARG D 298 -21.41 45.73 35.43
C ARG D 298 -20.29 46.50 34.74
N LEU D 299 -19.53 45.84 33.86
CA LEU D 299 -18.54 46.57 33.07
C LEU D 299 -19.21 47.64 32.23
N HIS D 300 -20.33 47.32 31.61
CA HIS D 300 -21.10 48.31 30.87
C HIS D 300 -21.55 49.43 31.78
N LYS D 301 -22.17 49.08 32.92
CA LYS D 301 -22.60 50.06 33.90
C LYS D 301 -21.48 51.00 34.31
N TRP D 302 -20.24 50.52 34.38
CA TRP D 302 -19.12 51.36 34.76
C TRP D 302 -18.55 52.17 33.60
N ALA D 303 -18.66 51.66 32.38
CA ALA D 303 -18.14 52.40 31.22
C ALA D 303 -18.92 53.68 30.96
N GLN D 304 -20.19 53.73 31.36
CA GLN D 304 -21.01 54.91 31.10
C GLN D 304 -20.70 56.02 32.10
N GLY D 305 -20.90 55.75 33.38
CA GLY D 305 -20.69 56.74 34.42
C GLY D 305 -19.26 57.28 34.49
N ASN E 25 -1.06 21.04 33.57
CA ASN E 25 -2.20 20.13 33.59
C ASN E 25 -1.91 18.88 32.79
N GLY E 26 -1.42 19.06 31.56
CA GLY E 26 -1.07 17.91 30.73
C GLY E 26 0.06 17.09 31.32
N LEU E 27 1.00 17.76 32.01
CA LEU E 27 2.07 17.02 32.68
C LEU E 27 1.51 16.09 33.74
N VAL E 28 0.40 16.46 34.38
CA VAL E 28 -0.24 15.58 35.34
C VAL E 28 -0.77 14.33 34.64
N ALA E 29 -1.35 14.49 33.45
CA ALA E 29 -1.84 13.33 32.70
C ALA E 29 -0.69 12.44 32.26
N LEU E 30 0.42 13.05 31.82
CA LEU E 30 1.59 12.26 31.46
C LEU E 30 2.13 11.49 32.65
N GLY E 31 2.19 12.14 33.82
CA GLY E 31 2.61 11.44 35.03
C GLY E 31 1.67 10.33 35.42
N THR E 32 0.36 10.52 35.18
CA THR E 32 -0.60 9.47 35.49
C THR E 32 -0.41 8.27 34.57
N VAL E 33 -0.22 8.50 33.28
CA VAL E 33 0.06 7.40 32.36
C VAL E 33 1.35 6.70 32.74
N GLY E 34 2.36 7.48 33.13
CA GLY E 34 3.62 6.89 33.58
C GLY E 34 3.45 6.05 34.82
N SER E 35 2.61 6.51 35.76
CA SER E 35 2.34 5.74 36.97
C SER E 35 1.60 4.45 36.65
N GLN E 36 0.67 4.51 35.71
CA GLN E 36 -0.02 3.29 35.29
C GLN E 36 0.96 2.28 34.69
N GLU E 37 1.81 2.74 33.77
CA GLU E 37 2.79 1.84 33.16
C GLU E 37 3.79 1.34 34.19
N LEU E 38 4.12 2.16 35.17
CA LEU E 38 5.06 1.75 36.21
C LEU E 38 4.44 0.70 37.11
N PHE E 39 3.15 0.85 37.45
CA PHE E 39 2.46 -0.19 38.20
C PHE E 39 2.38 -1.48 37.39
N SER E 40 2.22 -1.36 36.07
CA SER E 40 2.15 -2.55 35.23
C SER E 40 3.50 -3.27 35.16
N VAL E 41 4.60 -2.51 35.13
CA VAL E 41 5.91 -3.12 34.92
C VAL E 41 6.70 -3.34 36.20
N VAL E 42 6.21 -2.87 37.35
CA VAL E 42 6.96 -2.96 38.60
C VAL E 42 6.72 -4.33 39.21
N ALA E 43 5.66 -5.00 38.77
CA ALA E 43 5.37 -6.38 39.15
C ALA E 43 5.25 -6.55 40.66
N PHE E 44 4.23 -5.92 41.27
CA PHE E 44 3.91 -6.20 42.66
C PHE E 44 3.84 -7.69 42.91
N HIS E 45 4.65 -8.16 43.86
CA HIS E 45 4.78 -9.59 44.15
C HIS E 45 4.52 -9.80 45.64
N CYS E 46 3.30 -10.21 45.96
CA CYS E 46 2.87 -10.36 47.33
C CYS E 46 3.53 -11.57 47.97
N PRO E 47 4.41 -11.38 48.95
CA PRO E 47 4.89 -12.52 49.72
C PRO E 47 3.80 -12.96 50.69
N CYS E 48 3.61 -14.27 50.80
CA CYS E 48 2.67 -14.82 51.76
C CYS E 48 3.45 -15.44 52.91
N SER E 49 3.43 -14.78 54.06
CA SER E 49 4.08 -15.16 55.30
C SER E 49 3.52 -14.27 56.40
N PRO E 50 3.49 -14.73 57.65
CA PRO E 50 2.67 -14.03 58.67
C PRO E 50 2.99 -12.56 58.88
N ALA E 51 4.24 -12.23 59.23
CA ALA E 51 4.57 -10.88 59.63
C ALA E 51 4.93 -9.97 58.46
N ARG E 52 5.58 -10.50 57.43
CA ARG E 52 6.14 -9.65 56.39
C ARG E 52 5.07 -9.06 55.48
N ASN E 53 3.84 -9.56 55.58
CA ASN E 53 2.78 -9.15 54.67
C ASN E 53 2.57 -7.65 54.68
N TYR E 54 2.08 -7.13 55.81
CA TYR E 54 1.69 -5.72 55.86
C TYR E 54 2.91 -4.81 55.78
N LEU E 55 4.06 -5.29 56.25
CA LEU E 55 5.30 -4.52 56.07
C LEU E 55 5.59 -4.29 54.59
N TYR E 56 5.58 -5.36 53.80
CA TYR E 56 5.87 -5.22 52.37
C TYR E 56 4.80 -4.38 51.69
N GLY E 57 3.53 -4.58 52.06
CA GLY E 57 2.48 -3.75 51.47
C GLY E 57 2.69 -2.28 51.75
N LEU E 58 2.84 -1.93 53.03
CA LEU E 58 3.08 -0.54 53.42
C LEU E 58 4.24 0.04 52.65
N ALA E 59 5.38 -0.66 52.61
CA ALA E 59 6.55 -0.09 51.94
C ALA E 59 6.30 0.09 50.46
N ALA E 60 5.85 -0.96 49.77
CA ALA E 60 5.73 -0.91 48.33
C ALA E 60 4.65 0.07 47.88
N ILE E 61 3.71 0.39 48.76
CA ILE E 61 2.64 1.29 48.34
C ILE E 61 2.90 2.71 48.81
N GLY E 62 3.72 2.90 49.82
CA GLY E 62 3.94 4.24 50.32
C GLY E 62 5.32 4.82 50.14
N VAL E 63 6.28 4.08 49.60
CA VAL E 63 7.59 4.65 49.32
C VAL E 63 7.54 5.45 48.01
N PRO E 64 6.97 4.93 46.91
CA PRO E 64 6.84 5.79 45.73
C PRO E 64 5.97 7.00 45.99
N ALA E 65 5.04 6.92 46.94
CA ALA E 65 4.33 8.12 47.39
C ALA E 65 5.31 9.17 47.90
N LEU E 66 6.23 8.75 48.78
CA LEU E 66 7.23 9.68 49.30
C LEU E 66 8.11 10.23 48.17
N VAL E 67 8.47 9.38 47.22
CA VAL E 67 9.32 9.83 46.12
C VAL E 67 8.60 10.90 45.29
N LEU E 68 7.33 10.66 44.96
CA LEU E 68 6.59 11.62 44.16
C LEU E 68 6.35 12.91 44.93
N PHE E 69 6.10 12.79 46.24
CA PHE E 69 5.97 13.99 47.07
C PHE E 69 7.25 14.82 47.06
N ILE E 70 8.40 14.15 47.19
CA ILE E 70 9.67 14.87 47.19
C ILE E 70 9.90 15.53 45.85
N ILE E 71 9.63 14.82 44.75
CA ILE E 71 9.79 15.42 43.43
C ILE E 71 8.90 16.64 43.29
N GLY E 72 7.66 16.55 43.76
CA GLY E 72 6.76 17.68 43.70
C GLY E 72 7.29 18.89 44.45
N ILE E 73 7.82 18.67 45.65
CA ILE E 73 8.38 19.78 46.41
C ILE E 73 9.62 20.33 45.73
N ILE E 74 10.40 19.48 45.06
CA ILE E 74 11.62 19.92 44.42
C ILE E 74 11.32 20.82 43.22
N LEU E 75 10.42 20.38 42.34
CA LEU E 75 10.19 21.10 41.10
C LEU E 75 9.25 22.28 41.26
N ASN E 76 9.07 22.77 42.48
CA ASN E 76 8.21 23.92 42.72
C ASN E 76 9.07 25.13 43.09
N ASN E 77 8.76 26.28 42.48
CA ASN E 77 9.53 27.49 42.74
C ASN E 77 9.27 28.04 44.14
N HIS E 78 8.00 27.98 44.59
CA HIS E 78 7.60 28.68 45.81
C HIS E 78 8.43 28.23 47.01
N THR E 79 8.77 26.94 47.08
CA THR E 79 9.50 26.45 48.25
C THR E 79 10.87 27.09 48.35
N TRP E 80 11.51 27.36 47.22
CA TRP E 80 12.83 27.99 47.26
C TRP E 80 12.73 29.46 47.66
N ASN E 81 11.67 30.13 47.23
CA ASN E 81 11.37 31.46 47.78
C ASN E 81 11.23 31.40 49.29
N LEU E 82 10.49 30.40 49.78
CA LEU E 82 10.29 30.26 51.22
C LEU E 82 11.60 30.07 51.95
N VAL E 83 12.46 29.19 51.44
CA VAL E 83 13.73 28.94 52.12
C VAL E 83 14.66 30.14 52.01
N ALA E 84 14.60 30.90 50.92
CA ALA E 84 15.38 32.13 50.84
C ALA E 84 14.87 33.18 51.81
N GLU E 85 13.58 33.14 52.14
CA GLU E 85 13.05 34.07 53.13
C GLU E 85 13.59 33.78 54.53
N CYS E 86 14.01 32.54 54.79
CA CYS E 86 14.45 32.18 56.13
C CYS E 86 15.77 32.86 56.49
N GLN E 87 16.62 33.10 55.50
CA GLN E 87 17.92 33.71 55.73
C GLN E 87 17.79 35.12 56.31
N ALA E 97 -0.66 33.46 59.41
CA ALA E 97 -1.69 33.54 58.38
C ALA E 97 -1.14 33.44 56.93
N PRO E 98 -0.10 34.21 56.58
CA PRO E 98 0.46 34.06 55.22
C PRO E 98 1.12 32.72 55.00
N THR E 99 1.98 32.30 55.94
CA THR E 99 2.64 31.01 55.84
C THR E 99 1.62 29.89 55.63
N PHE E 100 0.44 30.04 56.21
CA PHE E 100 -0.63 29.06 55.98
C PHE E 100 -0.90 28.89 54.50
N LEU E 101 -1.19 29.98 53.79
CA LEU E 101 -1.55 29.86 52.38
C LEU E 101 -0.35 29.49 51.52
N LEU E 102 0.85 29.95 51.90
CA LEU E 102 2.05 29.54 51.16
C LEU E 102 2.25 28.03 51.24
N LEU E 103 2.29 27.49 52.46
CA LEU E 103 2.43 26.05 52.64
C LEU E 103 1.28 25.31 51.98
N SER E 104 0.07 25.88 52.00
CA SER E 104 -1.06 25.24 51.33
C SER E 104 -0.79 25.10 49.84
N SER E 105 -0.39 26.20 49.19
CA SER E 105 -0.09 26.15 47.76
C SER E 105 0.96 25.09 47.45
N ILE E 106 2.07 25.11 48.20
CA ILE E 106 3.17 24.20 47.87
C ILE E 106 2.77 22.76 48.13
N LEU E 107 2.18 22.48 49.30
CA LEU E 107 1.82 21.12 49.66
C LEU E 107 0.76 20.56 48.74
N GLY E 108 -0.14 21.41 48.22
CA GLY E 108 -1.12 20.93 47.27
C GLY E 108 -0.51 20.61 45.93
N ARG E 109 0.24 21.58 45.37
CA ARG E 109 0.89 21.35 44.08
C ARG E 109 1.82 20.14 44.14
N ALA E 110 2.28 19.80 45.34
CA ALA E 110 3.11 18.60 45.48
C ALA E 110 2.26 17.34 45.62
N ALA E 111 1.36 17.31 46.60
CA ALA E 111 0.60 16.12 46.92
C ALA E 111 -0.48 15.81 45.89
N VAL E 112 -0.53 16.55 44.78
CA VAL E 112 -1.40 16.14 43.68
C VAL E 112 -1.15 14.69 43.28
N ALA E 113 0.12 14.32 43.07
CA ALA E 113 0.46 13.02 42.49
C ALA E 113 0.45 11.82 43.45
N PRO E 114 0.97 11.94 44.68
CA PRO E 114 0.95 10.77 45.57
C PRO E 114 -0.44 10.29 45.89
N VAL E 115 -1.41 11.19 46.02
CA VAL E 115 -2.78 10.78 46.26
C VAL E 115 -3.32 10.01 45.06
N THR E 116 -2.99 10.48 43.85
CA THR E 116 -3.37 9.74 42.64
C THR E 116 -2.81 8.33 42.67
N TRP E 117 -1.52 8.19 42.94
CA TRP E 117 -0.92 6.85 43.00
C TRP E 117 -1.58 5.99 44.07
N SER E 118 -1.85 6.58 45.24
CA SER E 118 -2.41 5.83 46.34
C SER E 118 -3.81 5.32 46.01
N VAL E 119 -4.64 6.16 45.39
CA VAL E 119 -6.00 5.72 45.09
C VAL E 119 -5.99 4.73 43.94
N ILE E 120 -5.09 4.90 42.96
CA ILE E 120 -5.00 3.92 41.89
C ILE E 120 -4.55 2.57 42.45
N SER E 121 -3.74 2.59 43.50
CA SER E 121 -3.32 1.34 44.12
C SER E 121 -4.40 0.73 44.99
N LEU E 122 -5.22 1.56 45.65
CA LEU E 122 -6.28 1.03 46.49
C LEU E 122 -7.41 0.44 45.65
N LEU E 123 -7.80 1.12 44.57
CA LEU E 123 -8.92 0.63 43.76
C LEU E 123 -8.59 -0.73 43.15
N ARG E 124 -7.33 -0.95 42.77
CA ARG E 124 -6.95 -2.23 42.19
C ARG E 124 -7.02 -3.35 43.22
N GLY E 125 -7.03 -3.01 44.50
CA GLY E 125 -6.93 -4.01 45.53
C GLY E 125 -5.55 -4.65 45.51
N GLU E 126 -5.54 -5.94 45.83
CA GLU E 126 -4.36 -6.82 45.71
C GLU E 126 -3.12 -6.23 46.37
N ALA E 127 -3.33 -5.19 47.19
CA ALA E 127 -2.28 -4.66 48.05
C ALA E 127 -2.79 -4.59 49.48
N TYR E 128 -4.03 -4.11 49.64
CA TYR E 128 -4.65 -4.10 50.95
C TYR E 128 -4.87 -5.51 51.47
N VAL E 129 -5.29 -6.41 50.58
CA VAL E 129 -5.57 -7.79 51.00
C VAL E 129 -4.25 -8.49 51.33
N CYS E 130 -3.19 -8.20 50.59
CA CYS E 130 -1.91 -8.82 50.90
C CYS E 130 -1.38 -8.34 52.24
N ALA E 131 -1.78 -7.15 52.65
CA ALA E 131 -1.35 -6.63 53.95
C ALA E 131 -2.19 -7.21 55.07
N LEU E 132 -3.50 -6.98 55.03
CA LEU E 132 -4.38 -7.34 56.15
C LEU E 132 -5.00 -8.73 56.00
N SER E 133 -4.38 -9.61 55.22
CA SER E 133 -4.87 -10.99 55.18
C SER E 133 -4.70 -11.68 56.53
N GLU E 134 -3.56 -11.46 57.19
CA GLU E 134 -3.25 -12.20 58.40
C GLU E 134 -4.27 -11.94 59.51
N PHE E 135 -4.86 -10.75 59.54
CA PHE E 135 -5.74 -10.35 60.64
C PHE E 135 -7.18 -10.81 60.47
N VAL E 136 -7.51 -11.44 59.34
CA VAL E 136 -8.87 -11.93 59.12
C VAL E 136 -9.22 -12.91 60.25
N ASP E 137 -10.26 -12.57 61.01
CA ASP E 137 -10.65 -13.42 62.12
C ASP E 137 -11.07 -14.79 61.59
N PRO E 138 -10.46 -15.88 62.06
CA PRO E 138 -10.82 -17.20 61.53
C PRO E 138 -12.19 -17.67 61.97
N SER E 139 -12.71 -17.17 63.08
CA SER E 139 -13.98 -17.65 63.60
C SER E 139 -15.18 -17.15 62.80
N SER E 140 -15.26 -15.84 62.60
CA SER E 140 -16.50 -15.23 62.11
C SER E 140 -16.47 -15.07 60.60
N LEU E 141 -16.76 -16.15 59.88
CA LEU E 141 -17.04 -16.08 58.44
C LEU E 141 -17.76 -17.33 57.97
N THR E 142 -19.00 -17.17 57.51
CA THR E 142 -19.85 -18.31 57.20
C THR E 142 -19.40 -19.02 55.93
N ALA E 143 -19.40 -20.36 55.98
CA ALA E 143 -19.04 -21.19 54.83
C ALA E 143 -19.46 -22.63 55.07
N ARG E 144 -18.86 -23.54 54.30
CA ARG E 144 -19.07 -24.97 54.52
C ARG E 144 -18.46 -25.40 55.85
N GLU E 145 -18.55 -26.71 56.13
CA GLU E 145 -18.06 -27.25 57.39
C GLU E 145 -16.56 -27.05 57.52
N GLU E 146 -16.03 -27.45 58.68
CA GLU E 146 -14.64 -27.22 59.04
C GLU E 146 -14.34 -25.73 58.99
N HIS E 147 -14.98 -24.96 59.88
CA HIS E 147 -14.88 -23.50 59.91
C HIS E 147 -13.44 -23.03 59.78
N PHE E 148 -12.56 -23.43 60.71
CA PHE E 148 -11.14 -23.12 60.59
C PHE E 148 -10.36 -24.14 61.40
N PRO E 149 -9.32 -24.74 60.81
CA PRO E 149 -8.75 -25.96 61.42
C PRO E 149 -8.12 -25.76 62.79
N SER E 150 -7.12 -24.89 62.93
CA SER E 150 -6.33 -24.88 64.14
C SER E 150 -5.78 -23.49 64.41
N ALA E 151 -5.10 -23.36 65.55
CA ALA E 151 -4.43 -22.11 65.88
C ALA E 151 -3.18 -21.91 65.02
N HIS E 152 -2.47 -23.01 64.72
CA HIS E 152 -1.30 -22.92 63.85
C HIS E 152 -1.67 -22.57 62.43
N ALA E 153 -2.96 -22.59 62.10
CA ALA E 153 -3.41 -22.44 60.72
C ALA E 153 -3.50 -20.98 60.28
N THR E 154 -3.32 -20.01 61.16
CA THR E 154 -3.24 -18.62 60.72
C THR E 154 -2.21 -18.48 59.60
N GLU E 155 -1.15 -19.29 59.66
CA GLU E 155 -0.14 -19.28 58.61
C GLU E 155 -0.74 -19.67 57.27
N ILE E 156 -1.45 -20.79 57.20
CA ILE E 156 -2.08 -21.14 55.93
C ILE E 156 -3.20 -20.16 55.63
N LEU E 157 -3.65 -19.42 56.64
CA LEU E 157 -4.50 -18.27 56.39
C LEU E 157 -3.73 -17.17 55.68
N ALA E 158 -2.55 -16.81 56.20
CA ALA E 158 -1.76 -15.75 55.61
C ALA E 158 -1.41 -16.06 54.16
N ARG E 159 -1.30 -17.35 53.82
CA ARG E 159 -0.92 -17.75 52.48
C ARG E 159 -2.01 -17.46 51.45
N PHE E 160 -3.22 -17.11 51.91
CA PHE E 160 -4.39 -16.91 51.04
C PHE E 160 -4.13 -16.08 49.79
N PRO E 161 -3.34 -14.99 49.84
CA PRO E 161 -3.08 -14.26 48.59
C PRO E 161 -2.28 -15.06 47.57
N CYS E 162 -1.44 -15.99 48.01
CA CYS E 162 -0.77 -16.93 47.11
C CYS E 162 -1.80 -17.95 46.64
N LYS E 163 -1.41 -18.77 45.67
CA LYS E 163 -2.31 -19.77 45.07
C LYS E 163 -2.91 -20.60 46.21
N GLU E 164 -2.11 -21.38 46.94
CA GLU E 164 -2.49 -21.99 48.22
C GLU E 164 -3.93 -22.48 48.25
N ASN E 165 -4.28 -23.43 47.39
CA ASN E 165 -5.67 -23.83 47.28
C ASN E 165 -5.90 -25.29 47.65
N PRO E 166 -5.88 -25.65 48.93
CA PRO E 166 -6.34 -26.99 49.31
C PRO E 166 -7.84 -27.11 49.07
N ASP E 167 -8.26 -28.33 48.69
CA ASP E 167 -9.67 -28.57 48.40
C ASP E 167 -10.54 -28.19 49.59
N ASN E 168 -10.05 -28.41 50.81
CA ASN E 168 -10.82 -28.07 52.00
C ASN E 168 -10.92 -26.55 52.19
N LEU E 169 -10.15 -25.78 51.41
CA LEU E 169 -10.02 -24.35 51.66
C LEU E 169 -10.52 -23.46 50.52
N SER E 170 -10.18 -23.77 49.27
CA SER E 170 -10.33 -22.83 48.15
C SER E 170 -11.63 -22.00 48.19
N ASP E 171 -12.77 -22.66 48.34
CA ASP E 171 -14.04 -21.94 48.36
C ASP E 171 -14.14 -21.05 49.59
N PHE E 172 -13.81 -21.59 50.77
CA PHE E 172 -13.74 -20.79 51.99
C PHE E 172 -12.81 -19.61 51.83
N ARG E 173 -11.76 -19.77 51.02
CA ARG E 173 -10.78 -18.72 50.80
C ARG E 173 -11.35 -17.58 49.98
N GLU E 174 -12.01 -17.90 48.87
CA GLU E 174 -12.60 -16.90 47.97
C GLU E 174 -13.38 -15.85 48.75
N GLU E 175 -14.06 -16.28 49.81
CA GLU E 175 -14.81 -15.40 50.69
C GLU E 175 -13.91 -14.30 51.27
N VAL E 176 -12.74 -14.69 51.77
CA VAL E 176 -11.83 -13.72 52.38
C VAL E 176 -11.32 -12.74 51.33
N SER E 177 -10.97 -13.24 50.14
CA SER E 177 -10.52 -12.37 49.07
C SER E 177 -11.57 -11.29 48.76
N ARG E 178 -12.82 -11.71 48.61
CA ARG E 178 -13.87 -10.73 48.31
C ARG E 178 -14.07 -9.77 49.46
N ARG E 179 -14.12 -10.30 50.69
CA ARG E 179 -14.40 -9.46 51.85
C ARG E 179 -13.30 -8.44 52.10
N LEU E 180 -12.08 -8.73 51.63
CA LEU E 180 -11.00 -7.77 51.80
C LEU E 180 -10.96 -6.75 50.66
N ARG E 181 -11.13 -7.23 49.42
CA ARG E 181 -11.22 -6.31 48.30
C ARG E 181 -12.35 -5.30 48.50
N TYR E 182 -13.42 -5.72 49.17
CA TYR E 182 -14.48 -4.80 49.56
C TYR E 182 -13.93 -3.61 50.34
N GLU E 183 -13.25 -3.87 51.45
CA GLU E 183 -12.76 -2.78 52.29
C GLU E 183 -11.73 -1.94 51.54
N SER E 184 -10.91 -2.58 50.70
CA SER E 184 -9.92 -1.84 49.93
C SER E 184 -10.60 -0.81 49.01
N GLN E 185 -11.52 -1.27 48.16
CA GLN E 185 -12.16 -0.35 47.23
C GLN E 185 -13.01 0.68 47.96
N LEU E 186 -13.57 0.31 49.11
CA LEU E 186 -14.35 1.28 49.87
C LEU E 186 -13.47 2.41 50.39
N PHE E 187 -12.33 2.07 50.97
CA PHE E 187 -11.39 3.12 51.38
C PHE E 187 -10.94 3.96 50.21
N GLY E 188 -10.72 3.34 49.04
CA GLY E 188 -10.32 4.11 47.87
C GLY E 188 -11.36 5.15 47.48
N TRP E 189 -12.63 4.75 47.43
CA TRP E 189 -13.67 5.70 47.05
C TRP E 189 -13.84 6.79 48.10
N LEU E 190 -13.77 6.42 49.39
CA LEU E 190 -13.85 7.42 50.44
C LEU E 190 -12.70 8.43 50.34
N LEU E 191 -11.50 7.96 49.98
CA LEU E 191 -10.38 8.86 49.83
C LEU E 191 -10.58 9.82 48.67
N ILE E 192 -11.06 9.32 47.53
CA ILE E 192 -11.36 10.21 46.41
C ILE E 192 -12.37 11.27 46.81
N GLY E 193 -13.41 10.86 47.52
CA GLY E 193 -14.42 11.83 47.96
C GLY E 193 -13.85 12.90 48.87
N VAL E 194 -13.03 12.48 49.84
CA VAL E 194 -12.47 13.43 50.79
C VAL E 194 -11.52 14.40 50.08
N VAL E 195 -10.75 13.90 49.11
CA VAL E 195 -9.85 14.77 48.36
C VAL E 195 -10.65 15.81 47.59
N ALA E 196 -11.75 15.39 46.97
CA ALA E 196 -12.59 16.35 46.25
C ALA E 196 -13.15 17.40 47.20
N ILE E 197 -13.61 16.97 48.38
CA ILE E 197 -14.17 17.91 49.35
C ILE E 197 -13.11 18.91 49.80
N LEU E 198 -11.87 18.44 50.03
CA LEU E 198 -10.82 19.34 50.46
C LEU E 198 -10.46 20.34 49.36
N VAL E 199 -10.41 19.88 48.11
CA VAL E 199 -10.16 20.82 47.01
C VAL E 199 -11.22 21.90 46.97
N PHE E 200 -12.49 21.51 47.02
CA PHE E 200 -13.58 22.48 47.00
C PHE E 200 -13.54 23.43 48.18
N LEU E 201 -13.21 22.94 49.38
CA LEU E 201 -13.18 23.81 50.54
C LEU E 201 -11.99 24.76 50.53
N THR E 202 -10.81 24.32 50.10
CA THR E 202 -9.69 25.25 50.01
C THR E 202 -9.95 26.31 48.95
N LYS E 203 -10.61 25.94 47.85
CA LYS E 203 -11.04 26.94 46.88
C LYS E 203 -11.98 27.95 47.53
N CYS E 204 -13.12 27.47 48.06
CA CYS E 204 -14.13 28.36 48.62
C CYS E 204 -13.62 29.15 49.82
N LEU E 205 -12.50 28.75 50.42
CA LEU E 205 -11.95 29.50 51.54
C LEU E 205 -10.87 30.49 51.13
N LYS E 206 -10.16 30.23 50.04
CA LYS E 206 -9.18 31.19 49.55
C LYS E 206 -9.86 32.50 49.19
N HIS E 207 -10.83 32.44 48.27
CA HIS E 207 -11.49 33.65 47.79
C HIS E 207 -12.13 34.44 48.93
N TYR E 208 -12.96 33.78 49.74
CA TYR E 208 -13.71 34.49 50.77
C TYR E 208 -12.78 35.24 51.72
N CYS E 209 -11.55 34.78 51.89
CA CYS E 209 -10.57 35.45 52.73
C CYS E 209 -9.38 35.85 51.85
N SER E 210 -9.49 37.01 51.22
CA SER E 210 -8.46 37.58 50.38
C SER E 210 -8.78 39.06 50.17
N PRO E 211 -7.76 39.91 50.15
CA PRO E 211 -8.01 41.35 49.98
C PRO E 211 -8.47 41.68 48.57
N LEU E 212 -7.93 40.95 47.59
CA LEU E 212 -8.22 41.25 46.20
C LEU E 212 -9.63 40.83 45.81
N SER E 213 -10.06 41.31 44.65
CA SER E 213 -11.27 40.82 44.03
C SER E 213 -11.04 39.47 43.37
N TYR E 214 -12.04 39.03 42.62
CA TYR E 214 -11.94 37.73 41.96
C TYR E 214 -11.13 37.82 40.67
N ARG E 215 -11.33 38.86 39.88
CA ARG E 215 -10.71 38.91 38.56
C ARG E 215 -9.28 39.44 38.65
N GLN E 216 -9.02 40.31 39.62
CA GLN E 216 -7.68 40.86 39.80
C GLN E 216 -6.67 39.75 40.07
N GLU E 217 -7.11 38.67 40.70
CA GLU E 217 -6.20 37.57 40.98
C GLU E 217 -5.85 36.81 39.71
N ALA E 218 -6.81 36.65 38.80
CA ALA E 218 -6.50 36.03 37.52
C ALA E 218 -5.53 36.89 36.73
N TYR E 219 -5.76 38.20 36.73
CA TYR E 219 -4.82 39.11 36.09
C TYR E 219 -3.43 38.99 36.72
N TRP E 220 -3.39 38.86 38.04
CA TRP E 220 -2.12 38.70 38.75
C TRP E 220 -1.40 37.44 38.31
N ALA E 221 -2.14 36.32 38.18
CA ALA E 221 -1.50 35.08 37.77
C ALA E 221 -0.94 35.18 36.35
N GLN E 222 -1.70 35.81 35.45
CA GLN E 222 -1.20 36.01 34.09
C GLN E 222 0.07 36.84 34.11
N TYR E 223 0.09 37.91 34.92
CA TYR E 223 1.27 38.75 35.00
C TYR E 223 2.46 37.98 35.53
N ARG E 224 2.24 37.15 36.54
CA ARG E 224 3.34 36.38 37.11
C ARG E 224 3.94 35.43 36.09
N ALA E 225 3.10 34.70 35.36
CA ALA E 225 3.62 33.79 34.35
C ALA E 225 4.40 34.53 33.28
N ASN E 226 3.86 35.66 32.81
CA ASN E 226 4.54 36.40 31.75
C ASN E 226 5.87 36.96 32.24
N GLU E 227 5.90 37.46 33.48
CA GLU E 227 7.15 37.98 34.02
C GLU E 227 8.20 36.89 34.14
N ASP E 228 7.80 35.72 34.63
CA ASP E 228 8.76 34.61 34.75
C ASP E 228 9.36 34.27 33.40
N GLN E 229 8.51 34.12 32.37
CA GLN E 229 9.02 33.72 31.07
C GLN E 229 9.96 34.77 30.49
N LEU E 230 9.54 36.04 30.52
CA LEU E 230 10.36 37.10 29.94
C LEU E 230 11.67 37.24 30.68
N PHE E 231 11.64 37.12 32.01
CA PHE E 231 12.87 37.26 32.78
C PHE E 231 13.84 36.14 32.47
N GLN E 232 13.36 34.91 32.39
CA GLN E 232 14.25 33.80 32.06
C GLN E 232 14.91 34.01 30.70
N ARG E 233 14.10 34.28 29.67
CA ARG E 233 14.67 34.42 28.34
C ARG E 233 15.68 35.57 28.27
N THR E 234 15.34 36.71 28.89
CA THR E 234 16.23 37.86 28.83
C THR E 234 17.53 37.59 29.58
N ALA E 235 17.45 36.95 30.74
CA ALA E 235 18.67 36.62 31.46
C ALA E 235 19.56 35.72 30.64
N GLU E 236 18.97 34.77 29.91
CA GLU E 236 19.78 33.89 29.07
C GLU E 236 20.50 34.68 27.98
N VAL E 237 19.77 35.54 27.27
CA VAL E 237 20.40 36.32 26.20
C VAL E 237 21.52 37.20 26.74
N HIS E 238 21.26 37.87 27.87
CA HIS E 238 22.26 38.75 28.46
C HIS E 238 23.51 37.98 28.87
N SER E 239 23.32 36.81 29.49
CA SER E 239 24.46 35.99 29.86
C SER E 239 25.28 35.60 28.64
N ARG E 240 24.61 35.14 27.58
CA ARG E 240 25.36 34.74 26.38
C ARG E 240 26.15 35.91 25.81
N VAL E 241 25.58 37.12 25.84
CA VAL E 241 26.30 38.28 25.32
C VAL E 241 27.53 38.59 26.17
N LEU E 242 27.39 38.54 27.50
CA LEU E 242 28.53 38.77 28.36
C LEU E 242 29.62 37.73 28.12
N ALA E 243 29.22 36.47 27.93
CA ALA E 243 30.19 35.42 27.65
C ALA E 243 30.91 35.67 26.34
N ALA E 244 30.18 36.15 25.33
CA ALA E 244 30.82 36.45 24.05
C ALA E 244 31.85 37.56 24.20
N ASN E 245 31.52 38.61 24.96
CA ASN E 245 32.50 39.66 25.21
C ASN E 245 33.74 39.10 25.89
N ASN E 246 33.55 38.28 26.94
CA ASN E 246 34.68 37.70 27.65
C ASN E 246 35.56 36.89 26.73
N VAL E 247 34.95 36.04 25.90
CA VAL E 247 35.73 35.22 24.97
C VAL E 247 36.50 36.11 24.00
N ARG E 248 35.80 37.01 23.31
CA ARG E 248 36.45 37.88 22.33
C ARG E 248 37.64 38.62 22.93
N ARG E 249 37.58 38.93 24.22
CA ARG E 249 38.76 39.58 24.79
C ARG E 249 39.97 38.65 24.89
N PHE E 250 39.83 37.36 24.57
CA PHE E 250 40.94 36.43 24.70
C PHE E 250 41.62 36.16 23.36
N PHE E 251 40.87 35.65 22.38
CA PHE E 251 41.47 35.28 21.11
C PHE E 251 41.67 36.49 20.22
N GLY E 252 40.67 37.34 20.11
CA GLY E 252 40.74 38.49 19.23
C GLY E 252 39.50 38.56 18.34
N PHE E 253 38.70 37.51 18.41
CA PHE E 253 37.48 37.41 17.61
C PHE E 253 36.66 36.26 18.15
N VAL E 254 35.37 36.45 18.24
CA VAL E 254 34.48 35.36 18.64
C VAL E 254 33.84 34.77 17.39
N ALA E 255 33.30 33.56 17.52
CA ALA E 255 32.69 32.85 16.42
C ALA E 255 31.22 32.61 16.74
N LEU E 256 30.33 33.04 15.85
CA LEU E 256 28.91 33.05 16.13
C LEU E 256 28.14 32.52 14.93
N ASN E 257 26.88 32.15 15.19
CA ASN E 257 25.94 31.86 14.14
C ASN E 257 25.35 33.16 13.61
N LYS E 258 24.31 33.06 12.78
CA LYS E 258 23.60 34.26 12.35
C LYS E 258 22.72 34.79 13.46
N ASP E 259 22.05 33.91 14.18
CA ASP E 259 21.21 34.31 15.30
C ASP E 259 22.02 35.10 16.33
N ASP E 260 23.08 34.49 16.85
CA ASP E 260 23.93 35.17 17.82
C ASP E 260 24.55 36.43 17.25
N GLU E 261 24.83 36.44 15.94
CA GLU E 261 25.34 37.66 15.31
C GLU E 261 24.36 38.80 15.47
N GLU E 262 23.09 38.56 15.12
CA GLU E 262 22.07 39.59 15.29
C GLU E 262 21.91 39.96 16.75
N LEU E 263 22.00 38.98 17.63
CA LEU E 263 21.87 39.25 19.07
C LEU E 263 22.92 40.24 19.53
N ILE E 264 24.19 39.95 19.26
CA ILE E 264 25.26 40.83 19.71
C ILE E 264 25.26 42.14 18.93
N ALA E 265 24.61 42.15 17.77
CA ALA E 265 24.46 43.40 17.03
C ALA E 265 23.45 44.32 17.70
N ASN E 266 22.35 43.75 18.19
CA ASN E 266 21.29 44.56 18.78
C ASN E 266 21.64 44.99 20.20
N PHE E 267 21.84 44.03 21.09
CA PHE E 267 21.91 44.30 22.53
C PHE E 267 23.35 44.42 23.00
N PRO E 268 23.84 45.62 23.32
CA PRO E 268 25.14 45.72 23.99
C PRO E 268 24.99 45.32 25.45
N VAL E 269 26.13 45.10 26.12
CA VAL E 269 26.13 44.68 27.52
C VAL E 269 27.44 45.13 28.14
N GLU E 270 27.38 45.51 29.41
CA GLU E 270 28.57 45.95 30.14
C GLU E 270 28.89 45.00 31.28
N GLY E 271 27.90 44.77 32.13
CA GLY E 271 28.10 43.98 33.33
C GLY E 271 26.84 44.03 34.18
N THR E 272 26.50 42.89 34.75
CA THR E 272 25.22 42.72 35.44
C THR E 272 25.18 43.60 36.69
N GLN E 273 23.97 43.88 37.17
CA GLN E 273 23.81 44.73 38.33
C GLN E 273 24.44 44.08 39.56
N PRO E 274 24.74 44.87 40.60
CA PRO E 274 25.41 44.32 41.78
C PRO E 274 24.54 43.31 42.50
N ARG E 275 25.11 42.76 43.57
CA ARG E 275 24.44 41.71 44.32
C ARG E 275 23.24 42.22 45.13
N PRO E 276 23.29 43.39 45.79
CA PRO E 276 22.08 43.87 46.47
C PRO E 276 20.86 43.93 45.56
N GLN E 277 21.03 44.36 44.31
CA GLN E 277 19.90 44.40 43.39
C GLN E 277 19.35 43.00 43.15
N TRP E 278 20.21 42.03 42.86
CA TRP E 278 19.77 40.66 42.71
C TRP E 278 19.03 40.18 43.95
N ASN E 279 19.43 40.66 45.12
CA ASN E 279 18.78 40.23 46.36
C ASN E 279 17.40 40.85 46.48
N ALA E 280 17.25 42.12 46.09
CA ALA E 280 15.95 42.78 46.22
C ALA E 280 14.89 42.09 45.39
N ILE E 281 15.30 41.27 44.41
CA ILE E 281 14.32 40.64 43.53
C ILE E 281 13.78 39.36 44.15
N THR E 282 14.64 38.55 44.73
CA THR E 282 14.24 37.24 45.23
C THR E 282 13.41 37.40 46.50
N GLY E 283 12.63 36.37 46.82
CA GLY E 283 11.83 36.32 48.01
C GLY E 283 10.37 36.04 47.68
N VAL E 284 9.57 35.99 48.74
CA VAL E 284 8.14 35.83 48.60
C VAL E 284 7.50 37.20 48.69
N TYR E 285 6.38 37.39 47.99
CA TYR E 285 5.77 38.70 47.87
C TYR E 285 4.30 38.61 48.28
N LEU E 286 3.93 39.41 49.27
CA LEU E 286 2.53 39.62 49.60
C LEU E 286 2.05 40.91 48.92
N TYR E 287 0.78 40.91 48.52
CA TYR E 287 0.26 42.00 47.71
C TYR E 287 0.36 43.32 48.47
N ARG E 288 1.23 44.20 48.00
CA ARG E 288 1.42 45.52 48.58
C ARG E 288 0.96 46.58 47.60
N GLU E 289 0.27 47.59 48.12
CA GLU E 289 -0.19 48.70 47.31
C GLU E 289 0.68 49.91 47.54
N ASN E 290 1.00 50.60 46.46
CA ASN E 290 1.61 51.92 46.53
C ASN E 290 0.51 52.93 46.82
N GLN E 291 0.81 54.22 46.69
CA GLN E 291 -0.22 55.23 46.90
C GLN E 291 -1.20 55.17 45.75
N GLY E 292 -2.27 54.39 45.92
CA GLY E 292 -3.23 54.18 44.87
C GLY E 292 -2.96 52.97 44.01
N LEU E 293 -1.89 53.03 43.21
CA LEU E 293 -1.60 51.96 42.27
C LEU E 293 -1.17 50.69 43.01
N PRO E 294 -1.41 49.53 42.40
CA PRO E 294 -0.98 48.27 43.01
C PRO E 294 0.40 47.83 42.53
N LEU E 295 1.06 46.99 43.32
CA LEU E 295 2.36 46.41 42.95
C LEU E 295 2.24 44.90 42.95
N TYR E 296 2.52 44.28 41.80
CA TYR E 296 2.18 42.89 41.59
C TYR E 296 3.34 41.92 41.80
N SER E 297 4.53 42.40 42.14
CA SER E 297 5.67 41.53 42.38
C SER E 297 6.83 42.38 42.89
N ARG E 298 7.80 41.71 43.52
CA ARG E 298 8.95 42.42 44.06
C ARG E 298 9.74 43.11 42.95
N LEU E 299 9.83 42.50 41.78
CA LEU E 299 10.45 43.18 40.64
C LEU E 299 9.71 44.46 40.31
N HIS E 300 8.38 44.42 40.32
CA HIS E 300 7.60 45.62 40.11
C HIS E 300 7.88 46.63 41.22
N LYS E 301 7.83 46.21 42.48
CA LYS E 301 8.14 47.08 43.60
C LYS E 301 9.49 47.76 43.45
N TRP E 302 10.47 47.08 42.86
CA TRP E 302 11.80 47.66 42.69
C TRP E 302 11.89 48.55 41.46
N ALA E 303 11.11 48.28 40.42
CA ALA E 303 11.16 49.10 39.21
C ALA E 303 10.64 50.50 39.45
N GLN E 304 9.76 50.69 40.44
CA GLN E 304 9.20 52.01 40.69
C GLN E 304 10.17 52.87 41.47
N GLY E 305 10.57 52.43 42.66
CA GLY E 305 11.46 53.20 43.51
C GLY E 305 12.81 53.49 42.90
N ASN F 25 19.89 15.35 30.65
CA ASN F 25 18.74 14.65 31.21
C ASN F 25 18.32 13.50 30.31
N GLY F 26 18.17 13.78 29.02
CA GLY F 26 17.80 12.74 28.07
C GLY F 26 18.87 11.66 27.95
N LEU F 27 20.13 12.05 28.09
CA LEU F 27 21.21 11.07 28.08
C LEU F 27 21.06 10.09 29.23
N VAL F 28 20.52 10.54 30.37
CA VAL F 28 20.26 9.63 31.47
C VAL F 28 19.21 8.60 31.08
N ALA F 29 18.17 9.03 30.38
CA ALA F 29 17.14 8.09 29.93
C ALA F 29 17.69 7.10 28.91
N LEU F 30 18.54 7.59 28.00
CA LEU F 30 19.19 6.69 27.04
C LEU F 30 20.06 5.67 27.76
N GLY F 31 20.83 6.10 28.75
CA GLY F 31 21.63 5.18 29.53
C GLY F 31 20.78 4.18 30.31
N THR F 32 19.60 4.62 30.77
CA THR F 32 18.71 3.71 31.47
C THR F 32 18.16 2.64 30.54
N VAL F 33 17.73 3.03 29.34
CA VAL F 33 17.28 2.06 28.36
C VAL F 33 18.41 1.11 27.99
N GLY F 34 19.63 1.65 27.84
CA GLY F 34 20.77 0.80 27.55
C GLY F 34 21.06 -0.18 28.67
N SER F 35 20.91 0.26 29.92
CA SER F 35 21.12 -0.63 31.06
C SER F 35 20.06 -1.72 31.10
N GLN F 36 18.82 -1.38 30.77
CA GLN F 36 17.77 -2.39 30.70
C GLN F 36 18.09 -3.44 29.64
N GLU F 37 18.44 -2.98 28.43
CA GLU F 37 18.77 -3.92 27.37
C GLU F 37 20.01 -4.73 27.70
N LEU F 38 20.95 -4.13 28.43
CA LEU F 38 22.17 -4.84 28.81
C LEU F 38 21.86 -5.91 29.85
N PHE F 39 20.98 -5.60 30.81
CA PHE F 39 20.54 -6.62 31.76
C PHE F 39 19.79 -7.74 31.04
N SER F 40 19.04 -7.39 30.00
CA SER F 40 18.30 -8.42 29.25
C SER F 40 19.24 -9.33 28.46
N VAL F 41 20.33 -8.76 27.90
CA VAL F 41 21.20 -9.53 27.02
C VAL F 41 22.45 -10.07 27.70
N VAL F 42 22.70 -9.71 28.96
CA VAL F 42 23.92 -10.10 29.64
C VAL F 42 23.73 -11.50 30.23
N ALA F 43 22.47 -11.91 30.37
CA ALA F 43 22.12 -13.27 30.78
C ALA F 43 22.73 -13.65 32.13
N PHE F 44 22.30 -12.97 33.19
CA PHE F 44 22.66 -13.39 34.54
C PHE F 44 22.39 -14.88 34.71
N HIS F 45 23.44 -15.62 35.09
CA HIS F 45 23.38 -17.08 35.19
C HIS F 45 23.85 -17.45 36.60
N CYS F 46 22.89 -17.71 37.47
CA CYS F 46 23.18 -18.00 38.87
C CYS F 46 23.78 -19.38 39.02
N PRO F 47 25.05 -19.49 39.40
CA PRO F 47 25.59 -20.80 39.77
C PRO F 47 25.05 -21.20 41.14
N CYS F 48 24.66 -22.46 41.26
CA CYS F 48 24.22 -23.00 42.54
C CYS F 48 25.30 -23.91 43.09
N SER F 49 26.00 -23.42 44.12
CA SER F 49 27.08 -24.09 44.83
C SER F 49 27.33 -23.30 46.10
N PRO F 50 27.83 -23.94 47.17
CA PRO F 50 27.79 -23.28 48.50
C PRO F 50 28.49 -21.93 48.59
N ALA F 51 29.77 -21.87 48.25
CA ALA F 51 30.55 -20.66 48.50
C ALA F 51 30.47 -19.65 47.37
N ARG F 52 30.40 -20.12 46.12
CA ARG F 52 30.54 -19.23 44.97
C ARG F 52 29.32 -18.33 44.78
N ASN F 53 28.22 -18.64 45.48
CA ASN F 53 26.97 -17.93 45.25
C ASN F 53 27.12 -16.43 45.46
N TYR F 54 27.38 -16.02 46.69
CA TYR F 54 27.38 -14.59 47.00
C TYR F 54 28.56 -13.89 46.36
N LEU F 55 29.67 -14.61 46.15
CA LEU F 55 30.79 -14.04 45.40
C LEU F 55 30.35 -13.63 43.99
N TYR F 56 29.72 -14.56 43.27
CA TYR F 56 29.29 -14.23 41.91
C TYR F 56 28.24 -13.14 41.91
N GLY F 57 27.31 -13.19 42.86
CA GLY F 57 26.32 -12.13 42.94
C GLY F 57 26.94 -10.77 43.16
N LEU F 58 27.77 -10.65 44.18
CA LEU F 58 28.47 -9.40 44.47
C LEU F 58 29.20 -8.89 43.23
N ALA F 59 29.99 -9.75 42.59
CA ALA F 59 30.77 -9.29 41.44
C ALA F 59 29.87 -8.84 40.30
N ALA F 60 28.92 -9.70 39.90
CA ALA F 60 28.12 -9.40 38.72
C ALA F 60 27.20 -8.21 38.93
N ILE F 61 26.92 -7.87 40.19
CA ILE F 61 26.00 -6.76 40.43
C ILE F 61 26.75 -5.48 40.76
N GLY F 62 28.00 -5.59 41.23
CA GLY F 62 28.71 -4.40 41.61
C GLY F 62 29.91 -4.03 40.77
N VAL F 63 30.29 -4.82 39.78
CA VAL F 63 31.38 -4.43 38.89
C VAL F 63 30.87 -3.45 37.84
N PRO F 64 29.74 -3.70 37.16
CA PRO F 64 29.22 -2.66 36.26
C PRO F 64 28.88 -1.37 36.98
N ALA F 65 28.56 -1.44 38.28
CA ALA F 65 28.44 -0.23 39.08
C ALA F 65 29.74 0.55 39.07
N LEU F 66 30.86 -0.13 39.34
CA LEU F 66 32.16 0.54 39.31
C LEU F 66 32.46 1.10 37.94
N VAL F 67 32.11 0.36 36.88
CA VAL F 67 32.38 0.83 35.52
C VAL F 67 31.61 2.12 35.24
N LEU F 68 30.31 2.14 35.58
CA LEU F 68 29.50 3.32 35.33
C LEU F 68 29.96 4.50 36.18
N PHE F 69 30.38 4.23 37.42
CA PHE F 69 30.93 5.28 38.27
C PHE F 69 32.19 5.88 37.64
N ILE F 70 33.07 5.03 37.13
CA ILE F 70 34.30 5.52 36.51
C ILE F 70 33.98 6.34 35.27
N ILE F 71 33.06 5.85 34.44
CA ILE F 71 32.68 6.62 33.25
C ILE F 71 32.11 7.98 33.65
N GLY F 72 31.27 8.01 34.69
CA GLY F 72 30.74 9.27 35.15
C GLY F 72 31.82 10.25 35.59
N ILE F 73 32.81 9.76 36.33
CA ILE F 73 33.89 10.64 36.75
C ILE F 73 34.72 11.09 35.56
N ILE F 74 34.86 10.22 34.54
CA ILE F 74 35.68 10.56 33.38
C ILE F 74 35.03 11.67 32.57
N LEU F 75 33.75 11.52 32.25
CA LEU F 75 33.08 12.44 31.33
C LEU F 75 32.63 13.73 32.01
N ASN F 76 33.18 14.05 33.18
CA ASN F 76 32.83 15.27 33.87
C ASN F 76 33.99 16.25 33.82
N ASN F 77 33.68 17.51 33.51
CA ASN F 77 34.72 18.53 33.40
C ASN F 77 35.31 18.90 34.76
N HIS F 78 34.45 18.97 35.78
CA HIS F 78 34.87 19.53 37.07
C HIS F 78 36.05 18.77 37.66
N THR F 79 36.10 17.45 37.49
CA THR F 79 37.19 16.68 38.08
C THR F 79 38.53 17.07 37.51
N TRP F 80 38.58 17.41 36.21
CA TRP F 80 39.84 17.79 35.61
C TRP F 80 40.28 19.18 36.07
N ASN F 81 39.31 20.08 36.28
CA ASN F 81 39.62 21.33 36.96
C ASN F 81 40.23 21.06 38.33
N LEU F 82 39.63 20.13 39.08
CA LEU F 82 40.14 19.82 40.41
C LEU F 82 41.56 19.31 40.35
N VAL F 83 41.85 18.38 39.44
CA VAL F 83 43.19 17.83 39.36
C VAL F 83 44.20 18.87 38.84
N ALA F 84 43.76 19.79 37.98
CA ALA F 84 44.65 20.87 37.57
C ALA F 84 44.93 21.83 38.71
N GLU F 85 44.00 21.95 39.65
CA GLU F 85 44.23 22.79 40.82
C GLU F 85 45.31 22.20 41.73
N CYS F 86 45.53 20.89 41.68
CA CYS F 86 46.48 20.26 42.58
C CYS F 86 47.91 20.65 42.24
N GLN F 87 48.20 20.90 40.97
CA GLN F 87 49.55 21.25 40.54
C GLN F 87 50.01 22.57 41.17
N ALA F 97 35.63 23.45 53.21
CA ALA F 97 34.26 23.85 52.85
C ALA F 97 34.00 23.87 51.33
N PRO F 98 34.87 24.52 50.54
CA PRO F 98 34.64 24.50 49.08
C PRO F 98 34.80 23.10 48.48
N THR F 99 35.90 22.42 48.82
CA THR F 99 36.12 21.06 48.33
C THR F 99 34.93 20.17 48.62
N PHE F 100 34.23 20.42 49.73
CA PHE F 100 33.02 19.67 50.04
C PHE F 100 32.01 19.78 48.90
N LEU F 101 31.66 21.00 48.49
CA LEU F 101 30.65 21.16 47.46
C LEU F 101 31.15 20.73 46.08
N LEU F 102 32.45 20.93 45.82
CA LEU F 102 33.01 20.45 44.55
C LEU F 102 32.89 18.93 44.44
N LEU F 103 33.41 18.21 45.44
CA LEU F 103 33.30 16.76 45.46
C LEU F 103 31.84 16.32 45.44
N SER F 104 30.96 17.07 46.10
CA SER F 104 29.54 16.74 46.08
C SER F 104 29.00 16.78 44.66
N SER F 105 29.26 17.88 43.95
CA SER F 105 28.79 18.01 42.56
C SER F 105 29.30 16.85 41.72
N ILE F 106 30.61 16.58 41.78
CA ILE F 106 31.17 15.56 40.89
C ILE F 106 30.66 14.17 41.25
N LEU F 107 30.68 13.83 42.54
CA LEU F 107 30.26 12.50 42.97
C LEU F 107 28.77 12.27 42.69
N GLY F 108 27.96 13.32 42.76
CA GLY F 108 26.56 13.15 42.42
C GLY F 108 26.34 12.95 40.94
N ARG F 109 26.90 13.86 40.12
CA ARG F 109 26.77 13.73 38.68
C ARG F 109 27.32 12.40 38.19
N ALA F 110 28.23 11.80 38.96
CA ALA F 110 28.74 10.48 38.60
C ALA F 110 27.81 9.38 39.09
N ALA F 111 27.54 9.34 40.39
CA ALA F 111 26.79 8.25 40.99
C ALA F 111 25.30 8.28 40.65
N VAL F 112 24.87 9.17 39.77
CA VAL F 112 23.51 9.09 39.25
C VAL F 112 23.22 7.68 38.71
N ALA F 113 24.10 7.16 37.86
CA ALA F 113 23.83 5.92 37.12
C ALA F 113 24.03 4.62 37.89
N PRO F 114 25.10 4.45 38.68
CA PRO F 114 25.27 3.18 39.39
C PRO F 114 24.14 2.88 40.36
N VAL F 115 23.58 3.91 41.01
CA VAL F 115 22.46 3.68 41.90
C VAL F 115 21.24 3.21 41.11
N THR F 116 21.03 3.79 39.92
CA THR F 116 19.97 3.32 39.05
C THR F 116 20.13 1.85 38.71
N TRP F 117 21.34 1.46 38.28
CA TRP F 117 21.56 0.05 37.95
C TRP F 117 21.35 -0.84 39.16
N SER F 118 21.84 -0.41 40.33
CA SER F 118 21.74 -1.22 41.54
C SER F 118 20.28 -1.43 41.94
N VAL F 119 19.46 -0.39 41.88
CA VAL F 119 18.08 -0.54 42.29
C VAL F 119 17.29 -1.34 41.25
N ILE F 120 17.61 -1.17 39.96
CA ILE F 120 16.96 -1.98 38.95
C ILE F 120 17.31 -3.45 39.13
N SER F 121 18.52 -3.73 39.62
CA SER F 121 18.91 -5.12 39.86
C SER F 121 18.30 -5.66 41.15
N LEU F 122 18.12 -4.82 42.16
CA LEU F 122 17.51 -5.29 43.40
C LEU F 122 16.02 -5.56 43.24
N LEU F 123 15.30 -4.67 42.55
CA LEU F 123 13.86 -4.84 42.40
C LEU F 123 13.54 -6.13 41.64
N ARG F 124 14.36 -6.48 40.65
CA ARG F 124 14.12 -7.71 39.90
C ARG F 124 14.32 -8.94 40.77
N GLY F 125 15.02 -8.80 41.89
CA GLY F 125 15.39 -9.95 42.66
C GLY F 125 16.41 -10.80 41.92
N GLU F 126 16.31 -12.12 42.11
CA GLU F 126 17.04 -13.14 41.36
C GLU F 126 18.54 -12.86 41.33
N ALA F 127 19.00 -11.94 42.18
CA ALA F 127 20.42 -11.72 42.40
C ALA F 127 20.71 -11.80 43.89
N TYR F 128 19.85 -11.16 44.69
CA TYR F 128 19.97 -11.24 46.13
C TYR F 128 19.73 -12.66 46.63
N VAL F 129 18.74 -13.34 46.04
CA VAL F 129 18.43 -14.69 46.46
C VAL F 129 19.54 -15.65 46.05
N CYS F 130 20.13 -15.42 44.87
CA CYS F 130 21.23 -16.29 44.45
C CYS F 130 22.44 -16.11 45.34
N ALA F 131 22.57 -14.93 45.98
CA ALA F 131 23.68 -14.70 46.88
C ALA F 131 23.40 -15.30 48.25
N LEU F 132 22.33 -14.86 48.91
CA LEU F 132 22.06 -15.24 50.29
C LEU F 132 21.16 -16.46 50.41
N SER F 133 21.10 -17.32 49.38
CA SER F 133 20.38 -18.57 49.54
C SER F 133 21.04 -19.47 50.56
N GLU F 134 22.36 -19.55 50.56
CA GLU F 134 23.06 -20.50 51.40
C GLU F 134 22.81 -20.25 52.89
N PHE F 135 22.58 -19.00 53.27
CA PHE F 135 22.47 -18.64 54.68
C PHE F 135 21.08 -18.83 55.25
N VAL F 136 20.09 -19.22 54.43
CA VAL F 136 18.74 -19.45 54.92
C VAL F 136 18.79 -20.51 56.00
N ASP F 137 18.36 -20.14 57.21
CA ASP F 137 18.39 -21.08 58.32
C ASP F 137 17.48 -22.26 58.02
N PRO F 138 17.99 -23.48 58.05
CA PRO F 138 17.14 -24.63 57.71
C PRO F 138 16.10 -24.95 58.77
N SER F 139 16.31 -24.54 60.01
CA SER F 139 15.40 -24.88 61.09
C SER F 139 14.10 -24.09 61.03
N SER F 140 14.21 -22.75 60.99
CA SER F 140 13.06 -21.90 61.23
C SER F 140 12.37 -21.51 59.92
N LEU F 141 11.54 -22.41 59.40
CA LEU F 141 10.62 -22.07 58.32
C LEU F 141 9.50 -23.11 58.22
N THR F 142 8.27 -22.68 58.47
CA THR F 142 7.15 -23.61 58.58
C THR F 142 6.76 -24.17 57.22
N ALA F 143 6.49 -25.49 57.20
CA ALA F 143 6.04 -26.17 56.00
C ALA F 143 5.51 -27.55 56.33
N ARG F 144 5.43 -28.43 55.33
CA ARG F 144 5.04 -29.81 55.55
C ARG F 144 6.12 -30.54 56.35
N GLU F 145 5.90 -31.84 56.57
CA GLU F 145 6.81 -32.64 57.38
C GLU F 145 8.20 -32.71 56.73
N GLU F 146 9.12 -33.35 57.44
CA GLU F 146 10.52 -33.41 57.03
C GLU F 146 11.08 -31.99 56.92
N HIS F 147 11.13 -31.28 58.04
CA HIS F 147 11.56 -29.88 58.09
C HIS F 147 12.82 -29.63 57.27
N PHE F 148 13.91 -30.30 57.59
CA PHE F 148 15.12 -30.21 56.77
C PHE F 148 15.96 -31.45 57.01
N PRO F 149 16.42 -32.12 55.95
CA PRO F 149 16.93 -33.50 56.12
C PRO F 149 18.18 -33.62 56.98
N SER F 150 19.27 -32.94 56.63
CA SER F 150 20.55 -33.25 57.27
C SER F 150 21.44 -32.02 57.29
N ALA F 151 22.60 -32.18 57.92
CA ALA F 151 23.61 -31.12 57.92
C ALA F 151 24.27 -31.00 56.55
N HIS F 152 24.49 -32.13 55.88
CA HIS F 152 25.07 -32.11 54.54
C HIS F 152 24.12 -31.48 53.52
N ALA F 153 22.87 -31.25 53.90
CA ALA F 153 21.86 -30.81 52.95
C ALA F 153 21.88 -29.31 52.69
N THR F 154 22.68 -28.52 53.42
CA THR F 154 22.82 -27.12 53.06
C THR F 154 23.16 -26.98 51.58
N GLU F 155 23.92 -27.94 51.05
CA GLU F 155 24.25 -27.94 49.63
C GLU F 155 23.01 -28.01 48.76
N ILE F 156 22.13 -28.99 49.01
CA ILE F 156 20.90 -29.03 48.24
C ILE F 156 20.02 -27.85 48.60
N LEU F 157 20.30 -27.21 49.74
CA LEU F 157 19.70 -25.91 50.01
C LEU F 157 20.24 -24.86 49.05
N ALA F 158 21.58 -24.77 48.93
CA ALA F 158 22.17 -23.77 48.06
C ALA F 158 21.69 -23.91 46.63
N ARG F 159 21.34 -25.13 46.22
CA ARG F 159 20.91 -25.39 44.85
C ARG F 159 19.55 -24.77 44.54
N PHE F 160 18.83 -24.31 45.57
CA PHE F 160 17.47 -23.79 45.44
C PHE F 160 17.24 -22.82 44.28
N PRO F 161 18.16 -21.90 43.97
CA PRO F 161 17.93 -21.03 42.80
C PRO F 161 17.93 -21.79 41.48
N CYS F 162 18.65 -22.90 41.38
CA CYS F 162 18.57 -23.78 40.22
C CYS F 162 17.26 -24.54 40.28
N LYS F 163 16.93 -25.26 39.21
CA LYS F 163 15.66 -26.00 39.11
C LYS F 163 15.54 -26.87 40.35
N GLU F 164 16.41 -27.88 40.53
CA GLU F 164 16.58 -28.61 41.80
C GLU F 164 15.27 -28.87 42.53
N ASN F 165 14.35 -29.61 41.93
CA ASN F 165 13.03 -29.74 42.54
C ASN F 165 12.70 -31.20 42.89
N PRO F 166 13.27 -31.75 43.96
CA PRO F 166 12.78 -33.03 44.46
C PRO F 166 11.38 -32.88 45.00
N ASP F 167 10.57 -33.93 44.84
CA ASP F 167 9.19 -33.90 45.30
C ASP F 167 9.12 -33.56 46.79
N ASN F 168 10.08 -34.05 47.58
CA ASN F 168 10.09 -33.77 49.00
C ASN F 168 10.43 -32.31 49.29
N LEU F 169 10.87 -31.56 48.27
CA LEU F 169 11.40 -30.23 48.49
C LEU F 169 10.61 -29.11 47.82
N SER F 170 10.22 -29.27 46.55
CA SER F 170 9.75 -28.16 45.72
C SER F 170 8.86 -27.15 46.45
N ASP F 171 7.82 -27.63 47.15
CA ASP F 171 6.92 -26.72 47.85
C ASP F 171 7.63 -26.03 49.00
N PHE F 172 8.37 -26.79 49.80
CA PHE F 172 9.20 -26.21 50.86
C PHE F 172 10.17 -25.17 50.30
N ARG F 173 10.61 -25.38 49.06
CA ARG F 173 11.57 -24.48 48.43
C ARG F 173 10.92 -23.16 48.08
N GLU F 174 9.75 -23.20 47.44
CA GLU F 174 9.03 -21.98 47.03
C GLU F 174 8.99 -20.95 48.14
N GLU F 175 8.83 -21.42 49.38
CA GLU F 175 8.83 -20.58 50.56
C GLU F 175 10.11 -19.75 50.66
N VAL F 176 11.26 -20.39 50.47
CA VAL F 176 12.54 -19.67 50.56
C VAL F 176 12.67 -18.65 49.45
N SER F 177 12.27 -19.02 48.23
CA SER F 177 12.31 -18.06 47.12
C SER F 177 11.51 -16.81 47.45
N ARG F 178 10.28 -16.99 47.94
CA ARG F 178 9.46 -15.82 48.27
C ARG F 178 10.07 -15.03 49.42
N ARG F 179 10.52 -15.71 50.46
CA ARG F 179 11.02 -15.04 51.65
C ARG F 179 12.30 -14.25 51.34
N LEU F 180 13.04 -14.65 50.31
CA LEU F 180 14.24 -13.92 49.93
C LEU F 180 13.93 -12.77 48.99
N ARG F 181 13.08 -13.01 48.00
CA ARG F 181 12.65 -11.92 47.12
C ARG F 181 12.01 -10.79 47.92
N TYR F 182 11.35 -11.14 49.03
CA TYR F 182 10.85 -10.13 49.95
C TYR F 182 11.94 -9.17 50.40
N GLU F 183 13.02 -9.71 51.00
CA GLU F 183 14.08 -8.85 51.50
C GLU F 183 14.75 -8.08 50.37
N SER F 184 14.90 -8.72 49.22
CA SER F 184 15.51 -8.03 48.08
C SER F 184 14.71 -6.79 47.69
N GLN F 185 13.42 -6.95 47.41
CA GLN F 185 12.62 -5.80 46.98
C GLN F 185 12.48 -4.77 48.10
N LEU F 186 12.50 -5.22 49.35
CA LEU F 186 12.42 -4.27 50.45
C LEU F 186 13.66 -3.38 50.51
N PHE F 187 14.85 -3.98 50.39
CA PHE F 187 16.06 -3.17 50.33
C PHE F 187 16.05 -2.25 49.12
N GLY F 188 15.52 -2.72 47.99
CA GLY F 188 15.44 -1.85 46.82
C GLY F 188 14.61 -0.61 47.07
N TRP F 189 13.42 -0.78 47.65
CA TRP F 189 12.57 0.36 47.90
C TRP F 189 13.18 1.29 48.95
N LEU F 190 13.79 0.73 50.00
CA LEU F 190 14.46 1.57 50.99
C LEU F 190 15.59 2.37 50.36
N LEU F 191 16.32 1.77 49.42
CA LEU F 191 17.40 2.49 48.75
C LEU F 191 16.86 3.63 47.92
N ILE F 192 15.79 3.40 47.17
CA ILE F 192 15.18 4.48 46.39
C ILE F 192 14.76 5.62 47.31
N GLY F 193 14.13 5.28 48.44
CA GLY F 193 13.71 6.31 49.37
C GLY F 193 14.87 7.13 49.91
N VAL F 194 15.95 6.44 50.31
CA VAL F 194 17.09 7.15 50.88
C VAL F 194 17.76 8.03 49.84
N VAL F 195 17.82 7.56 48.59
CA VAL F 195 18.40 8.39 47.52
C VAL F 195 17.57 9.65 47.32
N ALA F 196 16.25 9.52 47.33
CA ALA F 196 15.39 10.70 47.20
C ALA F 196 15.62 11.67 48.36
N ILE F 197 15.71 11.14 49.57
CA ILE F 197 15.93 12.00 50.74
C ILE F 197 17.26 12.73 50.64
N LEU F 198 18.30 12.04 50.17
CA LEU F 198 19.60 12.69 50.05
C LEU F 198 19.58 13.77 48.97
N VAL F 199 18.90 13.50 47.84
CA VAL F 199 18.78 14.54 46.82
C VAL F 199 18.10 15.78 47.39
N PHE F 200 16.97 15.59 48.06
CA PHE F 200 16.26 16.71 48.65
C PHE F 200 17.08 17.45 49.69
N LEU F 201 17.82 16.75 50.53
CA LEU F 201 18.62 17.41 51.55
C LEU F 201 19.82 18.15 50.99
N THR F 202 20.51 17.60 49.98
CA THR F 202 21.61 18.33 49.38
C THR F 202 21.10 19.57 48.66
N LYS F 203 19.92 19.48 48.02
CA LYS F 203 19.29 20.68 47.48
C LYS F 203 19.04 21.71 48.56
N CYS F 204 18.24 21.35 49.57
CA CYS F 204 17.86 22.28 50.62
C CYS F 204 19.05 22.79 51.43
N LEU F 205 20.21 22.14 51.34
CA LEU F 205 21.38 22.60 52.06
C LEU F 205 22.30 23.46 51.20
N LYS F 206 22.31 23.26 49.89
CA LYS F 206 23.11 24.12 49.02
C LYS F 206 22.64 25.56 49.12
N HIS F 207 21.35 25.80 48.83
CA HIS F 207 20.82 27.15 48.81
C HIS F 207 21.01 27.85 50.15
N TYR F 208 20.57 27.22 51.24
CA TYR F 208 20.60 27.87 52.55
C TYR F 208 22.01 28.31 52.93
N CYS F 209 23.03 27.64 52.42
CA CYS F 209 24.42 28.00 52.66
C CYS F 209 25.07 28.34 51.33
N SER F 210 24.92 29.58 50.89
CA SER F 210 25.50 30.11 49.67
C SER F 210 25.46 31.62 49.73
N PRO F 211 26.48 32.29 49.24
CA PRO F 211 26.50 33.76 49.28
C PRO F 211 25.49 34.37 48.33
N LEU F 212 25.30 33.73 47.19
CA LEU F 212 24.44 34.28 46.15
C LEU F 212 22.97 34.16 46.52
N SER F 213 22.14 34.87 45.77
CA SER F 213 20.71 34.69 45.84
C SER F 213 20.29 33.43 45.09
N TYR F 214 18.97 33.27 44.93
CA TYR F 214 18.45 32.09 44.24
C TYR F 214 18.52 32.24 42.74
N ARG F 215 18.20 33.42 42.21
CA ARG F 215 18.08 33.57 40.77
C ARG F 215 19.44 33.85 40.13
N GLN F 216 20.32 34.50 40.88
CA GLN F 216 21.66 34.79 40.37
C GLN F 216 22.40 33.50 40.03
N GLU F 217 22.11 32.43 40.75
CA GLU F 217 22.78 31.16 40.47
C GLU F 217 22.28 30.56 39.15
N ALA F 218 20.99 30.70 38.86
CA ALA F 218 20.49 30.24 37.57
C ALA F 218 21.10 31.04 36.43
N TYR F 219 21.18 32.36 36.62
CA TYR F 219 21.87 33.18 35.64
C TYR F 219 23.32 32.76 35.46
N TRP F 220 23.99 32.42 36.56
CA TRP F 220 25.36 31.95 36.52
C TRP F 220 25.47 30.66 35.70
N ALA F 221 24.56 29.72 35.91
CA ALA F 221 24.62 28.47 35.17
C ALA F 221 24.41 28.70 33.67
N GLN F 222 23.46 29.56 33.32
CA GLN F 222 23.27 29.89 31.92
C GLN F 222 24.53 30.50 31.32
N TYR F 223 25.17 31.41 32.06
CA TYR F 223 26.39 32.04 31.56
C TYR F 223 27.49 31.00 31.37
N ARG F 224 27.61 30.07 32.31
CA ARG F 224 28.66 29.06 32.20
C ARG F 224 28.47 28.20 30.96
N ALA F 225 27.23 27.73 30.73
CA ALA F 225 26.97 26.90 29.55
C ALA F 225 27.27 27.67 28.27
N ASN F 226 26.83 28.93 28.20
CA ASN F 226 27.04 29.70 26.98
C ASN F 226 28.53 29.96 26.75
N GLU F 227 29.27 30.25 27.81
CA GLU F 227 30.70 30.48 27.66
C GLU F 227 31.41 29.23 27.18
N ASP F 228 31.06 28.07 27.74
CA ASP F 228 31.69 26.83 27.30
C ASP F 228 31.45 26.60 25.81
N GLN F 229 30.20 26.74 25.37
CA GLN F 229 29.90 26.47 23.97
C GLN F 229 30.64 27.44 23.04
N LEU F 230 30.57 28.75 23.35
CA LEU F 230 31.20 29.73 22.49
C LEU F 230 32.70 29.54 22.45
N PHE F 231 33.32 29.23 23.60
CA PHE F 231 34.75 29.05 23.64
C PHE F 231 35.18 27.85 22.81
N GLN F 232 34.46 26.74 22.92
CA GLN F 232 34.82 25.57 22.14
C GLN F 232 34.75 25.86 20.64
N ARG F 233 33.62 26.42 20.19
CA ARG F 233 33.47 26.67 18.76
C ARG F 233 34.53 27.64 18.25
N THR F 234 34.81 28.71 19.01
CA THR F 234 35.78 29.68 18.55
C THR F 234 37.18 29.10 18.51
N ALA F 235 37.55 28.31 19.52
CA ALA F 235 38.86 27.69 19.51
C ALA F 235 39.01 26.78 18.30
N GLU F 236 37.94 26.08 17.92
CA GLU F 236 38.03 25.22 16.74
C GLU F 236 38.27 26.03 15.48
N VAL F 237 37.49 27.10 15.29
CA VAL F 237 37.66 27.92 14.09
C VAL F 237 39.06 28.51 14.03
N HIS F 238 39.55 29.04 15.16
CA HIS F 238 40.87 29.65 15.18
C HIS F 238 41.96 28.64 14.86
N SER F 239 41.85 27.42 15.43
CA SER F 239 42.82 26.39 15.13
C SER F 239 42.82 26.05 13.64
N ARG F 240 41.64 25.88 13.05
CA ARG F 240 41.60 25.57 11.62
C ARG F 240 42.23 26.67 10.78
N VAL F 241 42.03 27.93 11.17
CA VAL F 241 42.63 29.02 10.41
C VAL F 241 44.15 28.99 10.52
N LEU F 242 44.67 28.77 11.73
CA LEU F 242 46.12 28.66 11.89
C LEU F 242 46.69 27.52 11.07
N ALA F 243 45.99 26.39 11.05
CA ALA F 243 46.45 25.24 10.26
C ALA F 243 46.45 25.58 8.77
N ALA F 244 45.44 26.32 8.31
CA ALA F 244 45.41 26.70 6.91
C ALA F 244 46.60 27.60 6.56
N ASN F 245 46.92 28.55 7.44
CA ASN F 245 48.10 29.38 7.20
C ASN F 245 49.36 28.53 7.12
N ASN F 246 49.53 27.60 8.07
CA ASN F 246 50.72 26.75 8.08
C ASN F 246 50.82 25.95 6.79
N VAL F 247 49.72 25.35 6.35
CA VAL F 247 49.74 24.57 5.11
C VAL F 247 50.11 25.46 3.93
N ARG F 248 49.37 26.56 3.75
CA ARG F 248 49.63 27.45 2.61
C ARG F 248 51.08 27.89 2.55
N ARG F 249 51.74 28.01 3.71
CA ARG F 249 53.16 28.36 3.63
C ARG F 249 54.02 27.24 3.04
N PHE F 250 53.46 26.06 2.77
CA PHE F 250 54.27 24.95 2.26
C PHE F 250 54.12 24.79 0.76
N PHE F 251 52.90 24.56 0.28
CA PHE F 251 52.71 24.30 -1.14
C PHE F 251 52.69 25.57 -1.95
N GLY F 252 51.98 26.59 -1.48
CA GLY F 252 51.85 27.83 -2.21
C GLY F 252 50.40 28.23 -2.33
N PHE F 253 49.51 27.33 -1.92
CA PHE F 253 48.08 27.55 -1.98
C PHE F 253 47.40 26.48 -1.15
N VAL F 254 46.39 26.85 -0.40
CA VAL F 254 45.60 25.87 0.33
C VAL F 254 44.32 25.59 -0.44
N ALA F 255 43.67 24.48 -0.11
CA ALA F 255 42.45 24.05 -0.77
C ALA F 255 41.32 24.00 0.24
N LEU F 256 40.24 24.70 -0.05
CA LEU F 256 39.17 24.91 0.93
C LEU F 256 37.81 24.70 0.28
N ASN F 257 36.81 24.50 1.12
CA ASN F 257 35.43 24.53 0.69
C ASN F 257 34.96 25.98 0.60
N LYS F 258 33.65 26.16 0.41
CA LYS F 258 33.10 27.52 0.47
C LYS F 258 33.02 28.01 1.91
N ASP F 259 32.62 27.14 2.83
CA ASP F 259 32.54 27.50 4.24
C ASP F 259 33.90 27.98 4.74
N ASP F 260 34.93 27.14 4.60
CA ASP F 260 36.26 27.51 5.03
C ASP F 260 36.78 28.74 4.28
N GLU F 261 36.37 28.91 3.03
CA GLU F 261 36.77 30.10 2.28
C GLU F 261 36.25 31.35 2.98
N GLU F 262 34.96 31.37 3.32
CA GLU F 262 34.41 32.51 4.04
C GLU F 262 35.08 32.68 5.40
N LEU F 263 35.37 31.56 6.07
CA LEU F 263 36.03 31.63 7.37
C LEU F 263 37.36 32.36 7.28
N ILE F 264 38.23 31.91 6.37
CA ILE F 264 39.55 32.53 6.26
C ILE F 264 39.45 33.93 5.65
N ALA F 265 38.33 34.21 4.98
CA ALA F 265 38.11 35.57 4.49
C ALA F 265 37.79 36.52 5.64
N ASN F 266 36.97 36.07 6.60
CA ASN F 266 36.55 36.96 7.67
C ASN F 266 37.62 37.10 8.74
N PHE F 267 38.03 35.99 9.35
CA PHE F 267 38.86 36.02 10.55
C PHE F 267 40.32 35.84 10.23
N PRO F 268 41.16 36.87 10.33
CA PRO F 268 42.60 36.67 10.24
C PRO F 268 43.11 36.08 11.54
N VAL F 269 44.35 35.57 11.51
CA VAL F 269 44.95 34.95 12.69
C VAL F 269 46.46 35.08 12.58
N GLU F 270 47.12 35.27 13.71
CA GLU F 270 48.57 35.40 13.75
C GLU F 270 49.20 34.24 14.51
N GLY F 271 48.74 34.04 15.74
CA GLY F 271 49.32 33.05 16.63
C GLY F 271 48.69 33.19 18.00
N THR F 272 48.44 32.03 18.62
CA THR F 272 47.66 31.97 19.84
C THR F 272 48.43 32.64 20.99
N GLN F 273 47.71 33.04 22.03
CA GLN F 273 48.32 33.71 23.16
C GLN F 273 49.33 32.79 23.85
N PRO F 274 50.26 33.36 24.63
CA PRO F 274 51.29 32.53 25.26
C PRO F 274 50.70 31.57 26.28
N ARG F 275 51.58 30.78 26.88
CA ARG F 275 51.15 29.75 27.82
C ARG F 275 50.65 30.32 29.14
N PRO F 276 51.27 31.34 29.74
CA PRO F 276 50.68 31.91 30.97
C PRO F 276 49.23 32.30 30.83
N GLN F 277 48.85 32.90 29.69
CA GLN F 277 47.45 33.25 29.48
C GLN F 277 46.56 32.01 29.49
N TRP F 278 46.94 30.98 28.74
CA TRP F 278 46.20 29.72 28.77
C TRP F 278 46.08 29.19 30.19
N ASN F 279 47.10 29.41 31.01
CA ASN F 279 47.07 28.91 32.39
C ASN F 279 46.10 29.72 33.24
N ALA F 280 46.04 31.03 33.04
CA ALA F 280 45.16 31.87 33.85
C ALA F 280 43.70 31.50 33.65
N ILE F 281 43.39 30.79 32.56
CA ILE F 281 42.00 30.46 32.27
C ILE F 281 41.56 29.21 33.01
N THR F 282 42.40 28.18 33.04
CA THR F 282 42.04 26.90 33.61
C THR F 282 41.99 26.99 35.13
N GLY F 283 41.27 26.06 35.74
CA GLY F 283 41.17 25.97 37.18
C GLY F 283 39.72 25.97 37.63
N VAL F 284 39.55 25.90 38.94
CA VAL F 284 38.24 25.99 39.55
C VAL F 284 38.04 27.42 40.02
N TYR F 285 36.80 27.89 40.00
CA TYR F 285 36.50 29.28 40.29
C TYR F 285 35.45 29.37 41.38
N LEU F 286 35.79 30.06 42.46
CA LEU F 286 34.81 30.44 43.47
C LEU F 286 34.37 31.87 43.20
N TYR F 287 33.10 32.14 43.51
CA TYR F 287 32.50 33.41 43.13
C TYR F 287 33.24 34.57 43.80
N ARG F 288 33.93 35.36 42.99
CA ARG F 288 34.67 36.52 43.46
C ARG F 288 34.02 37.78 42.91
N GLU F 289 33.92 38.79 43.76
CA GLU F 289 33.36 40.08 43.36
C GLU F 289 34.48 41.09 43.17
N ASN F 290 34.37 41.87 42.11
CA ASN F 290 35.20 43.05 41.92
C ASN F 290 34.63 44.17 42.78
N GLN F 291 35.10 45.40 42.59
CA GLN F 291 34.57 46.52 43.34
C GLN F 291 33.14 46.79 42.85
N GLY F 292 32.17 46.18 43.51
CA GLY F 292 30.78 46.29 43.10
C GLY F 292 30.33 45.19 42.16
N LEU F 293 30.85 45.20 40.94
CA LEU F 293 30.41 44.26 39.93
C LEU F 293 30.85 42.84 40.27
N PRO F 294 30.10 41.84 39.82
CA PRO F 294 30.50 40.44 40.05
C PRO F 294 31.32 39.86 38.91
N LEU F 295 32.09 38.81 39.20
CA LEU F 295 32.88 38.11 38.21
C LEU F 295 32.46 36.65 38.18
N TYR F 296 31.99 36.19 37.03
CA TYR F 296 31.30 34.90 36.95
C TYR F 296 32.16 33.74 36.48
N SER F 297 33.44 33.97 36.19
CA SER F 297 34.34 32.89 35.76
C SER F 297 35.75 33.46 35.66
N ARG F 298 36.73 32.55 35.67
CA ARG F 298 38.12 32.98 35.56
C ARG F 298 38.39 33.70 34.25
N LEU F 299 37.75 33.27 33.16
CA LEU F 299 37.86 34.00 31.91
C LEU F 299 37.36 35.43 32.07
N HIS F 300 36.22 35.59 32.75
CA HIS F 300 35.73 36.93 33.05
C HIS F 300 36.72 37.70 33.89
N LYS F 301 37.21 37.10 34.98
CA LYS F 301 38.22 37.72 35.82
C LYS F 301 39.43 38.19 35.04
N TRP F 302 39.83 37.46 33.99
CA TRP F 302 40.98 37.84 33.19
C TRP F 302 40.65 38.88 32.13
N ALA F 303 39.41 38.89 31.63
CA ALA F 303 39.04 39.87 30.61
C ALA F 303 39.02 41.30 31.16
N GLN F 304 38.80 41.46 32.46
CA GLN F 304 38.75 42.80 33.03
C GLN F 304 40.14 43.37 33.25
N GLY F 305 40.96 42.70 34.04
CA GLY F 305 42.29 43.18 34.35
C GLY F 305 43.20 43.33 33.14
N ASN G 25 34.98 6.97 17.35
CA ASN G 25 34.12 6.39 18.37
C ASN G 25 33.07 5.49 17.74
N GLY G 26 32.39 6.01 16.70
CA GLY G 26 31.39 5.20 16.01
C GLY G 26 32.00 4.01 15.31
N LEU G 27 33.22 4.15 14.81
CA LEU G 27 33.92 3.03 14.21
C LEU G 27 34.11 1.89 15.21
N VAL G 28 34.30 2.24 16.49
CA VAL G 28 34.42 1.21 17.52
C VAL G 28 33.10 0.45 17.66
N ALA G 29 31.97 1.15 17.59
CA ALA G 29 30.67 0.49 17.68
C ALA G 29 30.43 -0.39 16.45
N LEU G 30 30.84 0.08 15.28
CA LEU G 30 30.71 -0.74 14.07
C LEU G 30 31.57 -1.99 14.18
N GLY G 31 32.80 -1.85 14.68
CA GLY G 31 33.64 -3.02 14.89
C GLY G 31 33.07 -3.97 15.93
N THR G 32 32.40 -3.43 16.94
CA THR G 32 31.77 -4.29 17.95
C THR G 32 30.62 -5.09 17.36
N VAL G 33 29.77 -4.43 16.56
CA VAL G 33 28.68 -5.15 15.89
C VAL G 33 29.26 -6.20 14.94
N GLY G 34 30.34 -5.85 14.23
CA GLY G 34 30.98 -6.81 13.36
C GLY G 34 31.54 -7.99 14.11
N SER G 35 32.12 -7.75 15.29
CA SER G 35 32.65 -8.83 16.11
C SER G 35 31.53 -9.73 16.62
N GLN G 36 30.39 -9.13 16.98
CA GLN G 36 29.24 -9.94 17.39
C GLN G 36 28.76 -10.83 16.25
N GLU G 37 28.59 -10.25 15.06
CA GLU G 37 28.13 -11.05 13.92
C GLU G 37 29.17 -12.09 13.53
N LEU G 38 30.46 -11.78 13.71
CA LEU G 38 31.51 -12.73 13.40
C LEU G 38 31.51 -13.90 14.39
N PHE G 39 31.28 -13.61 15.67
CA PHE G 39 31.14 -14.69 16.64
C PHE G 39 29.91 -15.53 16.34
N SER G 40 28.85 -14.90 15.84
CA SER G 40 27.64 -15.65 15.50
C SER G 40 27.87 -16.56 14.30
N VAL G 41 28.63 -16.10 13.31
CA VAL G 41 28.78 -16.84 12.06
C VAL G 41 30.05 -17.68 11.98
N VAL G 42 30.93 -17.58 12.97
CA VAL G 42 32.22 -18.28 12.91
C VAL G 42 32.03 -19.70 13.42
N ALA G 43 30.93 -19.92 14.15
CA ALA G 43 30.53 -21.25 14.60
C ALA G 43 31.60 -21.93 15.44
N PHE G 44 31.90 -21.38 16.61
CA PHE G 44 32.76 -22.07 17.57
C PHE G 44 32.29 -23.51 17.76
N HIS G 45 33.19 -24.45 17.51
CA HIS G 45 32.87 -25.88 17.54
C HIS G 45 33.85 -26.55 18.49
N CYS G 46 33.40 -26.79 19.72
CA CYS G 46 34.25 -27.34 20.76
C CYS G 46 34.52 -28.82 20.50
N PRO G 47 35.76 -29.20 20.18
CA PRO G 47 36.10 -30.62 20.15
C PRO G 47 36.21 -31.14 21.57
N CYS G 48 35.66 -32.32 21.81
CA CYS G 48 35.77 -32.99 23.09
C CYS G 48 36.77 -34.14 22.97
N SER G 49 37.95 -33.95 23.54
CA SER G 49 39.06 -34.89 23.55
C SER G 49 40.06 -34.38 24.58
N PRO G 50 40.86 -35.25 25.21
CA PRO G 50 41.62 -34.83 26.41
C PRO G 50 42.55 -33.64 26.22
N ALA G 51 43.49 -33.73 25.29
CA ALA G 51 44.54 -32.72 25.19
C ALA G 51 44.15 -31.54 24.30
N ARG G 52 43.38 -31.79 23.23
CA ARG G 52 43.16 -30.75 22.23
C ARG G 52 42.23 -29.66 22.73
N ASN G 53 41.57 -29.88 23.87
CA ASN G 53 40.55 -28.95 24.35
C ASN G 53 41.11 -27.55 24.54
N TYR G 54 42.02 -27.39 25.50
CA TYR G 54 42.49 -26.06 25.86
C TYR G 54 43.34 -25.47 24.74
N LEU G 55 44.01 -26.31 23.96
CA LEU G 55 44.73 -25.81 22.79
C LEU G 55 43.78 -25.12 21.82
N TYR G 56 42.69 -25.80 21.45
CA TYR G 56 41.74 -25.19 20.52
C TYR G 56 41.09 -23.96 21.12
N GLY G 57 40.75 -24.01 22.40
CA GLY G 57 40.18 -22.82 23.03
C GLY G 57 41.11 -21.64 22.98
N LEU G 58 42.35 -21.83 23.47
CA LEU G 58 43.36 -20.77 23.43
C LEU G 58 43.49 -20.19 22.03
N ALA G 59 43.67 -21.05 21.03
CA ALA G 59 43.88 -20.54 19.67
C ALA G 59 42.66 -19.78 19.16
N ALA G 60 41.48 -20.38 19.25
CA ALA G 60 40.29 -19.77 18.65
C ALA G 60 39.89 -18.49 19.38
N ILE G 61 40.32 -18.32 20.62
CA ILE G 61 39.91 -17.13 21.36
C ILE G 61 40.99 -16.07 21.34
N GLY G 62 42.24 -16.46 21.11
CA GLY G 62 43.31 -15.48 21.15
C GLY G 62 44.01 -15.17 19.84
N VAL G 63 43.67 -15.85 18.75
CA VAL G 63 44.25 -15.49 17.46
C VAL G 63 43.54 -14.28 16.87
N PRO G 64 42.20 -14.23 16.84
CA PRO G 64 41.55 -12.98 16.39
C PRO G 64 41.91 -11.80 17.26
N ALA G 65 42.24 -12.02 18.53
CA ALA G 65 42.79 -10.96 19.36
C ALA G 65 44.07 -10.41 18.74
N LEU G 66 44.99 -11.30 18.36
CA LEU G 66 46.22 -10.87 17.72
C LEU G 66 45.95 -10.13 16.42
N VAL G 67 44.98 -10.63 15.64
CA VAL G 67 44.66 -9.98 14.37
C VAL G 67 44.15 -8.57 14.59
N LEU G 68 43.23 -8.40 15.55
CA LEU G 68 42.68 -7.06 15.80
C LEU G 68 43.74 -6.14 16.38
N PHE G 69 44.64 -6.67 17.22
CA PHE G 69 45.75 -5.87 17.73
C PHE G 69 46.65 -5.39 16.60
N ILE G 70 46.96 -6.29 15.66
CA ILE G 70 47.82 -5.91 14.54
C ILE G 70 47.13 -4.86 13.68
N ILE G 71 45.84 -5.04 13.39
CA ILE G 71 45.12 -4.04 12.61
C ILE G 71 45.13 -2.69 13.33
N GLY G 72 44.94 -2.69 14.64
CA GLY G 72 44.98 -1.45 15.39
C GLY G 72 46.32 -0.75 15.27
N ILE G 73 47.41 -1.51 15.39
CA ILE G 73 48.74 -0.90 15.26
C ILE G 73 48.96 -0.41 13.83
N ILE G 74 48.40 -1.11 12.85
CA ILE G 74 48.61 -0.72 11.46
C ILE G 74 47.91 0.60 11.14
N LEU G 75 46.64 0.72 11.50
CA LEU G 75 45.84 1.88 11.10
C LEU G 75 46.07 3.09 12.00
N ASN G 76 47.18 3.11 12.74
CA ASN G 76 47.49 4.25 13.60
C ASN G 76 48.67 5.02 13.01
N ASN G 77 48.54 6.34 12.98
CA ASN G 77 49.59 7.19 12.42
C ASN G 77 50.82 7.22 13.32
N HIS G 78 50.61 7.27 14.63
CA HIS G 78 51.69 7.53 15.58
C HIS G 78 52.82 6.51 15.44
N THR G 79 52.48 5.25 15.18
CA THR G 79 53.51 4.22 15.11
C THR G 79 54.47 4.48 13.95
N TRP G 80 53.96 5.01 12.84
CA TRP G 80 54.83 5.26 11.71
C TRP G 80 55.73 6.47 11.97
N ASN G 81 55.22 7.47 12.68
CA ASN G 81 56.08 8.52 13.19
C ASN G 81 57.19 7.95 14.06
N LEU G 82 56.85 7.02 14.94
CA LEU G 82 57.83 6.40 15.82
C LEU G 82 58.91 5.68 15.01
N VAL G 83 58.50 4.89 14.02
CA VAL G 83 59.48 4.15 13.24
C VAL G 83 60.31 5.07 12.36
N ALA G 84 59.74 6.19 11.89
CA ALA G 84 60.53 7.15 11.15
C ALA G 84 61.53 7.86 12.06
N GLU G 85 61.22 7.96 13.34
CA GLU G 85 62.17 8.56 14.28
C GLU G 85 63.40 7.67 14.48
N CYS G 86 63.26 6.36 14.26
CA CYS G 86 64.36 5.44 14.51
C CYS G 86 65.50 5.64 13.52
N GLN G 87 65.18 6.05 12.30
CA GLN G 87 66.20 6.24 11.26
C GLN G 87 67.19 7.33 11.64
N ALA G 97 60.97 8.58 29.33
CA ALA G 97 59.74 9.24 29.73
C ALA G 97 58.80 9.56 28.56
N PRO G 98 59.30 10.19 27.48
CA PRO G 98 58.39 10.44 26.34
C PRO G 98 57.93 9.15 25.66
N THR G 99 58.88 8.25 25.34
CA THR G 99 58.52 6.97 24.73
C THR G 99 57.44 6.26 25.53
N PHE G 100 57.45 6.43 26.86
CA PHE G 100 56.40 5.86 27.68
C PHE G 100 55.02 6.30 27.22
N LEU G 101 54.80 7.62 27.11
CA LEU G 101 53.48 8.11 26.76
C LEU G 101 53.16 7.83 25.29
N LEU G 102 54.17 7.85 24.42
CA LEU G 102 53.92 7.51 23.01
C LEU G 102 53.43 6.07 22.88
N LEU G 103 54.19 5.12 23.44
CA LEU G 103 53.78 3.73 23.42
C LEU G 103 52.44 3.54 24.12
N SER G 104 52.18 4.31 25.18
CA SER G 104 50.88 4.21 25.85
C SER G 104 49.76 4.58 24.89
N SER G 105 49.88 5.73 24.23
CA SER G 105 48.85 6.14 23.28
C SER G 105 48.62 5.08 22.22
N ILE G 106 49.70 4.59 21.61
CA ILE G 106 49.52 3.66 20.49
C ILE G 106 48.94 2.33 20.97
N LEU G 107 49.50 1.78 22.05
CA LEU G 107 49.05 0.48 22.55
C LEU G 107 47.62 0.55 23.05
N GLY G 108 47.18 1.70 23.58
CA GLY G 108 45.80 1.82 23.99
C GLY G 108 44.86 1.90 22.81
N ARG G 109 45.15 2.83 21.88
CA ARG G 109 44.31 2.96 20.70
C ARG G 109 44.25 1.66 19.91
N ALA G 110 45.26 0.79 20.09
CA ALA G 110 45.22 -0.51 19.44
C ALA G 110 44.41 -1.52 20.26
N ALA G 111 44.80 -1.73 21.52
CA ALA G 111 44.21 -2.76 22.36
C ALA G 111 42.79 -2.44 22.81
N VAL G 112 42.21 -1.34 22.31
CA VAL G 112 40.78 -1.12 22.55
C VAL G 112 39.96 -2.34 22.15
N ALA G 113 40.18 -2.87 20.93
CA ALA G 113 39.31 -3.90 20.36
C ALA G 113 39.57 -5.33 20.86
N PRO G 114 40.81 -5.79 20.98
CA PRO G 114 41.02 -7.18 21.43
C PRO G 114 40.46 -7.44 22.81
N VAL G 115 40.53 -6.46 23.72
CA VAL G 115 39.95 -6.63 25.04
C VAL G 115 38.44 -6.77 24.94
N THR G 116 37.82 -5.97 24.06
CA THR G 116 36.39 -6.11 23.82
C THR G 116 36.04 -7.52 23.35
N TRP G 117 36.76 -8.02 22.35
CA TRP G 117 36.49 -9.37 21.87
C TRP G 117 36.69 -10.41 22.97
N SER G 118 37.75 -10.25 23.76
CA SER G 118 38.07 -11.23 24.79
C SER G 118 36.98 -11.26 25.86
N VAL G 119 36.50 -10.10 26.28
CA VAL G 119 35.48 -10.10 27.33
C VAL G 119 34.14 -10.57 26.79
N ILE G 120 33.82 -10.24 25.52
CA ILE G 120 32.60 -10.76 24.92
C ILE G 120 32.66 -12.28 24.82
N SER G 121 33.86 -12.82 24.61
CA SER G 121 34.00 -14.27 24.54
C SER G 121 33.97 -14.92 25.92
N LEU G 122 34.49 -14.24 26.94
CA LEU G 122 34.47 -14.80 28.30
C LEU G 122 33.07 -14.80 28.88
N LEU G 123 32.33 -13.70 28.70
CA LEU G 123 30.99 -13.60 29.29
C LEU G 123 30.07 -14.67 28.73
N ARG G 124 30.21 -14.99 27.44
CA ARG G 124 29.38 -16.02 26.83
C ARG G 124 29.69 -17.40 27.40
N GLY G 125 30.84 -17.56 28.02
CA GLY G 125 31.27 -18.87 28.44
C GLY G 125 31.59 -19.73 27.23
N GLU G 126 31.30 -21.03 27.38
CA GLU G 126 31.34 -22.02 26.29
C GLU G 126 32.66 -21.99 25.52
N ALA G 127 33.65 -21.31 26.08
CA ALA G 127 35.02 -21.38 25.57
C ALA G 127 35.96 -21.73 26.71
N TYR G 128 35.76 -21.10 27.86
CA TYR G 128 36.55 -21.44 29.04
C TYR G 128 36.25 -22.86 29.50
N VAL G 129 34.98 -23.26 29.45
CA VAL G 129 34.61 -24.61 29.90
C VAL G 129 35.15 -25.64 28.92
N CYS G 130 35.14 -25.33 27.62
CA CYS G 130 35.67 -26.28 26.65
C CYS G 130 37.17 -26.44 26.82
N ALA G 131 37.84 -25.43 27.37
CA ALA G 131 39.27 -25.53 27.61
C ALA G 131 39.56 -26.30 28.90
N LEU G 132 39.06 -25.80 30.02
CA LEU G 132 39.41 -26.36 31.33
C LEU G 132 38.43 -27.42 31.81
N SER G 133 37.70 -28.07 30.90
CA SER G 133 36.87 -29.20 31.32
C SER G 133 37.73 -30.35 31.82
N GLU G 134 38.84 -30.64 31.14
CA GLU G 134 39.62 -31.82 31.47
C GLU G 134 40.18 -31.78 32.88
N PHE G 135 40.44 -30.59 33.41
CA PHE G 135 41.10 -30.45 34.70
C PHE G 135 40.15 -30.50 35.89
N VAL G 136 38.85 -30.58 35.65
CA VAL G 136 37.89 -30.66 36.73
C VAL G 136 38.20 -31.88 37.58
N ASP G 137 38.50 -31.65 38.86
CA ASP G 137 38.86 -32.74 39.74
C ASP G 137 37.67 -33.69 39.87
N PRO G 138 37.85 -34.98 39.57
CA PRO G 138 36.70 -35.90 39.63
C PRO G 138 36.25 -36.21 41.05
N SER G 139 37.13 -36.05 42.04
CA SER G 139 36.79 -36.42 43.41
C SER G 139 35.85 -35.41 44.07
N SER G 140 36.22 -34.14 44.05
CA SER G 140 35.55 -33.15 44.89
C SER G 140 34.42 -32.45 44.13
N LEU G 141 33.27 -33.09 44.04
CA LEU G 141 32.04 -32.43 43.60
C LEU G 141 30.81 -33.25 44.01
N THR G 142 29.98 -32.68 44.88
CA THR G 142 28.88 -33.41 45.48
C THR G 142 27.77 -33.68 44.48
N ALA G 143 27.24 -34.90 44.51
CA ALA G 143 26.12 -35.30 43.67
C ALA G 143 25.52 -36.61 44.14
N ARG G 144 24.78 -37.28 43.26
CA ARG G 144 24.26 -38.60 43.55
C ARG G 144 25.39 -39.62 43.66
N GLU G 145 25.02 -40.88 43.89
CA GLU G 145 25.99 -41.94 44.07
C GLU G 145 26.84 -42.13 42.81
N GLU G 146 27.82 -43.03 42.92
CA GLU G 146 28.80 -43.24 41.86
C GLU G 146 29.53 -41.94 41.57
N HIS G 147 30.29 -41.44 42.55
CA HIS G 147 30.98 -40.16 42.46
C HIS G 147 31.70 -39.98 41.13
N PHE G 148 32.64 -40.88 40.81
CA PHE G 148 33.29 -40.84 39.51
C PHE G 148 33.84 -42.24 39.21
N PRO G 149 33.57 -42.78 38.03
CA PRO G 149 33.78 -44.23 37.83
C PRO G 149 35.23 -44.69 37.94
N SER G 150 36.13 -44.16 37.13
CA SER G 150 37.45 -44.77 37.02
C SER G 150 38.49 -43.72 36.66
N ALA G 151 39.74 -44.18 36.60
CA ALA G 151 40.84 -43.31 36.16
C ALA G 151 40.77 -43.08 34.66
N HIS G 152 40.37 -44.11 33.90
CA HIS G 152 40.23 -43.96 32.45
C HIS G 152 39.08 -43.02 32.09
N ALA G 153 38.26 -42.65 33.06
CA ALA G 153 37.03 -41.91 32.79
C ALA G 153 37.26 -40.41 32.64
N THR G 154 38.47 -39.90 32.91
CA THR G 154 38.72 -38.49 32.62
C THR G 154 38.34 -38.17 31.18
N GLU G 155 38.50 -39.14 30.28
CA GLU G 155 38.11 -38.96 28.88
C GLU G 155 36.63 -38.68 28.77
N ILE G 156 35.78 -39.52 29.37
CA ILE G 156 34.35 -39.25 29.32
C ILE G 156 34.05 -38.01 30.14
N LEU G 157 34.97 -37.62 31.02
CA LEU G 157 34.89 -36.30 31.63
C LEU G 157 35.13 -35.21 30.60
N ALA G 158 36.20 -35.33 29.83
CA ALA G 158 36.53 -34.31 28.84
C ALA G 158 35.40 -34.13 27.82
N ARG G 159 34.63 -35.19 27.59
CA ARG G 159 33.55 -35.15 26.61
C ARG G 159 32.38 -34.27 27.06
N PHE G 160 32.38 -33.87 28.35
CA PHE G 160 31.28 -33.12 28.95
C PHE G 160 30.74 -31.95 28.12
N PRO G 161 31.58 -31.16 27.45
CA PRO G 161 31.01 -30.09 26.60
C PRO G 161 30.21 -30.60 25.42
N CYS G 162 30.52 -31.79 24.91
CA CYS G 162 29.70 -32.44 23.90
C CYS G 162 28.45 -32.97 24.57
N LYS G 163 27.49 -33.44 23.77
CA LYS G 163 26.20 -33.94 24.28
C LYS G 163 26.50 -34.97 25.35
N GLU G 164 27.10 -36.13 25.02
CA GLU G 164 27.68 -37.06 25.97
C GLU G 164 26.88 -37.22 27.25
N ASN G 165 25.63 -37.69 27.15
CA ASN G 165 24.78 -37.72 28.33
C ASN G 165 24.35 -39.13 28.70
N PRO G 166 25.22 -39.93 29.31
CA PRO G 166 24.76 -41.19 29.91
C PRO G 166 23.86 -40.90 31.10
N ASP G 167 22.86 -41.76 31.30
CA ASP G 167 21.93 -41.58 32.40
C ASP G 167 22.66 -41.48 33.74
N ASN G 168 23.74 -42.25 33.89
CA ASN G 168 24.50 -42.20 35.13
C ASN G 168 25.25 -40.89 35.30
N LEU G 169 25.30 -40.07 34.25
CA LEU G 169 26.16 -38.90 34.25
C LEU G 169 25.41 -37.57 34.14
N SER G 170 24.44 -37.46 33.23
CA SER G 170 23.88 -36.16 32.83
C SER G 170 23.71 -35.14 33.97
N ASP G 171 23.05 -35.56 35.05
CA ASP G 171 22.82 -34.64 36.16
C ASP G 171 24.14 -34.28 36.84
N PHE G 172 24.99 -35.27 37.12
CA PHE G 172 26.32 -35.01 37.64
C PHE G 172 27.11 -34.07 36.74
N ARG G 173 26.85 -34.15 35.43
CA ARG G 173 27.55 -33.32 34.45
C ARG G 173 27.13 -31.87 34.56
N GLU G 174 25.83 -31.61 34.60
CA GLU G 174 25.29 -30.25 34.68
C GLU G 174 26.01 -29.41 35.73
N GLU G 175 26.37 -30.05 36.84
CA GLU G 175 27.13 -29.43 37.91
C GLU G 175 28.44 -28.84 37.39
N VAL G 176 29.19 -29.62 36.60
CA VAL G 176 30.47 -29.16 36.10
C VAL G 176 30.28 -27.99 35.14
N SER G 177 29.27 -28.08 34.26
CA SER G 177 28.99 -26.98 33.34
C SER G 177 28.75 -25.69 34.11
N ARG G 178 27.90 -25.74 35.13
CA ARG G 178 27.63 -24.53 35.90
C ARG G 178 28.87 -24.04 36.64
N ARG G 179 29.60 -24.96 37.26
CA ARG G 179 30.75 -24.57 38.08
C ARG G 179 31.87 -23.97 37.21
N LEU G 180 31.89 -24.32 35.92
CA LEU G 180 32.91 -23.74 35.04
C LEU G 180 32.45 -22.41 34.46
N ARG G 181 31.19 -22.34 34.02
CA ARG G 181 30.65 -21.07 33.54
C ARG G 181 30.75 -20.00 34.62
N TYR G 182 30.64 -20.40 35.89
CA TYR G 182 30.88 -19.49 36.99
C TYR G 182 32.25 -18.81 36.88
N GLU G 183 33.31 -19.60 36.83
CA GLU G 183 34.65 -19.03 36.78
C GLU G 183 34.86 -18.21 35.52
N SER G 184 34.28 -18.66 34.40
CA SER G 184 34.41 -17.90 33.16
C SER G 184 33.83 -16.50 33.30
N GLN G 185 32.56 -16.40 33.70
CA GLN G 185 31.93 -15.08 33.80
C GLN G 185 32.58 -14.25 34.89
N LEU G 186 33.10 -14.89 35.94
CA LEU G 186 33.78 -14.13 36.99
C LEU G 186 35.05 -13.47 36.46
N PHE G 187 35.87 -14.23 35.73
CA PHE G 187 37.05 -13.65 35.11
C PHE G 187 36.66 -12.55 34.13
N GLY G 188 35.56 -12.73 33.40
CA GLY G 188 35.14 -11.67 32.48
C GLY G 188 34.82 -10.38 33.18
N TRP G 189 34.06 -10.45 34.28
CA TRP G 189 33.71 -9.23 35.00
C TRP G 189 34.94 -8.60 35.65
N LEU G 190 35.83 -9.42 36.20
CA LEU G 190 37.06 -8.88 36.77
C LEU G 190 37.90 -8.18 35.71
N LEU G 191 37.93 -8.73 34.49
CA LEU G 191 38.69 -8.10 33.42
C LEU G 191 38.09 -6.75 33.04
N ILE G 192 36.76 -6.69 32.92
CA ILE G 192 36.12 -5.40 32.62
C ILE G 192 36.46 -4.37 33.70
N GLY G 193 36.39 -4.78 34.97
CA GLY G 193 36.72 -3.87 36.05
C GLY G 193 38.14 -3.36 35.97
N VAL G 194 39.09 -4.27 35.73
CA VAL G 194 40.50 -3.86 35.69
C VAL G 194 40.76 -2.94 34.50
N VAL G 195 40.10 -3.20 33.37
CA VAL G 195 40.27 -2.32 32.22
C VAL G 195 39.75 -0.92 32.53
N ALA G 196 38.60 -0.84 33.20
CA ALA G 196 38.09 0.47 33.59
C ALA G 196 39.04 1.19 34.53
N ILE G 197 39.60 0.46 35.50
CA ILE G 197 40.52 1.07 36.45
C ILE G 197 41.77 1.59 35.72
N LEU G 198 42.28 0.82 34.76
CA LEU G 198 43.46 1.25 34.04
C LEU G 198 43.17 2.49 33.19
N VAL G 199 42.00 2.52 32.55
CA VAL G 199 41.63 3.72 31.79
C VAL G 199 41.61 4.94 32.69
N PHE G 200 40.93 4.83 33.83
CA PHE G 200 40.86 5.95 34.76
C PHE G 200 42.22 6.37 35.29
N LEU G 201 43.10 5.41 35.59
CA LEU G 201 44.41 5.76 36.11
C LEU G 201 45.32 6.37 35.07
N THR G 202 45.30 5.88 33.82
CA THR G 202 46.11 6.53 32.79
C THR G 202 45.60 7.94 32.50
N LYS G 203 44.29 8.14 32.55
CA LYS G 203 43.76 9.50 32.46
C LYS G 203 44.29 10.37 33.58
N CYS G 204 44.02 9.98 34.84
CA CYS G 204 44.41 10.79 35.98
C CYS G 204 45.92 10.94 36.11
N LEU G 205 46.71 10.13 35.42
CA LEU G 205 48.16 10.28 35.47
C LEU G 205 48.72 11.10 34.33
N LYS G 206 48.05 11.12 33.17
CA LYS G 206 48.50 11.97 32.08
C LYS G 206 48.47 13.43 32.48
N HIS G 207 47.30 13.91 32.90
CA HIS G 207 47.15 15.32 33.24
C HIS G 207 48.11 15.76 34.33
N TYR G 208 48.11 15.04 35.45
CA TYR G 208 48.91 15.45 36.60
C TYR G 208 50.39 15.58 36.25
N CYS G 209 50.85 14.85 35.25
CA CYS G 209 52.24 14.94 34.78
C CYS G 209 52.23 15.37 33.32
N SER G 210 52.15 16.68 33.10
CA SER G 210 52.18 17.29 31.79
C SER G 210 52.51 18.76 31.96
N PRO G 211 53.30 19.33 31.05
CA PRO G 211 53.66 20.75 31.17
C PRO G 211 52.48 21.66 30.89
N LEU G 212 51.63 21.26 29.96
CA LEU G 212 50.53 22.10 29.54
C LEU G 212 49.43 22.16 30.60
N SER G 213 48.52 23.11 30.41
CA SER G 213 47.30 23.17 31.18
C SER G 213 46.30 22.13 30.67
N TYR G 214 45.09 22.21 31.19
CA TYR G 214 44.05 21.28 30.79
C TYR G 214 43.41 21.65 29.46
N ARG G 215 43.15 22.94 29.25
CA ARG G 215 42.39 23.34 28.07
C ARG G 215 43.30 23.49 26.85
N GLN G 216 44.55 23.86 27.09
CA GLN G 216 45.51 24.00 25.99
C GLN G 216 45.69 22.68 25.26
N GLU G 217 45.54 21.56 25.95
CA GLU G 217 45.68 20.27 25.29
C GLU G 217 44.51 19.98 24.38
N ALA G 218 43.30 20.38 24.78
CA ALA G 218 42.14 20.22 23.90
C ALA G 218 42.30 21.09 22.67
N TYR G 219 42.76 22.33 22.85
CA TYR G 219 43.04 23.19 21.71
C TYR G 219 44.10 22.56 20.80
N TRP G 220 45.12 21.94 21.40
CA TRP G 220 46.16 21.26 20.63
C TRP G 220 45.57 20.13 19.80
N ALA G 221 44.69 19.33 20.38
CA ALA G 221 44.10 18.22 19.64
C ALA G 221 43.26 18.73 18.47
N GLN G 222 42.48 19.78 18.70
CA GLN G 222 41.71 20.36 17.61
C GLN G 222 42.63 20.85 16.49
N TYR G 223 43.72 21.51 16.86
CA TYR G 223 44.66 21.99 15.85
C TYR G 223 45.28 20.84 15.07
N ARG G 224 45.62 19.76 15.76
CA ARG G 224 46.23 18.61 15.08
C ARG G 224 45.27 18.02 14.07
N ALA G 225 44.02 17.81 14.46
CA ALA G 225 43.05 17.24 13.53
C ALA G 225 42.85 18.14 12.32
N ASN G 226 42.73 19.45 12.55
CA ASN G 226 42.49 20.37 11.44
C ASN G 226 43.69 20.42 10.51
N GLU G 227 44.90 20.40 11.06
CA GLU G 227 46.10 20.41 10.23
C GLU G 227 46.18 19.15 9.39
N ASP G 228 45.90 18.00 9.97
CA ASP G 228 45.95 16.76 9.20
C ASP G 228 44.98 16.82 8.03
N GLN G 229 43.74 17.24 8.28
CA GLN G 229 42.74 17.25 7.21
C GLN G 229 43.15 18.23 6.10
N LEU G 230 43.52 19.45 6.48
CA LEU G 230 43.86 20.45 5.48
C LEU G 230 45.09 20.02 4.68
N PHE G 231 46.08 19.43 5.33
CA PHE G 231 47.28 19.02 4.63
C PHE G 231 46.99 17.91 3.63
N GLN G 232 46.17 16.93 4.03
CA GLN G 232 45.84 15.86 3.09
C GLN G 232 45.12 16.41 1.87
N ARG G 233 44.08 17.21 2.08
CA ARG G 233 43.32 17.71 0.94
C ARG G 233 44.19 18.57 0.02
N THR G 234 45.02 19.43 0.60
CA THR G 234 45.85 20.30 -0.22
C THR G 234 46.89 19.51 -1.00
N ALA G 235 47.51 18.52 -0.36
CA ALA G 235 48.47 17.69 -1.08
C ALA G 235 47.82 16.99 -2.25
N GLU G 236 46.57 16.54 -2.08
CA GLU G 236 45.89 15.89 -3.19
C GLU G 236 45.66 16.84 -4.35
N VAL G 237 45.15 18.05 -4.06
CA VAL G 237 44.90 19.00 -5.13
C VAL G 237 46.20 19.36 -5.85
N HIS G 238 47.26 19.61 -5.08
CA HIS G 238 48.53 19.98 -5.70
C HIS G 238 49.08 18.87 -6.58
N SER G 239 48.98 17.62 -6.11
CA SER G 239 49.43 16.49 -6.92
C SER G 239 48.64 16.42 -8.22
N ARG G 240 47.32 16.54 -8.16
CA ARG G 240 46.52 16.47 -9.37
C ARG G 240 46.91 17.58 -10.35
N VAL G 241 47.21 18.78 -9.84
CA VAL G 241 47.60 19.87 -10.74
C VAL G 241 48.93 19.56 -11.41
N LEU G 242 49.90 19.07 -10.64
CA LEU G 242 51.19 18.71 -11.23
C LEU G 242 51.02 17.63 -12.31
N ALA G 243 50.16 16.65 -12.03
CA ALA G 243 49.91 15.60 -13.01
C ALA G 243 49.27 16.16 -14.27
N ALA G 244 48.37 17.12 -14.12
CA ALA G 244 47.76 17.73 -15.29
C ALA G 244 48.78 18.46 -16.13
N ASN G 245 49.69 19.19 -15.49
CA ASN G 245 50.77 19.84 -16.23
C ASN G 245 51.61 18.82 -16.99
N ASN G 246 52.01 17.74 -16.31
CA ASN G 246 52.82 16.72 -16.96
C ASN G 246 52.12 16.13 -18.17
N VAL G 247 50.83 15.80 -18.03
CA VAL G 247 50.08 15.25 -19.15
C VAL G 247 50.02 16.24 -20.30
N ARG G 248 49.56 17.46 -20.03
CA ARG G 248 49.43 18.47 -21.07
C ARG G 248 50.73 18.67 -21.84
N ARG G 249 51.87 18.49 -21.17
CA ARG G 249 53.11 18.61 -21.93
C ARG G 249 53.31 17.48 -22.93
N PHE G 250 52.45 16.46 -22.95
CA PHE G 250 52.63 15.34 -23.86
C PHE G 250 51.75 15.44 -25.10
N PHE G 251 50.44 15.51 -24.91
CA PHE G 251 49.53 15.51 -26.04
C PHE G 251 49.42 16.89 -26.66
N GLY G 252 49.26 17.91 -25.84
CA GLY G 252 49.08 19.27 -26.32
C GLY G 252 47.87 19.92 -25.68
N PHE G 253 47.12 19.12 -24.93
CA PHE G 253 45.92 19.58 -24.24
C PHE G 253 45.51 18.50 -23.26
N VAL G 254 45.10 18.92 -22.08
CA VAL G 254 44.57 17.97 -21.11
C VAL G 254 43.04 18.03 -21.13
N ALA G 255 42.41 17.00 -20.60
CA ALA G 255 40.95 16.90 -20.58
C ALA G 255 40.48 16.86 -19.13
N LEU G 256 39.57 17.77 -18.79
CA LEU G 256 39.18 17.99 -17.41
C LEU G 256 37.68 18.11 -17.29
N ASN G 257 37.18 17.94 -16.07
CA ASN G 257 35.81 18.27 -15.75
C ASN G 257 35.70 19.77 -15.50
N LYS G 258 34.55 20.20 -14.99
CA LYS G 258 34.40 21.59 -14.58
C LYS G 258 35.14 21.85 -13.28
N ASP G 259 35.04 20.92 -12.34
CA ASP G 259 35.74 21.06 -11.06
C ASP G 259 37.24 21.22 -11.27
N ASP G 260 37.85 20.25 -11.97
CA ASP G 260 39.27 20.33 -12.24
C ASP G 260 39.63 21.55 -13.07
N GLU G 261 38.72 21.99 -13.94
CA GLU G 261 38.96 23.20 -14.71
C GLU G 261 39.14 24.39 -13.78
N GLU G 262 38.21 24.57 -12.84
CA GLU G 262 38.34 25.66 -11.87
C GLU G 262 39.59 25.49 -11.03
N LEU G 263 39.92 24.24 -10.66
CA LEU G 263 41.12 23.98 -9.87
C LEU G 263 42.36 24.49 -10.57
N ILE G 264 42.57 24.06 -11.82
CA ILE G 264 43.78 24.46 -12.55
C ILE G 264 43.71 25.94 -12.94
N ALA G 265 42.51 26.52 -12.92
CA ALA G 265 42.38 27.95 -13.16
C ALA G 265 42.87 28.75 -11.96
N ASN G 266 42.55 28.29 -10.74
CA ASN G 266 42.89 29.03 -9.55
C ASN G 266 44.37 28.82 -9.17
N PHE G 267 44.75 27.57 -8.90
CA PHE G 267 46.04 27.28 -8.28
C PHE G 267 47.08 26.90 -9.32
N PRO G 268 48.06 27.77 -9.59
CA PRO G 268 49.20 27.34 -10.42
C PRO G 268 50.13 26.46 -9.58
N VAL G 269 51.05 25.78 -10.25
CA VAL G 269 51.98 24.88 -9.59
C VAL G 269 53.24 24.77 -10.44
N GLU G 270 54.39 24.67 -9.78
CA GLU G 270 55.67 24.55 -10.47
C GLU G 270 56.30 23.19 -10.20
N GLY G 271 56.45 22.88 -8.92
CA GLY G 271 57.16 21.68 -8.51
C GLY G 271 57.31 21.68 -7.00
N THR G 272 57.14 20.50 -6.41
CA THR G 272 57.06 20.37 -4.96
C THR G 272 58.41 20.70 -4.33
N GLN G 273 58.39 21.04 -3.04
CA GLN G 273 59.60 21.41 -2.34
C GLN G 273 60.57 20.23 -2.30
N PRO G 274 61.86 20.51 -2.07
CA PRO G 274 62.86 19.43 -2.10
C PRO G 274 62.64 18.43 -0.98
N ARG G 275 63.49 17.42 -0.96
CA ARG G 275 63.34 16.33 0.01
C ARG G 275 63.69 16.74 1.44
N PRO G 276 64.73 17.54 1.70
CA PRO G 276 64.96 17.98 3.08
C PRO G 276 63.73 18.63 3.72
N GLN G 277 62.99 19.45 2.97
CA GLN G 277 61.79 20.07 3.52
C GLN G 277 60.77 19.00 3.90
N TRP G 278 60.50 18.05 3.00
CA TRP G 278 59.60 16.96 3.33
C TRP G 278 60.06 16.23 4.58
N ASN G 279 61.37 16.14 4.78
CA ASN G 279 61.89 15.43 5.96
C ASN G 279 61.66 16.23 7.22
N ALA G 280 61.82 17.55 7.16
CA ALA G 280 61.64 18.38 8.35
C ALA G 280 60.22 18.29 8.89
N ILE G 281 59.28 17.83 8.07
CA ILE G 281 57.89 17.78 8.49
C ILE G 281 57.60 16.52 9.29
N THR G 282 58.09 15.38 8.81
CA THR G 282 57.77 14.10 9.42
C THR G 282 58.48 13.95 10.76
N GLY G 283 57.96 13.06 11.60
CA GLY G 283 58.53 12.75 12.88
C GLY G 283 57.53 12.91 13.99
N VAL G 284 57.99 12.66 15.20
CA VAL G 284 57.20 12.86 16.41
C VAL G 284 57.58 14.21 16.98
N TYR G 285 56.62 14.86 17.63
CA TYR G 285 56.81 16.22 18.11
C TYR G 285 56.47 16.31 19.59
N LEU G 286 57.43 16.74 20.39
CA LEU G 286 57.17 17.10 21.77
C LEU G 286 56.98 18.62 21.85
N TYR G 287 56.12 19.04 22.77
CA TYR G 287 55.71 20.44 22.83
C TYR G 287 56.91 21.33 23.10
N ARG G 288 57.30 22.11 22.09
CA ARG G 288 58.40 23.05 22.20
C ARG G 288 57.88 24.47 22.12
N GLU G 289 58.43 25.34 22.97
CA GLU G 289 58.04 26.74 22.98
C GLU G 289 59.14 27.57 22.32
N ASN G 290 58.70 28.53 21.51
CA ASN G 290 59.58 29.56 21.00
C ASN G 290 59.76 30.61 22.09
N GLN G 291 60.35 31.75 21.77
CA GLN G 291 60.51 32.81 22.76
C GLN G 291 59.13 33.39 23.07
N GLY G 292 58.47 32.84 24.09
CA GLY G 292 57.13 33.24 24.44
C GLY G 292 56.05 32.41 23.78
N LEU G 293 55.91 32.53 22.46
CA LEU G 293 54.83 31.85 21.77
C LEU G 293 55.06 30.34 21.76
N PRO G 294 53.98 29.56 21.69
CA PRO G 294 54.11 28.11 21.61
C PRO G 294 54.14 27.60 20.18
N LEU G 295 54.68 26.40 19.97
CA LEU G 295 54.73 25.74 18.67
C LEU G 295 54.02 24.40 18.78
N TYR G 296 52.96 24.21 17.99
CA TYR G 296 52.06 23.09 18.19
C TYR G 296 52.31 21.90 17.29
N SER G 297 53.30 21.96 16.41
CA SER G 297 53.62 20.84 15.52
C SER G 297 54.89 21.17 14.75
N ARG G 298 55.52 20.13 14.21
CA ARG G 298 56.74 20.34 13.45
C ARG G 298 56.50 21.20 12.22
N LEU G 299 55.34 21.06 11.59
CA LEU G 299 55.00 21.97 10.49
C LEU G 299 54.97 23.41 10.97
N HIS G 300 54.38 23.64 12.14
CA HIS G 300 54.39 24.97 12.72
C HIS G 300 55.82 25.43 12.99
N LYS G 301 56.61 24.57 13.65
CA LYS G 301 58.02 24.89 13.91
C LYS G 301 58.78 25.27 12.65
N TRP G 302 58.45 24.67 11.50
CA TRP G 302 59.12 24.98 10.26
C TRP G 302 58.56 26.22 9.57
N ALA G 303 57.28 26.52 9.76
CA ALA G 303 56.69 27.70 9.14
C ALA G 303 57.26 28.99 9.69
N GLN G 304 57.73 28.98 10.93
CA GLN G 304 58.26 30.20 11.54
C GLN G 304 59.67 30.50 11.05
N GLY G 305 60.60 29.57 11.29
CA GLY G 305 61.99 29.77 10.90
C GLY G 305 62.21 29.97 9.43
N ASN H 25 39.67 -1.51 -2.57
CA ASN H 25 39.30 -2.10 -1.29
C ASN H 25 37.90 -2.70 -1.34
N GLY H 26 36.94 -1.92 -1.85
CA GLY H 26 35.59 -2.42 -1.98
C GLY H 26 35.49 -3.58 -2.96
N LEU H 27 36.32 -3.55 -4.01
CA LEU H 27 36.37 -4.67 -4.95
C LEU H 27 36.76 -5.96 -4.25
N VAL H 28 37.62 -5.86 -3.23
CA VAL H 28 37.99 -7.04 -2.45
C VAL H 28 36.78 -7.59 -1.72
N ALA H 29 35.95 -6.72 -1.16
CA ALA H 29 34.75 -7.16 -0.47
C ALA H 29 33.75 -7.79 -1.45
N LEU H 30 33.61 -7.20 -2.64
CA LEU H 30 32.75 -7.78 -3.65
C LEU H 30 33.24 -9.17 -4.06
N GLY H 31 34.56 -9.31 -4.25
CA GLY H 31 35.12 -10.61 -4.56
C GLY H 31 34.93 -11.62 -3.44
N THR H 32 34.97 -11.14 -2.19
CA THR H 32 34.74 -12.04 -1.06
C THR H 32 33.30 -12.53 -1.04
N VAL H 33 32.34 -11.63 -1.25
CA VAL H 33 30.94 -12.03 -1.32
C VAL H 33 30.72 -13.00 -2.49
N GLY H 34 31.38 -12.72 -3.62
CA GLY H 34 31.28 -13.63 -4.75
C GLY H 34 31.87 -14.99 -4.46
N SER H 35 32.98 -15.03 -3.72
CA SER H 35 33.57 -16.31 -3.36
C SER H 35 32.67 -17.08 -2.40
N GLN H 36 32.02 -16.38 -1.47
CA GLN H 36 31.07 -17.04 -0.58
C GLN H 36 29.91 -17.64 -1.37
N GLU H 37 29.31 -16.85 -2.27
CA GLU H 37 28.20 -17.37 -3.06
C GLU H 37 28.66 -18.50 -3.99
N LEU H 38 29.91 -18.43 -4.47
CA LEU H 38 30.43 -19.48 -5.33
C LEU H 38 30.65 -20.77 -4.55
N PHE H 39 31.15 -20.66 -3.32
CA PHE H 39 31.26 -21.84 -2.47
C PHE H 39 29.88 -22.42 -2.15
N SER H 40 28.88 -21.55 -1.99
CA SER H 40 27.54 -22.03 -1.72
C SER H 40 26.93 -22.75 -2.92
N VAL H 41 27.20 -22.27 -4.13
CA VAL H 41 26.55 -22.82 -5.32
C VAL H 41 27.41 -23.83 -6.08
N VAL H 42 28.66 -24.03 -5.69
CA VAL H 42 29.56 -24.91 -6.43
C VAL H 42 29.33 -26.34 -5.97
N ALA H 43 28.72 -26.50 -4.80
CA ALA H 43 28.29 -27.81 -4.29
C ALA H 43 29.45 -28.78 -4.16
N PHE H 44 30.40 -28.48 -3.27
CA PHE H 44 31.43 -29.45 -2.93
C PHE H 44 30.80 -30.79 -2.59
N HIS H 45 31.24 -31.83 -3.32
CA HIS H 45 30.66 -33.17 -3.22
C HIS H 45 31.81 -34.14 -2.94
N CYS H 46 31.97 -34.49 -1.67
CA CYS H 46 33.07 -35.34 -1.24
C CYS H 46 32.85 -36.77 -1.69
N PRO H 47 33.66 -37.29 -2.61
CA PRO H 47 33.61 -38.73 -2.89
C PRO H 47 34.28 -39.49 -1.76
N CYS H 48 33.66 -40.58 -1.35
CA CYS H 48 34.24 -41.45 -0.33
C CYS H 48 34.76 -42.72 -1.02
N SER H 49 36.08 -42.81 -1.11
CA SER H 49 36.81 -43.92 -1.71
C SER H 49 38.28 -43.76 -1.32
N PRO H 50 39.07 -44.83 -1.23
CA PRO H 50 40.38 -44.73 -0.56
C PRO H 50 41.34 -43.70 -1.13
N ALA H 51 41.67 -43.79 -2.42
CA ALA H 51 42.72 -42.97 -2.98
C ALA H 51 42.23 -41.60 -3.47
N ARG H 52 41.01 -41.55 -4.01
CA ARG H 52 40.56 -40.34 -4.70
C ARG H 52 40.26 -39.21 -3.73
N ASN H 53 40.20 -39.50 -2.44
CA ASN H 53 39.79 -38.50 -1.45
C ASN H 53 40.67 -37.27 -1.49
N TYR H 54 41.93 -37.42 -1.12
CA TYR H 54 42.80 -36.26 -0.98
C TYR H 54 43.10 -35.63 -2.33
N LEU H 55 43.11 -36.44 -3.40
CA LEU H 55 43.26 -35.88 -4.74
C LEU H 55 42.14 -34.90 -5.04
N TYR H 56 40.89 -35.31 -4.84
CA TYR H 56 39.77 -34.42 -5.13
C TYR H 56 39.79 -33.21 -4.22
N GLY H 57 40.10 -33.40 -2.94
CA GLY H 57 40.20 -32.27 -2.04
C GLY H 57 41.23 -31.26 -2.49
N LEU H 58 42.46 -31.72 -2.72
CA LEU H 58 43.53 -30.86 -3.20
C LEU H 58 43.10 -30.09 -4.44
N ALA H 59 42.56 -30.80 -5.43
CA ALA H 59 42.19 -30.11 -6.67
C ALA H 59 41.09 -29.08 -6.45
N ALA H 60 40.00 -29.49 -5.81
CA ALA H 60 38.84 -28.60 -5.69
C ALA H 60 39.13 -27.42 -4.78
N ILE H 61 40.15 -27.52 -3.92
CA ILE H 61 40.41 -26.42 -3.01
C ILE H 61 41.56 -25.55 -3.52
N GLY H 62 42.42 -26.10 -4.38
CA GLY H 62 43.55 -25.33 -4.83
C GLY H 62 43.58 -24.93 -6.28
N VAL H 63 42.62 -25.36 -7.09
CA VAL H 63 42.56 -24.90 -8.48
C VAL H 63 41.94 -23.51 -8.55
N PRO H 64 40.81 -23.23 -7.89
CA PRO H 64 40.32 -21.84 -7.88
C PRO H 64 41.31 -20.89 -7.24
N ALA H 65 42.15 -21.37 -6.33
CA ALA H 65 43.26 -20.56 -5.84
C ALA H 65 44.16 -20.13 -6.99
N LEU H 66 44.56 -21.09 -7.83
CA LEU H 66 45.39 -20.76 -8.98
C LEU H 66 44.68 -19.79 -9.92
N VAL H 67 43.38 -19.98 -10.13
CA VAL H 67 42.63 -19.11 -11.02
C VAL H 67 42.62 -17.68 -10.49
N LEU H 68 42.35 -17.52 -9.20
CA LEU H 68 42.31 -16.17 -8.62
C LEU H 68 43.69 -15.53 -8.60
N PHE H 69 44.74 -16.34 -8.37
CA PHE H 69 46.10 -15.83 -8.45
C PHE H 69 46.41 -15.32 -9.85
N ILE H 70 46.02 -16.08 -10.87
CA ILE H 70 46.29 -15.68 -12.25
C ILE H 70 45.52 -14.40 -12.58
N ILE H 71 44.26 -14.32 -12.17
CA ILE H 71 43.49 -13.10 -12.42
C ILE H 71 44.15 -11.91 -11.74
N GLY H 72 44.61 -12.09 -10.51
CA GLY H 72 45.29 -11.01 -9.81
C GLY H 72 46.53 -10.54 -10.55
N ILE H 73 47.34 -11.47 -11.05
CA ILE H 73 48.53 -11.07 -11.80
C ILE H 73 48.14 -10.40 -13.11
N ILE H 74 47.03 -10.82 -13.72
CA ILE H 74 46.61 -10.26 -15.01
C ILE H 74 46.17 -8.81 -14.85
N LEU H 75 45.30 -8.54 -13.88
CA LEU H 75 44.69 -7.22 -13.75
C LEU H 75 45.58 -6.23 -13.03
N ASN H 76 46.89 -6.49 -12.95
CA ASN H 76 47.81 -5.58 -12.31
C ASN H 76 48.70 -4.93 -13.36
N ASN H 77 48.87 -3.61 -13.25
CA ASN H 77 49.67 -2.88 -14.21
C ASN H 77 51.16 -3.19 -14.06
N HIS H 78 51.63 -3.32 -12.82
CA HIS H 78 53.07 -3.40 -12.55
C HIS H 78 53.73 -4.56 -13.30
N THR H 79 53.03 -5.68 -13.42
CA THR H 79 53.64 -6.85 -14.07
C THR H 79 53.94 -6.56 -15.53
N TRP H 80 53.09 -5.79 -16.20
CA TRP H 80 53.33 -5.49 -17.60
C TRP H 80 54.48 -4.51 -17.76
N ASN H 81 54.63 -3.57 -16.83
CA ASN H 81 55.83 -2.76 -16.77
C ASN H 81 57.06 -3.64 -16.63
N LEU H 82 56.99 -4.64 -15.74
CA LEU H 82 58.12 -5.53 -15.53
C LEU H 82 58.49 -6.28 -16.81
N VAL H 83 57.48 -6.82 -17.50
CA VAL H 83 57.77 -7.59 -18.71
C VAL H 83 58.24 -6.68 -19.83
N ALA H 84 57.78 -5.43 -19.89
CA ALA H 84 58.30 -4.49 -20.87
C ALA H 84 59.75 -4.12 -20.56
N GLU H 85 60.14 -4.17 -19.28
CA GLU H 85 61.53 -3.90 -18.93
C GLU H 85 62.46 -5.00 -19.43
N CYS H 86 61.93 -6.22 -19.63
CA CYS H 86 62.79 -7.33 -20.02
C CYS H 86 63.32 -7.16 -21.45
N GLN H 87 62.55 -6.51 -22.31
CA GLN H 87 62.95 -6.32 -23.70
C GLN H 87 64.21 -5.49 -23.82
N ALA H 97 67.82 -6.12 -5.39
CA ALA H 97 67.12 -5.33 -4.37
C ALA H 97 65.82 -4.67 -4.89
N PRO H 98 65.85 -3.98 -6.03
CA PRO H 98 64.59 -3.41 -6.54
C PRO H 98 63.58 -4.47 -6.97
N THR H 99 64.03 -5.45 -7.76
CA THR H 99 63.16 -6.54 -8.19
C THR H 99 62.48 -7.19 -6.99
N PHE H 100 63.16 -7.23 -5.84
CA PHE H 100 62.55 -7.76 -4.63
C PHE H 100 61.25 -7.02 -4.31
N LEU H 101 61.31 -5.69 -4.21
CA LEU H 101 60.12 -4.94 -3.82
C LEU H 101 59.08 -4.92 -4.93
N LEU H 102 59.51 -4.92 -6.19
CA LEU H 102 58.55 -5.00 -7.29
C LEU H 102 57.75 -6.29 -7.24
N LEU H 103 58.45 -7.43 -7.20
CA LEU H 103 57.79 -8.71 -7.09
C LEU H 103 56.95 -8.78 -5.82
N SER H 104 57.42 -8.18 -4.73
CA SER H 104 56.62 -8.16 -3.50
C SER H 104 55.29 -7.47 -3.72
N SER H 105 55.32 -6.27 -4.29
CA SER H 105 54.09 -5.53 -4.57
C SER H 105 53.13 -6.36 -5.41
N ILE H 106 53.64 -6.92 -6.53
CA ILE H 106 52.74 -7.61 -7.44
C ILE H 106 52.20 -8.88 -6.81
N LEU H 107 53.08 -9.69 -6.20
CA LEU H 107 52.65 -10.95 -5.62
C LEU H 107 51.68 -10.74 -4.46
N GLY H 108 51.84 -9.64 -3.72
CA GLY H 108 50.89 -9.37 -2.65
C GLY H 108 49.54 -8.93 -3.18
N ARG H 109 49.54 -7.93 -4.08
CA ARG H 109 48.29 -7.47 -4.67
C ARG H 109 47.56 -8.61 -5.37
N ALA H 110 48.30 -9.64 -5.79
CA ALA H 110 47.67 -10.80 -6.40
C ALA H 110 47.17 -11.77 -5.34
N ALA H 111 48.06 -12.24 -4.46
CA ALA H 111 47.73 -13.29 -3.51
C ALA H 111 46.82 -12.82 -2.40
N VAL H 112 46.34 -11.58 -2.45
CA VAL H 112 45.30 -11.17 -1.51
C VAL H 112 44.13 -12.16 -1.51
N ALA H 113 43.61 -12.51 -2.69
CA ALA H 113 42.37 -13.28 -2.81
C ALA H 113 42.51 -14.79 -2.59
N PRO H 114 43.53 -15.46 -3.15
CA PRO H 114 43.60 -16.92 -2.94
C PRO H 114 43.74 -17.31 -1.48
N VAL H 115 44.46 -16.51 -0.68
CA VAL H 115 44.58 -16.81 0.73
C VAL H 115 43.22 -16.67 1.41
N THR H 116 42.44 -15.66 1.02
CA THR H 116 41.08 -15.51 1.53
C THR H 116 40.25 -16.74 1.22
N TRP H 117 40.26 -17.20 -0.03
CA TRP H 117 39.49 -18.39 -0.39
C TRP H 117 39.97 -19.61 0.39
N SER H 118 41.29 -19.75 0.54
CA SER H 118 41.84 -20.93 1.21
C SER H 118 41.43 -20.96 2.67
N VAL H 119 41.48 -19.82 3.36
CA VAL H 119 41.13 -19.82 4.78
C VAL H 119 39.63 -19.97 4.95
N ILE H 120 38.82 -19.39 4.05
CA ILE H 120 37.38 -19.60 4.14
C ILE H 120 37.05 -21.07 3.92
N SER H 121 37.84 -21.76 3.11
CA SER H 121 37.59 -23.18 2.89
C SER H 121 38.10 -24.03 4.05
N LEU H 122 39.19 -23.62 4.71
CA LEU H 122 39.70 -24.38 5.84
C LEU H 122 38.79 -24.25 7.07
N LEU H 123 38.34 -23.02 7.35
CA LEU H 123 37.51 -22.81 8.53
C LEU H 123 36.22 -23.61 8.46
N ARG H 124 35.65 -23.73 7.26
CA ARG H 124 34.42 -24.51 7.10
C ARG H 124 34.65 -25.99 7.36
N GLY H 125 35.90 -26.44 7.30
CA GLY H 125 36.16 -27.85 7.35
C GLY H 125 35.66 -28.54 6.11
N GLU H 126 35.20 -29.78 6.31
CA GLU H 126 34.47 -30.58 5.31
C GLU H 126 35.22 -30.64 3.97
N ALA H 127 36.49 -30.24 3.98
CA ALA H 127 37.38 -30.43 2.85
C ALA H 127 38.65 -31.12 3.33
N TYR H 128 39.18 -30.65 4.46
CA TYR H 128 40.35 -31.30 5.05
C TYR H 128 40.00 -32.70 5.52
N VAL H 129 38.82 -32.89 6.09
CA VAL H 129 38.42 -34.20 6.58
C VAL H 129 38.17 -35.15 5.42
N CYS H 130 37.60 -34.63 4.32
CA CYS H 130 37.37 -35.48 3.16
C CYS H 130 38.68 -35.91 2.53
N ALA H 131 39.73 -35.13 2.73
CA ALA H 131 41.04 -35.50 2.20
C ALA H 131 41.74 -36.49 3.11
N LEU H 132 41.97 -36.12 4.37
CA LEU H 132 42.78 -36.93 5.27
C LEU H 132 41.95 -37.88 6.13
N SER H 133 40.76 -38.24 5.68
CA SER H 133 40.01 -39.27 6.39
C SER H 133 40.71 -40.62 6.32
N GLU H 134 41.25 -40.97 5.15
CA GLU H 134 41.81 -42.30 4.96
C GLU H 134 42.98 -42.58 5.91
N PHE H 135 43.73 -41.55 6.29
CA PHE H 135 44.94 -41.73 7.07
C PHE H 135 44.70 -41.82 8.57
N VAL H 136 43.46 -41.65 9.03
CA VAL H 136 43.16 -41.74 10.45
C VAL H 136 43.57 -43.12 10.95
N ASP H 137 44.49 -43.15 11.89
CA ASP H 137 44.98 -44.42 12.42
C ASP H 137 43.83 -45.16 13.08
N PRO H 138 43.54 -46.40 12.65
CA PRO H 138 42.40 -47.13 13.24
C PRO H 138 42.64 -47.57 14.67
N SER H 139 43.89 -47.72 15.08
CA SER H 139 44.19 -48.25 16.41
C SER H 139 43.94 -47.22 17.50
N SER H 140 44.53 -46.03 17.38
CA SER H 140 44.59 -45.10 18.49
C SER H 140 43.43 -44.10 18.46
N LEU H 141 42.27 -44.53 18.94
CA LEU H 141 41.16 -43.63 19.21
C LEU H 141 40.14 -44.29 20.14
N THR H 142 39.98 -43.72 21.34
CA THR H 142 39.18 -44.36 22.39
C THR H 142 37.70 -44.28 22.07
N ALA H 143 37.00 -45.39 22.30
CA ALA H 143 35.54 -45.46 22.10
C ALA H 143 34.98 -46.72 22.75
N ARG H 144 33.78 -47.11 22.33
CA ARG H 144 33.18 -48.36 22.78
C ARG H 144 33.97 -49.54 22.23
N GLU H 145 33.47 -50.75 22.55
CA GLU H 145 34.16 -51.97 22.15
C GLU H 145 34.22 -52.09 20.63
N GLU H 146 34.90 -53.13 20.16
CA GLU H 146 35.17 -53.33 18.74
C GLU H 146 35.93 -52.14 18.19
N HIS H 147 37.16 -51.93 18.68
CA HIS H 147 37.99 -50.79 18.33
C HIS H 147 38.00 -50.52 16.83
N PHE H 148 38.44 -51.49 16.03
CA PHE H 148 38.36 -51.35 14.58
C PHE H 148 38.37 -52.75 13.97
N PRO H 149 37.44 -53.04 13.05
CA PRO H 149 37.21 -54.45 12.70
C PRO H 149 38.38 -55.16 12.03
N SER H 150 38.87 -54.65 10.90
CA SER H 150 39.80 -55.45 10.10
C SER H 150 40.73 -54.54 9.32
N ALA H 151 41.67 -55.18 8.61
CA ALA H 151 42.56 -54.44 7.73
C ALA H 151 41.84 -53.96 6.48
N HIS H 152 40.89 -54.78 5.97
CA HIS H 152 40.11 -54.37 4.81
C HIS H 152 39.16 -53.22 5.14
N ALA H 153 39.03 -52.88 6.42
CA ALA H 153 38.02 -51.91 6.84
C ALA H 153 38.48 -50.46 6.69
N THR H 154 39.74 -50.20 6.33
CA THR H 154 40.13 -48.83 6.03
C THR H 154 39.18 -48.22 5.01
N GLU H 155 38.67 -49.05 4.09
CA GLU H 155 37.70 -48.59 3.10
C GLU H 155 36.44 -48.05 3.78
N ILE H 156 35.84 -48.84 4.68
CA ILE H 156 34.66 -48.32 5.37
C ILE H 156 35.09 -47.20 6.30
N LEU H 157 36.38 -47.11 6.62
CA LEU H 157 36.89 -45.92 7.27
C LEU H 157 36.84 -44.73 6.32
N ALA H 158 37.35 -44.89 5.10
CA ALA H 158 37.36 -43.79 4.13
C ALA H 158 35.96 -43.27 3.86
N ARG H 159 34.96 -44.13 3.98
CA ARG H 159 33.59 -43.76 3.69
C ARG H 159 33.02 -42.79 4.73
N PHE H 160 33.72 -42.61 5.85
CA PHE H 160 33.24 -41.80 6.98
C PHE H 160 32.65 -40.44 6.60
N PRO H 161 33.21 -39.69 5.64
CA PRO H 161 32.56 -38.42 5.28
C PRO H 161 31.19 -38.60 4.63
N CYS H 162 30.95 -39.72 3.97
CA CYS H 162 29.61 -40.05 3.48
C CYS H 162 28.76 -40.49 4.66
N LYS H 163 27.46 -40.66 4.44
CA LYS H 163 26.50 -41.01 5.49
C LYS H 163 27.05 -42.25 6.21
N GLU H 164 27.13 -43.40 5.54
CA GLU H 164 27.88 -44.57 6.02
C GLU H 164 27.78 -44.79 7.52
N ASN H 165 26.58 -45.03 8.03
CA ASN H 165 26.42 -45.11 9.47
C ASN H 165 25.94 -46.47 9.94
N PRO H 166 26.79 -47.50 9.97
CA PRO H 166 26.41 -48.73 10.64
C PRO H 166 26.29 -48.51 12.14
N ASP H 167 25.35 -49.21 12.77
CA ASP H 167 25.14 -49.07 14.20
C ASP H 167 26.42 -49.31 14.98
N ASN H 168 27.25 -50.25 14.53
CA ASN H 168 28.49 -50.54 15.21
C ASN H 168 29.51 -49.40 15.05
N LEU H 169 29.21 -48.45 14.17
CA LEU H 169 30.20 -47.44 13.80
C LEU H 169 29.81 -46.01 14.15
N SER H 170 28.58 -45.59 13.88
CA SER H 170 28.20 -44.17 13.89
C SER H 170 28.84 -43.34 15.02
N ASP H 171 28.71 -43.81 16.26
CA ASP H 171 29.26 -43.07 17.39
C ASP H 171 30.78 -43.03 17.33
N PHE H 172 31.41 -44.18 17.07
CA PHE H 172 32.85 -44.24 16.86
C PHE H 172 33.29 -43.30 15.73
N ARG H 173 32.42 -43.11 14.74
CA ARG H 173 32.72 -42.28 13.59
C ARG H 173 32.75 -40.80 13.97
N GLU H 174 31.71 -40.35 14.69
CA GLU H 174 31.61 -38.96 15.11
C GLU H 174 32.91 -38.42 15.69
N GLU H 175 33.61 -39.29 16.42
CA GLU H 175 34.92 -38.98 17.00
C GLU H 175 35.89 -38.54 15.92
N VAL H 176 35.98 -39.29 14.82
CA VAL H 176 36.92 -38.96 13.75
C VAL H 176 36.55 -37.65 13.10
N SER H 177 35.25 -37.42 12.85
CA SER H 177 34.81 -36.16 12.27
C SER H 177 35.27 -34.99 13.12
N ARG H 178 35.03 -35.06 14.44
CA ARG H 178 35.44 -33.96 15.30
C ARG H 178 36.96 -33.80 15.33
N ARG H 179 37.68 -34.92 15.44
CA ARG H 179 39.14 -34.86 15.58
C ARG H 179 39.79 -34.33 14.31
N LEU H 180 39.11 -34.45 13.16
CA LEU H 180 39.67 -33.92 11.92
C LEU H 180 39.30 -32.46 11.73
N ARG H 181 38.03 -32.11 11.99
CA ARG H 181 37.62 -30.71 11.94
C ARG H 181 38.47 -29.86 12.87
N TYR H 182 38.90 -30.44 13.99
CA TYR H 182 39.86 -29.77 14.87
C TYR H 182 41.10 -29.31 14.12
N GLU H 183 41.80 -30.25 13.49
CA GLU H 183 43.04 -29.90 12.80
C GLU H 183 42.78 -28.93 11.66
N SER H 184 41.65 -29.09 10.96
CA SER H 184 41.33 -28.18 9.88
C SER H 184 41.21 -26.74 10.38
N GLN H 185 40.35 -26.50 11.37
CA GLN H 185 40.16 -25.13 11.85
C GLN H 185 41.44 -24.60 12.51
N LEU H 186 42.24 -25.48 13.11
CA LEU H 186 43.48 -25.02 13.70
C LEU H 186 44.45 -24.51 12.64
N PHE H 187 44.62 -25.27 11.56
CA PHE H 187 45.44 -24.77 10.46
C PHE H 187 44.89 -23.49 9.88
N GLY H 188 43.57 -23.36 9.79
CA GLY H 188 42.99 -22.13 9.28
C GLY H 188 43.36 -20.92 10.13
N TRP H 189 43.23 -21.05 11.45
CA TRP H 189 43.55 -19.92 12.31
C TRP H 189 45.04 -19.61 12.28
N LEU H 190 45.89 -20.65 12.27
CA LEU H 190 47.33 -20.41 12.16
C LEU H 190 47.67 -19.70 10.86
N LEU H 191 46.99 -20.04 9.77
CA LEU H 191 47.25 -19.38 8.50
C LEU H 191 46.86 -17.90 8.56
N ILE H 192 45.68 -17.61 9.12
CA ILE H 192 45.29 -16.21 9.27
C ILE H 192 46.32 -15.43 10.08
N GLY H 193 46.80 -16.03 11.18
CA GLY H 193 47.79 -15.35 12.00
C GLY H 193 49.08 -15.08 11.23
N VAL H 194 49.56 -16.08 10.49
CA VAL H 194 50.82 -15.92 9.76
C VAL H 194 50.67 -14.87 8.66
N VAL H 195 49.51 -14.83 8.01
CA VAL H 195 49.29 -13.81 6.98
C VAL H 195 49.31 -12.42 7.59
N ALA H 196 48.68 -12.26 8.77
CA ALA H 196 48.73 -10.96 9.44
C ALA H 196 50.15 -10.58 9.80
N ILE H 197 50.93 -11.53 10.32
CA ILE H 197 52.31 -11.24 10.69
C ILE H 197 53.13 -10.83 9.48
N LEU H 198 52.91 -11.51 8.34
CA LEU H 198 53.67 -11.15 7.13
C LEU H 198 53.27 -9.77 6.63
N VAL H 199 51.99 -9.44 6.67
CA VAL H 199 51.56 -8.09 6.27
C VAL H 199 52.27 -7.04 7.13
N PHE H 200 52.22 -7.22 8.46
CA PHE H 200 52.85 -6.28 9.35
C PHE H 200 54.35 -6.18 9.14
N LEU H 201 55.04 -7.30 8.89
CA LEU H 201 56.48 -7.25 8.70
C LEU H 201 56.87 -6.63 7.36
N THR H 202 56.14 -6.90 6.28
CA THR H 202 56.47 -6.25 5.02
C THR H 202 56.22 -4.75 5.12
N LYS H 203 55.17 -4.34 5.84
CA LYS H 203 54.98 -2.92 6.11
C LYS H 203 56.17 -2.35 6.85
N CYS H 204 56.46 -2.88 8.04
CA CYS H 204 57.53 -2.35 8.88
C CYS H 204 58.90 -2.46 8.23
N LEU H 205 59.06 -3.26 7.19
CA LEU H 205 60.33 -3.36 6.50
C LEU H 205 60.44 -2.47 5.28
N LYS H 206 59.32 -2.16 4.63
CA LYS H 206 59.36 -1.24 3.51
C LYS H 206 59.86 0.14 3.96
N HIS H 207 59.16 0.72 4.94
CA HIS H 207 59.52 2.07 5.38
C HIS H 207 60.96 2.16 5.87
N TYR H 208 61.35 1.27 6.79
CA TYR H 208 62.68 1.36 7.39
C TYR H 208 63.78 1.30 6.34
N CYS H 209 63.53 0.67 5.20
CA CYS H 209 64.48 0.61 4.11
C CYS H 209 63.87 1.27 2.88
N SER H 210 63.99 2.59 2.80
CA SER H 210 63.51 3.40 1.70
C SER H 210 64.20 4.75 1.76
N PRO H 211 64.55 5.32 0.61
CA PRO H 211 65.23 6.61 0.62
C PRO H 211 64.31 7.74 1.03
N LEU H 212 63.04 7.64 0.64
CA LEU H 212 62.09 8.71 0.89
C LEU H 212 61.70 8.78 2.35
N SER H 213 61.04 9.88 2.71
CA SER H 213 60.40 10.01 4.00
C SER H 213 59.08 9.25 4.00
N TYR H 214 58.31 9.44 5.07
CA TYR H 214 57.04 8.77 5.20
C TYR H 214 55.94 9.45 4.41
N ARG H 215 55.89 10.78 4.44
CA ARG H 215 54.77 11.48 3.82
C ARG H 215 54.98 11.67 2.33
N GLN H 216 56.24 11.79 1.92
CA GLN H 216 56.55 11.96 0.50
C GLN H 216 56.05 10.76 -0.31
N GLU H 217 56.02 9.58 0.31
CA GLU H 217 55.54 8.41 -0.41
C GLU H 217 54.02 8.47 -0.61
N ALA H 218 53.29 8.99 0.37
CA ALA H 218 51.85 9.16 0.19
C ALA H 218 51.57 10.18 -0.90
N TYR H 219 52.33 11.29 -0.90
CA TYR H 219 52.20 12.26 -1.98
C TYR H 219 52.52 11.62 -3.32
N TRP H 220 53.54 10.75 -3.36
CA TRP H 220 53.89 10.05 -4.60
C TRP H 220 52.74 9.18 -5.09
N ALA H 221 52.09 8.45 -4.17
CA ALA H 221 50.99 7.59 -4.57
C ALA H 221 49.83 8.40 -5.13
N GLN H 222 49.51 9.52 -4.47
CA GLN H 222 48.45 10.39 -4.99
C GLN H 222 48.80 10.89 -6.39
N TYR H 223 50.06 11.30 -6.59
CA TYR H 223 50.46 11.77 -7.90
C TYR H 223 50.35 10.68 -8.95
N ARG H 224 50.74 9.46 -8.60
CA ARG H 224 50.66 8.37 -9.56
C ARG H 224 49.23 8.10 -9.98
N ALA H 225 48.31 8.03 -9.02
CA ALA H 225 46.92 7.79 -9.36
C ALA H 225 46.37 8.90 -10.25
N ASN H 226 46.66 10.16 -9.90
CA ASN H 226 46.13 11.26 -10.68
C ASN H 226 46.70 11.27 -12.09
N GLU H 227 48.00 10.96 -12.23
CA GLU H 227 48.60 10.91 -13.55
C GLU H 227 47.99 9.82 -14.40
N ASP H 228 47.78 8.64 -13.81
CA ASP H 228 47.16 7.56 -14.57
C ASP H 228 45.79 7.95 -15.09
N GLN H 229 44.95 8.53 -14.21
CA GLN H 229 43.60 8.88 -14.63
C GLN H 229 43.61 9.94 -15.73
N LEU H 230 44.39 11.00 -15.52
CA LEU H 230 44.41 12.08 -16.51
C LEU H 230 44.96 11.60 -17.84
N PHE H 231 45.99 10.75 -17.81
CA PHE H 231 46.57 10.27 -19.05
C PHE H 231 45.59 9.41 -19.81
N GLN H 232 44.88 8.52 -19.12
CA GLN H 232 43.90 7.68 -19.82
C GLN H 232 42.82 8.53 -20.47
N ARG H 233 42.22 9.45 -19.72
CA ARG H 233 41.14 10.25 -20.29
C ARG H 233 41.62 11.08 -21.46
N THR H 234 42.80 11.70 -21.34
CA THR H 234 43.29 12.55 -22.41
C THR H 234 43.61 11.74 -23.65
N ALA H 235 44.23 10.55 -23.49
CA ALA H 235 44.51 9.71 -24.64
C ALA H 235 43.23 9.32 -25.35
N GLU H 236 42.16 9.06 -24.60
CA GLU H 236 40.90 8.71 -25.25
C GLU H 236 40.36 9.87 -26.07
N VAL H 237 40.34 11.07 -25.48
CA VAL H 237 39.82 12.23 -26.23
C VAL H 237 40.64 12.48 -27.47
N HIS H 238 41.97 12.42 -27.36
CA HIS H 238 42.84 12.68 -28.50
C HIS H 238 42.61 11.65 -29.60
N SER H 239 42.49 10.38 -29.22
CA SER H 239 42.22 9.34 -30.21
C SER H 239 40.91 9.60 -30.94
N ARG H 240 39.85 9.92 -30.20
CA ARG H 240 38.57 10.19 -30.84
C ARG H 240 38.67 11.36 -31.81
N VAL H 241 39.43 12.39 -31.46
CA VAL H 241 39.57 13.54 -32.37
C VAL H 241 40.30 13.13 -33.64
N LEU H 242 41.38 12.36 -33.49
CA LEU H 242 42.10 11.90 -34.68
C LEU H 242 41.21 11.05 -35.57
N ALA H 243 40.39 10.19 -34.97
CA ALA H 243 39.48 9.36 -35.75
C ALA H 243 38.45 10.22 -36.47
N ALA H 244 37.97 11.28 -35.82
CA ALA H 244 37.02 12.17 -36.48
C ALA H 244 37.64 12.85 -37.69
N ASN H 245 38.89 13.30 -37.55
CA ASN H 245 39.58 13.88 -38.71
C ASN H 245 39.70 12.87 -39.84
N ASN H 246 40.12 11.66 -39.52
CA ASN H 246 40.28 10.62 -40.55
C ASN H 246 38.95 10.36 -41.26
N VAL H 247 37.87 10.23 -40.51
CA VAL H 247 36.56 9.99 -41.13
C VAL H 247 36.17 11.16 -42.03
N ARG H 248 36.19 12.37 -41.48
CA ARG H 248 35.79 13.54 -42.26
C ARG H 248 36.57 13.65 -43.56
N ARG H 249 37.82 13.18 -43.57
CA ARG H 249 38.52 13.22 -44.85
C ARG H 249 37.96 12.25 -45.88
N PHE H 250 36.99 11.41 -45.52
CA PHE H 250 36.45 10.42 -46.46
C PHE H 250 35.13 10.87 -47.07
N PHE H 251 34.12 11.11 -46.23
CA PHE H 251 32.80 11.46 -46.75
C PHE H 251 32.72 12.92 -47.15
N GLY H 252 33.22 13.81 -46.29
CA GLY H 252 33.13 15.23 -46.55
C GLY H 252 32.57 15.95 -45.34
N PHE H 253 32.11 15.18 -44.36
CA PHE H 253 31.53 15.71 -43.14
C PHE H 253 31.42 14.58 -42.14
N VAL H 254 31.74 14.85 -40.89
CA VAL H 254 31.55 13.86 -39.84
C VAL H 254 30.27 14.17 -39.09
N ALA H 255 29.76 13.19 -38.36
CA ALA H 255 28.52 13.31 -37.61
C ALA H 255 28.81 13.13 -36.13
N LEU H 256 28.41 14.10 -35.33
CA LEU H 256 28.80 14.16 -33.93
C LEU H 256 27.60 14.50 -33.06
N ASN H 257 27.74 14.22 -31.77
CA ASN H 257 26.82 14.71 -30.77
C ASN H 257 27.17 16.15 -30.42
N LYS H 258 26.54 16.68 -29.36
CA LYS H 258 26.92 17.99 -28.86
C LYS H 258 28.24 17.91 -28.11
N ASP H 259 28.41 16.87 -27.29
CA ASP H 259 29.65 16.67 -26.54
C ASP H 259 30.84 16.63 -27.48
N ASP H 260 30.81 15.70 -28.44
CA ASP H 260 31.90 15.58 -29.40
C ASP H 260 32.07 16.85 -30.22
N GLU H 261 30.98 17.56 -30.47
CA GLU H 261 31.07 18.83 -31.19
C GLU H 261 31.95 19.81 -30.42
N GLU H 262 31.66 19.99 -29.12
CA GLU H 262 32.48 20.86 -28.30
C GLU H 262 33.92 20.35 -28.21
N LEU H 263 34.09 19.03 -28.14
CA LEU H 263 35.42 18.45 -28.09
C LEU H 263 36.25 18.86 -29.30
N ILE H 264 35.73 18.62 -30.50
CA ILE H 264 36.48 18.93 -31.71
C ILE H 264 36.57 20.43 -31.92
N ALA H 265 35.68 21.19 -31.27
CA ALA H 265 35.78 22.64 -31.33
C ALA H 265 36.96 23.15 -30.49
N ASN H 266 37.16 22.55 -29.31
CA ASN H 266 38.22 23.02 -28.41
C ASN H 266 39.59 22.52 -28.85
N PHE H 267 39.76 21.20 -28.90
CA PHE H 267 41.09 20.60 -29.03
C PHE H 267 41.39 20.24 -30.48
N PRO H 268 42.27 20.96 -31.16
CA PRO H 268 42.74 20.49 -32.46
C PRO H 268 43.73 19.35 -32.28
N VAL H 269 44.04 18.64 -33.36
CA VAL H 269 44.96 17.51 -33.32
C VAL H 269 45.58 17.34 -34.69
N GLU H 270 46.85 16.95 -34.72
CA GLU H 270 47.56 16.73 -35.96
C GLU H 270 47.93 15.27 -36.14
N GLY H 271 48.62 14.72 -35.13
CA GLY H 271 49.14 13.37 -35.20
C GLY H 271 49.99 13.11 -33.99
N THR H 272 49.88 11.89 -33.46
CA THR H 272 50.48 11.54 -32.18
C THR H 272 52.01 11.55 -32.30
N GLN H 273 52.69 11.67 -31.17
CA GLN H 273 54.14 11.72 -31.16
C GLN H 273 54.72 10.41 -31.69
N PRO H 274 55.97 10.42 -32.14
CA PRO H 274 56.56 9.22 -32.72
C PRO H 274 56.70 8.10 -31.71
N ARG H 275 57.21 6.97 -32.18
CA ARG H 275 57.32 5.78 -31.34
C ARG H 275 58.39 5.90 -30.26
N PRO H 276 59.58 6.46 -30.52
CA PRO H 276 60.54 6.63 -29.42
C PRO H 276 59.96 7.36 -28.21
N GLN H 277 59.16 8.40 -28.44
CA GLN H 277 58.54 9.10 -27.32
C GLN H 277 57.62 8.18 -26.53
N TRP H 278 56.74 7.45 -27.22
CA TRP H 278 55.90 6.47 -26.55
C TRP H 278 56.73 5.48 -25.75
N ASN H 279 57.93 5.14 -26.25
CA ASN H 279 58.77 4.19 -25.54
C ASN H 279 59.37 4.80 -24.29
N ALA H 280 59.77 6.07 -24.35
CA ALA H 280 60.38 6.70 -23.19
C ALA H 280 59.42 6.77 -22.01
N ILE H 281 58.12 6.60 -22.26
CA ILE H 281 57.15 6.72 -21.19
C ILE H 281 57.00 5.40 -20.44
N THR H 282 56.94 4.29 -21.15
CA THR H 282 56.67 2.99 -20.55
C THR H 282 57.89 2.52 -19.77
N GLY H 283 57.65 1.60 -18.84
CA GLY H 283 58.69 1.00 -18.04
C GLY H 283 58.42 1.15 -16.57
N VAL H 284 59.35 0.62 -15.78
CA VAL H 284 59.30 0.76 -14.33
C VAL H 284 60.20 1.91 -13.94
N TYR H 285 59.86 2.61 -12.87
CA TYR H 285 60.56 3.82 -12.48
C TYR H 285 60.99 3.72 -11.03
N LEU H 286 62.30 3.86 -10.81
CA LEU H 286 62.83 4.03 -9.46
C LEU H 286 63.05 5.51 -9.21
N TYR H 287 62.86 5.92 -7.95
CA TYR H 287 62.85 7.33 -7.62
C TYR H 287 64.20 7.96 -7.94
N ARG H 288 64.21 8.82 -8.95
CA ARG H 288 65.41 9.54 -9.37
C ARG H 288 65.24 11.02 -9.08
N GLU H 289 66.30 11.63 -8.59
CA GLU H 289 66.30 13.06 -8.31
C GLU H 289 67.08 13.79 -9.38
N ASN H 290 66.54 14.93 -9.80
CA ASN H 290 67.26 15.88 -10.63
C ASN H 290 68.18 16.69 -9.72
N GLN H 291 68.77 17.76 -10.23
CA GLN H 291 69.62 18.60 -9.40
C GLN H 291 68.73 19.34 -8.40
N GLY H 292 68.56 18.75 -7.23
CA GLY H 292 67.67 19.30 -6.22
C GLY H 292 66.26 18.78 -6.27
N LEU H 293 65.52 19.13 -7.32
CA LEU H 293 64.13 18.76 -7.42
C LEU H 293 63.98 17.25 -7.64
N PRO H 294 62.85 16.68 -7.19
CA PRO H 294 62.61 15.26 -7.41
C PRO H 294 61.82 14.99 -8.68
N LEU H 295 61.92 13.77 -9.21
CA LEU H 295 61.17 13.33 -10.38
C LEU H 295 60.33 12.12 -10.00
N TYR H 296 59.02 12.24 -10.16
CA TYR H 296 58.10 11.27 -9.58
C TYR H 296 57.61 10.20 -10.56
N SER H 297 58.04 10.24 -11.82
CA SER H 297 57.62 9.25 -12.81
C SER H 297 58.39 9.49 -14.09
N ARG H 298 58.44 8.46 -14.94
CA ARG H 298 59.14 8.58 -16.20
C ARG H 298 58.54 9.67 -17.09
N LEU H 299 57.22 9.83 -17.05
CA LEU H 299 56.60 10.94 -17.77
C LEU H 299 57.12 12.26 -17.25
N HIS H 300 57.24 12.39 -15.94
CA HIS H 300 57.84 13.60 -15.37
C HIS H 300 59.28 13.77 -15.84
N LYS H 301 60.08 12.71 -15.73
CA LYS H 301 61.45 12.73 -16.19
C LYS H 301 61.58 13.19 -17.65
N TRP H 302 60.60 12.84 -18.49
CA TRP H 302 60.64 13.24 -19.88
C TRP H 302 60.11 14.65 -20.12
N ALA H 303 59.18 15.11 -19.29
CA ALA H 303 58.65 16.45 -19.46
C ALA H 303 59.68 17.54 -19.20
N GLN H 304 60.69 17.24 -18.37
CA GLN H 304 61.69 18.25 -18.05
C GLN H 304 62.72 18.38 -19.16
N GLY H 305 63.42 17.29 -19.49
CA GLY H 305 64.44 17.32 -20.50
C GLY H 305 63.96 17.72 -21.88
N ASN I 25 32.06 -7.47 -22.29
CA ASN I 25 32.24 -8.20 -21.04
C ASN I 25 30.91 -8.56 -20.42
N GLY I 26 30.02 -7.58 -20.31
CA GLY I 26 28.70 -7.84 -19.76
C GLY I 26 27.89 -8.79 -20.63
N LEU I 27 28.09 -8.72 -21.95
CA LEU I 27 27.42 -9.67 -22.85
C LEU I 27 27.83 -11.10 -22.53
N VAL I 28 29.07 -11.30 -22.08
CA VAL I 28 29.51 -12.63 -21.68
C VAL I 28 28.73 -13.10 -20.46
N ALA I 29 28.48 -12.21 -19.51
CA ALA I 29 27.71 -12.57 -18.33
C ALA I 29 26.25 -12.87 -18.69
N LEU I 30 25.69 -12.08 -19.62
CA LEU I 30 24.33 -12.36 -20.08
C LEU I 30 24.25 -13.71 -20.78
N GLY I 31 25.25 -14.03 -21.61
CA GLY I 31 25.29 -15.34 -22.25
C GLY I 31 25.46 -16.46 -21.25
N THR I 32 26.21 -16.21 -20.17
CA THR I 32 26.37 -17.22 -19.14
C THR I 32 25.06 -17.49 -18.40
N VAL I 33 24.34 -16.43 -18.04
CA VAL I 33 23.02 -16.60 -17.41
C VAL I 33 22.07 -17.32 -18.36
N GLY I 34 22.13 -16.97 -19.65
CA GLY I 34 21.30 -17.65 -20.63
C GLY I 34 21.64 -19.12 -20.76
N SER I 35 22.94 -19.45 -20.70
CA SER I 35 23.36 -20.85 -20.76
C SER I 35 22.89 -21.61 -19.53
N GLN I 36 22.94 -20.97 -18.36
CA GLN I 36 22.43 -21.61 -17.16
C GLN I 36 20.94 -21.90 -17.27
N GLU I 37 20.16 -20.90 -17.69
CA GLU I 37 18.71 -21.11 -17.85
C GLU I 37 18.42 -22.12 -18.94
N LEU I 38 19.25 -22.17 -19.98
CA LEU I 38 19.05 -23.14 -21.05
C LEU I 38 19.34 -24.56 -20.57
N PHE I 39 20.39 -24.72 -19.76
CA PHE I 39 20.64 -26.03 -19.17
C PHE I 39 19.51 -26.42 -18.23
N SER I 40 18.92 -25.45 -17.53
CA SER I 40 17.81 -25.76 -16.64
C SER I 40 16.56 -26.18 -17.41
N VAL I 41 16.31 -25.55 -18.55
CA VAL I 41 15.06 -25.79 -19.28
C VAL I 41 15.19 -26.79 -20.42
N VAL I 42 16.40 -27.24 -20.74
CA VAL I 42 16.61 -28.12 -21.88
C VAL I 42 16.34 -29.56 -21.46
N ALA I 43 16.36 -29.80 -20.15
CA ALA I 43 15.97 -31.08 -19.58
C ALA I 43 16.80 -32.24 -20.11
N PHE I 44 18.10 -32.24 -19.81
CA PHE I 44 18.93 -33.39 -20.11
C PHE I 44 18.28 -34.66 -19.59
N HIS I 45 18.07 -35.62 -20.51
CA HIS I 45 17.35 -36.86 -20.19
C HIS I 45 18.25 -38.03 -20.60
N CYS I 46 18.92 -38.59 -19.62
CA CYS I 46 19.88 -39.66 -19.87
C CYS I 46 19.17 -40.95 -20.22
N PRO I 47 19.30 -41.44 -21.45
CA PRO I 47 18.82 -42.78 -21.76
C PRO I 47 19.77 -43.80 -21.17
N CYS I 48 19.22 -44.84 -20.58
CA CYS I 48 20.01 -45.94 -20.05
C CYS I 48 19.84 -47.15 -20.98
N SER I 49 20.89 -47.43 -21.75
CA SER I 49 20.99 -48.53 -22.70
C SER I 49 22.46 -48.65 -23.10
N PRO I 50 22.94 -49.83 -23.49
CA PRO I 50 24.39 -50.05 -23.58
C PRO I 50 25.15 -49.10 -24.50
N ALA I 51 24.77 -49.03 -25.77
CA ALA I 51 25.58 -48.30 -26.75
C ALA I 51 25.20 -46.82 -26.83
N ARG I 52 23.93 -46.49 -26.67
CA ARG I 52 23.46 -45.13 -26.96
C ARG I 52 23.93 -44.14 -25.90
N ASN I 53 24.45 -44.62 -24.78
CA ASN I 53 24.79 -43.75 -23.65
C ASN I 53 25.77 -42.67 -24.07
N TYR I 54 27.00 -43.07 -24.41
CA TYR I 54 28.05 -42.09 -24.65
C TYR I 54 27.78 -41.32 -25.94
N LEU I 55 27.09 -41.93 -26.89
CA LEU I 55 26.68 -41.19 -28.08
C LEU I 55 25.80 -40.01 -27.72
N TYR I 56 24.75 -40.25 -26.94
CA TYR I 56 23.85 -39.17 -26.56
C TYR I 56 24.57 -38.14 -25.71
N GLY I 57 25.42 -38.59 -24.79
CA GLY I 57 26.19 -37.64 -23.99
C GLY I 57 27.06 -36.74 -24.85
N LEU I 58 27.89 -37.34 -25.69
CA LEU I 58 28.74 -36.58 -26.60
C LEU I 58 27.93 -35.57 -27.39
N ALA I 59 26.84 -36.00 -28.02
CA ALA I 59 26.08 -35.09 -28.86
C ALA I 59 25.47 -33.95 -28.04
N ALA I 60 24.77 -34.29 -26.96
CA ALA I 60 24.04 -33.27 -26.20
C ALA I 60 24.98 -32.30 -25.51
N ILE I 61 26.24 -32.70 -25.30
CA ILE I 61 27.14 -31.81 -24.58
C ILE I 61 28.06 -31.06 -25.55
N GLY I 62 28.25 -31.59 -26.76
CA GLY I 62 29.15 -30.93 -27.67
C GLY I 62 28.55 -30.32 -28.91
N VAL I 63 27.25 -30.46 -29.14
CA VAL I 63 26.62 -29.78 -30.27
C VAL I 63 26.36 -28.32 -29.93
N PRO I 64 25.78 -27.98 -28.77
CA PRO I 64 25.67 -26.55 -28.43
C PRO I 64 27.02 -25.87 -28.33
N ALA I 65 28.08 -26.62 -28.00
CA ALA I 65 29.43 -26.08 -28.10
C ALA I 65 29.72 -25.61 -29.52
N LEU I 66 29.44 -26.47 -30.50
CA LEU I 66 29.65 -26.09 -31.90
C LEU I 66 28.80 -24.90 -32.28
N VAL I 67 27.56 -24.84 -31.80
CA VAL I 67 26.68 -23.73 -32.14
C VAL I 67 27.24 -22.42 -31.59
N LEU I 68 27.67 -22.42 -30.33
CA LEU I 68 28.20 -21.21 -29.73
C LEU I 68 29.52 -20.80 -30.39
N PHE I 69 30.35 -21.78 -30.76
CA PHE I 69 31.57 -21.48 -31.50
C PHE I 69 31.26 -20.81 -32.83
N ILE I 70 30.27 -21.33 -33.55
CA ILE I 70 29.92 -20.75 -34.84
C ILE I 70 29.37 -19.34 -34.66
N ILE I 71 28.51 -19.13 -33.65
CA ILE I 71 28.01 -17.79 -33.40
C ILE I 71 29.15 -16.83 -33.09
N GLY I 72 30.11 -17.28 -32.28
CA GLY I 72 31.25 -16.44 -31.97
C GLY I 72 32.04 -16.05 -33.20
N ILE I 73 32.28 -17.00 -34.09
CA ILE I 73 33.00 -16.67 -35.32
C ILE I 73 32.19 -15.75 -36.20
N ILE I 74 30.85 -15.90 -36.18
CA ILE I 74 30.01 -15.07 -37.04
C ILE I 74 30.01 -13.62 -36.59
N LEU I 75 29.80 -13.38 -35.29
CA LEU I 75 29.63 -12.02 -34.79
C LEU I 75 30.96 -11.30 -34.57
N ASN I 76 32.04 -11.78 -35.18
CA ASN I 76 33.33 -11.13 -35.04
C ASN I 76 33.71 -10.47 -36.36
N ASN I 77 34.18 -9.23 -36.27
CA ASN I 77 34.56 -8.47 -37.47
C ASN I 77 35.82 -9.04 -38.11
N HIS I 78 36.79 -9.43 -37.30
CA HIS I 78 38.12 -9.77 -37.80
C HIS I 78 38.07 -10.88 -38.86
N THR I 79 37.18 -11.86 -38.67
CA THR I 79 37.13 -12.98 -39.61
C THR I 79 36.73 -12.51 -41.01
N TRP I 80 35.86 -11.51 -41.09
CA TRP I 80 35.43 -11.03 -42.40
C TRP I 80 36.54 -10.23 -43.07
N ASN I 81 37.31 -9.49 -42.28
CA ASN I 81 38.55 -8.90 -42.80
C ASN I 81 39.46 -9.98 -43.36
N LEU I 82 39.62 -11.08 -42.63
CA LEU I 82 40.49 -12.16 -43.08
C LEU I 82 40.01 -12.74 -44.39
N VAL I 83 38.71 -13.00 -44.51
CA VAL I 83 38.20 -13.58 -45.74
C VAL I 83 38.25 -12.59 -46.90
N ALA I 84 38.10 -11.29 -46.62
CA ALA I 84 38.27 -10.30 -47.68
C ALA I 84 39.72 -10.21 -48.13
N GLU I 85 40.66 -10.53 -47.24
CA GLU I 85 42.07 -10.53 -47.62
C GLU I 85 42.37 -11.67 -48.60
N CYS I 86 41.58 -12.74 -48.58
CA CYS I 86 41.87 -13.90 -49.42
C CYS I 86 41.66 -13.59 -50.90
N GLN I 87 40.72 -12.70 -51.21
CA GLN I 87 40.42 -12.35 -52.59
C GLN I 87 41.62 -11.71 -53.29
N ALA I 97 53.52 -15.84 -39.36
CA ALA I 97 53.59 -15.13 -38.08
C ALA I 97 52.38 -14.21 -37.82
N PRO I 98 52.00 -13.35 -38.77
CA PRO I 98 50.80 -12.52 -38.53
C PRO I 98 49.53 -13.33 -38.44
N THR I 99 49.30 -14.22 -39.42
CA THR I 99 48.12 -15.08 -39.40
C THR I 99 47.99 -15.81 -38.06
N PHE I 100 49.12 -16.14 -37.44
CA PHE I 100 49.08 -16.75 -36.12
C PHE I 100 48.29 -15.89 -35.13
N LEU I 101 48.68 -14.62 -34.99
CA LEU I 101 48.02 -13.77 -34.01
C LEU I 101 46.61 -13.40 -34.43
N LEU I 102 46.35 -13.27 -35.73
CA LEU I 102 44.99 -13.01 -36.19
C LEU I 102 44.06 -14.16 -35.82
N LEU I 103 44.43 -15.39 -36.21
CA LEU I 103 43.65 -16.56 -35.85
C LEU I 103 43.54 -16.70 -34.34
N SER I 104 44.59 -16.36 -33.61
CA SER I 104 44.53 -16.42 -32.16
C SER I 104 43.44 -15.51 -31.62
N SER I 105 43.44 -14.24 -32.05
CA SER I 105 42.43 -13.29 -31.61
C SER I 105 41.03 -13.82 -31.91
N ILE I 106 40.80 -14.26 -33.14
CA ILE I 106 39.44 -14.65 -33.52
C ILE I 106 39.02 -15.91 -32.78
N LEU I 107 39.89 -16.93 -32.74
CA LEU I 107 39.53 -18.18 -32.11
C LEU I 107 39.34 -18.02 -30.61
N GLY I 108 40.06 -17.09 -29.98
CA GLY I 108 39.84 -16.85 -28.57
C GLY I 108 38.52 -16.13 -28.31
N ARG I 109 38.30 -15.02 -29.01
CA ARG I 109 37.05 -14.28 -28.85
C ARG I 109 35.85 -15.16 -29.16
N ALA I 110 36.06 -16.21 -29.96
CA ALA I 110 34.97 -17.15 -30.23
C ALA I 110 34.85 -18.19 -29.13
N ALA I 111 35.93 -18.93 -28.86
CA ALA I 111 35.90 -20.06 -27.94
C ALA I 111 35.79 -19.63 -26.48
N VAL I 112 35.60 -18.33 -26.21
CA VAL I 112 35.27 -17.93 -24.85
C VAL I 112 34.07 -18.72 -24.31
N ALA I 113 32.99 -18.79 -25.09
CA ALA I 113 31.71 -19.33 -24.59
C ALA I 113 31.61 -20.86 -24.58
N PRO I 114 32.05 -21.59 -25.61
CA PRO I 114 31.91 -23.05 -25.56
C PRO I 114 32.66 -23.69 -24.41
N VAL I 115 33.82 -23.15 -24.04
CA VAL I 115 34.55 -23.68 -22.90
C VAL I 115 33.75 -23.45 -21.62
N THR I 116 33.13 -22.27 -21.50
CA THR I 116 32.26 -22.01 -20.36
C THR I 116 31.15 -23.03 -20.27
N TRP I 117 30.45 -23.28 -21.39
CA TRP I 117 29.36 -24.26 -21.37
C TRP I 117 29.88 -25.65 -21.02
N SER I 118 31.04 -26.02 -21.58
CA SER I 118 31.58 -27.35 -21.35
C SER I 118 31.95 -27.56 -19.88
N VAL I 119 32.57 -26.56 -19.25
CA VAL I 119 32.97 -26.73 -17.86
C VAL I 119 31.74 -26.68 -16.95
N ILE I 120 30.76 -25.85 -17.28
CA ILE I 120 29.53 -25.85 -16.48
C ILE I 120 28.82 -27.20 -16.59
N SER I 121 28.94 -27.86 -17.74
CA SER I 121 28.33 -29.17 -17.88
C SER I 121 29.15 -30.27 -17.19
N LEU I 122 30.47 -30.13 -17.16
CA LEU I 122 31.30 -31.14 -16.50
C LEU I 122 31.16 -31.06 -14.98
N LEU I 123 31.16 -29.85 -14.42
CA LEU I 123 31.10 -29.70 -12.98
C LEU I 123 29.79 -30.26 -12.42
N ARG I 124 28.70 -30.11 -13.17
CA ARG I 124 27.42 -30.64 -12.72
C ARG I 124 27.41 -32.17 -12.71
N GLY I 125 28.34 -32.78 -13.43
CA GLY I 125 28.30 -34.22 -13.61
C GLY I 125 27.11 -34.61 -14.46
N GLU I 126 26.56 -35.78 -14.13
CA GLU I 126 25.29 -36.29 -14.68
C GLU I 126 25.25 -36.25 -16.20
N ALA I 127 26.43 -36.05 -16.82
CA ALA I 127 26.58 -36.20 -18.25
C ALA I 127 27.74 -37.14 -18.53
N TYR I 128 28.84 -36.94 -17.81
CA TYR I 128 29.97 -37.86 -17.92
C TYR I 128 29.61 -39.25 -17.43
N VAL I 129 28.85 -39.33 -16.35
CA VAL I 129 28.48 -40.63 -15.81
C VAL I 129 27.48 -41.33 -16.74
N CYS I 130 26.58 -40.55 -17.36
CA CYS I 130 25.63 -41.17 -18.28
C CYS I 130 26.35 -41.69 -19.52
N ALA I 131 27.51 -41.12 -19.84
CA ALA I 131 28.28 -41.59 -20.99
C ALA I 131 29.10 -42.82 -20.62
N LEU I 132 29.99 -42.69 -19.64
CA LEU I 132 30.95 -43.75 -19.33
C LEU I 132 30.46 -44.69 -18.23
N SER I 133 29.14 -44.78 -18.02
CA SER I 133 28.64 -45.80 -17.09
C SER I 133 28.92 -47.20 -17.60
N GLU I 134 28.73 -47.43 -18.89
CA GLU I 134 28.82 -48.80 -19.42
C GLU I 134 30.21 -49.39 -19.23
N PHE I 135 31.25 -48.57 -19.21
CA PHE I 135 32.62 -49.06 -19.17
C PHE I 135 33.13 -49.34 -17.77
N VAL I 136 32.34 -49.06 -16.74
CA VAL I 136 32.75 -49.33 -15.37
C VAL I 136 33.05 -50.82 -15.23
N ASP I 137 34.30 -51.14 -14.89
CA ASP I 137 34.68 -52.54 -14.77
C ASP I 137 33.88 -53.20 -13.67
N PRO I 138 33.15 -54.29 -13.96
CA PRO I 138 32.33 -54.91 -12.92
C PRO I 138 33.13 -55.62 -11.85
N SER I 139 34.36 -56.02 -12.14
CA SER I 139 35.15 -56.79 -11.19
C SER I 139 35.69 -55.93 -10.04
N SER I 140 36.37 -54.84 -10.38
CA SER I 140 37.17 -54.13 -9.40
C SER I 140 36.39 -52.98 -8.78
N LEU I 141 35.54 -53.28 -7.80
CA LEU I 141 34.93 -52.28 -6.94
C LEU I 141 34.39 -52.91 -5.67
N THR I 142 34.97 -52.54 -4.52
CA THR I 142 34.65 -53.20 -3.27
C THR I 142 33.26 -52.84 -2.76
N ALA I 143 32.54 -53.85 -2.28
CA ALA I 143 31.21 -53.66 -1.71
C ALA I 143 30.77 -54.90 -0.95
N ARG I 144 29.46 -55.03 -0.71
CA ARG I 144 28.91 -56.23 -0.10
C ARG I 144 29.06 -57.43 -1.04
N GLU I 145 28.54 -58.57 -0.60
CA GLU I 145 28.66 -59.81 -1.36
C GLU I 145 27.95 -59.68 -2.71
N GLU I 146 28.06 -60.73 -3.52
CA GLU I 146 27.57 -60.74 -4.89
C GLU I 146 28.19 -59.60 -5.68
N HIS I 147 29.51 -59.67 -5.87
CA HIS I 147 30.30 -58.63 -6.53
C HIS I 147 29.62 -58.12 -7.81
N PHE I 148 29.40 -59.01 -8.77
CA PHE I 148 28.66 -58.63 -9.96
C PHE I 148 28.07 -59.89 -10.58
N PRO I 149 26.78 -59.90 -10.91
CA PRO I 149 26.09 -61.17 -11.19
C PRO I 149 26.62 -61.93 -12.40
N SER I 150 26.58 -61.34 -13.59
CA SER I 150 26.81 -62.13 -14.79
C SER I 150 27.41 -61.26 -15.89
N ALA I 151 27.72 -61.91 -17.01
CA ALA I 151 28.20 -61.18 -18.18
C ALA I 151 27.08 -60.40 -18.84
N HIS I 152 25.87 -60.97 -18.85
CA HIS I 152 24.73 -60.27 -19.42
C HIS I 152 24.33 -59.05 -18.60
N ALA I 153 24.91 -58.90 -17.40
CA ALA I 153 24.48 -57.88 -16.47
C ALA I 153 25.10 -56.51 -16.74
N THR I 154 26.04 -56.40 -17.68
CA THR I 154 26.52 -55.07 -18.05
C THR I 154 25.35 -54.16 -18.41
N GLU I 155 24.29 -54.75 -18.99
CA GLU I 155 23.09 -53.99 -19.31
C GLU I 155 22.47 -53.38 -18.06
N ILE I 156 22.22 -54.20 -17.03
CA ILE I 156 21.69 -53.63 -15.79
C ILE I 156 22.73 -52.74 -15.14
N LEU I 157 24.00 -52.92 -15.53
CA LEU I 157 25.01 -51.93 -15.17
C LEU I 157 24.75 -50.60 -15.87
N ALA I 158 24.56 -50.65 -17.19
CA ALA I 158 24.34 -49.43 -17.96
C ALA I 158 23.12 -48.66 -17.45
N ARG I 159 22.15 -49.37 -16.88
CA ARG I 159 20.92 -48.74 -16.41
C ARG I 159 21.16 -47.87 -15.17
N PHE I 160 22.34 -47.99 -14.56
CA PHE I 160 22.66 -47.30 -13.29
C PHE I 160 22.26 -45.83 -13.24
N PRO I 161 22.43 -45.03 -14.29
CA PRO I 161 21.98 -43.63 -14.20
C PRO I 161 20.47 -43.49 -14.07
N CYS I 162 19.69 -44.45 -14.58
CA CYS I 162 18.25 -44.49 -14.35
C CYS I 162 18.02 -44.96 -12.91
N LYS I 163 16.76 -44.89 -12.46
CA LYS I 163 16.40 -45.26 -11.08
C LYS I 163 16.95 -46.67 -10.82
N GLU I 164 16.45 -47.70 -11.51
CA GLU I 164 17.06 -49.03 -11.55
C GLU I 164 17.66 -49.48 -10.23
N ASN I 165 16.84 -49.61 -9.20
CA ASN I 165 17.41 -49.89 -7.88
C ASN I 165 16.92 -51.22 -7.31
N PRO I 166 17.44 -52.35 -7.79
CA PRO I 166 17.18 -53.61 -7.09
C PRO I 166 17.86 -53.61 -5.73
N ASP I 167 17.22 -54.26 -4.75
CA ASP I 167 17.77 -54.31 -3.41
C ASP I 167 19.18 -54.87 -3.40
N ASN I 168 19.46 -55.84 -4.28
CA ASN I 168 20.80 -56.42 -4.34
C ASN I 168 21.80 -55.44 -4.93
N LEU I 169 21.34 -54.33 -5.48
CA LEU I 169 22.21 -53.44 -6.24
C LEU I 169 22.36 -52.04 -5.65
N SER I 170 21.26 -51.40 -5.22
CA SER I 170 21.26 -49.96 -4.94
C SER I 170 22.51 -49.43 -4.24
N ASP I 171 22.92 -50.07 -3.14
CA ASP I 171 24.10 -49.61 -2.41
C ASP I 171 25.36 -49.80 -3.24
N PHE I 172 25.52 -50.97 -3.85
CA PHE I 172 26.63 -51.21 -4.78
C PHE I 172 26.65 -50.19 -5.90
N ARG I 173 25.46 -49.72 -6.29
CA ARG I 173 25.34 -48.75 -7.39
C ARG I 173 25.86 -47.39 -6.97
N GLU I 174 25.43 -46.90 -5.81
CA GLU I 174 25.85 -45.59 -5.30
C GLU I 174 27.35 -45.37 -5.44
N GLU I 175 28.11 -46.43 -5.22
CA GLU I 175 29.56 -46.43 -5.38
C GLU I 175 29.96 -45.98 -6.78
N VAL I 176 29.33 -46.55 -7.81
CA VAL I 176 29.68 -46.20 -9.18
C VAL I 176 29.32 -44.75 -9.48
N SER I 177 28.16 -44.30 -9.01
CA SER I 177 27.78 -42.90 -9.21
C SER I 177 28.83 -41.96 -8.64
N ARG I 178 29.26 -42.21 -7.40
CA ARG I 178 30.26 -41.34 -6.80
C ARG I 178 31.59 -41.44 -7.54
N ARG I 179 32.02 -42.65 -7.88
CA ARG I 179 33.32 -42.83 -8.50
C ARG I 179 33.38 -42.20 -9.89
N LEU I 180 32.22 -42.04 -10.53
CA LEU I 180 32.20 -41.41 -11.85
C LEU I 180 32.10 -39.90 -11.74
N ARG I 181 31.23 -39.41 -10.84
CA ARG I 181 31.16 -37.97 -10.60
C ARG I 181 32.51 -37.42 -10.17
N TYR I 182 33.30 -38.23 -9.47
CA TYR I 182 34.68 -37.87 -9.16
C TYR I 182 35.47 -37.49 -10.41
N GLU I 183 35.55 -38.41 -11.37
CA GLU I 183 36.34 -38.15 -12.57
C GLU I 183 35.77 -36.98 -13.36
N SER I 184 34.43 -36.85 -13.39
CA SER I 184 33.83 -35.73 -14.09
C SER I 184 34.29 -34.40 -13.52
N GLN I 185 34.09 -34.19 -12.21
CA GLN I 185 34.46 -32.92 -11.62
C GLN I 185 35.96 -32.69 -11.68
N LEU I 186 36.75 -33.76 -11.62
CA LEU I 186 38.20 -33.61 -11.72
C LEU I 186 38.61 -33.09 -13.09
N PHE I 187 38.06 -33.68 -14.15
CA PHE I 187 38.33 -33.15 -15.48
C PHE I 187 37.85 -31.71 -15.63
N GLY I 188 36.71 -31.38 -15.02
CA GLY I 188 36.24 -30.00 -15.08
C GLY I 188 37.22 -29.01 -14.48
N TRP I 189 37.73 -29.33 -13.29
CA TRP I 189 38.67 -28.42 -12.63
C TRP I 189 39.98 -28.35 -13.41
N LEU I 190 40.47 -29.48 -13.92
CA LEU I 190 41.68 -29.46 -14.73
C LEU I 190 41.50 -28.60 -15.97
N LEU I 191 40.31 -28.65 -16.58
CA LEU I 191 40.05 -27.84 -17.77
C LEU I 191 40.05 -26.36 -17.42
N ILE I 192 39.42 -25.98 -16.31
CA ILE I 192 39.45 -24.57 -15.90
C ILE I 192 40.88 -24.12 -15.69
N GLY I 193 41.68 -24.95 -15.02
CA GLY I 193 43.07 -24.57 -14.79
C GLY I 193 43.86 -24.38 -16.08
N VAL I 194 43.68 -25.31 -17.03
CA VAL I 194 44.43 -25.22 -18.28
C VAL I 194 43.99 -24.00 -19.08
N VAL I 195 42.70 -23.68 -19.06
CA VAL I 195 42.22 -22.49 -19.75
C VAL I 195 42.84 -21.23 -19.15
N ALA I 196 42.92 -21.17 -17.82
CA ALA I 196 43.56 -20.02 -17.19
C ALA I 196 45.03 -19.91 -17.59
N ILE I 197 45.72 -21.05 -17.60
CA ILE I 197 47.14 -21.04 -17.96
C ILE I 197 47.33 -20.57 -19.40
N LEU I 198 46.45 -21.02 -20.31
CA LEU I 198 46.57 -20.59 -21.70
C LEU I 198 46.30 -19.10 -21.85
N VAL I 199 45.29 -18.58 -21.14
CA VAL I 199 45.04 -17.14 -21.18
C VAL I 199 46.26 -16.38 -20.74
N PHE I 200 46.84 -16.76 -19.59
CA PHE I 200 48.01 -16.07 -19.08
C PHE I 200 49.20 -16.17 -20.02
N LEU I 201 49.42 -17.32 -20.65
CA LEU I 201 50.55 -17.47 -21.55
C LEU I 201 50.37 -16.72 -22.86
N THR I 202 49.17 -16.69 -23.43
CA THR I 202 48.97 -15.91 -24.64
C THR I 202 49.12 -14.42 -24.34
N LYS I 203 48.67 -13.97 -23.17
CA LYS I 203 48.95 -12.60 -22.76
C LYS I 203 50.44 -12.34 -22.68
N CYS I 204 51.15 -13.10 -21.84
CA CYS I 204 52.58 -12.89 -21.64
C CYS I 204 53.40 -13.09 -22.89
N LEU I 205 52.85 -13.73 -23.92
CA LEU I 205 53.57 -13.93 -25.17
C LEU I 205 53.26 -12.87 -26.22
N LYS I 206 52.06 -12.29 -26.18
CA LYS I 206 51.74 -11.21 -27.11
C LYS I 206 52.67 -10.03 -26.89
N HIS I 207 52.71 -9.50 -25.66
CA HIS I 207 53.50 -8.31 -25.38
C HIS I 207 54.97 -8.54 -25.69
N TYR I 208 55.57 -9.61 -25.15
CA TYR I 208 57.00 -9.82 -25.31
C TYR I 208 57.41 -9.88 -26.78
N CYS I 209 56.51 -10.26 -27.66
CA CYS I 209 56.78 -10.30 -29.09
C CYS I 209 55.79 -9.36 -29.79
N SER I 210 56.14 -8.08 -29.83
CA SER I 210 55.36 -7.05 -30.49
C SER I 210 56.27 -5.84 -30.71
N PRO I 211 56.13 -5.16 -31.84
CA PRO I 211 56.99 -4.00 -32.10
C PRO I 211 56.65 -2.82 -31.21
N LEU I 212 55.36 -2.66 -30.91
CA LEU I 212 54.90 -1.51 -30.14
C LEU I 212 55.30 -1.62 -28.67
N SER I 213 55.16 -0.50 -27.97
CA SER I 213 55.26 -0.49 -26.53
C SER I 213 53.98 -1.03 -25.90
N TYR I 214 53.91 -0.90 -24.58
CA TYR I 214 52.75 -1.38 -23.85
C TYR I 214 51.57 -0.42 -23.94
N ARG I 215 51.83 0.88 -23.82
CA ARG I 215 50.74 1.84 -23.71
C ARG I 215 50.23 2.24 -25.09
N GLN I 216 51.12 2.22 -26.09
CA GLN I 216 50.71 2.56 -27.44
C GLN I 216 49.65 1.61 -27.95
N GLU I 217 49.67 0.36 -27.49
CA GLU I 217 48.66 -0.60 -27.92
C GLU I 217 47.29 -0.27 -27.33
N ALA I 218 47.26 0.19 -26.08
CA ALA I 218 46.00 0.61 -25.49
C ALA I 218 45.45 1.83 -26.22
N TYR I 219 46.33 2.78 -26.54
CA TYR I 219 45.91 3.92 -27.34
C TYR I 219 45.37 3.46 -28.70
N TRP I 220 46.02 2.48 -29.30
CA TRP I 220 45.57 1.93 -30.58
C TRP I 220 44.18 1.34 -30.46
N ALA I 221 43.92 0.58 -29.39
CA ALA I 221 42.61 -0.03 -29.24
C ALA I 221 41.53 1.03 -29.07
N GLN I 222 41.82 2.07 -28.27
CA GLN I 222 40.86 3.16 -28.13
C GLN I 222 40.58 3.82 -29.46
N TYR I 223 41.62 4.05 -30.25
CA TYR I 223 41.43 4.67 -31.56
C TYR I 223 40.59 3.79 -32.47
N ARG I 224 40.83 2.49 -32.44
CA ARG I 224 40.07 1.58 -33.29
C ARG I 224 38.59 1.61 -32.95
N ALA I 225 38.27 1.53 -31.65
CA ALA I 225 36.86 1.56 -31.24
C ALA I 225 36.21 2.88 -31.66
N ASN I 226 36.90 4.00 -31.44
CA ASN I 226 36.30 5.29 -31.77
C ASN I 226 36.10 5.43 -33.27
N GLU I 227 37.06 4.95 -34.06
CA GLU I 227 36.92 5.02 -35.51
C GLU I 227 35.75 4.19 -36.00
N ASP I 228 35.60 2.98 -35.46
CA ASP I 228 34.48 2.14 -35.86
C ASP I 228 33.15 2.82 -35.57
N GLN I 229 33.00 3.37 -34.37
CA GLN I 229 31.73 3.98 -34.01
C GLN I 229 31.42 5.20 -34.89
N LEU I 230 32.41 6.08 -35.05
CA LEU I 230 32.18 7.29 -35.84
C LEU I 230 31.89 6.95 -37.29
N PHE I 231 32.60 5.96 -37.84
CA PHE I 231 32.39 5.60 -39.24
C PHE I 231 31.00 5.03 -39.44
N GLN I 232 30.53 4.16 -38.54
CA GLN I 232 29.19 3.61 -38.68
C GLN I 232 28.14 4.71 -38.65
N ARG I 233 28.20 5.57 -37.64
CA ARG I 233 27.17 6.60 -37.52
C ARG I 233 27.18 7.54 -38.73
N THR I 234 28.38 7.94 -39.18
CA THR I 234 28.46 8.86 -40.31
C THR I 234 27.94 8.21 -41.59
N ALA I 235 28.29 6.95 -41.83
CA ALA I 235 27.80 6.27 -43.01
C ALA I 235 26.27 6.20 -43.00
N GLU I 236 25.68 5.99 -41.82
CA GLU I 236 24.22 5.94 -41.75
C GLU I 236 23.62 7.29 -42.11
N VAL I 237 24.14 8.37 -41.52
CA VAL I 237 23.58 9.70 -41.83
C VAL I 237 23.72 10.03 -43.31
N HIS I 238 24.89 9.74 -43.88
CA HIS I 238 25.12 10.04 -45.29
C HIS I 238 24.18 9.25 -46.18
N SER I 239 23.98 7.96 -45.87
CA SER I 239 23.05 7.15 -46.65
C SER I 239 21.65 7.73 -46.59
N ARG I 240 21.18 8.09 -45.40
CA ARG I 240 19.83 8.65 -45.28
C ARG I 240 19.69 9.93 -46.09
N VAL I 241 20.74 10.76 -46.11
CA VAL I 241 20.66 12.00 -46.88
C VAL I 241 20.57 11.70 -48.38
N LEU I 242 21.39 10.76 -48.86
CA LEU I 242 21.33 10.39 -50.27
C LEU I 242 19.94 9.84 -50.63
N ALA I 243 19.37 9.03 -49.74
CA ALA I 243 18.03 8.50 -50.00
C ALA I 243 17.00 9.60 -50.04
N ALA I 244 17.13 10.60 -49.17
CA ALA I 244 16.19 11.71 -49.20
C ALA I 244 16.28 12.48 -50.51
N ASN I 245 17.50 12.71 -51.00
CA ASN I 245 17.64 13.36 -52.32
C ASN I 245 16.98 12.54 -53.40
N ASN I 246 17.23 11.23 -53.43
CA ASN I 246 16.63 10.37 -54.45
C ASN I 246 15.11 10.43 -54.40
N VAL I 247 14.53 10.35 -53.21
CA VAL I 247 13.08 10.41 -53.09
C VAL I 247 12.57 11.75 -53.59
N ARG I 248 13.10 12.85 -53.05
CA ARG I 248 12.63 14.18 -53.44
C ARG I 248 12.69 14.37 -54.96
N ARG I 249 13.63 13.73 -55.63
CA ARG I 249 13.62 13.86 -57.09
C ARG I 249 12.42 13.17 -57.74
N PHE I 250 11.60 12.43 -56.99
CA PHE I 250 10.47 11.71 -57.58
C PHE I 250 9.16 12.46 -57.41
N PHE I 251 8.77 12.71 -56.16
CA PHE I 251 7.47 13.32 -55.91
C PHE I 251 7.52 14.83 -56.11
N GLY I 252 8.54 15.48 -55.57
CA GLY I 252 8.65 16.93 -55.67
C GLY I 252 8.92 17.52 -54.30
N PHE I 253 8.85 16.68 -53.28
CA PHE I 253 9.06 17.09 -51.90
C PHE I 253 9.22 15.83 -51.05
N VAL I 254 10.15 15.86 -50.13
CA VAL I 254 10.30 14.75 -49.20
C VAL I 254 9.64 15.13 -47.88
N ALA I 255 9.36 14.13 -47.05
CA ALA I 255 8.70 14.33 -45.77
C ALA I 255 9.62 13.87 -44.66
N LEU I 256 9.89 14.75 -43.70
CA LEU I 256 10.91 14.51 -42.69
C LEU I 256 10.40 14.89 -41.31
N ASN I 257 11.09 14.39 -40.31
CA ASN I 257 10.89 14.85 -38.94
C ASN I 257 11.68 16.14 -38.73
N LYS I 258 11.76 16.58 -37.47
CA LYS I 258 12.61 17.72 -37.15
C LYS I 258 14.08 17.32 -37.19
N ASP I 259 14.40 16.14 -36.63
CA ASP I 259 15.77 15.65 -36.64
C ASP I 259 16.32 15.57 -38.06
N ASP I 260 15.62 14.82 -38.92
CA ASP I 260 16.05 14.70 -40.31
C ASP I 260 16.06 16.04 -41.02
N GLU I 261 15.17 16.95 -40.64
CA GLU I 261 15.18 18.29 -41.22
C GLU I 261 16.50 18.98 -40.94
N GLU I 262 16.92 18.98 -39.68
CA GLU I 262 18.21 19.57 -39.32
C GLU I 262 19.35 18.85 -40.03
N LEU I 263 19.25 17.52 -40.13
CA LEU I 263 20.29 16.75 -40.80
C LEU I 263 20.49 17.21 -42.24
N ILE I 264 19.41 17.24 -43.02
CA ILE I 264 19.51 17.63 -44.42
C ILE I 264 19.80 19.11 -44.55
N ALA I 265 19.54 19.89 -43.49
CA ALA I 265 19.91 21.30 -43.51
C ALA I 265 21.41 21.47 -43.36
N ASN I 266 22.04 20.67 -42.49
CA ASN I 266 23.46 20.83 -42.23
C ASN I 266 24.30 20.19 -43.32
N PHE I 267 24.15 18.89 -43.54
CA PHE I 267 25.08 18.11 -44.37
C PHE I 267 24.55 17.95 -45.79
N PRO I 268 25.12 18.63 -46.78
CA PRO I 268 24.77 18.30 -48.16
C PRO I 268 25.46 17.01 -48.58
N VAL I 269 25.04 16.45 -49.71
CA VAL I 269 25.60 15.20 -50.21
C VAL I 269 25.43 15.16 -51.71
N GLU I 270 26.40 14.58 -52.41
CA GLU I 270 26.34 14.47 -53.86
C GLU I 270 26.27 13.01 -54.27
N GLY I 271 27.21 12.22 -53.80
CA GLY I 271 27.34 10.82 -54.22
C GLY I 271 28.60 10.24 -53.62
N THR I 272 28.50 8.99 -53.18
CA THR I 272 29.55 8.35 -52.42
C THR I 272 30.78 8.15 -53.30
N GLN I 273 31.94 7.97 -52.67
CA GLN I 273 33.19 7.80 -53.40
C GLN I 273 33.14 6.51 -54.23
N PRO I 274 33.99 6.41 -55.25
CA PRO I 274 33.94 5.24 -56.13
C PRO I 274 34.32 3.96 -55.39
N ARG I 275 34.27 2.86 -56.13
CA ARG I 275 34.52 1.55 -55.53
C ARG I 275 35.98 1.32 -55.15
N PRO I 276 36.98 1.73 -55.94
CA PRO I 276 38.36 1.58 -55.47
C PRO I 276 38.61 2.18 -54.10
N GLN I 277 38.06 3.35 -53.82
CA GLN I 277 38.21 3.95 -52.50
C GLN I 277 37.63 3.07 -51.41
N TRP I 278 36.40 2.60 -51.61
CA TRP I 278 35.80 1.66 -50.66
C TRP I 278 36.69 0.44 -50.46
N ASN I 279 37.38 0.01 -51.51
CA ASN I 279 38.23 -1.16 -51.40
C ASN I 279 39.49 -0.87 -50.60
N ALA I 280 40.07 0.33 -50.77
CA ALA I 280 41.29 0.67 -50.05
C ALA I 280 41.06 0.69 -48.54
N ILE I 281 39.81 0.76 -48.11
CA ILE I 281 39.52 0.85 -46.68
C ILE I 281 39.49 -0.53 -46.04
N THR I 282 38.84 -1.48 -46.69
CA THR I 282 38.64 -2.81 -46.11
C THR I 282 39.95 -3.58 -46.10
N GLY I 283 40.01 -4.59 -45.24
CA GLY I 283 41.15 -5.47 -45.12
C GLY I 283 41.67 -5.52 -43.70
N VAL I 284 42.73 -6.30 -43.53
CA VAL I 284 43.42 -6.40 -42.25
C VAL I 284 44.62 -5.47 -42.31
N TYR I 285 45.00 -4.91 -41.17
CA TYR I 285 46.05 -3.90 -41.12
C TYR I 285 47.10 -4.31 -40.11
N LEU I 286 48.34 -4.40 -40.57
CA LEU I 286 49.48 -4.53 -39.68
C LEU I 286 50.11 -3.15 -39.48
N TYR I 287 50.64 -2.94 -38.28
CA TYR I 287 51.11 -1.61 -37.91
C TYR I 287 52.23 -1.15 -38.83
N ARG I 288 51.92 -0.15 -39.66
CA ARG I 288 52.89 0.43 -40.57
C ARG I 288 53.20 1.86 -40.16
N GLU I 289 54.48 2.22 -40.24
CA GLU I 289 54.91 3.56 -39.90
C GLU I 289 55.20 4.33 -41.18
N ASN I 290 54.78 5.59 -41.19
CA ASN I 290 55.20 6.53 -42.22
C ASN I 290 56.59 7.04 -41.85
N GLN I 291 57.07 8.07 -42.54
CA GLN I 291 58.37 8.63 -42.20
C GLN I 291 58.26 9.32 -40.84
N GLY I 292 58.57 8.58 -39.78
CA GLY I 292 58.44 9.09 -38.43
C GLY I 292 57.09 8.80 -37.79
N LEU I 293 56.04 9.43 -38.30
CA LEU I 293 54.73 9.31 -37.69
C LEU I 293 54.17 7.90 -37.89
N PRO I 294 53.32 7.44 -36.97
CA PRO I 294 52.70 6.12 -37.12
C PRO I 294 51.35 6.18 -37.82
N LEU I 295 50.93 5.06 -38.40
CA LEU I 295 49.62 4.95 -39.05
C LEU I 295 48.84 3.84 -38.38
N TYR I 296 47.67 4.17 -37.83
CA TYR I 296 46.97 3.28 -36.93
C TYR I 296 45.85 2.48 -37.58
N SER I 297 45.60 2.65 -38.88
CA SER I 297 44.56 1.90 -39.58
C SER I 297 44.63 2.23 -41.06
N ARG I 298 44.04 1.34 -41.87
CA ARG I 298 44.05 1.57 -43.31
C ARG I 298 43.33 2.86 -43.70
N LEU I 299 42.27 3.21 -42.97
CA LEU I 299 41.63 4.50 -43.20
C LEU I 299 42.61 5.63 -42.95
N HIS I 300 43.39 5.53 -41.87
CA HIS I 300 44.42 6.53 -41.62
C HIS I 300 45.45 6.53 -42.74
N LYS I 301 45.96 5.36 -43.12
CA LYS I 301 46.90 5.25 -44.23
C LYS I 301 46.39 5.91 -45.50
N TRP I 302 45.08 5.86 -45.75
CA TRP I 302 44.51 6.46 -46.95
C TRP I 302 44.25 7.95 -46.79
N ALA I 303 43.98 8.42 -45.57
CA ALA I 303 43.72 9.83 -45.36
C ALA I 303 44.96 10.69 -45.60
N GLN I 304 46.15 10.12 -45.42
CA GLN I 304 47.38 10.89 -45.60
C GLN I 304 47.73 11.04 -47.07
N GLY I 305 47.92 9.93 -47.77
CA GLY I 305 48.30 9.96 -49.17
C GLY I 305 47.31 10.65 -50.08
N ASN J 25 14.65 -8.67 -35.69
CA ASN J 25 15.25 -9.60 -34.74
C ASN J 25 14.33 -9.85 -33.55
N GLY J 26 13.83 -8.76 -32.96
CA GLY J 26 12.91 -8.90 -31.85
C GLY J 26 11.61 -9.56 -32.25
N LEU J 27 11.16 -9.33 -33.48
CA LEU J 27 9.97 -10.00 -33.98
C LEU J 27 10.16 -11.51 -34.00
N VAL J 28 11.39 -11.97 -34.24
CA VAL J 28 11.67 -13.41 -34.19
C VAL J 28 11.48 -13.93 -32.77
N ALA J 29 11.92 -13.16 -31.78
CA ALA J 29 11.74 -13.59 -30.39
C ALA J 29 10.27 -13.59 -30.00
N LEU J 30 9.51 -12.59 -30.46
CA LEU J 30 8.07 -12.58 -30.21
C LEU J 30 7.39 -13.77 -30.85
N GLY J 31 7.77 -14.10 -32.08
CA GLY J 31 7.23 -15.29 -32.72
C GLY J 31 7.61 -16.56 -32.01
N THR J 32 8.82 -16.61 -31.44
CA THR J 32 9.23 -17.79 -30.68
C THR J 32 8.40 -17.96 -29.41
N VAL J 33 8.18 -16.86 -28.68
CA VAL J 33 7.33 -16.92 -27.49
C VAL J 33 5.91 -17.32 -27.89
N GLY J 34 5.41 -16.79 -29.01
CA GLY J 34 4.10 -17.17 -29.49
C GLY J 34 4.02 -18.64 -29.86
N SER J 35 5.08 -19.17 -30.46
CA SER J 35 5.11 -20.59 -30.81
C SER J 35 5.13 -21.45 -29.55
N GLN J 36 5.87 -21.02 -28.53
CA GLN J 36 5.88 -21.75 -27.27
C GLN J 36 4.49 -21.78 -26.64
N GLU J 37 3.84 -20.62 -26.57
CA GLU J 37 2.49 -20.57 -25.98
C GLU J 37 1.50 -21.34 -26.84
N LEU J 38 1.70 -21.36 -28.16
CA LEU J 38 0.81 -22.10 -29.04
C LEU J 38 0.98 -23.61 -28.85
N PHE J 39 2.23 -24.07 -28.68
CA PHE J 39 2.46 -25.47 -28.37
C PHE J 39 1.85 -25.83 -27.01
N SER J 40 1.89 -24.89 -26.07
CA SER J 40 1.30 -25.15 -24.75
C SER J 40 -0.22 -25.25 -24.83
N VAL J 41 -0.85 -24.42 -25.66
CA VAL J 41 -2.31 -24.35 -25.68
C VAL J 41 -2.95 -25.16 -26.79
N VAL J 42 -2.17 -25.74 -27.69
CA VAL J 42 -2.72 -26.46 -28.84
C VAL J 42 -3.06 -27.89 -28.42
N ALA J 43 -2.47 -28.32 -27.30
CA ALA J 43 -2.81 -29.60 -26.69
C ALA J 43 -2.60 -30.78 -27.64
N PHE J 44 -1.35 -31.02 -28.03
CA PHE J 44 -1.02 -32.24 -28.76
C PHE J 44 -1.60 -33.46 -28.06
N HIS J 45 -2.42 -34.22 -28.80
CA HIS J 45 -3.15 -35.35 -28.25
C HIS J 45 -2.83 -36.57 -29.11
N CYS J 46 -1.90 -37.38 -28.63
CA CYS J 46 -1.42 -38.53 -29.39
C CYS J 46 -2.48 -39.63 -29.42
N PRO J 47 -3.06 -39.93 -30.57
CA PRO J 47 -3.90 -41.13 -30.67
C PRO J 47 -3.03 -42.35 -30.70
N CYS J 48 -3.44 -43.38 -29.96
CA CYS J 48 -2.75 -44.66 -29.97
C CYS J 48 -3.59 -45.66 -30.76
N SER J 49 -3.11 -45.98 -31.97
CA SER J 49 -3.72 -46.91 -32.91
C SER J 49 -2.69 -47.21 -33.99
N PRO J 50 -2.71 -48.38 -34.63
CA PRO J 50 -1.56 -48.81 -35.45
C PRO J 50 -1.15 -47.86 -36.56
N ALA J 51 -2.07 -47.53 -37.47
CA ALA J 51 -1.69 -46.79 -38.67
C ALA J 51 -1.73 -45.28 -38.48
N ARG J 52 -2.68 -44.77 -37.68
CA ARG J 52 -2.92 -43.33 -37.62
C ARG J 52 -1.81 -42.59 -36.88
N ASN J 53 -0.93 -43.33 -36.20
CA ASN J 53 0.08 -42.71 -35.34
C ASN J 53 0.96 -41.74 -36.13
N TYR J 54 1.75 -42.27 -37.06
CA TYR J 54 2.74 -41.45 -37.74
C TYR J 54 2.06 -40.45 -38.66
N LEU J 55 0.89 -40.79 -39.20
CA LEU J 55 0.13 -39.82 -39.98
C LEU J 55 -0.20 -38.58 -39.14
N TYR J 56 -0.78 -38.78 -37.97
CA TYR J 56 -1.13 -37.64 -37.12
C TYR J 56 0.11 -36.88 -36.69
N GLY J 57 1.18 -37.60 -36.34
CA GLY J 57 2.41 -36.91 -35.97
C GLY J 57 2.94 -36.04 -37.09
N LEU J 58 3.11 -36.63 -38.28
CA LEU J 58 3.58 -35.88 -39.45
C LEU J 58 2.72 -34.63 -39.67
N ALA J 59 1.40 -34.80 -39.70
CA ALA J 59 0.54 -33.65 -39.99
C ALA J 59 0.66 -32.58 -38.91
N ALA J 60 0.50 -32.96 -37.64
CA ALA J 60 0.45 -31.97 -36.58
C ALA J 60 1.80 -31.28 -36.38
N ILE J 61 2.89 -31.90 -36.85
CA ILE J 61 4.19 -31.28 -36.63
C ILE J 61 4.67 -30.55 -37.88
N GLY J 62 4.13 -30.91 -39.05
CA GLY J 62 4.62 -30.27 -40.25
C GLY J 62 3.65 -29.37 -40.99
N VAL J 63 2.40 -29.27 -40.54
CA VAL J 63 1.47 -28.34 -41.18
C VAL J 63 1.71 -26.92 -40.67
N PRO J 64 1.85 -26.68 -39.35
CA PRO J 64 2.21 -25.33 -38.92
C PRO J 64 3.56 -24.90 -39.47
N ALA J 65 4.46 -25.83 -39.76
CA ALA J 65 5.69 -25.50 -40.47
C ALA J 65 5.35 -24.88 -41.82
N LEU J 66 4.46 -25.52 -42.59
CA LEU J 66 4.06 -24.97 -43.88
C LEU J 66 3.41 -23.60 -43.72
N VAL J 67 2.58 -23.43 -42.69
CA VAL J 67 1.91 -22.15 -42.47
C VAL J 67 2.92 -21.05 -42.20
N LEU J 68 3.89 -21.33 -41.32
CA LEU J 68 4.90 -20.31 -41.00
C LEU J 68 5.79 -20.02 -42.20
N PHE J 69 6.11 -21.05 -42.99
CA PHE J 69 6.87 -20.82 -44.21
C PHE J 69 6.12 -19.92 -45.18
N ILE J 70 4.82 -20.17 -45.34
CA ILE J 70 4.02 -19.34 -46.24
C ILE J 70 3.94 -17.91 -45.74
N ILE J 71 3.73 -17.73 -44.43
CA ILE J 71 3.71 -16.37 -43.88
C ILE J 71 5.04 -15.67 -44.13
N GLY J 72 6.14 -16.39 -43.93
CA GLY J 72 7.45 -15.79 -44.17
C GLY J 72 7.62 -15.34 -45.61
N ILE J 73 7.19 -16.17 -46.56
CA ILE J 73 7.29 -15.78 -47.97
C ILE J 73 6.36 -14.60 -48.27
N ILE J 74 5.21 -14.54 -47.60
CA ILE J 74 4.26 -13.47 -47.87
C ILE J 74 4.79 -12.13 -47.39
N LEU J 75 5.27 -12.06 -46.15
CA LEU J 75 5.65 -10.79 -45.57
C LEU J 75 7.04 -10.33 -45.99
N ASN J 76 7.58 -10.87 -47.08
CA ASN J 76 8.88 -10.46 -47.57
C ASN J 76 8.71 -9.67 -48.86
N ASN J 77 9.43 -8.55 -48.94
CA ASN J 77 9.34 -7.69 -50.12
C ASN J 77 9.99 -8.33 -51.34
N HIS J 78 11.12 -9.00 -51.14
CA HIS J 78 11.94 -9.45 -52.27
C HIS J 78 11.16 -10.37 -53.21
N THR J 79 10.28 -11.20 -52.67
CA THR J 79 9.56 -12.14 -53.52
C THR J 79 8.65 -11.42 -54.50
N TRP J 80 8.07 -10.29 -54.08
CA TRP J 80 7.19 -9.56 -54.98
C TRP J 80 7.98 -8.84 -56.05
N ASN J 81 9.18 -8.36 -55.71
CA ASN J 81 10.10 -7.90 -56.74
C ASN J 81 10.40 -9.01 -57.75
N LEU J 82 10.65 -10.22 -57.25
CA LEU J 82 10.95 -11.34 -58.14
C LEU J 82 9.78 -11.61 -59.08
N VAL J 83 8.56 -11.65 -58.54
CA VAL J 83 7.41 -11.95 -59.39
C VAL J 83 7.12 -10.82 -60.36
N ALA J 84 7.40 -9.57 -59.97
CA ALA J 84 7.25 -8.47 -60.91
C ALA J 84 8.29 -8.54 -62.02
N GLU J 85 9.45 -9.13 -61.73
CA GLU J 85 10.46 -9.29 -62.77
C GLU J 85 10.02 -10.30 -63.83
N CYS J 86 9.12 -11.23 -63.48
CA CYS J 86 8.72 -12.27 -64.41
C CYS J 86 7.90 -11.70 -65.57
N GLN J 87 7.15 -10.64 -65.33
CA GLN J 87 6.31 -10.04 -66.35
C GLN J 87 7.13 -9.49 -67.51
N ALA J 97 23.04 -17.55 -61.62
CA ALA J 97 23.87 -17.06 -60.52
C ALA J 97 23.15 -16.03 -59.63
N PRO J 98 22.56 -14.97 -60.22
CA PRO J 98 21.83 -14.01 -59.37
C PRO J 98 20.61 -14.62 -58.70
N THR J 99 19.76 -15.30 -59.48
CA THR J 99 18.58 -15.96 -58.93
C THR J 99 18.95 -16.85 -57.75
N PHE J 100 20.14 -17.45 -57.78
CA PHE J 100 20.61 -18.24 -56.66
C PHE J 100 20.60 -17.43 -55.37
N LEU J 101 21.25 -16.28 -55.37
CA LEU J 101 21.35 -15.50 -54.14
C LEU J 101 20.01 -14.85 -53.78
N LEU J 102 19.21 -14.48 -54.77
CA LEU J 102 17.88 -13.94 -54.47
C LEU J 102 17.02 -14.98 -53.76
N LEU J 103 16.89 -16.17 -54.35
CA LEU J 103 16.14 -17.24 -53.72
C LEU J 103 16.74 -17.60 -52.37
N SER J 104 18.06 -17.54 -52.24
CA SER J 104 18.68 -17.82 -50.95
C SER J 104 18.21 -16.84 -49.89
N SER J 105 18.28 -15.54 -50.19
CA SER J 105 17.82 -14.53 -49.25
C SER J 105 16.37 -14.78 -48.83
N ILE J 106 15.49 -14.97 -49.82
CA ILE J 106 14.07 -15.09 -49.50
C ILE J 106 13.79 -16.37 -48.71
N LEU J 107 14.34 -17.50 -49.17
CA LEU J 107 14.07 -18.77 -48.52
C LEU J 107 14.65 -18.80 -47.11
N GLY J 108 15.76 -18.11 -46.88
CA GLY J 108 16.30 -18.06 -45.53
C GLY J 108 15.45 -17.20 -44.61
N ARG J 109 15.17 -15.96 -45.05
CA ARG J 109 14.34 -15.08 -44.24
C ARG J 109 12.97 -15.69 -43.97
N ALA J 110 12.55 -16.63 -44.82
CA ALA J 110 11.29 -17.33 -44.56
C ALA J 110 11.49 -18.51 -43.61
N ALA J 111 12.39 -19.43 -43.97
CA ALA J 111 12.56 -20.67 -43.22
C ALA J 111 13.24 -20.46 -41.88
N VAL J 112 13.50 -19.22 -41.47
CA VAL J 112 13.95 -18.97 -40.10
C VAL J 112 13.02 -19.64 -39.09
N ALA J 113 11.71 -19.42 -39.21
CA ALA J 113 10.74 -19.83 -38.19
C ALA J 113 10.32 -21.30 -38.21
N PRO J 114 10.06 -21.92 -39.38
CA PRO J 114 9.65 -23.33 -39.34
C PRO J 114 10.71 -24.25 -38.76
N VAL J 115 11.99 -23.96 -38.99
CA VAL J 115 13.04 -24.77 -38.39
C VAL J 115 13.02 -24.62 -36.88
N THR J 116 12.80 -23.40 -36.39
CA THR J 116 12.66 -23.18 -34.96
C THR J 116 11.52 -24.02 -34.38
N TRP J 117 10.35 -23.97 -35.01
CA TRP J 117 9.22 -24.76 -34.52
C TRP J 117 9.54 -26.25 -34.56
N SER J 118 10.18 -26.71 -35.63
CA SER J 118 10.46 -28.13 -35.79
C SER J 118 11.44 -28.62 -34.72
N VAL J 119 12.47 -27.84 -34.42
CA VAL J 119 13.44 -28.28 -33.42
C VAL J 119 12.84 -28.19 -32.02
N ILE J 120 12.01 -27.18 -31.76
CA ILE J 120 11.35 -27.10 -30.47
C ILE J 120 10.42 -28.29 -30.28
N SER J 121 9.83 -28.78 -31.38
CA SER J 121 8.96 -29.95 -31.27
C SER J 121 9.75 -31.24 -31.14
N LEU J 122 10.93 -31.32 -31.77
CA LEU J 122 11.73 -32.54 -31.66
C LEU J 122 12.35 -32.67 -30.28
N LEU J 123 12.88 -31.57 -29.72
CA LEU J 123 13.54 -31.65 -28.42
C LEU J 123 12.56 -32.09 -27.34
N ARG J 124 11.31 -31.65 -27.43
CA ARG J 124 10.31 -32.04 -26.44
C ARG J 124 10.00 -33.52 -26.52
N GLY J 125 10.32 -34.15 -27.63
CA GLY J 125 9.89 -35.51 -27.85
C GLY J 125 8.39 -35.58 -28.01
N GLU J 126 7.82 -36.69 -27.51
CA GLU J 126 6.37 -36.90 -27.38
C GLU J 126 5.63 -36.62 -28.69
N ALA J 127 6.37 -36.52 -29.79
CA ALA J 127 5.79 -36.45 -31.12
C ALA J 127 6.44 -37.51 -32.00
N TYR J 128 7.77 -37.61 -31.91
CA TYR J 128 8.49 -38.65 -32.63
C TYR J 128 8.12 -40.03 -32.11
N VAL J 129 7.96 -40.17 -30.79
CA VAL J 129 7.62 -41.47 -30.21
C VAL J 129 6.19 -41.84 -30.56
N CYS J 130 5.30 -40.85 -30.60
CA CYS J 130 3.91 -41.15 -30.97
C CYS J 130 3.82 -41.58 -32.43
N ALA J 131 4.78 -41.15 -33.25
CA ALA J 131 4.79 -41.57 -34.65
C ALA J 131 5.40 -42.95 -34.81
N LEU J 132 6.66 -43.11 -34.40
CA LEU J 132 7.39 -44.33 -34.66
C LEU J 132 7.30 -45.34 -33.52
N SER J 133 6.26 -45.27 -32.69
CA SER J 133 6.06 -46.32 -31.70
C SER J 133 5.76 -47.65 -32.35
N GLU J 134 4.93 -47.66 -33.40
CA GLU J 134 4.47 -48.92 -33.98
C GLU J 134 5.61 -49.75 -34.53
N PHE J 135 6.68 -49.11 -34.99
CA PHE J 135 7.77 -49.81 -35.68
C PHE J 135 8.81 -50.38 -34.73
N VAL J 136 8.69 -50.14 -33.43
CA VAL J 136 9.64 -50.68 -32.46
C VAL J 136 9.64 -52.20 -32.58
N ASP J 137 10.79 -52.77 -32.92
CA ASP J 137 10.89 -54.21 -33.09
C ASP J 137 10.57 -54.90 -31.78
N PRO J 138 9.60 -55.80 -31.73
CA PRO J 138 9.25 -56.44 -30.46
C PRO J 138 10.29 -57.43 -29.97
N SER J 139 11.13 -57.96 -30.85
CA SER J 139 12.08 -58.99 -30.46
C SER J 139 13.27 -58.41 -29.70
N SER J 140 13.93 -57.40 -30.27
CA SER J 140 15.22 -56.98 -29.77
C SER J 140 15.10 -55.82 -28.78
N LEU J 141 14.78 -56.15 -27.52
CA LEU J 141 14.88 -55.20 -26.43
C LEU J 141 14.89 -55.94 -25.09
N THR J 142 16.00 -55.84 -24.36
CA THR J 142 16.21 -56.63 -23.16
C THR J 142 15.33 -56.14 -22.02
N ALA J 143 14.72 -57.10 -21.29
CA ALA J 143 13.90 -56.79 -20.13
C ALA J 143 13.62 -58.05 -19.32
N ARG J 144 12.60 -58.01 -18.47
CA ARG J 144 12.16 -59.18 -17.73
C ARG J 144 11.58 -60.23 -18.69
N GLU J 145 11.10 -61.32 -18.12
CA GLU J 145 10.59 -62.43 -18.92
C GLU J 145 9.36 -61.99 -19.72
N GLU J 146 8.85 -62.92 -20.54
CA GLU J 146 7.77 -62.63 -21.47
C GLU J 146 8.18 -61.50 -22.40
N HIS J 147 9.20 -61.74 -23.22
CA HIS J 147 9.77 -60.74 -24.12
C HIS J 147 8.70 -59.95 -24.86
N PHE J 148 7.86 -60.62 -25.64
CA PHE J 148 6.74 -59.96 -26.28
C PHE J 148 5.67 -60.99 -26.60
N PRO J 149 4.41 -60.74 -26.24
CA PRO J 149 3.42 -61.84 -26.21
C PRO J 149 3.13 -62.48 -27.56
N SER J 150 2.67 -61.70 -28.54
CA SER J 150 2.11 -62.32 -29.75
C SER J 150 2.30 -61.40 -30.93
N ALA J 151 1.88 -61.91 -32.11
CA ALA J 151 1.89 -61.10 -33.31
C ALA J 151 0.78 -60.06 -33.29
N HIS J 152 -0.38 -60.41 -32.73
CA HIS J 152 -1.47 -59.46 -32.61
C HIS J 152 -1.15 -58.35 -31.62
N ALA J 153 -0.07 -58.48 -30.87
CA ALA J 153 0.22 -57.55 -29.78
C ALA J 153 0.92 -56.28 -30.25
N THR J 154 1.31 -56.17 -31.52
CA THR J 154 1.82 -54.88 -32.01
C THR J 154 0.84 -53.77 -31.68
N GLU J 155 -0.46 -54.08 -31.68
CA GLU J 155 -1.47 -53.11 -31.33
C GLU J 155 -1.28 -52.61 -29.90
N ILE J 156 -1.17 -53.52 -28.93
CA ILE J 156 -0.93 -53.08 -27.56
C ILE J 156 0.47 -52.49 -27.47
N LEU J 157 1.33 -52.78 -28.45
CA LEU J 157 2.57 -52.05 -28.58
C LEU J 157 2.30 -50.60 -28.99
N ALA J 158 1.49 -50.41 -30.04
CA ALA J 158 1.20 -49.06 -30.51
C ALA J 158 0.58 -48.20 -29.43
N ARG J 159 -0.14 -48.82 -28.50
CA ARG J 159 -0.82 -48.10 -27.43
C ARG J 159 0.15 -47.48 -26.43
N PHE J 160 1.43 -47.87 -26.49
CA PHE J 160 2.44 -47.46 -25.53
C PHE J 160 2.45 -45.96 -25.19
N PRO J 161 2.26 -45.05 -26.14
CA PRO J 161 2.20 -43.63 -25.76
C PRO J 161 1.01 -43.26 -24.88
N CYS J 162 -0.09 -43.99 -24.99
CA CYS J 162 -1.22 -43.84 -24.07
C CYS J 162 -0.84 -44.49 -22.75
N LYS J 163 -1.67 -44.31 -21.72
CA LYS J 163 -1.40 -44.82 -20.37
C LYS J 163 -1.11 -46.31 -20.50
N GLU J 164 -2.09 -47.14 -20.91
CA GLU J 164 -1.87 -48.52 -21.33
C GLU J 164 -0.82 -49.26 -20.51
N ASN J 165 -1.05 -49.42 -19.22
CA ASN J 165 -0.01 -49.98 -18.37
C ASN J 165 -0.43 -51.30 -17.71
N PRO J 166 -0.46 -52.40 -18.45
CA PRO J 166 -0.61 -53.70 -17.79
C PRO J 166 0.62 -54.02 -16.95
N ASP J 167 0.39 -54.71 -15.83
CA ASP J 167 1.50 -55.05 -14.93
C ASP J 167 2.59 -55.81 -15.67
N ASN J 168 2.20 -56.68 -16.62
CA ASN J 168 3.18 -57.44 -17.37
C ASN J 168 3.97 -56.55 -18.32
N LEU J 169 3.55 -55.30 -18.51
CA LEU J 169 4.12 -54.45 -19.55
C LEU J 169 4.83 -53.21 -19.03
N SER J 170 4.22 -52.47 -18.08
CA SER J 170 4.66 -51.11 -17.75
C SER J 170 6.18 -50.90 -17.74
N ASP J 171 6.92 -51.76 -17.02
CA ASP J 171 8.37 -51.61 -16.96
C ASP J 171 9.01 -51.86 -18.32
N PHE J 172 8.60 -52.94 -18.99
CA PHE J 172 9.06 -53.21 -20.35
C PHE J 172 8.75 -52.04 -21.28
N ARG J 173 7.65 -51.32 -21.00
CA ARG J 173 7.23 -50.20 -21.83
C ARG J 173 8.17 -49.01 -21.66
N GLU J 174 8.46 -48.65 -20.41
CA GLU J 174 9.33 -47.52 -20.10
C GLU J 174 10.60 -47.51 -20.96
N GLU J 175 11.13 -48.71 -21.20
CA GLU J 175 12.29 -48.90 -22.06
C GLU J 175 12.07 -48.31 -23.45
N VAL J 176 10.91 -48.61 -24.05
CA VAL J 176 10.63 -48.11 -25.40
C VAL J 176 10.49 -46.59 -25.39
N SER J 177 9.82 -46.04 -24.38
CA SER J 177 9.69 -44.59 -24.27
C SER J 177 11.07 -43.93 -24.26
N ARG J 178 11.96 -44.43 -23.41
CA ARG J 178 13.29 -43.83 -23.34
C ARG J 178 14.06 -44.01 -24.65
N ARG J 179 14.00 -45.21 -25.22
CA ARG J 179 14.77 -45.51 -26.43
C ARG J 179 14.30 -44.69 -27.62
N LEU J 180 13.03 -44.24 -27.59
CA LEU J 180 12.52 -43.42 -28.68
C LEU J 180 12.81 -41.94 -28.44
N ARG J 181 12.61 -41.47 -27.21
CA ARG J 181 12.97 -40.09 -26.88
C ARG J 181 14.44 -39.83 -27.16
N TYR J 182 15.28 -40.86 -26.98
CA TYR J 182 16.68 -40.77 -27.38
C TYR J 182 16.83 -40.33 -28.84
N GLU J 183 16.25 -41.09 -29.76
CA GLU J 183 16.41 -40.78 -31.18
C GLU J 183 15.79 -39.43 -31.51
N SER J 184 14.67 -39.09 -30.86
CA SER J 184 14.05 -37.79 -31.10
C SER J 184 15.01 -36.65 -30.76
N GLN J 185 15.50 -36.62 -29.52
CA GLN J 185 16.37 -35.52 -29.12
C GLN J 185 17.68 -35.53 -29.90
N LEU J 186 18.14 -36.71 -30.31
CA LEU J 186 19.37 -36.77 -31.10
C LEU J 186 19.17 -36.11 -32.46
N PHE J 187 18.06 -36.44 -33.14
CA PHE J 187 17.77 -35.76 -34.40
C PHE J 187 17.61 -34.26 -34.20
N GLY J 188 17.00 -33.84 -33.08
CA GLY J 188 16.86 -32.42 -32.83
C GLY J 188 18.19 -31.70 -32.73
N TRP J 189 19.13 -32.28 -31.97
CA TRP J 189 20.44 -31.65 -31.83
C TRP J 189 21.20 -31.66 -33.14
N LEU J 190 21.14 -32.76 -33.90
CA LEU J 190 21.78 -32.80 -35.20
C LEU J 190 21.21 -31.74 -36.14
N LEU J 191 19.90 -31.51 -36.08
CA LEU J 191 19.29 -30.50 -36.92
C LEU J 191 19.78 -29.10 -36.55
N ILE J 192 19.83 -28.80 -35.25
CA ILE J 192 20.36 -27.50 -34.82
C ILE J 192 21.79 -27.31 -35.34
N GLY J 193 22.61 -28.34 -35.20
CA GLY J 193 23.99 -28.25 -35.68
C GLY J 193 24.08 -27.98 -37.16
N VAL J 194 23.28 -28.71 -37.95
CA VAL J 194 23.34 -28.55 -39.41
C VAL J 194 22.84 -27.16 -39.81
N VAL J 195 21.82 -26.65 -39.12
CA VAL J 195 21.34 -25.31 -39.42
C VAL J 195 22.42 -24.27 -39.14
N ALA J 196 23.13 -24.43 -38.02
CA ALA J 196 24.22 -23.51 -37.72
C ALA J 196 25.31 -23.57 -38.79
N ILE J 197 25.66 -24.79 -39.21
CA ILE J 197 26.70 -24.95 -40.24
C ILE J 197 26.27 -24.29 -41.55
N LEU J 198 25.00 -24.45 -41.92
CA LEU J 198 24.53 -23.83 -43.16
C LEU J 198 24.53 -22.32 -43.07
N VAL J 199 24.13 -21.77 -41.92
CA VAL J 199 24.19 -20.31 -41.75
C VAL J 199 25.62 -19.83 -41.92
N PHE J 200 26.57 -20.45 -41.24
CA PHE J 200 27.97 -20.06 -41.35
C PHE J 200 28.51 -20.20 -42.76
N LEU J 201 28.15 -21.25 -43.48
CA LEU J 201 28.65 -21.44 -44.83
C LEU J 201 28.04 -20.47 -45.83
N THR J 202 26.73 -20.17 -45.73
CA THR J 202 26.16 -19.18 -46.63
C THR J 202 26.75 -17.80 -46.36
N LYS J 203 27.02 -17.48 -45.09
CA LYS J 203 27.75 -16.25 -44.79
C LYS J 203 29.12 -16.24 -45.46
N CYS J 204 29.96 -17.22 -45.13
CA CYS J 204 31.32 -17.27 -45.65
C CYS J 204 31.37 -17.41 -47.17
N LEU J 205 30.28 -17.78 -47.81
CA LEU J 205 30.26 -17.89 -49.26
C LEU J 205 29.71 -16.64 -49.95
N LYS J 206 28.84 -15.90 -49.29
CA LYS J 206 28.36 -14.66 -49.87
C LYS J 206 29.51 -13.68 -50.08
N HIS J 207 30.23 -13.36 -49.00
CA HIS J 207 31.29 -12.37 -49.08
C HIS J 207 32.36 -12.77 -50.10
N TYR J 208 32.89 -13.99 -49.99
CA TYR J 208 33.99 -14.40 -50.86
C TYR J 208 33.63 -14.29 -52.33
N CYS J 209 32.35 -14.40 -52.66
CA CYS J 209 31.89 -14.24 -54.05
C CYS J 209 30.92 -13.07 -54.10
N SER J 210 31.47 -11.87 -54.24
CA SER J 210 30.72 -10.64 -54.37
C SER J 210 31.64 -9.57 -54.94
N PRO J 211 31.13 -8.70 -55.80
CA PRO J 211 31.98 -7.67 -56.38
C PRO J 211 32.37 -6.61 -55.37
N LEU J 212 31.45 -6.29 -54.46
CA LEU J 212 31.67 -5.23 -53.51
C LEU J 212 32.68 -5.61 -52.45
N SER J 213 33.14 -4.61 -51.71
CA SER J 213 33.92 -4.84 -50.50
C SER J 213 33.01 -5.26 -49.35
N TYR J 214 33.60 -5.33 -48.16
CA TYR J 214 32.85 -5.73 -46.98
C TYR J 214 32.02 -4.59 -46.42
N ARG J 215 32.58 -3.38 -46.36
CA ARG J 215 31.89 -2.30 -45.68
C ARG J 215 30.89 -1.62 -46.60
N GLN J 216 31.16 -1.62 -47.90
CA GLN J 216 30.25 -1.02 -48.86
C GLN J 216 28.89 -1.70 -48.82
N GLU J 217 28.86 -2.99 -48.50
CA GLU J 217 27.59 -3.69 -48.43
C GLU J 217 26.78 -3.26 -47.22
N ALA J 218 27.45 -3.00 -46.08
CA ALA J 218 26.74 -2.48 -44.93
C ALA J 218 26.18 -1.09 -45.22
N TYR J 219 26.99 -0.25 -45.87
CA TYR J 219 26.49 1.05 -46.29
C TYR J 219 25.28 0.91 -47.23
N TRP J 220 25.34 -0.07 -48.13
CA TRP J 220 24.24 -0.34 -49.04
C TRP J 220 22.97 -0.71 -48.29
N ALA J 221 23.10 -1.58 -47.28
CA ALA J 221 21.93 -1.98 -46.51
C ALA J 221 21.31 -0.82 -45.77
N GLN J 222 22.16 0.02 -45.17
CA GLN J 222 21.64 1.22 -44.50
C GLN J 222 20.90 2.12 -45.49
N TYR J 223 21.47 2.31 -46.68
CA TYR J 223 20.82 3.15 -47.68
C TYR J 223 19.48 2.56 -48.10
N ARG J 224 19.42 1.24 -48.26
CA ARG J 224 18.17 0.61 -48.67
C ARG J 224 17.08 0.82 -47.63
N ALA J 225 17.42 0.59 -46.36
CA ALA J 225 16.41 0.78 -45.31
C ALA J 225 15.93 2.23 -45.26
N ASN J 226 16.87 3.18 -45.34
CA ASN J 226 16.48 4.58 -45.27
C ASN J 226 15.61 4.98 -46.45
N GLU J 227 15.95 4.50 -47.65
CA GLU J 227 15.16 4.81 -48.83
C GLU J 227 13.75 4.25 -48.71
N ASP J 228 13.62 3.01 -48.24
CA ASP J 228 12.30 2.42 -48.08
C ASP J 228 11.45 3.26 -47.13
N GLN J 229 12.00 3.62 -45.98
CA GLN J 229 11.22 4.37 -45.00
C GLN J 229 10.81 5.74 -45.54
N LEU J 230 11.75 6.48 -46.11
CA LEU J 230 11.45 7.80 -46.62
C LEU J 230 10.43 7.75 -47.76
N PHE J 231 10.56 6.75 -48.64
CA PHE J 231 9.63 6.65 -49.76
C PHE J 231 8.23 6.35 -49.27
N GLN J 232 8.08 5.43 -48.32
CA GLN J 232 6.76 5.13 -47.81
C GLN J 232 6.11 6.37 -47.19
N ARG J 233 6.82 7.04 -46.30
CA ARG J 233 6.22 8.19 -45.62
C ARG J 233 5.86 9.29 -46.62
N THR J 234 6.74 9.56 -47.59
CA THR J 234 6.47 10.62 -48.54
C THR J 234 5.29 10.27 -49.43
N ALA J 235 5.21 9.01 -49.89
CA ALA J 235 4.07 8.62 -50.70
C ALA J 235 2.77 8.79 -49.93
N GLU J 236 2.78 8.49 -48.64
CA GLU J 236 1.56 8.66 -47.85
C GLU J 236 1.15 10.13 -47.78
N VAL J 237 2.10 11.01 -47.47
CA VAL J 237 1.77 12.43 -47.38
C VAL J 237 1.25 12.95 -48.71
N HIS J 238 1.92 12.59 -49.81
CA HIS J 238 1.50 13.06 -51.13
C HIS J 238 0.10 12.58 -51.48
N SER J 239 -0.19 11.31 -51.18
CA SER J 239 -1.52 10.78 -51.43
C SER J 239 -2.57 11.56 -50.65
N ARG J 240 -2.32 11.80 -49.37
CA ARG J 240 -3.29 12.53 -48.56
C ARG J 240 -3.53 13.93 -49.12
N VAL J 241 -2.47 14.59 -49.61
CA VAL J 241 -2.65 15.92 -50.16
C VAL J 241 -3.50 15.88 -51.44
N LEU J 242 -3.22 14.91 -52.31
CA LEU J 242 -4.03 14.78 -53.53
C LEU J 242 -5.50 14.51 -53.18
N ALA J 243 -5.73 13.67 -52.17
CA ALA J 243 -7.11 13.40 -51.76
C ALA J 243 -7.79 14.65 -51.21
N ALA J 244 -7.04 15.48 -50.47
CA ALA J 244 -7.62 16.71 -49.96
C ALA J 244 -8.01 17.64 -51.11
N ASN J 245 -7.15 17.76 -52.12
CA ASN J 245 -7.52 18.56 -53.29
C ASN J 245 -8.79 18.04 -53.94
N ASN J 246 -8.85 16.72 -54.17
CA ASN J 246 -10.03 16.14 -54.81
C ASN J 246 -11.29 16.42 -54.01
N VAL J 247 -11.24 16.26 -52.68
CA VAL J 247 -12.40 16.53 -51.86
C VAL J 247 -12.79 18.00 -51.96
N ARG J 248 -11.86 18.90 -51.69
CA ARG J 248 -12.15 20.33 -51.73
C ARG J 248 -12.79 20.74 -53.04
N ARG J 249 -12.44 20.07 -54.14
CA ARG J 249 -13.12 20.43 -55.38
C ARG J 249 -14.59 20.04 -55.39
N PHE J 250 -15.10 19.34 -54.38
CA PHE J 250 -16.50 18.90 -54.37
C PHE J 250 -17.37 19.80 -53.52
N PHE J 251 -17.05 19.92 -52.23
CA PHE J 251 -17.91 20.69 -51.33
C PHE J 251 -17.65 22.18 -51.45
N GLY J 252 -16.38 22.57 -51.46
CA GLY J 252 -16.02 23.97 -51.50
C GLY J 252 -15.02 24.29 -50.42
N PHE J 253 -14.77 23.33 -49.55
CA PHE J 253 -13.84 23.48 -48.44
C PHE J 253 -13.57 22.11 -47.86
N VAL J 254 -12.34 21.83 -47.53
CA VAL J 254 -12.00 20.59 -46.85
C VAL J 254 -11.85 20.86 -45.36
N ALA J 255 -11.92 19.80 -44.56
CA ALA J 255 -11.82 19.90 -43.11
C ALA J 255 -10.60 19.12 -42.64
N LEU J 256 -9.73 19.80 -41.89
CA LEU J 256 -8.43 19.25 -41.54
C LEU J 256 -8.13 19.49 -40.08
N ASN J 257 -7.16 18.72 -39.57
CA ASN J 257 -6.58 19.00 -38.26
C ASN J 257 -5.54 20.10 -38.40
N LYS J 258 -4.77 20.33 -37.33
CA LYS J 258 -3.65 21.25 -37.41
C LYS J 258 -2.50 20.64 -38.19
N ASP J 259 -2.22 19.35 -37.94
CA ASP J 259 -1.15 18.66 -38.66
C ASP J 259 -1.39 18.71 -40.16
N ASP J 260 -2.55 18.23 -40.61
CA ASP J 260 -2.87 18.25 -42.03
C ASP J 260 -2.91 19.67 -42.57
N GLU J 261 -3.30 20.64 -41.74
CA GLU J 261 -3.28 22.03 -42.17
C GLU J 261 -1.88 22.45 -42.56
N GLU J 262 -0.91 22.20 -41.67
CA GLU J 262 0.47 22.53 -41.97
C GLU J 262 0.96 21.74 -43.19
N LEU J 263 0.54 20.48 -43.31
CA LEU J 263 0.94 19.67 -44.45
C LEU J 263 0.52 20.31 -45.76
N ILE J 264 -0.76 20.64 -45.89
CA ILE J 264 -1.25 21.21 -47.15
C ILE J 264 -0.75 22.63 -47.31
N ALA J 265 -0.31 23.26 -46.22
CA ALA J 265 0.30 24.58 -46.33
C ALA J 265 1.70 24.49 -46.95
N ASN J 266 2.47 23.48 -46.55
CA ASN J 266 3.85 23.37 -47.03
C ASN J 266 3.91 22.79 -48.44
N PHE J 267 3.40 21.58 -48.62
CA PHE J 267 3.62 20.80 -49.84
C PHE J 267 2.46 20.95 -50.81
N PRO J 268 2.62 21.68 -51.92
CA PRO J 268 1.60 21.62 -52.96
C PRO J 268 1.72 20.32 -53.73
N VAL J 269 0.69 20.02 -54.53
CA VAL J 269 0.67 18.79 -55.32
C VAL J 269 -0.21 19.01 -56.53
N GLU J 270 0.17 18.40 -57.66
CA GLU J 270 -0.59 18.52 -58.89
C GLU J 270 -1.17 17.17 -59.30
N GLY J 271 -0.31 16.18 -59.40
CA GLY J 271 -0.69 14.87 -59.90
C GLY J 271 0.54 14.01 -60.06
N THR J 272 0.40 12.74 -59.70
CA THR J 272 1.53 11.83 -59.60
C THR J 272 2.11 11.57 -60.98
N GLN J 273 3.37 11.12 -61.02
CA GLN J 273 4.04 10.87 -62.28
C GLN J 273 3.33 9.76 -63.05
N PRO J 274 3.55 9.68 -64.36
CA PRO J 274 2.85 8.68 -65.17
C PRO J 274 3.25 7.27 -64.80
N ARG J 275 2.62 6.32 -65.48
CA ARG J 275 2.83 4.91 -65.15
C ARG J 275 4.21 4.40 -65.56
N PRO J 276 4.77 4.75 -66.72
CA PRO J 276 6.14 4.32 -67.01
C PRO J 276 7.14 4.65 -65.92
N GLN J 277 7.04 5.84 -65.33
CA GLN J 277 7.95 6.20 -64.23
C GLN J 277 7.77 5.25 -63.06
N TRP J 278 6.53 5.02 -62.63
CA TRP J 278 6.28 4.05 -61.56
C TRP J 278 6.86 2.69 -61.90
N ASN J 279 6.86 2.33 -63.19
CA ASN J 279 7.39 1.03 -63.59
C ASN J 279 8.91 1.01 -63.49
N ALA J 280 9.56 2.10 -63.86
CA ALA J 280 11.03 2.13 -63.83
C ALA J 280 11.56 1.95 -62.42
N ILE J 281 10.71 2.16 -61.41
CA ILE J 281 11.18 2.07 -60.02
C ILE J 281 11.15 0.62 -59.54
N THR J 282 10.09 -0.11 -59.83
CA THR J 282 9.91 -1.46 -59.31
C THR J 282 10.87 -2.42 -59.99
N GLY J 283 11.12 -3.54 -59.33
CA GLY J 283 11.95 -4.60 -59.85
C GLY J 283 13.06 -4.95 -58.89
N VAL J 284 13.88 -5.90 -59.31
CA VAL J 284 15.06 -6.31 -58.56
C VAL J 284 16.25 -5.58 -59.15
N TYR J 285 17.23 -5.27 -58.32
CA TYR J 285 18.37 -4.46 -58.73
C TYR J 285 19.67 -5.17 -58.41
N LEU J 286 20.49 -5.39 -59.43
CA LEU J 286 21.86 -5.84 -59.24
C LEU J 286 22.78 -4.62 -59.30
N TYR J 287 23.85 -4.68 -58.52
CA TYR J 287 24.71 -3.51 -58.34
C TYR J 287 25.32 -3.09 -59.68
N ARG J 288 24.88 -1.95 -60.19
CA ARG J 288 25.39 -1.39 -61.42
C ARG J 288 26.15 -0.10 -61.13
N GLU J 289 27.28 0.05 -61.82
CA GLU J 289 28.10 1.24 -61.67
C GLU J 289 27.90 2.15 -62.88
N ASN J 290 27.81 3.44 -62.60
CA ASN J 290 27.87 4.45 -63.64
C ASN J 290 29.35 4.66 -63.99
N GLN J 291 29.65 5.71 -64.76
CA GLN J 291 31.04 6.00 -65.08
C GLN J 291 31.74 6.48 -63.83
N GLY J 292 32.35 5.55 -63.09
CA GLY J 292 32.99 5.86 -61.83
C GLY J 292 32.09 5.69 -60.62
N LEU J 293 31.08 6.54 -60.50
CA LEU J 293 30.22 6.53 -59.33
C LEU J 293 29.35 5.28 -59.30
N PRO J 294 28.97 4.82 -58.11
CA PRO J 294 28.09 3.65 -58.01
C PRO J 294 26.62 4.03 -57.95
N LEU J 295 25.74 3.10 -58.29
CA LEU J 295 24.29 3.29 -58.22
C LEU J 295 23.71 2.23 -57.31
N TYR J 296 23.04 2.66 -56.24
CA TYR J 296 22.68 1.75 -55.16
C TYR J 296 21.25 1.25 -55.21
N SER J 297 20.45 1.65 -56.20
CA SER J 297 19.07 1.19 -56.33
C SER J 297 18.50 1.73 -57.63
N ARG J 298 17.42 1.09 -58.09
CA ARG J 298 16.78 1.53 -59.33
C ARG J 298 16.28 2.95 -59.23
N LEU J 299 15.78 3.36 -58.05
CA LEU J 299 15.40 4.74 -57.86
C LEU J 299 16.59 5.66 -58.06
N HIS J 300 17.75 5.27 -57.53
CA HIS J 300 18.97 6.04 -57.76
C HIS J 300 19.31 6.06 -59.24
N LYS J 301 19.31 4.90 -59.89
CA LYS J 301 19.57 4.81 -61.32
C LYS J 301 18.66 5.74 -62.13
N TRP J 302 17.42 5.93 -61.70
CA TRP J 302 16.50 6.80 -62.41
C TRP J 302 16.66 8.27 -62.07
N ALA J 303 17.10 8.57 -60.85
CA ALA J 303 17.29 9.97 -60.46
C ALA J 303 18.42 10.63 -61.23
N GLN J 304 19.40 9.87 -61.71
CA GLN J 304 20.51 10.45 -62.42
C GLN J 304 20.15 10.77 -63.86
N GLY J 305 19.75 9.77 -64.62
CA GLY J 305 19.41 9.95 -66.03
C GLY J 305 18.27 10.92 -66.28
N ASN K 25 -6.72 -5.12 -38.89
CA ASN K 25 -5.94 -6.27 -38.44
C ASN K 25 -6.19 -6.55 -36.96
N GLY K 26 -6.10 -5.50 -36.14
CA GLY K 26 -6.36 -5.67 -34.72
C GLY K 26 -7.79 -6.04 -34.43
N LEU K 27 -8.73 -5.55 -35.25
CA LEU K 27 -10.12 -5.95 -35.09
C LEU K 27 -10.29 -7.44 -35.29
N VAL K 28 -9.47 -8.05 -36.16
CA VAL K 28 -9.52 -9.49 -36.34
C VAL K 28 -9.09 -10.20 -35.05
N ALA K 29 -8.06 -9.68 -34.38
CA ALA K 29 -7.62 -10.27 -33.12
C ALA K 29 -8.69 -10.11 -32.04
N LEU K 30 -9.34 -8.95 -31.99
CA LEU K 30 -10.42 -8.74 -31.04
C LEU K 30 -11.57 -9.71 -31.31
N GLY K 31 -11.93 -9.90 -32.57
CA GLY K 31 -12.95 -10.86 -32.91
C GLY K 31 -12.56 -12.28 -32.57
N THR K 32 -11.27 -12.60 -32.69
CA THR K 32 -10.80 -13.94 -32.32
C THR K 32 -10.91 -14.16 -30.82
N VAL K 33 -10.50 -13.18 -30.02
CA VAL K 33 -10.65 -13.29 -28.57
C VAL K 33 -12.12 -13.40 -28.20
N GLY K 34 -12.97 -12.62 -28.87
CA GLY K 34 -14.41 -12.71 -28.63
C GLY K 34 -14.98 -14.07 -28.98
N SER K 35 -14.49 -14.67 -30.08
CA SER K 35 -14.94 -16.00 -30.47
C SER K 35 -14.48 -17.04 -29.45
N GLN K 36 -13.27 -16.89 -28.94
CA GLN K 36 -12.80 -17.81 -27.89
C GLN K 36 -13.68 -17.72 -26.64
N GLU K 37 -13.94 -16.49 -26.18
CA GLU K 37 -14.78 -16.33 -25.00
C GLU K 37 -16.21 -16.79 -25.26
N LEU K 38 -16.68 -16.63 -26.50
CA LEU K 38 -18.03 -17.08 -26.85
C LEU K 38 -18.11 -18.59 -26.85
N PHE K 39 -17.07 -19.27 -27.37
CA PHE K 39 -17.04 -20.72 -27.28
C PHE K 39 -16.96 -21.19 -25.84
N SER K 40 -16.26 -20.43 -24.99
CA SER K 40 -16.16 -20.80 -23.59
C SER K 40 -17.50 -20.65 -22.87
N VAL K 41 -18.26 -19.60 -23.21
CA VAL K 41 -19.50 -19.30 -22.48
C VAL K 41 -20.76 -19.82 -23.15
N VAL K 42 -20.67 -20.37 -24.35
CA VAL K 42 -21.85 -20.80 -25.09
C VAL K 42 -22.24 -22.20 -24.64
N ALA K 43 -21.29 -22.90 -24.00
CA ALA K 43 -21.54 -24.19 -23.38
C ALA K 43 -22.08 -25.22 -24.37
N PHE K 44 -21.27 -25.60 -25.35
CA PHE K 44 -21.62 -26.71 -26.22
C PHE K 44 -22.03 -27.92 -25.38
N HIS K 45 -23.25 -28.42 -25.64
CA HIS K 45 -23.84 -29.49 -24.85
C HIS K 45 -24.25 -30.59 -25.83
N CYS K 46 -23.41 -31.61 -25.94
CA CYS K 46 -23.62 -32.69 -26.89
C CYS K 46 -24.76 -33.59 -26.43
N PRO K 47 -25.89 -33.61 -27.14
CA PRO K 47 -26.91 -34.62 -26.87
C PRO K 47 -26.45 -35.96 -27.40
N CYS K 48 -26.66 -37.00 -26.63
CA CYS K 48 -26.35 -38.37 -27.05
C CYS K 48 -27.66 -39.08 -27.36
N SER K 49 -27.92 -39.28 -28.64
CA SER K 49 -29.10 -39.95 -29.19
C SER K 49 -28.81 -40.23 -30.66
N PRO K 50 -29.41 -41.26 -31.27
CA PRO K 50 -28.93 -41.73 -32.57
C PRO K 50 -28.92 -40.69 -33.69
N ALA K 51 -30.07 -40.09 -33.99
CA ALA K 51 -30.18 -39.24 -35.17
C ALA K 51 -29.80 -37.79 -34.89
N ARG K 52 -30.09 -37.28 -33.70
CA ARG K 52 -29.96 -35.85 -33.45
C ARG K 52 -28.50 -35.42 -33.34
N ASN K 53 -27.58 -36.38 -33.24
CA ASN K 53 -26.18 -36.06 -33.00
C ASN K 53 -25.61 -35.14 -34.07
N TYR K 54 -25.51 -35.63 -35.30
CA TYR K 54 -24.83 -34.87 -36.34
C TYR K 54 -25.64 -33.65 -36.74
N LEU K 55 -26.97 -33.72 -36.60
CA LEU K 55 -27.79 -32.53 -36.83
C LEU K 55 -27.39 -31.40 -35.89
N TYR K 56 -27.34 -31.69 -34.58
CA TYR K 56 -26.98 -30.65 -33.62
C TYR K 56 -25.56 -30.17 -33.84
N GLY K 57 -24.63 -31.10 -34.13
CA GLY K 57 -23.27 -30.67 -34.41
C GLY K 57 -23.19 -29.73 -35.60
N LEU K 58 -23.75 -30.15 -36.74
CA LEU K 58 -23.77 -29.31 -37.93
C LEU K 58 -24.34 -27.93 -37.62
N ALA K 59 -25.50 -27.88 -36.97
CA ALA K 59 -26.11 -26.58 -36.72
C ALA K 59 -25.26 -25.72 -35.80
N ALA K 60 -24.85 -26.27 -34.65
CA ALA K 60 -24.16 -25.46 -33.65
C ALA K 60 -22.78 -25.03 -34.14
N ILE K 61 -22.22 -25.73 -35.12
CA ILE K 61 -20.87 -25.37 -35.57
C ILE K 61 -20.93 -24.53 -36.85
N GLY K 62 -22.03 -24.61 -37.60
CA GLY K 62 -22.08 -23.87 -38.84
C GLY K 62 -23.08 -22.74 -38.92
N VAL K 63 -23.89 -22.52 -37.90
CA VAL K 63 -24.78 -21.35 -37.91
C VAL K 63 -24.01 -20.09 -37.52
N PRO K 64 -23.21 -20.09 -36.45
CA PRO K 64 -22.39 -18.89 -36.20
C PRO K 64 -21.42 -18.60 -37.33
N ALA K 65 -21.02 -19.61 -38.09
CA ALA K 65 -20.27 -19.36 -39.32
C ALA K 65 -21.07 -18.50 -40.27
N LEU K 66 -22.34 -18.85 -40.50
CA LEU K 66 -23.19 -18.06 -41.37
C LEU K 66 -23.37 -16.64 -40.83
N VAL K 67 -23.51 -16.52 -39.51
CA VAL K 67 -23.71 -15.20 -38.91
C VAL K 67 -22.48 -14.32 -39.14
N LEU K 68 -21.29 -14.87 -38.90
CA LEU K 68 -20.07 -14.09 -39.08
C LEU K 68 -19.84 -13.76 -40.54
N PHE K 69 -20.18 -14.69 -41.45
CA PHE K 69 -20.09 -14.40 -42.88
C PHE K 69 -21.00 -13.25 -43.26
N ILE K 70 -22.24 -13.26 -42.75
CA ILE K 70 -23.17 -12.19 -43.07
C ILE K 70 -22.68 -10.86 -42.52
N ILE K 71 -22.18 -10.85 -41.28
CA ILE K 71 -21.64 -9.61 -40.72
C ILE K 71 -20.49 -9.11 -41.57
N GLY K 72 -19.61 -10.01 -42.01
CA GLY K 72 -18.50 -9.59 -42.86
C GLY K 72 -18.97 -8.95 -44.15
N ILE K 73 -19.97 -9.55 -44.79
CA ILE K 73 -20.49 -8.96 -46.02
C ILE K 73 -21.16 -7.63 -45.75
N ILE K 74 -21.79 -7.49 -44.58
CA ILE K 74 -22.52 -6.25 -44.25
C ILE K 74 -21.54 -5.10 -44.05
N LEU K 75 -20.51 -5.30 -43.24
CA LEU K 75 -19.62 -4.22 -42.85
C LEU K 75 -18.55 -3.92 -43.90
N ASN K 76 -18.76 -4.36 -45.14
CA ASN K 76 -17.81 -4.09 -46.20
C ASN K 76 -18.41 -3.09 -47.19
N ASN K 77 -17.61 -2.10 -47.57
CA ASN K 77 -18.09 -1.06 -48.47
C ASN K 77 -18.27 -1.59 -49.89
N HIS K 78 -17.36 -2.46 -50.34
CA HIS K 78 -17.32 -2.86 -51.74
C HIS K 78 -18.64 -3.46 -52.21
N THR K 79 -19.30 -4.24 -51.33
CA THR K 79 -20.52 -4.91 -51.75
C THR K 79 -21.62 -3.90 -52.08
N TRP K 80 -21.66 -2.78 -51.36
CA TRP K 80 -22.68 -1.79 -51.64
C TRP K 80 -22.38 -1.05 -52.94
N ASN K 81 -21.10 -0.81 -53.23
CA ASN K 81 -20.73 -0.34 -54.57
C ASN K 81 -21.22 -1.31 -55.62
N LEU K 82 -21.02 -2.60 -55.40
CA LEU K 82 -21.45 -3.61 -56.37
C LEU K 82 -22.95 -3.55 -56.60
N VAL K 83 -23.73 -3.48 -55.52
CA VAL K 83 -25.18 -3.46 -55.67
C VAL K 83 -25.65 -2.15 -56.28
N ALA K 84 -24.97 -1.04 -56.03
CA ALA K 84 -25.32 0.20 -56.70
C ALA K 84 -24.99 0.15 -58.18
N GLU K 85 -24.00 -0.66 -58.56
CA GLU K 85 -23.69 -0.82 -59.98
C GLU K 85 -24.79 -1.56 -60.72
N CYS K 86 -25.58 -2.38 -60.01
CA CYS K 86 -26.61 -3.19 -60.67
C CYS K 86 -27.74 -2.33 -61.20
N GLN K 87 -28.03 -1.20 -60.55
CA GLN K 87 -29.12 -0.33 -60.96
C GLN K 87 -28.88 0.26 -62.35
N ALA K 97 -14.28 -11.03 -65.90
CA ALA K 97 -12.94 -10.87 -65.34
C ALA K 97 -12.88 -9.87 -64.16
N PRO K 98 -13.44 -8.66 -64.30
CA PRO K 98 -13.43 -7.74 -63.14
C PRO K 98 -14.28 -8.24 -61.99
N THR K 99 -15.52 -8.65 -62.26
CA THR K 99 -16.38 -9.19 -61.22
C THR K 99 -15.69 -10.31 -60.44
N PHE K 100 -14.83 -11.07 -61.12
CA PHE K 100 -14.05 -12.10 -60.44
C PHE K 100 -13.25 -11.51 -59.27
N LEU K 101 -12.45 -10.48 -59.55
CA LEU K 101 -11.59 -9.93 -58.51
C LEU K 101 -12.40 -9.15 -57.47
N LEU K 102 -13.49 -8.50 -57.89
CA LEU K 102 -14.35 -7.83 -56.93
C LEU K 102 -14.95 -8.82 -55.93
N LEU K 103 -15.61 -9.86 -56.44
CA LEU K 103 -16.16 -10.88 -55.57
C LEU K 103 -15.07 -11.54 -54.74
N SER K 104 -13.87 -11.71 -55.30
CA SER K 104 -12.77 -12.28 -54.54
C SER K 104 -12.45 -11.41 -53.33
N SER K 105 -12.26 -10.11 -53.55
CA SER K 105 -11.97 -9.20 -52.45
C SER K 105 -13.04 -9.28 -51.37
N ILE K 106 -14.31 -9.18 -51.78
CA ILE K 106 -15.37 -9.12 -50.78
C ILE K 106 -15.49 -10.45 -50.03
N LEU K 107 -15.51 -11.56 -50.77
CA LEU K 107 -15.69 -12.86 -50.14
C LEU K 107 -14.51 -13.21 -49.23
N GLY K 108 -13.31 -12.73 -49.57
CA GLY K 108 -12.19 -12.98 -48.68
C GLY K 108 -12.26 -12.16 -47.42
N ARG K 109 -12.45 -10.84 -47.57
CA ARG K 109 -12.57 -9.97 -46.41
C ARG K 109 -13.71 -10.40 -45.51
N ALA K 110 -14.69 -11.12 -46.07
CA ALA K 110 -15.78 -11.64 -45.25
C ALA K 110 -15.39 -12.97 -44.61
N ALA K 111 -15.01 -13.96 -45.41
CA ALA K 111 -14.77 -15.31 -44.92
C ALA K 111 -13.48 -15.42 -44.11
N VAL K 112 -12.81 -14.31 -43.83
CA VAL K 112 -11.70 -14.36 -42.87
C VAL K 112 -12.13 -15.03 -41.56
N ALA K 113 -13.26 -14.59 -40.99
CA ALA K 113 -13.65 -14.99 -39.64
C ALA K 113 -14.33 -16.35 -39.53
N PRO K 114 -15.25 -16.73 -40.43
CA PRO K 114 -15.89 -18.06 -40.26
C PRO K 114 -14.91 -19.21 -40.35
N VAL K 115 -13.88 -19.09 -41.20
CA VAL K 115 -12.88 -20.14 -41.26
C VAL K 115 -12.11 -20.23 -39.94
N THR K 116 -11.80 -19.08 -39.35
CA THR K 116 -11.17 -19.06 -38.04
C THR K 116 -12.03 -19.80 -37.01
N TRP K 117 -13.32 -19.47 -36.94
CA TRP K 117 -14.19 -20.14 -35.98
C TRP K 117 -14.27 -21.63 -36.27
N SER K 118 -14.34 -22.01 -37.54
CA SER K 118 -14.48 -23.42 -37.90
C SER K 118 -13.25 -24.21 -37.50
N VAL K 119 -12.06 -23.66 -37.74
CA VAL K 119 -10.85 -24.41 -37.40
C VAL K 119 -10.64 -24.44 -35.89
N ILE K 120 -11.00 -23.35 -35.19
CA ILE K 120 -10.91 -23.38 -33.73
C ILE K 120 -11.86 -24.43 -33.16
N SER K 121 -13.00 -24.63 -33.82
CA SER K 121 -13.93 -25.65 -33.35
C SER K 121 -13.48 -27.06 -33.72
N LEU K 122 -12.82 -27.23 -34.86
CA LEU K 122 -12.35 -28.56 -35.25
C LEU K 122 -11.17 -29.00 -34.39
N LEU K 123 -10.22 -28.11 -34.13
CA LEU K 123 -9.04 -28.49 -33.36
C LEU K 123 -9.41 -28.92 -31.95
N ARG K 124 -10.43 -28.29 -31.37
CA ARG K 124 -10.86 -28.66 -30.03
C ARG K 124 -11.49 -30.05 -30.02
N GLY K 125 -11.91 -30.55 -31.17
CA GLY K 125 -12.67 -31.77 -31.20
C GLY K 125 -14.03 -31.57 -30.58
N GLU K 126 -14.50 -32.64 -29.93
CA GLU K 126 -15.71 -32.64 -29.09
C GLU K 126 -16.92 -32.04 -29.81
N ALA K 127 -16.80 -31.88 -31.12
CA ALA K 127 -17.94 -31.52 -31.96
C ALA K 127 -18.05 -32.52 -33.10
N TYR K 128 -16.90 -32.85 -33.71
CA TYR K 128 -16.88 -33.86 -34.76
C TYR K 128 -17.24 -35.23 -34.19
N VAL K 129 -16.74 -35.54 -32.99
CA VAL K 129 -17.02 -36.84 -32.39
C VAL K 129 -18.49 -36.92 -31.98
N CYS K 130 -19.05 -35.81 -31.50
CA CYS K 130 -20.46 -35.83 -31.13
C CYS K 130 -21.34 -36.01 -32.35
N ALA K 131 -20.85 -35.62 -33.53
CA ALA K 131 -21.62 -35.80 -34.75
C ALA K 131 -21.47 -37.22 -35.27
N LEU K 132 -20.24 -37.64 -35.57
CA LEU K 132 -20.02 -38.91 -36.25
C LEU K 132 -19.75 -40.06 -35.28
N SER K 133 -20.22 -39.95 -34.03
CA SER K 133 -20.12 -41.09 -33.13
C SER K 133 -20.99 -42.25 -33.61
N GLU K 134 -22.19 -41.96 -34.09
CA GLU K 134 -23.14 -43.03 -34.42
C GLU K 134 -22.62 -43.92 -35.53
N PHE K 135 -21.81 -43.39 -36.43
CA PHE K 135 -21.38 -44.14 -37.61
C PHE K 135 -20.16 -45.02 -37.37
N VAL K 136 -19.57 -44.96 -36.17
CA VAL K 136 -18.42 -45.80 -35.86
C VAL K 136 -18.79 -47.26 -36.05
N ASP K 137 -18.12 -47.94 -36.96
CA ASP K 137 -18.42 -49.33 -37.24
C ASP K 137 -18.19 -50.16 -35.98
N PRO K 138 -19.19 -50.89 -35.50
CA PRO K 138 -18.99 -51.66 -34.26
C PRO K 138 -18.08 -52.86 -34.43
N SER K 139 -17.94 -53.38 -35.64
CA SER K 139 -17.16 -54.59 -35.87
C SER K 139 -15.65 -54.33 -35.78
N SER K 140 -15.16 -53.36 -36.55
CA SER K 140 -13.72 -53.24 -36.77
C SER K 140 -13.10 -52.25 -35.79
N LEU K 141 -12.82 -52.71 -34.57
CA LEU K 141 -12.00 -51.98 -33.62
C LEU K 141 -11.49 -52.91 -32.53
N THR K 142 -10.17 -53.10 -32.47
CA THR K 142 -9.58 -54.09 -31.58
C THR K 142 -9.65 -53.65 -30.12
N ALA K 143 -10.01 -54.60 -29.25
CA ALA K 143 -10.07 -54.36 -27.81
C ALA K 143 -10.18 -55.67 -27.05
N ARG K 144 -10.61 -55.59 -25.80
CA ARG K 144 -10.88 -56.78 -25.01
C ARG K 144 -12.06 -57.56 -25.59
N GLU K 145 -12.42 -58.66 -24.92
CA GLU K 145 -13.49 -59.52 -25.39
C GLU K 145 -14.82 -58.78 -25.42
N GLU K 146 -15.85 -59.47 -25.91
CA GLU K 146 -17.15 -58.88 -26.15
C GLU K 146 -17.03 -57.69 -27.09
N HIS K 147 -16.62 -57.96 -28.33
CA HIS K 147 -16.37 -56.93 -29.34
C HIS K 147 -17.46 -55.88 -29.38
N PHE K 148 -18.70 -56.27 -29.65
CA PHE K 148 -19.82 -55.34 -29.60
C PHE K 148 -21.10 -56.14 -29.37
N PRO K 149 -21.93 -55.76 -28.40
CA PRO K 149 -22.99 -56.67 -27.94
C PRO K 149 -24.04 -57.03 -28.98
N SER K 150 -24.74 -56.06 -29.54
CA SER K 150 -25.93 -56.39 -30.32
C SER K 150 -26.17 -55.33 -31.39
N ALA K 151 -27.20 -55.57 -32.20
CA ALA K 151 -27.61 -54.59 -33.19
C ALA K 151 -28.31 -53.41 -32.55
N HIS K 152 -29.09 -53.67 -31.49
CA HIS K 152 -29.76 -52.59 -30.77
C HIS K 152 -28.76 -51.70 -30.03
N ALA K 153 -27.50 -52.11 -29.95
CA ALA K 153 -26.51 -51.43 -29.13
C ALA K 153 -25.89 -50.22 -29.81
N THR K 154 -26.17 -49.98 -31.09
CA THR K 154 -25.69 -48.73 -31.70
C THR K 154 -26.12 -47.54 -30.85
N GLU K 155 -27.28 -47.64 -30.21
CA GLU K 155 -27.75 -46.58 -29.33
C GLU K 155 -26.78 -46.35 -28.18
N ILE K 156 -26.42 -47.42 -27.46
CA ILE K 156 -25.44 -47.23 -26.39
C ILE K 156 -24.08 -46.89 -26.99
N LEU K 157 -23.90 -47.16 -28.28
CA LEU K 157 -22.76 -46.61 -29.00
C LEU K 157 -22.88 -45.11 -29.12
N ALA K 158 -24.03 -44.62 -29.60
CA ALA K 158 -24.23 -43.18 -29.78
C ALA K 158 -24.04 -42.43 -28.48
N ARG K 159 -24.31 -43.06 -27.35
CA ARG K 159 -24.21 -42.41 -26.05
C ARG K 159 -22.77 -42.13 -25.66
N PHE K 160 -21.81 -42.69 -26.39
CA PHE K 160 -20.39 -42.60 -26.05
C PHE K 160 -19.89 -41.20 -25.69
N PRO K 161 -20.32 -40.12 -26.36
CA PRO K 161 -19.87 -38.79 -25.92
C PRO K 161 -20.37 -38.40 -24.54
N CYS K 162 -21.52 -38.91 -24.11
CA CYS K 162 -21.98 -38.74 -22.73
C CYS K 162 -21.15 -39.64 -21.83
N LYS K 163 -21.31 -39.47 -20.52
CA LYS K 163 -20.53 -40.23 -19.53
C LYS K 163 -20.67 -41.71 -19.86
N GLU K 164 -21.87 -42.31 -19.76
CA GLU K 164 -22.20 -43.62 -20.31
C GLU K 164 -21.06 -44.63 -20.19
N ASN K 165 -20.65 -44.96 -18.97
CA ASN K 165 -19.48 -45.81 -18.81
C ASN K 165 -19.80 -47.12 -18.10
N PRO K 166 -20.42 -48.08 -18.78
CA PRO K 166 -20.50 -49.43 -18.20
C PRO K 166 -19.13 -50.06 -18.13
N ASP K 167 -18.91 -50.87 -17.09
CA ASP K 167 -17.62 -51.51 -16.92
C ASP K 167 -17.23 -52.33 -18.15
N ASN K 168 -18.21 -52.95 -18.80
CA ASN K 168 -17.90 -53.73 -20.00
C ASN K 168 -17.52 -52.84 -21.17
N LEU K 169 -17.69 -51.53 -21.04
CA LEU K 169 -17.54 -50.63 -22.18
C LEU K 169 -16.42 -49.61 -22.03
N SER K 170 -16.30 -48.94 -20.87
CA SER K 170 -15.47 -47.74 -20.73
C SER K 170 -14.14 -47.78 -21.49
N ASP K 171 -13.37 -48.83 -21.30
CA ASP K 171 -12.07 -48.93 -21.98
C ASP K 171 -12.25 -49.06 -23.48
N PHE K 172 -13.16 -49.94 -23.91
CA PHE K 172 -13.49 -50.07 -25.33
C PHE K 172 -13.95 -48.73 -25.90
N ARG K 173 -14.59 -47.91 -25.06
CA ARG K 173 -15.11 -46.62 -25.50
C ARG K 173 -13.99 -45.63 -25.76
N GLU K 174 -13.04 -45.52 -24.81
CA GLU K 174 -11.91 -44.59 -24.94
C GLU K 174 -11.26 -44.66 -26.32
N GLU K 175 -11.20 -45.87 -26.87
CA GLU K 175 -10.68 -46.11 -28.21
C GLU K 175 -11.42 -45.27 -29.25
N VAL K 176 -12.76 -45.29 -29.20
CA VAL K 176 -13.55 -44.55 -30.18
C VAL K 176 -13.34 -43.05 -30.02
N SER K 177 -13.29 -42.57 -28.78
CA SER K 177 -13.03 -41.15 -28.55
C SER K 177 -11.73 -40.72 -29.19
N ARG K 178 -10.66 -41.49 -28.96
CA ARG K 178 -9.37 -41.12 -29.55
C ARG K 178 -9.40 -41.21 -31.07
N ARG K 179 -10.00 -42.28 -31.60
CA ARG K 179 -9.99 -42.50 -33.05
C ARG K 179 -10.81 -41.44 -33.77
N LEU K 180 -11.76 -40.82 -33.07
CA LEU K 180 -12.56 -39.76 -33.70
C LEU K 180 -11.87 -38.41 -33.57
N ARG K 181 -11.34 -38.10 -32.37
CA ARG K 181 -10.58 -36.86 -32.21
C ARG K 181 -9.41 -36.80 -33.18
N TYR K 182 -8.85 -37.96 -33.53
CA TYR K 182 -7.83 -38.03 -34.58
C TYR K 182 -8.33 -37.40 -35.87
N GLU K 183 -9.43 -37.91 -36.41
CA GLU K 183 -9.93 -37.41 -37.68
C GLU K 183 -10.32 -35.94 -37.58
N SER K 184 -10.88 -35.54 -36.43
CA SER K 184 -11.24 -34.12 -36.25
C SER K 184 -10.02 -33.22 -36.38
N GLN K 185 -8.98 -33.47 -35.58
CA GLN K 185 -7.82 -32.59 -35.62
C GLN K 185 -7.10 -32.69 -36.96
N LEU K 186 -7.17 -33.85 -37.62
CA LEU K 186 -6.54 -33.97 -38.92
C LEU K 186 -7.22 -33.09 -39.96
N PHE K 187 -8.56 -33.12 -39.99
CA PHE K 187 -9.28 -32.21 -40.88
C PHE K 187 -9.00 -30.76 -40.54
N GLY K 188 -8.88 -30.44 -39.24
CA GLY K 188 -8.57 -29.07 -38.88
C GLY K 188 -7.23 -28.59 -39.45
N TRP K 189 -6.20 -29.42 -39.30
CA TRP K 189 -4.88 -29.03 -39.81
C TRP K 189 -4.88 -28.96 -41.34
N LEU K 190 -5.56 -29.90 -41.99
CA LEU K 190 -5.66 -29.83 -43.46
C LEU K 190 -6.37 -28.57 -43.91
N LEU K 191 -7.39 -28.15 -43.17
CA LEU K 191 -8.11 -26.93 -43.53
C LEU K 191 -7.22 -25.71 -43.38
N ILE K 192 -6.46 -25.63 -42.28
CA ILE K 192 -5.53 -24.51 -42.11
C ILE K 192 -4.54 -24.47 -43.26
N GLY K 193 -3.99 -25.64 -43.64
CA GLY K 193 -3.04 -25.67 -44.73
C GLY K 193 -3.65 -25.20 -46.05
N VAL K 194 -4.87 -25.66 -46.35
CA VAL K 194 -5.49 -25.28 -47.61
C VAL K 194 -5.81 -23.80 -47.64
N VAL K 195 -6.22 -23.24 -46.49
CA VAL K 195 -6.49 -21.81 -46.44
C VAL K 195 -5.22 -21.01 -46.68
N ALA K 196 -4.10 -21.45 -46.09
CA ALA K 196 -2.84 -20.76 -46.35
C ALA K 196 -2.46 -20.84 -47.83
N ILE K 197 -2.63 -22.01 -48.44
CA ILE K 197 -2.28 -22.17 -49.85
C ILE K 197 -3.15 -21.26 -50.71
N LEU K 198 -4.44 -21.15 -50.40
CA LEU K 198 -5.31 -20.28 -51.19
C LEU K 198 -4.94 -18.82 -51.03
N VAL K 199 -4.59 -18.40 -49.81
CA VAL K 199 -4.15 -17.02 -49.61
C VAL K 199 -2.93 -16.74 -50.47
N PHE K 200 -1.92 -17.62 -50.40
CA PHE K 200 -0.72 -17.43 -51.19
C PHE K 200 -0.98 -17.43 -52.69
N LEU K 201 -1.86 -18.29 -53.17
CA LEU K 201 -2.15 -18.34 -54.60
C LEU K 201 -2.95 -17.14 -55.09
N THR K 202 -3.92 -16.65 -54.31
CA THR K 202 -4.64 -15.46 -54.74
C THR K 202 -3.72 -14.25 -54.73
N LYS K 203 -2.80 -14.18 -53.77
CA LYS K 203 -1.77 -13.14 -53.82
C LYS K 203 -0.94 -13.25 -55.09
N CYS K 204 -0.28 -14.38 -55.29
CA CYS K 204 0.61 -14.56 -56.43
C CYS K 204 -0.12 -14.46 -57.77
N LEU K 205 -1.44 -14.56 -57.79
CA LEU K 205 -2.20 -14.43 -59.03
C LEU K 205 -2.73 -13.03 -59.26
N LYS K 206 -2.98 -12.26 -58.20
CA LYS K 206 -3.41 -10.89 -58.38
C LYS K 206 -2.33 -10.08 -59.11
N HIS K 207 -1.12 -10.06 -58.54
CA HIS K 207 -0.04 -9.25 -59.10
C HIS K 207 0.26 -9.64 -60.53
N TYR K 208 0.50 -10.93 -60.78
CA TYR K 208 0.92 -11.37 -62.11
C TYR K 208 -0.08 -10.98 -63.19
N CYS K 209 -1.35 -10.82 -62.82
CA CYS K 209 -2.38 -10.39 -63.76
C CYS K 209 -2.98 -9.08 -63.25
N SER K 210 -2.32 -7.97 -63.58
CA SER K 210 -2.75 -6.63 -63.24
C SER K 210 -2.03 -5.65 -64.13
N PRO K 211 -2.70 -4.60 -64.57
CA PRO K 211 -2.04 -3.62 -65.45
C PRO K 211 -0.99 -2.80 -64.72
N LEU K 212 -1.25 -2.50 -63.45
CA LEU K 212 -0.37 -1.63 -62.69
C LEU K 212 0.93 -2.35 -62.31
N SER K 213 1.89 -1.56 -61.86
CA SER K 213 3.09 -2.10 -61.25
C SER K 213 2.80 -2.54 -59.83
N TYR K 214 3.88 -2.88 -59.11
CA TYR K 214 3.72 -3.35 -57.74
C TYR K 214 3.55 -2.19 -56.75
N ARG K 215 4.31 -1.11 -56.93
CA ARG K 215 4.30 -0.06 -55.94
C ARG K 215 3.15 0.92 -56.17
N GLN K 216 2.74 1.08 -57.42
CA GLN K 216 1.62 1.96 -57.75
C GLN K 216 0.35 1.50 -57.05
N GLU K 217 0.21 0.20 -56.83
CA GLU K 217 -0.98 -0.30 -56.16
C GLU K 217 -0.98 0.07 -54.68
N ALA K 218 0.19 0.03 -54.05
CA ALA K 218 0.28 0.47 -52.66
C ALA K 218 -0.03 1.95 -52.54
N TYR K 219 0.50 2.75 -53.47
CA TYR K 219 0.15 4.16 -53.51
C TYR K 219 -1.35 4.35 -53.70
N TRP K 220 -1.96 3.54 -54.56
CA TRP K 220 -3.39 3.59 -54.78
C TRP K 220 -4.17 3.31 -53.51
N ALA K 221 -3.75 2.29 -52.76
CA ALA K 221 -4.46 1.95 -51.53
C ALA K 221 -4.36 3.08 -50.51
N GLN K 222 -3.16 3.67 -50.38
CA GLN K 222 -3.02 4.81 -49.48
C GLN K 222 -3.93 5.96 -49.90
N TYR K 223 -4.00 6.24 -51.19
CA TYR K 223 -4.86 7.31 -51.67
C TYR K 223 -6.31 7.02 -51.37
N ARG K 224 -6.74 5.76 -51.57
CA ARG K 224 -8.13 5.41 -51.31
C ARG K 224 -8.48 5.63 -49.85
N ALA K 225 -7.63 5.16 -48.93
CA ALA K 225 -7.92 5.33 -47.52
C ALA K 225 -7.99 6.80 -47.15
N ASN K 226 -7.04 7.61 -47.65
CA ASN K 226 -7.03 9.02 -47.29
C ASN K 226 -8.26 9.73 -47.85
N GLU K 227 -8.67 9.39 -49.08
CA GLU K 227 -9.84 10.01 -49.66
C GLU K 227 -11.09 9.67 -48.87
N ASP K 228 -11.24 8.40 -48.47
CA ASP K 228 -12.40 8.01 -47.69
C ASP K 228 -12.48 8.82 -46.39
N GLN K 229 -11.36 8.90 -45.67
CA GLN K 229 -11.38 9.61 -44.39
C GLN K 229 -11.71 11.08 -44.57
N LEU K 230 -11.02 11.75 -45.51
CA LEU K 230 -11.25 13.17 -45.70
C LEU K 230 -12.67 13.44 -46.16
N PHE K 231 -13.21 12.60 -47.03
CA PHE K 231 -14.56 12.83 -47.53
C PHE K 231 -15.58 12.67 -46.41
N GLN K 232 -15.42 11.65 -45.57
CA GLN K 232 -16.37 11.48 -44.46
C GLN K 232 -16.34 12.69 -43.53
N ARG K 233 -15.15 13.09 -43.09
CA ARG K 233 -15.09 14.21 -42.15
C ARG K 233 -15.65 15.49 -42.76
N THR K 234 -15.31 15.76 -44.02
CA THR K 234 -15.78 16.99 -44.64
C THR K 234 -17.29 16.98 -44.82
N ALA K 235 -17.86 15.84 -45.24
CA ALA K 235 -19.30 15.76 -45.38
C ALA K 235 -19.99 16.01 -44.04
N GLU K 236 -19.40 15.51 -42.95
CA GLU K 236 -20.01 15.76 -41.64
C GLU K 236 -20.01 17.24 -41.30
N VAL K 237 -18.86 17.89 -41.47
CA VAL K 237 -18.79 19.32 -41.14
C VAL K 237 -19.77 20.12 -41.99
N HIS K 238 -19.83 19.83 -43.29
CA HIS K 238 -20.72 20.57 -44.18
C HIS K 238 -22.18 20.37 -43.79
N SER K 239 -22.56 19.13 -43.45
CA SER K 239 -23.92 18.87 -43.02
C SER K 239 -24.25 19.66 -41.77
N ARG K 240 -23.36 19.65 -40.78
CA ARG K 240 -23.62 20.40 -39.55
C ARG K 240 -23.79 21.89 -39.83
N VAL K 241 -23.00 22.43 -40.76
CA VAL K 241 -23.13 23.86 -41.08
C VAL K 241 -24.48 24.14 -41.72
N LEU K 242 -24.89 23.29 -42.67
CA LEU K 242 -26.21 23.48 -43.29
C LEU K 242 -27.33 23.40 -42.27
N ALA K 243 -27.21 22.46 -41.32
CA ALA K 243 -28.22 22.35 -40.29
C ALA K 243 -28.27 23.59 -39.42
N ALA K 244 -27.10 24.16 -39.11
CA ALA K 244 -27.07 25.37 -38.31
C ALA K 244 -27.75 26.53 -39.03
N ASN K 245 -27.51 26.66 -40.34
CA ASN K 245 -28.21 27.69 -41.11
C ASN K 245 -29.72 27.48 -41.05
N ASN K 246 -30.17 26.24 -41.28
CA ASN K 246 -31.59 25.95 -41.24
C ASN K 246 -32.21 26.31 -39.90
N VAL K 247 -31.55 25.92 -38.81
CA VAL K 247 -32.07 26.25 -37.48
C VAL K 247 -32.14 27.76 -37.29
N ARG K 248 -31.01 28.44 -37.50
CA ARG K 248 -30.98 29.90 -37.29
C ARG K 248 -32.07 30.61 -38.08
N ARG K 249 -32.46 30.06 -39.22
CA ARG K 249 -33.57 30.72 -39.92
C ARG K 249 -34.90 30.57 -39.19
N PHE K 250 -34.98 29.81 -38.11
CA PHE K 250 -36.24 29.60 -37.41
C PHE K 250 -36.38 30.49 -36.18
N PHE K 251 -35.46 30.35 -35.24
CA PHE K 251 -35.56 31.09 -33.99
C PHE K 251 -35.09 32.52 -34.14
N GLY K 252 -33.93 32.70 -34.77
CA GLY K 252 -33.35 34.01 -34.92
C GLY K 252 -31.90 34.01 -34.49
N PHE K 253 -31.47 32.89 -33.92
CA PHE K 253 -30.11 32.72 -33.45
C PHE K 253 -29.90 31.24 -33.16
N VAL K 254 -28.74 30.73 -33.52
CA VAL K 254 -28.39 29.36 -33.18
C VAL K 254 -27.48 29.36 -31.97
N ALA K 255 -27.37 28.21 -31.31
CA ALA K 255 -26.56 28.07 -30.11
C ALA K 255 -25.47 27.05 -30.37
N LEU K 256 -24.22 27.45 -30.14
CA LEU K 256 -23.07 26.66 -30.54
C LEU K 256 -22.04 26.61 -29.42
N ASN K 257 -21.14 25.64 -29.53
CA ASN K 257 -19.95 25.61 -28.69
C ASN K 257 -18.90 26.55 -29.28
N LYS K 258 -17.68 26.47 -28.74
CA LYS K 258 -16.58 27.22 -29.34
C LYS K 258 -16.12 26.55 -30.63
N ASP K 259 -16.04 25.22 -30.63
CA ASP K 259 -15.63 24.48 -31.83
C ASP K 259 -16.56 24.81 -32.99
N ASP K 260 -17.86 24.59 -32.81
CA ASP K 260 -18.82 24.88 -33.86
C ASP K 260 -18.82 26.36 -34.22
N GLU K 261 -18.53 27.24 -33.26
CA GLU K 261 -18.44 28.66 -33.57
C GLU K 261 -17.34 28.91 -34.58
N GLU K 262 -16.15 28.37 -34.33
CA GLU K 262 -15.06 28.51 -35.29
C GLU K 262 -15.41 27.87 -36.62
N LEU K 263 -16.09 26.72 -36.58
CA LEU K 263 -16.48 26.04 -37.81
C LEU K 263 -17.35 26.94 -38.69
N ILE K 264 -18.43 27.48 -38.12
CA ILE K 264 -19.33 28.31 -38.91
C ILE K 264 -18.68 29.65 -39.23
N ALA K 265 -17.65 30.02 -38.49
CA ALA K 265 -16.90 31.23 -38.83
C ALA K 265 -16.05 31.02 -40.07
N ASN K 266 -15.42 29.85 -40.18
CA ASN K 266 -14.51 29.60 -41.30
C ASN K 266 -15.27 29.26 -42.57
N PHE K 267 -16.06 28.18 -42.53
CA PHE K 267 -16.64 27.58 -43.74
C PHE K 267 -18.05 28.06 -43.97
N PRO K 268 -18.31 28.91 -44.95
CA PRO K 268 -19.70 29.19 -45.33
C PRO K 268 -20.26 28.02 -46.12
N VAL K 269 -21.58 28.01 -46.31
CA VAL K 269 -22.25 26.93 -47.03
C VAL K 269 -23.54 27.48 -47.62
N GLU K 270 -23.90 27.01 -48.80
CA GLU K 270 -25.13 27.44 -49.46
C GLU K 270 -26.11 26.27 -49.59
N GLY K 271 -25.64 25.19 -50.18
CA GLY K 271 -26.50 24.05 -50.47
C GLY K 271 -25.72 23.04 -51.28
N THR K 272 -25.93 21.77 -50.98
CA THR K 272 -25.12 20.69 -51.52
C THR K 272 -25.37 20.56 -53.02
N GLN K 273 -24.42 19.93 -53.72
CA GLN K 273 -24.52 19.78 -55.16
C GLN K 273 -25.75 18.93 -55.52
N PRO K 274 -26.22 19.02 -56.76
CA PRO K 274 -27.43 18.29 -57.14
C PRO K 274 -27.22 16.78 -57.10
N ARG K 275 -28.28 16.06 -57.42
CA ARG K 275 -28.25 14.60 -57.33
C ARG K 275 -27.39 13.95 -58.41
N PRO K 276 -27.41 14.40 -59.68
CA PRO K 276 -26.49 13.80 -60.65
C PRO K 276 -25.04 13.80 -60.21
N GLN K 277 -24.58 14.88 -59.59
CA GLN K 277 -23.20 14.91 -59.09
C GLN K 277 -22.96 13.84 -58.05
N TRP K 278 -23.86 13.73 -57.05
CA TRP K 278 -23.76 12.67 -56.07
C TRP K 278 -23.73 11.30 -56.73
N ASN K 279 -24.44 11.15 -57.85
CA ASN K 279 -24.46 9.86 -58.54
C ASN K 279 -23.14 9.58 -59.24
N ALA K 280 -22.53 10.61 -59.83
CA ALA K 280 -21.27 10.40 -60.56
C ALA K 280 -20.17 9.91 -59.62
N ILE K 281 -20.34 10.08 -58.31
CA ILE K 281 -19.30 9.71 -57.37
C ILE K 281 -19.39 8.24 -57.01
N THR K 282 -20.59 7.73 -56.77
CA THR K 282 -20.76 6.38 -56.30
C THR K 282 -20.50 5.39 -57.43
N GLY K 283 -20.20 4.15 -57.05
CA GLY K 283 -19.98 3.07 -57.99
C GLY K 283 -18.66 2.40 -57.74
N VAL K 284 -18.37 1.41 -58.58
CA VAL K 284 -17.10 0.71 -58.57
C VAL K 284 -16.23 1.32 -59.65
N TYR K 285 -14.92 1.34 -59.42
CA TYR K 285 -14.00 2.02 -60.31
C TYR K 285 -12.90 1.08 -60.73
N LEU K 286 -12.75 0.89 -62.04
CA LEU K 286 -11.59 0.21 -62.61
C LEU K 286 -10.59 1.25 -63.06
N TYR K 287 -9.31 0.91 -62.95
CA TYR K 287 -8.25 1.88 -63.18
C TYR K 287 -8.30 2.40 -64.60
N ARG K 288 -8.67 3.67 -64.75
CA ARG K 288 -8.73 4.33 -66.04
C ARG K 288 -7.67 5.41 -66.12
N GLU K 289 -7.01 5.50 -67.27
CA GLU K 289 -5.99 6.51 -67.50
C GLU K 289 -6.56 7.61 -68.38
N ASN K 290 -6.23 8.84 -68.03
CA ASN K 290 -6.46 9.98 -68.89
C ASN K 290 -5.35 10.02 -69.94
N GLN K 291 -5.24 11.10 -70.70
CA GLN K 291 -4.17 11.22 -71.67
C GLN K 291 -2.84 11.38 -70.93
N GLY K 292 -2.18 10.26 -70.66
CA GLY K 292 -0.95 10.26 -69.89
C GLY K 292 -1.16 10.05 -68.40
N LEU K 293 -1.77 11.02 -67.73
CA LEU K 293 -1.91 10.95 -66.29
C LEU K 293 -2.91 9.87 -65.89
N PRO K 294 -2.74 9.29 -64.70
CA PRO K 294 -3.69 8.28 -64.22
C PRO K 294 -4.82 8.87 -63.40
N LEU K 295 -5.93 8.15 -63.29
CA LEU K 295 -7.07 8.56 -62.48
C LEU K 295 -7.35 7.47 -61.45
N TYR K 296 -7.29 7.83 -60.17
CA TYR K 296 -7.26 6.83 -59.11
C TYR K 296 -8.60 6.57 -58.44
N SER K 297 -9.67 7.25 -58.87
CA SER K 297 -11.00 7.04 -58.30
C SER K 297 -12.01 7.86 -59.08
N ARG K 298 -13.28 7.47 -58.96
CA ARG K 298 -14.33 8.20 -59.68
C ARG K 298 -14.41 9.65 -59.25
N LEU K 299 -14.16 9.93 -57.96
CA LEU K 299 -14.09 11.32 -57.53
C LEU K 299 -12.98 12.06 -58.26
N HIS K 300 -11.82 11.42 -58.42
CA HIS K 300 -10.75 12.00 -59.20
C HIS K 300 -11.18 12.21 -60.65
N LYS K 301 -11.75 11.18 -61.27
CA LYS K 301 -12.26 11.28 -62.62
C LYS K 301 -13.22 12.44 -62.81
N TRP K 302 -14.02 12.76 -61.79
CA TRP K 302 -14.96 13.86 -61.88
C TRP K 302 -14.33 15.21 -61.59
N ALA K 303 -13.29 15.26 -60.75
CA ALA K 303 -12.65 16.52 -60.44
C ALA K 303 -11.93 17.12 -61.64
N GLN K 304 -11.50 16.29 -62.59
CA GLN K 304 -10.77 16.80 -63.75
C GLN K 304 -11.73 17.40 -64.77
N GLY K 305 -12.67 16.60 -65.28
CA GLY K 305 -13.59 17.05 -66.30
C GLY K 305 -14.46 18.21 -65.88
#